data_2VZ8
#
_entry.id   2VZ8
#
_cell.length_a   96.320
_cell.length_b   244.700
_cell.length_c   135.250
_cell.angle_alpha   90.00
_cell.angle_beta   101.65
_cell.angle_gamma   90.00
#
_symmetry.space_group_name_H-M   'P 1 21 1'
#
_entity_poly.entity_id   1
_entity_poly.type   'polypeptide(L)'
_entity_poly.pdbx_seq_one_letter_code
;MEEVVIAGMSGKLPESENLEEFWANLIGGVDMVTADDRRWKAGLYGLPRRMGKLKDLSRFDASFFGVHSKQANTMDPQLR
MLLEVTYEAIVDGGINPASLRGTSTGVWVGVSSSDASEALSRDPETLVGYSMIGCQRAMMANRLSFFFDFKGPSITIDTA
CSSSLLALQSAYQAIRGGECSAAVVGGLNVLLKPNSSLQFMKLGMLSQDGTCRSFDAEGTGYCRAEAVVAVLLTKKSLAR
RVYATILNAGTNTDGSKEQGVTFPSGDVQEQLIRSLYAPAGPDPESLEYIEAHGTGTKVGDPQELNGIVNALCATRREPL
LIGSTKSNMGHPEPASGVAALIKVLLSLEHGVWAPNLHYHTPNPEIPALQDGRLQVVDRPLPIRGGNVGINSFGFGGSNV
HVILQPNSRPAPPPAQHAALPRLLQASGRTLEAVQTLLEQGLRHSRDLAFVGMLNEIAAVSPVAMPFRGYAVLGGEAGSQ
EVQQVPGSKRPVWFICSGMGAQWQGMGLSLMRLDRFRDSILRSDQALKPLGLRVSDLLLSTDEAVLDDIVSSFVSLTSIQ
IALIDLLTSLGLQPDGIIGHSLGEVACGYADGCLTQEEAVLSSYWRGYCIKEANVLPGAMAAVGLSWEECKQRCPPGIVP
ACHNSKDTVTISGPQAAMSEFLQQLKREDVFVKEVRTGGIAFHSYFMESIAPTLLRQLRKVILDPKPRSKRWLSTSIPEA
QWQGSLARTFSAEYSVNNLVSPVLFQEALQHVPAHAVVVEIAPHALLQAVLKRSLESSCTIIPLMKKDHRDNLEFFLSNV
GRLHLAGVSVNPNGLFPPVEFPAPRGTPLISPHIKWDHSQAWDVPSAADFPSGSSCSSVAVYKFDVSPESPDHYLVDHCI
DGRVLFPGTGYLWLTWKTLARALSQNLEETPVVFEDVTLHQATILPKTGTVSLEVRLLEASHAFEVSDSNGSLIASGKVY
QWESPDPKLFDTRAAVDPADSTAEFRLSQGDVYKDLRLRGYDYGPFFQLVLESDLEGNRGRLQWNDSWVSFLDAMLHMSI
LAPGQLGLYLPTRFTSIRIDPVTHRQKLYTLQDTTQAADVVVDRNLNTVVAGGALFLGAHSSVAPRRPQEHLKPILEKFC
FTPHVESGCLAGNTALQEELQLCRGLAQALQTKVAQQGLKMVVPGLDGAQAPREAPQQSLPRLLAAACQLQLNGNLQLEL
GQVLAQERPLLCDDPLLSGLLDAPALKACVDTALENMASPKMKVVEVLAGDGQLYSRIPALLNTQPVMDLDYTATDRNPQ
ALEAAQAKLEQLHVTQGQWDPANPAPGSLGKADLLVCNCALATLGDPAVAVGNMAATLKEGGFLLLHTLLAGHPLGEMVG
FLTSPEQGGRHLLSQDQWESLFAGASLHLVALKRSFYGSVLFLCRQQTPQDSPVFLSVEDTSFRWVDSLKDILADASSRP
VWLMAVGCSTSGVVGMVNCLRKEPGGHRIRCVLVSNLSSTSPAPEMHPSSSELQKVLQGDLVMNVYRDGAWGAFRHFPLE
QDRPEKQTEHAFVNVLSRGDLSSIRWVCSPLHYALPASCQDRLCSVYYTSLNFRDVMLATGKLSPDSIPGKWLTRDCMLG
MEFSGRDASGRRVMGMVPAEGLATSVLLLQHATWEVPSTWTLEEAASVPIVYTTAYYSLVVRGRMQPGESVLIHSGSGGV
GQAAIAIALSRGCRVFTTVGSAEKRAYLQARFPQLDETCFANSRDTSFEQHVLRHTAGKGVDLVLNSLAEEKLQASVRCL
AQHGRFLEIGKFDLSNNHALGMAVFLKNVTFHGILLDSLFEEGGATWQEVSELLKAGIQEGVVQPLKCTVFPRTKVEAAF
RYMAQGKHIGKVVIQVREEEQGPAPRGLPPIALTGLSKTFCPPHKSYVITGGLGGFGLQLAQWLRLRGAQKLVLTSRSGI
RTGYQARQVREWRRQGVQVLVSTSNASSLDGARSLITEATQLGPVGGVFNLAMVLRDAVLENQTPEFFQDVSKPKYSGTA
NLDRVTREACPELDYFVIFSSVSCGRGNAGQANYGFANSAMERICEKRRHDGLPGLAVQWGAIGDVGVVLETMGTNDTVI
GGTLPQRIASCLEVLDLFLSQPHPVLSSFVLAEKKAAAPRDGSSQKDLVKAVAHILGIRDVASINPDSTLVDLGLDSLMG
VEVRQILEREHDLVLSMREVRQLSLRKLQELSSKTSTDADPATPTSHEDSPVRQQATLNLSTLLVNPEGPTLTRLNSVQS
AERPLFLVHPIEGSITVFHGLAAKLSIPTYGLQCTGAAPLDSIQSLASYYIECIRQVQPEGPYRIAGYSYGACVAFEMCS
QLQAQQSATPGNHSLFLFDGSHTFVLAYTQSVRAKMTPGCEAEAEAKAMYFFVQQFTDMEQGKVLEALIPLQGLEARVAA
TVDLITQSHAGLDRHALSFAARSFYQKLRAAENYWPQATYHGNVTLLRAKTGGAYGEDLGADYNLSQVCDGKVSVHVIEG
DHRTLLEGSGLESILSIIHSCLAEPRVSVREG
;
_entity_poly.pdbx_strand_id   A,B
#
# COMPACT_ATOMS: atom_id res chain seq x y z
N MET A 1 -21.25 47.16 21.94
CA MET A 1 -21.11 48.62 21.90
C MET A 1 -21.10 49.18 20.47
N GLU A 2 -20.16 48.69 19.65
CA GLU A 2 -19.92 49.23 18.31
C GLU A 2 -20.70 48.49 17.22
N GLU A 3 -20.98 49.15 16.10
CA GLU A 3 -21.81 48.57 15.04
C GLU A 3 -20.99 47.78 14.01
N VAL A 4 -21.51 46.62 13.62
CA VAL A 4 -20.76 45.70 12.77
C VAL A 4 -21.43 45.47 11.42
N VAL A 5 -20.67 45.65 10.36
CA VAL A 5 -21.22 45.49 9.01
C VAL A 5 -20.42 44.58 8.07
N ILE A 6 -21.09 44.10 7.03
CA ILE A 6 -20.50 43.24 6.03
C ILE A 6 -20.09 44.09 4.85
N ALA A 7 -18.79 44.38 4.78
CA ALA A 7 -18.24 45.35 3.85
C ALA A 7 -17.67 44.73 2.60
N GLY A 8 -17.29 43.46 2.67
CA GLY A 8 -16.68 42.81 1.54
C GLY A 8 -17.09 41.35 1.41
N MET A 9 -17.22 40.87 0.18
CA MET A 9 -17.53 39.48 -0.03
C MET A 9 -16.90 38.96 -1.32
N SER A 10 -16.46 37.71 -1.29
CA SER A 10 -16.11 36.99 -2.52
C SER A 10 -16.01 35.49 -2.30
N GLY A 11 -16.10 34.73 -3.38
CA GLY A 11 -15.90 33.32 -3.28
C GLY A 11 -15.81 32.63 -4.62
N LYS A 12 -15.45 31.34 -4.59
CA LYS A 12 -15.57 30.50 -5.75
C LYS A 12 -16.50 29.36 -5.40
N LEU A 13 -17.53 29.15 -6.21
CA LEU A 13 -18.55 28.16 -5.94
C LEU A 13 -18.90 27.36 -7.17
N PRO A 14 -19.42 26.15 -6.97
CA PRO A 14 -19.81 25.17 -7.98
C PRO A 14 -20.20 25.77 -9.33
N GLU A 15 -19.37 25.47 -10.32
CA GLU A 15 -19.56 25.96 -11.68
C GLU A 15 -19.55 27.49 -11.78
N SER A 16 -18.83 28.12 -10.87
CA SER A 16 -18.72 29.57 -10.84
C SER A 16 -17.37 29.96 -10.25
N GLU A 17 -16.60 30.78 -10.97
CA GLU A 17 -15.27 31.18 -10.54
C GLU A 17 -15.29 32.43 -9.67
N ASN A 18 -16.17 33.35 -10.02
CA ASN A 18 -16.33 34.57 -9.25
C ASN A 18 -17.79 34.74 -8.91
N LEU A 19 -18.11 35.74 -8.08
CA LEU A 19 -19.47 35.90 -7.58
C LEU A 19 -20.48 36.38 -8.62
N GLU A 20 -20.01 36.85 -9.77
CA GLU A 20 -20.95 37.27 -10.81
C GLU A 20 -21.41 36.08 -11.62
N GLU A 21 -20.55 35.08 -11.73
CA GLU A 21 -20.95 33.79 -12.29
C GLU A 21 -21.98 33.13 -11.37
N PHE A 22 -21.62 33.03 -10.09
CA PHE A 22 -22.48 32.41 -9.07
C PHE A 22 -23.89 32.95 -9.18
N TRP A 23 -24.01 34.27 -9.35
CA TRP A 23 -25.32 34.91 -9.38
C TRP A 23 -26.10 34.57 -10.64
N ALA A 24 -25.46 34.67 -11.80
CA ALA A 24 -26.13 34.35 -13.05
C ALA A 24 -26.74 32.97 -12.97
N ASN A 25 -26.17 32.13 -12.10
CA ASN A 25 -26.67 30.77 -11.91
C ASN A 25 -27.82 30.72 -10.90
N LEU A 26 -27.77 31.58 -9.89
CA LEU A 26 -28.81 31.60 -8.88
C LEU A 26 -30.08 32.12 -9.52
N ILE A 27 -29.95 33.23 -10.23
CA ILE A 27 -31.08 33.82 -10.94
C ILE A 27 -31.54 32.92 -12.07
N GLY A 28 -30.63 32.58 -12.98
CA GLY A 28 -30.97 31.75 -14.11
C GLY A 28 -31.49 30.37 -13.72
N GLY A 29 -31.59 30.15 -12.41
CA GLY A 29 -32.01 28.87 -11.88
C GLY A 29 -31.30 27.77 -12.62
N VAL A 30 -29.99 27.70 -12.43
CA VAL A 30 -29.19 26.68 -13.08
C VAL A 30 -28.59 25.76 -12.04
N ASP A 31 -28.76 24.46 -12.24
CA ASP A 31 -28.25 23.50 -11.28
C ASP A 31 -26.74 23.44 -11.37
N MET A 32 -26.07 23.87 -10.31
CA MET A 32 -24.61 23.94 -10.29
C MET A 32 -23.99 22.58 -9.93
N VAL A 33 -24.84 21.62 -9.61
CA VAL A 33 -24.39 20.26 -9.39
C VAL A 33 -24.29 19.54 -10.73
N THR A 34 -23.24 18.73 -10.89
CA THR A 34 -22.92 18.10 -12.18
C THR A 34 -22.61 16.60 -12.09
N ALA A 35 -22.43 15.98 -13.24
CA ALA A 35 -22.06 14.58 -13.32
C ALA A 35 -20.69 14.40 -13.97
N ASP A 36 -19.62 14.49 -13.17
CA ASP A 36 -18.28 14.60 -13.75
C ASP A 36 -17.28 13.60 -13.22
N ASP A 37 -16.35 13.23 -14.11
CA ASP A 37 -15.16 12.51 -13.70
C ASP A 37 -14.16 13.54 -13.21
N ARG A 38 -14.64 14.50 -12.43
CA ARG A 38 -13.83 15.67 -12.08
C ARG A 38 -13.01 15.57 -10.80
N ARG A 39 -13.62 15.19 -9.67
CA ARG A 39 -12.83 15.02 -8.45
C ARG A 39 -12.34 13.60 -8.42
N TRP A 40 -13.29 12.67 -8.51
CA TRP A 40 -12.96 11.29 -8.83
C TRP A 40 -13.84 10.81 -9.96
N LYS A 41 -14.27 9.56 -9.88
CA LYS A 41 -14.70 8.87 -11.08
C LYS A 41 -16.20 8.79 -11.19
N ALA A 42 -16.68 8.46 -12.39
CA ALA A 42 -18.10 8.40 -12.72
C ALA A 42 -19.02 8.12 -11.53
N GLY A 43 -18.78 7.04 -10.81
CA GLY A 43 -19.59 6.71 -9.65
C GLY A 43 -18.88 5.72 -8.74
N LEU A 44 -17.66 6.03 -8.36
CA LEU A 44 -16.84 5.13 -7.57
C LEU A 44 -17.58 4.58 -6.36
N TYR A 45 -17.44 3.27 -6.12
CA TYR A 45 -18.03 2.65 -4.94
C TYR A 45 -19.54 2.86 -4.77
N GLY A 46 -20.23 3.31 -5.81
CA GLY A 46 -21.66 3.54 -5.69
C GLY A 46 -22.05 4.96 -5.28
N LEU A 47 -21.07 5.77 -4.91
CA LEU A 47 -21.30 7.17 -4.59
C LEU A 47 -22.03 7.87 -5.71
N PRO A 48 -22.97 8.74 -5.35
CA PRO A 48 -23.85 9.41 -6.30
C PRO A 48 -23.02 10.08 -7.36
N ARG A 49 -23.53 10.13 -8.58
CA ARG A 49 -22.79 10.73 -9.69
C ARG A 49 -22.71 12.26 -9.57
N ARG A 50 -23.46 12.83 -8.63
CA ARG A 50 -23.57 14.28 -8.54
C ARG A 50 -22.75 14.97 -7.43
N MET A 51 -22.04 16.04 -7.77
CA MET A 51 -21.37 16.89 -6.80
C MET A 51 -21.31 18.34 -7.27
N GLY A 52 -21.45 19.27 -6.34
CA GLY A 52 -21.14 20.66 -6.63
C GLY A 52 -19.64 20.92 -6.64
N LYS A 53 -19.06 21.07 -7.84
CA LYS A 53 -17.61 21.12 -7.99
C LYS A 53 -17.13 22.48 -8.46
N LEU A 54 -15.98 22.93 -7.96
CA LEU A 54 -15.36 24.17 -8.43
C LEU A 54 -14.88 23.99 -9.86
N LYS A 55 -14.99 25.04 -10.67
CA LYS A 55 -14.59 24.92 -12.05
C LYS A 55 -13.17 24.40 -12.09
N ASP A 56 -12.22 25.27 -11.73
CA ASP A 56 -10.80 24.93 -11.64
C ASP A 56 -10.41 24.90 -10.17
N LEU A 57 -9.23 24.36 -9.87
CA LEU A 57 -8.84 24.09 -8.49
C LEU A 57 -7.32 24.19 -8.39
N SER A 58 -6.70 24.22 -9.55
CA SER A 58 -5.26 24.18 -9.67
C SER A 58 -4.72 25.58 -9.84
N ARG A 59 -5.59 26.51 -10.19
CA ARG A 59 -5.15 27.87 -10.44
C ARG A 59 -4.75 28.58 -9.15
N PHE A 60 -3.83 29.51 -9.28
CA PHE A 60 -3.28 30.24 -8.13
C PHE A 60 -2.17 31.13 -8.63
N ASP A 61 -2.12 32.37 -8.14
CA ASP A 61 -1.10 33.33 -8.57
C ASP A 61 0.06 33.42 -7.58
N ALA A 62 0.96 32.46 -7.68
CA ALA A 62 1.94 32.17 -6.64
C ALA A 62 2.99 33.25 -6.37
N SER A 63 3.34 34.00 -7.39
CA SER A 63 4.38 35.01 -7.23
C SER A 63 3.83 36.14 -6.38
N PHE A 64 2.62 36.58 -6.73
CA PHE A 64 2.02 37.70 -6.02
C PHE A 64 1.94 37.46 -4.51
N PHE A 65 1.68 36.21 -4.12
CA PHE A 65 1.55 35.88 -2.70
C PHE A 65 2.88 35.46 -2.11
N GLY A 66 3.91 35.49 -2.95
CA GLY A 66 5.28 35.32 -2.51
C GLY A 66 5.68 33.92 -2.07
N VAL A 67 5.28 32.91 -2.83
CA VAL A 67 5.56 31.53 -2.43
C VAL A 67 6.44 30.77 -3.42
N HIS A 68 7.56 30.26 -2.92
CA HIS A 68 8.50 29.54 -3.76
C HIS A 68 7.72 28.49 -4.55
N SER A 69 7.93 28.48 -5.86
CA SER A 69 7.30 27.53 -6.76
C SER A 69 7.15 26.10 -6.19
N LYS A 70 8.16 25.66 -5.45
CA LYS A 70 8.10 24.34 -4.82
C LYS A 70 7.12 24.41 -3.65
N GLN A 71 7.33 25.36 -2.75
CA GLN A 71 6.54 25.45 -1.53
C GLN A 71 5.06 25.72 -1.82
N ALA A 72 4.73 25.89 -3.10
CA ALA A 72 3.37 26.17 -3.56
C ALA A 72 2.64 24.92 -4.02
N ASN A 73 3.39 24.00 -4.63
CA ASN A 73 2.83 22.74 -5.08
C ASN A 73 2.56 21.85 -3.90
N THR A 74 3.14 22.21 -2.77
CA THR A 74 2.80 21.56 -1.53
C THR A 74 1.90 22.47 -0.69
N MET A 75 0.99 23.19 -1.34
CA MET A 75 -0.04 23.97 -0.64
C MET A 75 -1.45 23.44 -0.90
N ASP A 76 -2.22 23.32 0.17
CA ASP A 76 -3.60 22.84 0.09
C ASP A 76 -4.40 23.83 -0.74
N PRO A 77 -5.01 23.38 -1.85
CA PRO A 77 -5.69 24.31 -2.75
C PRO A 77 -6.74 25.19 -2.09
N GLN A 78 -7.34 24.74 -0.99
CA GLN A 78 -8.23 25.61 -0.24
C GLN A 78 -7.47 26.88 0.05
N LEU A 79 -6.37 26.73 0.78
CA LEU A 79 -5.53 27.85 1.19
C LEU A 79 -5.05 28.69 0.03
N ARG A 80 -4.74 28.05 -1.09
CA ARG A 80 -4.41 28.78 -2.30
C ARG A 80 -5.52 29.74 -2.65
N MET A 81 -6.71 29.23 -2.91
CA MET A 81 -7.80 30.08 -3.36
C MET A 81 -8.46 30.86 -2.22
N LEU A 82 -8.15 30.52 -0.97
CA LEU A 82 -8.55 31.39 0.13
C LEU A 82 -7.76 32.69 0.03
N LEU A 83 -6.43 32.58 -0.01
CA LEU A 83 -5.53 33.74 -0.14
C LEU A 83 -5.95 34.64 -1.28
N GLU A 84 -6.59 34.08 -2.30
CA GLU A 84 -7.08 34.92 -3.38
C GLU A 84 -8.44 35.54 -3.12
N VAL A 85 -9.41 34.74 -2.65
CA VAL A 85 -10.74 35.30 -2.45
C VAL A 85 -10.75 36.40 -1.39
N THR A 86 -9.98 36.21 -0.31
CA THR A 86 -10.02 37.17 0.77
C THR A 86 -9.29 38.46 0.39
N TYR A 87 -8.43 38.38 -0.62
CA TYR A 87 -7.95 39.61 -1.27
C TYR A 87 -9.11 40.14 -2.12
N GLU A 88 -9.59 39.34 -3.07
CA GLU A 88 -10.77 39.70 -3.87
C GLU A 88 -11.92 40.22 -3.02
N ALA A 89 -11.89 39.95 -1.73
CA ALA A 89 -13.00 40.31 -0.91
C ALA A 89 -12.72 41.66 -0.30
N ILE A 90 -11.53 41.83 0.26
CA ILE A 90 -11.20 43.11 0.86
C ILE A 90 -11.34 44.24 -0.15
N VAL A 91 -10.71 44.10 -1.29
CA VAL A 91 -10.83 45.10 -2.31
C VAL A 91 -12.25 45.15 -2.84
N ASP A 92 -13.05 44.17 -2.52
CA ASP A 92 -14.43 44.23 -2.99
C ASP A 92 -15.14 45.38 -2.32
N GLY A 93 -14.72 45.67 -1.09
CA GLY A 93 -15.34 46.70 -0.30
C GLY A 93 -14.58 48.02 -0.32
N GLY A 94 -13.94 48.33 -1.44
CA GLY A 94 -13.35 49.63 -1.67
C GLY A 94 -12.15 50.00 -0.80
N ILE A 95 -11.66 49.02 -0.06
CA ILE A 95 -10.49 49.21 0.77
C ILE A 95 -9.26 48.68 0.10
N ASN A 96 -8.17 49.44 0.11
CA ASN A 96 -6.92 48.87 -0.32
C ASN A 96 -6.32 48.07 0.81
N PRO A 97 -6.10 46.76 0.57
CA PRO A 97 -5.63 45.79 1.56
C PRO A 97 -4.54 46.39 2.41
N ALA A 98 -3.59 47.04 1.75
CA ALA A 98 -2.42 47.56 2.44
C ALA A 98 -2.80 48.48 3.60
N SER A 99 -3.95 49.15 3.48
CA SER A 99 -4.36 50.08 4.52
C SER A 99 -4.52 49.35 5.85
N LEU A 100 -4.69 48.03 5.76
CA LEU A 100 -4.90 47.20 6.94
C LEU A 100 -3.61 46.59 7.47
N ARG A 101 -2.51 46.70 6.72
CA ARG A 101 -1.24 46.10 7.15
C ARG A 101 -0.87 46.61 8.53
N GLY A 102 -0.64 45.69 9.46
CA GLY A 102 -0.25 46.04 10.81
C GLY A 102 -1.41 46.27 11.75
N THR A 103 -2.63 46.07 11.26
CA THR A 103 -3.80 46.35 12.06
C THR A 103 -3.96 45.35 13.21
N SER A 104 -4.89 45.67 14.11
CA SER A 104 -5.42 44.72 15.06
C SER A 104 -6.62 44.05 14.40
N THR A 105 -6.44 43.68 13.14
CA THR A 105 -7.47 42.99 12.36
C THR A 105 -7.28 41.47 12.44
N GLY A 106 -8.36 40.70 12.38
CA GLY A 106 -8.27 39.28 12.66
C GLY A 106 -8.85 38.36 11.59
N VAL A 107 -8.63 37.07 11.77
CA VAL A 107 -9.02 36.13 10.74
C VAL A 107 -9.65 34.87 11.32
N TRP A 108 -10.87 34.59 10.91
CA TRP A 108 -11.62 33.43 11.37
C TRP A 108 -12.04 32.56 10.20
N VAL A 109 -11.63 31.31 10.26
CA VAL A 109 -11.88 30.39 9.18
C VAL A 109 -12.71 29.16 9.60
N GLY A 110 -13.77 28.92 8.83
CA GLY A 110 -14.57 27.75 9.02
C GLY A 110 -14.11 26.66 8.07
N VAL A 111 -13.38 25.71 8.62
CA VAL A 111 -12.84 24.64 7.80
C VAL A 111 -13.02 23.28 8.47
N SER A 112 -13.63 22.33 7.76
CA SER A 112 -13.82 21.00 8.34
C SER A 112 -12.96 19.92 7.67
N SER A 113 -12.67 20.07 6.38
CA SER A 113 -11.97 19.01 5.64
C SER A 113 -10.63 19.46 5.04
N SER A 114 -9.53 19.09 5.68
CA SER A 114 -8.18 19.29 5.09
C SER A 114 -7.63 18.02 4.41
N ASP A 115 -8.22 17.68 3.27
CA ASP A 115 -7.88 16.46 2.54
C ASP A 115 -6.46 16.54 1.98
N ALA A 116 -6.17 17.64 1.29
CA ALA A 116 -4.87 17.83 0.64
C ALA A 116 -3.72 17.52 1.60
N SER A 117 -3.96 17.84 2.86
CA SER A 117 -3.02 17.63 3.95
C SER A 117 -2.54 16.18 4.06
N GLU A 118 -3.47 15.24 4.11
CA GLU A 118 -3.08 13.84 4.21
C GLU A 118 -2.40 13.37 2.91
N ALA A 119 -2.98 13.70 1.77
CA ALA A 119 -2.42 13.29 0.48
C ALA A 119 -0.89 13.48 0.43
N LEU A 120 -0.41 14.64 0.84
CA LEU A 120 1.02 14.94 0.74
C LEU A 120 1.74 14.62 2.04
N SER A 121 1.37 13.52 2.68
CA SER A 121 1.95 13.17 3.96
C SER A 121 2.18 11.67 4.10
N ARG A 122 2.14 10.97 2.96
CA ARG A 122 2.29 9.51 2.94
C ARG A 122 3.70 9.03 2.59
N ASP A 123 4.11 9.16 1.32
CA ASP A 123 5.45 8.77 0.88
C ASP A 123 6.54 9.48 1.68
N PRO A 124 7.14 8.77 2.64
CA PRO A 124 8.07 9.37 3.59
C PRO A 124 9.48 9.53 3.03
N GLU A 125 9.60 9.44 1.71
CA GLU A 125 10.85 9.85 1.08
C GLU A 125 10.48 10.90 0.04
N THR A 126 9.29 10.74 -0.50
CA THR A 126 8.79 11.59 -1.57
C THR A 126 8.42 12.96 -1.06
N LEU A 127 7.57 12.96 -0.04
CA LEU A 127 6.90 14.18 0.36
C LEU A 127 7.73 14.99 1.35
N VAL A 128 7.79 16.29 1.10
CA VAL A 128 8.72 17.24 1.74
C VAL A 128 8.17 17.79 3.05
N GLY A 129 9.05 18.37 3.85
CA GLY A 129 8.68 18.81 5.20
C GLY A 129 7.91 20.11 5.33
N TYR A 130 7.98 20.96 4.32
CA TYR A 130 7.29 22.25 4.37
C TYR A 130 5.93 22.21 3.69
N SER A 131 5.38 21.01 3.55
CA SER A 131 4.02 20.91 3.06
C SER A 131 3.13 21.25 4.25
N MET A 132 3.67 21.07 5.45
CA MET A 132 2.87 21.26 6.65
C MET A 132 2.69 22.73 6.98
N ILE A 133 3.59 23.57 6.48
CA ILE A 133 3.37 25.02 6.53
C ILE A 133 2.31 25.42 5.50
N GLY A 134 1.80 24.44 4.75
CA GLY A 134 0.85 24.71 3.69
C GLY A 134 -0.36 23.82 3.71
N CYS A 135 -0.55 23.11 4.82
CA CYS A 135 -1.67 22.18 4.94
C CYS A 135 -2.24 22.07 6.33
N GLN A 136 -1.37 22.04 7.34
CA GLN A 136 -1.82 22.03 8.73
C GLN A 136 -2.97 23.03 8.96
N ARG A 137 -4.14 22.55 9.36
CA ARG A 137 -5.34 23.38 9.45
C ARG A 137 -5.10 24.80 9.96
N ALA A 138 -4.29 24.91 11.00
CA ALA A 138 -4.05 26.22 11.61
C ALA A 138 -3.67 27.23 10.54
N MET A 139 -2.96 26.78 9.50
CA MET A 139 -2.51 27.66 8.42
C MET A 139 -3.64 28.25 7.58
N MET A 140 -4.84 27.71 7.65
CA MET A 140 -5.94 28.25 6.87
C MET A 140 -6.23 29.70 7.28
N ALA A 141 -5.78 30.04 8.47
CA ALA A 141 -5.93 31.37 8.97
C ALA A 141 -4.56 31.96 9.22
N ASN A 142 -3.73 31.26 10.00
CA ASN A 142 -2.36 31.71 10.28
C ASN A 142 -1.60 32.21 9.05
N ARG A 143 -1.88 31.66 7.88
CA ARG A 143 -1.12 32.05 6.68
C ARG A 143 -1.87 33.08 5.88
N LEU A 144 -3.12 33.28 6.24
CA LEU A 144 -3.88 34.37 5.68
C LEU A 144 -3.53 35.61 6.48
N SER A 145 -3.43 35.44 7.79
CA SER A 145 -2.95 36.49 8.68
C SER A 145 -1.54 36.89 8.28
N PHE A 146 -0.75 35.89 7.92
CA PHE A 146 0.66 36.13 7.62
C PHE A 146 0.79 37.14 6.47
N PHE A 147 0.23 36.81 5.31
CA PHE A 147 0.45 37.61 4.10
C PHE A 147 -0.18 38.97 4.12
N PHE A 148 -1.33 39.12 4.79
CA PHE A 148 -2.03 40.40 4.83
C PHE A 148 -1.59 41.29 5.98
N ASP A 149 -0.80 40.69 6.88
CA ASP A 149 -0.20 41.38 8.02
C ASP A 149 -1.21 41.71 9.12
N PHE A 150 -2.27 40.90 9.21
CA PHE A 150 -3.27 41.05 10.25
C PHE A 150 -2.80 40.57 11.63
N LYS A 151 -2.40 41.49 12.48
CA LYS A 151 -1.80 41.16 13.78
C LYS A 151 -2.83 40.78 14.87
N GLY A 152 -4.11 40.80 14.50
CA GLY A 152 -5.15 40.34 15.41
C GLY A 152 -5.43 38.85 15.27
N PRO A 153 -6.30 38.32 16.14
CA PRO A 153 -6.62 36.90 16.25
C PRO A 153 -6.64 36.17 14.92
N SER A 154 -5.94 35.04 14.87
CA SER A 154 -5.93 34.18 13.70
C SER A 154 -6.37 32.80 14.12
N ILE A 155 -7.54 32.38 13.64
CA ILE A 155 -8.20 31.18 14.16
C ILE A 155 -9.01 30.34 13.17
N THR A 156 -8.91 29.02 13.31
CA THR A 156 -9.72 28.11 12.55
C THR A 156 -10.70 27.45 13.49
N ILE A 157 -11.95 27.33 13.05
CA ILE A 157 -12.93 26.61 13.82
C ILE A 157 -13.47 25.42 13.02
N ASP A 158 -13.78 24.34 13.73
CA ASP A 158 -14.42 23.16 13.15
C ASP A 158 -15.62 22.76 13.99
N THR A 159 -16.79 22.72 13.36
CA THR A 159 -18.04 22.35 14.01
C THR A 159 -18.91 21.65 12.98
N ALA A 160 -18.25 20.93 12.08
CA ALA A 160 -18.96 20.37 10.95
C ALA A 160 -19.62 21.47 10.14
N CYS A 161 -20.77 21.16 9.58
CA CYS A 161 -21.47 22.07 8.69
C CYS A 161 -21.60 23.54 9.21
N SER A 162 -21.64 23.74 10.52
CA SER A 162 -21.92 25.07 11.07
C SER A 162 -20.77 26.02 10.78
N SER A 163 -19.74 25.95 11.62
CA SER A 163 -18.39 26.48 11.36
C SER A 163 -18.29 27.86 10.71
N SER A 164 -18.31 27.91 9.39
CA SER A 164 -18.17 29.18 8.67
C SER A 164 -19.14 30.24 9.17
N LEU A 165 -20.38 29.84 9.43
CA LEU A 165 -21.35 30.79 9.96
C LEU A 165 -20.91 31.15 11.36
N LEU A 166 -20.48 30.16 12.13
CA LEU A 166 -20.05 30.41 13.50
C LEU A 166 -18.74 31.17 13.56
N ALA A 167 -17.95 31.07 12.50
CA ALA A 167 -16.80 31.93 12.36
C ALA A 167 -17.29 33.36 12.20
N LEU A 168 -18.21 33.57 11.27
CA LEU A 168 -18.81 34.90 11.06
C LEU A 168 -19.47 35.46 12.32
N GLN A 169 -19.93 34.57 13.19
CA GLN A 169 -20.47 34.98 14.47
C GLN A 169 -19.34 35.39 15.36
N SER A 170 -18.30 34.57 15.40
CA SER A 170 -17.22 34.76 16.33
C SER A 170 -16.49 36.09 16.08
N ALA A 171 -16.36 36.47 14.81
CA ALA A 171 -15.68 37.72 14.44
C ALA A 171 -16.52 38.92 14.80
N TYR A 172 -17.76 38.94 14.33
CA TYR A 172 -18.73 39.98 14.70
C TYR A 172 -18.62 40.30 16.18
N GLN A 173 -18.55 39.27 17.01
CA GLN A 173 -18.47 39.47 18.44
C GLN A 173 -17.17 40.14 18.86
N ALA A 174 -16.08 39.75 18.22
CA ALA A 174 -14.76 40.31 18.52
C ALA A 174 -14.71 41.80 18.18
N ILE A 175 -15.23 42.16 17.01
CA ILE A 175 -15.35 43.56 16.59
C ILE A 175 -16.26 44.32 17.55
N ARG A 176 -17.50 43.88 17.64
CA ARG A 176 -18.47 44.44 18.57
C ARG A 176 -17.84 44.99 19.83
N GLY A 177 -17.06 44.19 20.52
CA GLY A 177 -16.55 44.57 21.82
C GLY A 177 -15.11 45.03 21.90
N GLY A 178 -14.67 45.88 20.96
CA GLY A 178 -13.34 46.46 21.04
C GLY A 178 -12.33 45.73 20.21
N GLU A 179 -11.78 44.65 20.75
CA GLU A 179 -10.79 43.81 20.09
C GLU A 179 -10.35 44.22 18.69
N CYS A 180 -11.25 44.14 17.70
CA CYS A 180 -10.87 44.42 16.31
C CYS A 180 -11.66 45.53 15.61
N SER A 181 -11.08 46.03 14.53
CA SER A 181 -11.69 47.05 13.74
C SER A 181 -12.25 46.41 12.49
N ALA A 182 -11.80 45.19 12.20
CA ALA A 182 -12.26 44.47 11.02
C ALA A 182 -11.88 43.00 11.10
N ALA A 183 -12.47 42.17 10.25
CA ALA A 183 -12.12 40.74 10.22
C ALA A 183 -12.31 40.04 8.87
N VAL A 184 -11.55 38.96 8.69
CA VAL A 184 -11.73 38.08 7.55
C VAL A 184 -12.45 36.85 8.03
N VAL A 185 -13.68 36.69 7.53
CA VAL A 185 -14.44 35.49 7.79
C VAL A 185 -14.38 34.63 6.55
N GLY A 186 -13.91 33.40 6.73
CA GLY A 186 -13.79 32.50 5.61
C GLY A 186 -14.41 31.15 5.86
N GLY A 187 -14.89 30.53 4.78
CA GLY A 187 -15.34 29.16 4.79
C GLY A 187 -14.74 28.38 3.63
N LEU A 188 -14.31 27.16 3.91
CA LEU A 188 -13.60 26.34 2.94
C LEU A 188 -14.02 24.88 3.02
N ASN A 189 -14.26 24.29 1.86
CA ASN A 189 -14.50 22.87 1.78
C ASN A 189 -14.20 22.36 0.38
N VAL A 190 -13.23 21.46 0.27
CA VAL A 190 -12.86 20.87 -1.01
C VAL A 190 -12.93 19.36 -0.94
N LEU A 191 -13.56 18.76 -1.95
CA LEU A 191 -13.85 17.31 -1.96
C LEU A 191 -12.86 16.50 -2.76
N LEU A 192 -11.86 15.97 -2.09
CA LEU A 192 -10.77 15.32 -2.79
C LEU A 192 -10.77 13.81 -2.63
N LYS A 193 -10.91 13.34 -1.39
CA LYS A 193 -10.87 11.91 -1.14
C LYS A 193 -12.28 11.36 -1.12
N PRO A 194 -12.48 10.24 -1.84
CA PRO A 194 -13.83 9.70 -2.00
C PRO A 194 -14.22 8.96 -0.74
N ASN A 195 -13.24 8.39 -0.06
CA ASN A 195 -13.50 7.72 1.20
C ASN A 195 -14.41 8.55 2.11
N SER A 196 -14.15 9.86 2.21
CA SER A 196 -15.01 10.77 2.96
C SER A 196 -16.49 10.57 2.60
N SER A 197 -16.85 10.84 1.35
CA SER A 197 -18.22 10.64 0.90
C SER A 197 -18.71 9.26 1.27
N LEU A 198 -17.89 8.24 1.03
CA LEU A 198 -18.25 6.87 1.36
C LEU A 198 -18.69 6.71 2.82
N GLN A 199 -18.01 7.36 3.75
CA GLN A 199 -18.45 7.32 5.15
C GLN A 199 -19.85 7.92 5.28
N PHE A 200 -20.02 9.10 4.70
CA PHE A 200 -21.31 9.80 4.74
C PHE A 200 -22.43 8.93 4.22
N MET A 201 -22.20 8.27 3.09
CA MET A 201 -23.24 7.45 2.47
C MET A 201 -23.67 6.31 3.40
N LYS A 202 -22.69 5.74 4.09
CA LYS A 202 -22.92 4.63 5.02
C LYS A 202 -23.70 5.06 6.28
N LEU A 203 -23.76 6.37 6.51
CA LEU A 203 -24.56 6.94 7.56
C LEU A 203 -25.89 7.41 6.97
N GLY A 204 -26.03 7.21 5.67
CA GLY A 204 -27.27 7.48 4.98
C GLY A 204 -27.55 8.92 4.65
N MET A 205 -26.75 9.84 5.20
CA MET A 205 -26.96 11.28 4.99
C MET A 205 -26.67 11.76 3.56
N LEU A 206 -26.01 10.94 2.76
CA LEU A 206 -25.82 11.30 1.38
C LEU A 206 -26.99 10.84 0.53
N SER A 207 -27.38 11.71 -0.39
CA SER A 207 -28.49 11.45 -1.28
C SER A 207 -28.04 10.70 -2.52
N GLN A 208 -28.58 9.50 -2.74
CA GLN A 208 -28.21 8.74 -3.94
C GLN A 208 -28.65 9.53 -5.19
N ASP A 209 -29.87 10.04 -5.12
CA ASP A 209 -30.41 10.96 -6.11
C ASP A 209 -29.37 12.01 -6.51
N GLY A 210 -28.49 12.33 -5.56
CA GLY A 210 -27.45 13.31 -5.80
C GLY A 210 -28.02 14.71 -5.93
N THR A 211 -28.73 15.15 -4.90
CA THR A 211 -29.41 16.44 -4.95
C THR A 211 -29.93 16.85 -3.58
N CYS A 212 -30.13 18.15 -3.40
CA CYS A 212 -30.68 18.71 -2.18
C CYS A 212 -32.12 19.15 -2.42
N ARG A 213 -33.08 18.28 -2.15
CA ARG A 213 -34.48 18.62 -2.31
C ARG A 213 -34.93 19.51 -1.16
N SER A 214 -34.39 20.72 -1.12
CA SER A 214 -34.71 21.68 -0.08
C SER A 214 -36.21 21.78 0.16
N PHE A 215 -36.65 21.19 1.27
CA PHE A 215 -38.03 21.27 1.74
C PHE A 215 -38.94 20.20 1.14
N ASP A 216 -38.90 20.03 -0.18
CA ASP A 216 -39.68 19.01 -0.89
C ASP A 216 -39.69 17.64 -0.16
N ALA A 217 -40.68 16.79 -0.46
CA ALA A 217 -40.88 15.54 0.26
C ALA A 217 -39.97 14.42 -0.24
N GLU A 218 -39.47 14.61 -1.45
CA GLU A 218 -38.67 13.60 -2.15
C GLU A 218 -37.24 13.63 -1.63
N GLY A 219 -37.11 14.15 -0.41
CA GLY A 219 -35.84 14.30 0.25
C GLY A 219 -35.27 13.00 0.79
N THR A 220 -34.26 12.50 0.09
CA THR A 220 -33.46 11.36 0.53
C THR A 220 -32.41 11.88 1.52
N GLY A 221 -31.42 12.59 0.98
CA GLY A 221 -30.38 13.20 1.78
C GLY A 221 -29.83 14.45 1.10
N TYR A 222 -28.61 14.86 1.46
CA TYR A 222 -28.03 16.01 0.80
C TYR A 222 -26.94 15.61 -0.18
N CYS A 223 -26.40 16.59 -0.87
CA CYS A 223 -25.52 16.36 -2.00
C CYS A 223 -24.30 17.23 -1.82
N ARG A 224 -23.20 16.65 -1.33
CA ARG A 224 -22.04 17.48 -0.98
C ARG A 224 -21.46 18.26 -2.16
N ALA A 225 -21.10 19.49 -1.86
CA ALA A 225 -20.52 20.41 -2.83
C ALA A 225 -19.39 21.20 -2.14
N GLU A 226 -18.50 21.77 -2.93
CA GLU A 226 -17.36 22.51 -2.38
C GLU A 226 -17.43 24.01 -2.60
N ALA A 227 -16.68 24.76 -1.81
CA ALA A 227 -16.56 26.20 -1.99
C ALA A 227 -15.54 26.86 -1.07
N VAL A 228 -14.86 27.88 -1.60
CA VAL A 228 -14.10 28.81 -0.78
C VAL A 228 -14.82 30.13 -0.89
N VAL A 229 -15.17 30.66 0.27
CA VAL A 229 -15.88 31.90 0.34
C VAL A 229 -15.32 32.71 1.48
N ALA A 230 -15.37 34.03 1.33
CA ALA A 230 -14.91 34.92 2.39
C ALA A 230 -15.64 36.27 2.39
N VAL A 231 -15.81 36.81 3.58
CA VAL A 231 -16.42 38.12 3.72
C VAL A 231 -15.61 38.97 4.68
N LEU A 232 -15.69 40.28 4.47
CA LEU A 232 -15.01 41.25 5.31
C LEU A 232 -16.03 41.94 6.22
N LEU A 233 -15.88 41.75 7.53
CA LEU A 233 -16.62 42.51 8.52
C LEU A 233 -15.79 43.73 8.92
N THR A 234 -16.46 44.72 9.49
CA THR A 234 -15.80 45.96 9.88
C THR A 234 -16.78 46.79 10.68
N LYS A 235 -16.29 47.80 11.39
CA LYS A 235 -17.17 48.74 12.08
C LYS A 235 -17.64 49.78 11.07
N LYS A 236 -18.90 50.22 11.16
CA LYS A 236 -19.48 51.06 10.12
C LYS A 236 -18.62 52.28 9.89
N SER A 237 -18.06 52.80 10.97
CA SER A 237 -17.26 54.02 10.93
C SER A 237 -15.95 53.76 10.21
N LEU A 238 -15.96 52.84 9.25
CA LEU A 238 -14.74 52.42 8.59
C LEU A 238 -15.02 51.68 7.28
N ALA A 239 -16.31 51.42 7.03
CA ALA A 239 -16.72 50.67 5.85
C ALA A 239 -17.05 51.58 4.69
N ARG A 240 -16.38 51.37 3.56
CA ARG A 240 -16.67 52.21 2.39
C ARG A 240 -17.88 51.69 1.66
N ARG A 241 -18.30 50.49 2.02
CA ARG A 241 -19.47 49.87 1.42
C ARG A 241 -20.10 48.94 2.44
N VAL A 242 -21.43 48.91 2.49
CA VAL A 242 -22.13 48.05 3.43
C VAL A 242 -23.25 47.25 2.74
N TYR A 243 -23.08 45.92 2.72
CA TYR A 243 -24.05 45.00 2.14
C TYR A 243 -25.20 44.84 3.10
N ALA A 244 -24.86 44.68 4.38
CA ALA A 244 -25.87 44.63 5.43
C ALA A 244 -25.23 44.88 6.78
N THR A 245 -26.04 44.95 7.82
CA THR A 245 -25.55 45.11 9.18
C THR A 245 -25.95 43.88 9.98
N ILE A 246 -25.05 43.44 10.86
CA ILE A 246 -25.38 42.34 11.76
C ILE A 246 -26.10 42.87 13.01
N LEU A 247 -27.33 42.40 13.20
CA LEU A 247 -28.16 42.79 14.34
C LEU A 247 -27.94 41.89 15.57
N ASN A 248 -27.73 40.59 15.32
CA ASN A 248 -27.47 39.62 16.37
C ASN A 248 -26.97 38.29 15.84
N ALA A 249 -26.51 37.43 16.75
CA ALA A 249 -26.05 36.08 16.42
C ALA A 249 -25.58 35.38 17.69
N GLY A 250 -25.75 34.06 17.71
CA GLY A 250 -25.38 33.26 18.85
C GLY A 250 -25.48 31.81 18.47
N THR A 251 -24.95 30.92 19.28
CA THR A 251 -25.06 29.49 18.98
C THR A 251 -25.32 28.75 20.25
N ASN A 252 -26.02 27.63 20.14
CA ASN A 252 -26.12 26.67 21.23
C ASN A 252 -25.75 25.31 20.68
N THR A 253 -26.23 24.27 21.34
CA THR A 253 -25.81 22.91 21.00
C THR A 253 -26.83 21.84 21.46
N ASP A 254 -27.61 21.33 20.51
CA ASP A 254 -28.53 20.20 20.72
C ASP A 254 -28.07 19.33 21.87
N GLY A 255 -28.72 19.42 23.03
CA GLY A 255 -28.25 18.73 24.22
C GLY A 255 -27.80 17.30 24.04
N SER A 256 -28.47 16.38 24.74
CA SER A 256 -28.29 14.97 24.49
C SER A 256 -29.64 14.43 24.08
N LYS A 257 -29.78 14.16 22.80
CA LYS A 257 -31.02 13.67 22.23
C LYS A 257 -31.09 12.15 22.42
N GLU A 258 -32.27 11.60 22.64
CA GLU A 258 -32.39 10.16 22.81
C GLU A 258 -32.22 9.45 21.47
N GLN A 259 -32.44 10.18 20.39
CA GLN A 259 -32.56 9.58 19.07
C GLN A 259 -31.22 9.48 18.36
N GLY A 260 -30.14 9.68 19.10
CA GLY A 260 -28.80 9.61 18.51
C GLY A 260 -28.12 10.95 18.35
N VAL A 261 -26.86 10.95 17.96
CA VAL A 261 -26.12 12.21 17.86
C VAL A 261 -26.37 12.96 16.56
N THR A 262 -26.66 12.22 15.50
CA THR A 262 -26.88 12.84 14.21
C THR A 262 -28.22 13.55 14.10
N PHE A 263 -29.12 13.27 15.05
CA PHE A 263 -30.49 13.77 14.97
C PHE A 263 -30.61 15.26 15.26
N PRO A 264 -31.04 16.04 14.26
CA PRO A 264 -31.19 17.49 14.47
C PRO A 264 -32.28 17.79 15.48
N SER A 265 -31.92 18.35 16.63
CA SER A 265 -32.94 18.70 17.61
C SER A 265 -33.60 20.04 17.31
N GLY A 266 -34.79 19.98 16.71
CA GLY A 266 -35.53 21.17 16.38
C GLY A 266 -36.00 21.89 17.63
N ASP A 267 -36.19 21.14 18.70
CA ASP A 267 -36.62 21.77 19.95
C ASP A 267 -35.50 22.64 20.49
N VAL A 268 -34.25 22.27 20.22
CA VAL A 268 -33.12 23.10 20.64
C VAL A 268 -32.88 24.23 19.64
N GLN A 269 -32.93 23.93 18.36
CA GLN A 269 -32.79 24.96 17.34
C GLN A 269 -33.84 26.04 17.55
N GLU A 270 -35.00 25.63 18.00
CA GLU A 270 -36.07 26.57 18.27
C GLU A 270 -35.59 27.55 19.33
N GLN A 271 -35.07 27.03 20.44
CA GLN A 271 -34.52 27.89 21.49
C GLN A 271 -33.54 28.90 20.92
N LEU A 272 -32.50 28.43 20.24
CA LEU A 272 -31.48 29.32 19.68
C LEU A 272 -32.09 30.48 18.89
N ILE A 273 -33.15 30.20 18.15
CA ILE A 273 -33.76 31.24 17.33
C ILE A 273 -34.49 32.27 18.18
N ARG A 274 -34.99 31.86 19.35
CA ARG A 274 -35.62 32.82 20.28
C ARG A 274 -34.63 33.71 21.02
N SER A 275 -33.53 33.13 21.46
CA SER A 275 -32.53 33.86 22.23
C SER A 275 -32.14 35.15 21.55
N LEU A 276 -32.39 35.23 20.24
CA LEU A 276 -31.84 36.32 19.46
C LEU A 276 -32.90 37.30 18.98
N TYR A 277 -34.16 37.02 19.32
CA TYR A 277 -35.28 37.87 18.92
C TYR A 277 -36.13 38.38 20.08
N ALA A 278 -37.44 38.42 19.83
CA ALA A 278 -38.44 38.98 20.75
C ALA A 278 -37.86 39.79 21.95
N PRO A 279 -37.83 39.22 23.18
CA PRO A 279 -37.37 40.10 24.26
C PRO A 279 -35.90 40.52 24.12
N ALA A 280 -35.06 39.65 23.59
CA ALA A 280 -33.64 39.97 23.48
C ALA A 280 -33.19 40.18 22.04
N GLY A 281 -33.81 41.13 21.37
CA GLY A 281 -33.44 41.44 20.00
C GLY A 281 -34.63 41.71 19.12
N PRO A 282 -34.36 41.99 17.83
CA PRO A 282 -35.30 42.40 16.78
C PRO A 282 -36.69 41.78 16.85
N ASP A 283 -37.61 42.42 16.13
CA ASP A 283 -39.01 42.03 16.12
C ASP A 283 -39.25 40.94 15.07
N PRO A 284 -39.71 39.77 15.51
CA PRO A 284 -39.92 38.59 14.65
C PRO A 284 -40.80 38.92 13.43
N GLU A 285 -41.37 40.11 13.43
CA GLU A 285 -42.31 40.55 12.42
C GLU A 285 -41.59 41.24 11.25
N SER A 286 -40.37 41.70 11.53
CA SER A 286 -39.57 42.41 10.53
C SER A 286 -38.89 41.46 9.57
N LEU A 287 -38.85 40.18 9.92
CA LEU A 287 -38.17 39.21 9.07
C LEU A 287 -38.92 39.11 7.74
N GLU A 288 -38.20 39.40 6.65
CA GLU A 288 -38.78 39.24 5.32
C GLU A 288 -38.44 37.89 4.72
N TYR A 289 -37.20 37.45 4.93
CA TYR A 289 -36.72 36.19 4.39
C TYR A 289 -35.82 35.50 5.43
N ILE A 290 -35.97 34.17 5.56
CA ILE A 290 -35.06 33.37 6.36
C ILE A 290 -34.40 32.31 5.47
N GLU A 291 -33.07 32.25 5.46
CA GLU A 291 -32.40 31.22 4.68
C GLU A 291 -32.24 30.03 5.59
N ALA A 292 -32.79 28.89 5.17
CA ALA A 292 -32.71 27.68 5.97
C ALA A 292 -31.42 26.90 5.72
N HIS A 293 -31.05 26.06 6.67
CA HIS A 293 -29.99 25.10 6.44
C HIS A 293 -30.43 24.33 5.20
N GLY A 294 -31.68 23.89 5.22
CA GLY A 294 -32.31 23.31 4.05
C GLY A 294 -31.58 22.13 3.46
N THR A 295 -30.89 21.36 4.30
CA THR A 295 -30.14 20.19 3.85
C THR A 295 -30.89 19.40 2.78
N GLY A 296 -32.10 18.98 3.11
CA GLY A 296 -32.87 18.07 2.26
C GLY A 296 -32.91 16.67 2.85
N THR A 297 -32.82 16.59 4.18
CA THR A 297 -32.92 15.33 4.89
C THR A 297 -34.38 14.96 5.10
N LYS A 298 -34.71 13.68 4.99
CA LYS A 298 -36.08 13.30 5.24
C LYS A 298 -36.40 13.54 6.72
N VAL A 299 -35.36 13.58 7.54
CA VAL A 299 -35.54 13.82 8.97
C VAL A 299 -35.19 15.24 9.38
N GLY A 300 -34.11 15.76 8.82
CA GLY A 300 -33.67 17.10 9.13
C GLY A 300 -34.72 18.14 8.79
N ASP A 301 -35.01 18.29 7.49
CA ASP A 301 -35.87 19.37 7.02
C ASP A 301 -37.01 19.69 7.98
N PRO A 302 -37.88 18.70 8.25
CA PRO A 302 -39.06 18.96 9.08
C PRO A 302 -38.69 19.49 10.46
N GLN A 303 -37.82 18.78 11.16
CA GLN A 303 -37.35 19.22 12.46
C GLN A 303 -36.98 20.71 12.48
N GLU A 304 -36.32 21.18 11.42
CA GLU A 304 -35.84 22.55 11.38
C GLU A 304 -36.95 23.55 11.14
N LEU A 305 -37.60 23.43 9.99
CA LEU A 305 -38.68 24.34 9.62
C LEU A 305 -39.79 24.41 10.66
N ASN A 306 -40.01 23.31 11.38
CA ASN A 306 -41.00 23.33 12.46
C ASN A 306 -40.59 24.33 13.54
N GLY A 307 -39.55 23.97 14.29
CA GLY A 307 -39.00 24.86 15.28
C GLY A 307 -38.77 26.30 14.81
N ILE A 308 -38.73 26.51 13.50
CA ILE A 308 -38.58 27.85 12.97
C ILE A 308 -39.83 28.65 13.25
N VAL A 309 -40.95 28.20 12.69
CA VAL A 309 -42.23 28.87 12.88
C VAL A 309 -42.66 28.81 14.36
N ASN A 310 -42.42 27.67 15.00
CA ASN A 310 -42.65 27.52 16.43
C ASN A 310 -41.94 28.57 17.28
N ALA A 311 -41.19 29.46 16.63
CA ALA A 311 -40.46 30.51 17.35
C ALA A 311 -40.58 31.88 16.70
N LEU A 312 -40.64 31.93 15.38
CA LEU A 312 -40.68 33.20 14.66
C LEU A 312 -42.08 33.71 14.22
N CYS A 313 -43.13 32.97 14.51
CA CYS A 313 -44.44 33.28 13.91
C CYS A 313 -45.62 33.46 14.85
N ALA A 314 -45.70 34.64 15.46
CA ALA A 314 -46.92 35.18 16.06
C ALA A 314 -47.13 36.53 15.39
N THR A 315 -47.58 36.47 14.14
CA THR A 315 -47.53 37.61 13.22
C THR A 315 -48.37 37.38 11.97
N ARG A 316 -48.76 38.47 11.31
CA ARG A 316 -49.62 38.43 10.14
C ARG A 316 -48.83 38.44 8.82
N ARG A 317 -49.54 38.62 7.71
CA ARG A 317 -48.94 38.53 6.37
C ARG A 317 -48.18 37.22 6.18
N GLU A 318 -47.63 37.02 4.99
CA GLU A 318 -46.82 35.84 4.68
C GLU A 318 -45.43 36.07 5.23
N PRO A 319 -45.25 35.83 6.53
CA PRO A 319 -44.12 36.39 7.29
C PRO A 319 -42.82 36.23 6.54
N LEU A 320 -42.23 35.05 6.60
CA LEU A 320 -40.92 34.82 6.01
C LEU A 320 -41.03 33.98 4.76
N LEU A 321 -40.68 34.61 3.65
CA LEU A 321 -40.44 33.87 2.45
C LEU A 321 -39.16 33.08 2.76
N ILE A 322 -39.19 31.77 2.54
CA ILE A 322 -38.08 30.89 2.91
C ILE A 322 -37.49 30.22 1.67
N GLY A 323 -36.22 29.83 1.80
CA GLY A 323 -35.43 29.24 0.72
C GLY A 323 -34.07 28.76 1.16
N SER A 324 -33.41 27.97 0.31
CA SER A 324 -32.09 27.41 0.62
C SER A 324 -31.15 27.45 -0.59
N THR A 325 -29.93 27.92 -0.39
CA THR A 325 -28.96 27.99 -1.45
C THR A 325 -28.49 26.59 -1.72
N LYS A 326 -28.58 25.75 -0.70
CA LYS A 326 -28.12 24.37 -0.77
C LYS A 326 -28.84 23.58 -1.83
N SER A 327 -30.00 24.07 -2.26
CA SER A 327 -30.76 23.41 -3.31
C SER A 327 -30.24 23.83 -4.68
N ASN A 328 -29.76 25.06 -4.73
CA ASN A 328 -29.18 25.59 -5.95
C ASN A 328 -27.84 24.94 -6.31
N MET A 329 -27.09 24.49 -5.31
CA MET A 329 -25.66 24.20 -5.50
C MET A 329 -25.09 23.00 -4.71
N GLY A 330 -25.71 22.66 -3.59
CA GLY A 330 -25.22 21.56 -2.78
C GLY A 330 -24.73 22.04 -1.43
N HIS A 331 -24.77 21.15 -0.44
CA HIS A 331 -24.37 21.46 0.93
C HIS A 331 -22.85 21.61 1.00
N PRO A 332 -22.36 22.85 1.08
CA PRO A 332 -20.91 23.08 1.08
C PRO A 332 -20.32 22.79 2.45
N GLU A 333 -21.04 22.03 3.25
CA GLU A 333 -20.57 21.61 4.57
C GLU A 333 -20.07 22.77 5.42
N PRO A 334 -18.83 22.74 5.90
CA PRO A 334 -18.55 23.77 6.91
C PRO A 334 -18.63 25.17 6.34
N ALA A 335 -18.61 25.25 5.01
CA ALA A 335 -18.69 26.53 4.33
C ALA A 335 -20.13 26.99 4.24
N SER A 336 -21.05 26.02 4.30
CA SER A 336 -22.50 26.25 4.21
C SER A 336 -22.96 27.61 4.71
N GLY A 337 -22.61 27.93 5.95
CA GLY A 337 -23.01 29.20 6.54
C GLY A 337 -22.73 30.43 5.69
N VAL A 338 -21.47 30.64 5.33
CA VAL A 338 -21.09 31.83 4.60
C VAL A 338 -21.42 31.76 3.12
N ALA A 339 -21.49 30.54 2.61
CA ALA A 339 -21.87 30.37 1.22
C ALA A 339 -23.25 30.90 1.08
N ALA A 340 -24.07 30.63 2.10
CA ALA A 340 -25.47 31.01 2.12
C ALA A 340 -25.59 32.50 2.25
N LEU A 341 -24.91 33.05 3.24
CA LEU A 341 -24.88 34.50 3.45
C LEU A 341 -24.66 35.20 2.12
N ILE A 342 -23.71 34.69 1.35
CA ILE A 342 -23.40 35.30 0.05
C ILE A 342 -24.59 35.30 -0.89
N LYS A 343 -25.27 34.17 -1.01
CA LYS A 343 -26.47 34.12 -1.82
C LYS A 343 -27.41 35.22 -1.37
N VAL A 344 -27.56 35.37 -0.05
CA VAL A 344 -28.44 36.39 0.51
C VAL A 344 -27.98 37.76 0.04
N LEU A 345 -26.78 38.17 0.45
CA LEU A 345 -26.28 39.48 0.11
C LEU A 345 -26.39 39.75 -1.38
N LEU A 346 -26.06 38.74 -2.19
CA LEU A 346 -26.13 38.86 -3.65
C LEU A 346 -27.52 39.31 -4.10
N SER A 347 -28.54 38.60 -3.64
CA SER A 347 -29.88 38.92 -4.04
C SER A 347 -30.28 40.31 -3.53
N LEU A 348 -29.94 40.61 -2.28
CA LEU A 348 -30.32 41.88 -1.70
C LEU A 348 -29.92 43.02 -2.60
N GLU A 349 -28.78 42.87 -3.26
CA GLU A 349 -28.25 43.94 -4.09
C GLU A 349 -28.98 44.05 -5.42
N HIS A 350 -29.78 43.04 -5.75
CA HIS A 350 -30.54 43.06 -6.98
C HIS A 350 -32.04 43.16 -6.71
N GLY A 351 -32.38 43.36 -5.45
CA GLY A 351 -33.77 43.53 -5.05
C GLY A 351 -34.64 42.37 -5.51
N VAL A 352 -34.05 41.19 -5.55
CA VAL A 352 -34.79 40.01 -5.96
C VAL A 352 -34.18 38.76 -5.31
N TRP A 353 -35.03 37.80 -4.98
CA TRP A 353 -34.55 36.60 -4.29
C TRP A 353 -34.23 35.49 -5.27
N ALA A 354 -33.20 34.71 -4.94
CA ALA A 354 -32.76 33.59 -5.77
C ALA A 354 -33.75 32.43 -5.70
N PRO A 355 -34.50 32.22 -6.79
CA PRO A 355 -35.48 31.15 -6.91
C PRO A 355 -34.88 29.81 -6.51
N ASN A 356 -35.25 29.35 -5.33
CA ASN A 356 -34.90 28.02 -4.87
C ASN A 356 -35.23 26.97 -5.95
N LEU A 357 -34.49 25.86 -5.97
CA LEU A 357 -34.70 24.83 -6.99
C LEU A 357 -35.42 23.60 -6.46
N HIS A 358 -35.74 22.68 -7.37
CA HIS A 358 -36.29 21.38 -7.02
C HIS A 358 -37.53 21.41 -6.15
N TYR A 359 -38.19 22.57 -6.04
CA TYR A 359 -39.39 22.63 -5.23
C TYR A 359 -40.62 22.22 -6.02
N HIS A 360 -41.26 21.14 -5.57
CA HIS A 360 -42.40 20.58 -6.26
C HIS A 360 -43.52 20.21 -5.30
N THR A 361 -43.30 19.15 -4.52
CA THR A 361 -44.33 18.68 -3.60
C THR A 361 -43.98 19.01 -2.15
N PRO A 362 -44.57 20.09 -1.61
CA PRO A 362 -44.32 20.48 -0.22
C PRO A 362 -44.31 19.27 0.70
N ASN A 363 -43.31 19.16 1.56
CA ASN A 363 -43.18 18.03 2.46
C ASN A 363 -44.43 17.86 3.30
N PRO A 364 -45.08 16.70 3.21
CA PRO A 364 -46.31 16.42 3.95
C PRO A 364 -46.05 16.01 5.39
N GLU A 365 -44.98 16.54 5.98
CA GLU A 365 -44.63 16.25 7.37
C GLU A 365 -44.51 17.56 8.16
N ILE A 366 -44.55 18.70 7.45
CA ILE A 366 -44.58 20.02 8.07
C ILE A 366 -45.63 20.90 7.39
N PRO A 367 -46.54 21.51 8.18
CA PRO A 367 -47.53 22.37 7.52
C PRO A 367 -46.86 23.68 7.20
N ALA A 368 -47.65 24.71 6.91
CA ALA A 368 -47.10 26.05 6.68
C ALA A 368 -46.39 26.22 5.33
N LEU A 369 -46.20 25.16 4.57
CA LEU A 369 -45.67 25.34 3.22
C LEU A 369 -46.79 25.86 2.30
N GLN A 370 -48.02 25.57 2.70
CA GLN A 370 -49.18 26.00 1.94
C GLN A 370 -50.24 26.36 2.95
N ASP A 371 -49.82 26.32 4.21
CA ASP A 371 -50.62 26.74 5.35
C ASP A 371 -50.38 28.23 5.61
N GLY A 372 -50.00 28.95 4.56
CA GLY A 372 -49.87 30.38 4.63
C GLY A 372 -48.60 30.91 5.28
N ARG A 373 -48.29 30.36 6.45
CA ARG A 373 -47.19 30.87 7.27
C ARG A 373 -45.86 31.06 6.53
N LEU A 374 -45.30 29.99 5.99
CA LEU A 374 -44.05 30.06 5.22
C LEU A 374 -44.29 30.01 3.72
N GLN A 375 -43.37 30.60 2.94
CA GLN A 375 -43.51 30.62 1.49
C GLN A 375 -42.22 30.29 0.77
N VAL A 376 -42.09 29.06 0.32
CA VAL A 376 -40.90 28.68 -0.43
C VAL A 376 -40.78 29.60 -1.62
N VAL A 377 -39.56 30.06 -1.87
CA VAL A 377 -39.33 30.94 -3.00
C VAL A 377 -38.95 30.15 -4.26
N ASP A 378 -39.97 29.70 -4.98
CA ASP A 378 -39.76 28.96 -6.23
C ASP A 378 -39.71 29.87 -7.46
N ARG A 379 -40.10 31.13 -7.28
CA ARG A 379 -40.08 32.10 -8.35
C ARG A 379 -39.23 33.30 -7.95
N PRO A 380 -38.72 34.04 -8.94
CA PRO A 380 -37.98 35.27 -8.64
C PRO A 380 -38.92 36.33 -8.06
N LEU A 381 -38.87 36.50 -6.75
CA LEU A 381 -39.75 37.46 -6.08
C LEU A 381 -38.99 38.74 -5.79
N PRO A 382 -39.50 39.88 -6.28
CA PRO A 382 -38.94 41.18 -5.90
C PRO A 382 -39.03 41.40 -4.39
N ILE A 383 -37.97 41.96 -3.79
CA ILE A 383 -37.96 42.14 -2.34
C ILE A 383 -38.41 43.53 -1.96
N ARG A 384 -39.11 43.62 -0.83
CA ARG A 384 -39.62 44.90 -0.35
C ARG A 384 -38.94 45.32 0.95
N GLY A 385 -39.46 44.85 2.09
CA GLY A 385 -38.97 45.27 3.38
C GLY A 385 -37.95 44.35 4.05
N GLY A 386 -36.71 44.41 3.59
CA GLY A 386 -35.68 43.50 4.07
C GLY A 386 -35.46 43.43 5.56
N ASN A 387 -35.08 42.24 6.03
CA ASN A 387 -34.60 41.99 7.37
C ASN A 387 -34.58 40.48 7.53
N VAL A 388 -33.39 39.91 7.57
CA VAL A 388 -33.20 38.48 7.28
C VAL A 388 -32.52 37.69 8.39
N GLY A 389 -32.88 36.41 8.49
CA GLY A 389 -32.21 35.49 9.39
C GLY A 389 -31.47 34.44 8.58
N ILE A 390 -30.60 33.67 9.23
CA ILE A 390 -29.79 32.66 8.55
C ILE A 390 -29.44 31.51 9.50
N ASN A 391 -29.53 30.29 8.99
CA ASN A 391 -29.28 29.07 9.76
C ASN A 391 -28.05 28.22 9.36
N SER A 392 -27.40 27.61 10.34
CA SER A 392 -26.33 26.68 10.05
C SER A 392 -26.20 25.69 11.20
N PHE A 393 -26.40 24.41 10.90
CA PHE A 393 -26.43 23.39 11.92
C PHE A 393 -25.49 22.26 11.55
N GLY A 394 -24.37 22.14 12.28
CA GLY A 394 -23.42 21.07 12.04
C GLY A 394 -23.98 19.75 12.51
N PHE A 395 -23.74 18.68 11.75
CA PHE A 395 -24.37 17.39 12.05
C PHE A 395 -24.12 16.87 13.47
N GLY A 396 -23.12 17.41 14.15
CA GLY A 396 -22.81 17.00 15.51
C GLY A 396 -23.65 17.74 16.55
N GLY A 397 -24.60 18.52 16.07
CA GLY A 397 -25.54 19.18 16.96
C GLY A 397 -25.15 20.59 17.38
N SER A 398 -24.41 21.30 16.54
CA SER A 398 -24.01 22.65 16.90
C SER A 398 -24.63 23.66 15.98
N ASN A 399 -25.61 24.37 16.51
CA ASN A 399 -26.40 25.28 15.73
C ASN A 399 -25.95 26.70 15.93
N VAL A 400 -26.23 27.54 14.95
CA VAL A 400 -25.95 28.97 15.05
C VAL A 400 -26.89 29.73 14.13
N HIS A 401 -27.41 30.84 14.62
CA HIS A 401 -28.27 31.73 13.85
C HIS A 401 -27.62 33.10 13.75
N VAL A 402 -28.02 33.88 12.76
CA VAL A 402 -27.59 35.27 12.70
C VAL A 402 -28.56 36.19 11.94
N ILE A 403 -28.95 37.30 12.57
CA ILE A 403 -29.95 38.22 12.02
C ILE A 403 -29.29 39.36 11.27
N LEU A 404 -29.86 39.74 10.15
CA LEU A 404 -29.25 40.79 9.32
C LEU A 404 -30.22 41.91 9.03
N GLN A 405 -29.66 43.10 8.79
CA GLN A 405 -30.48 44.24 8.38
C GLN A 405 -29.86 44.88 7.16
N PRO A 406 -30.45 44.64 5.99
CA PRO A 406 -29.88 45.21 4.77
C PRO A 406 -29.85 46.72 4.90
N ASN A 407 -28.94 47.37 4.20
CA ASN A 407 -28.98 48.81 4.18
C ASN A 407 -29.85 49.23 3.00
N SER A 408 -30.74 50.18 3.22
CA SER A 408 -31.59 50.71 2.16
C SER A 408 -31.29 52.19 1.99
N ARG A 409 -30.76 52.55 0.84
CA ARG A 409 -30.33 53.92 0.62
C ARG A 409 -29.94 54.19 -0.83
N PRO A 410 -30.72 55.03 -1.52
CA PRO A 410 -30.54 55.39 -2.94
C PRO A 410 -29.53 56.50 -3.16
N ALA A 411 -29.12 56.68 -4.40
CA ALA A 411 -28.07 57.65 -4.73
C ALA A 411 -28.61 59.03 -5.06
N PRO A 412 -28.07 60.07 -4.40
CA PRO A 412 -28.49 61.47 -4.57
C PRO A 412 -28.26 61.96 -6.00
N PRO A 413 -28.64 63.21 -6.31
CA PRO A 413 -28.38 63.86 -7.60
C PRO A 413 -27.48 65.09 -7.49
N PRO A 414 -26.14 64.92 -7.53
CA PRO A 414 -25.18 66.04 -7.39
C PRO A 414 -25.08 66.98 -8.60
N ALA A 415 -24.11 67.89 -8.56
CA ALA A 415 -23.85 68.79 -9.69
C ALA A 415 -22.36 68.82 -10.02
N GLN A 416 -21.64 67.77 -9.62
CA GLN A 416 -20.21 67.68 -9.87
C GLN A 416 -19.88 66.83 -11.12
N HIS A 417 -20.35 65.58 -11.17
CA HIS A 417 -20.22 64.83 -12.41
C HIS A 417 -21.10 65.47 -13.45
N ALA A 418 -21.69 66.61 -13.09
CA ALA A 418 -22.47 67.40 -14.03
C ALA A 418 -21.68 67.55 -15.32
N ALA A 419 -20.82 68.56 -15.36
CA ALA A 419 -19.95 68.79 -16.51
C ALA A 419 -18.50 68.40 -16.21
N LEU A 420 -18.28 67.74 -15.07
CA LEU A 420 -16.92 67.44 -14.63
C LEU A 420 -16.58 65.98 -14.87
N PRO A 421 -15.70 65.73 -15.85
CA PRO A 421 -15.27 64.35 -16.08
C PRO A 421 -14.38 63.93 -14.91
N ARG A 422 -14.50 62.67 -14.47
CA ARG A 422 -13.67 62.15 -13.37
C ARG A 422 -12.49 61.42 -13.94
N LEU A 423 -11.53 61.09 -13.09
CA LEU A 423 -10.40 60.25 -13.50
C LEU A 423 -10.56 58.87 -12.90
N LEU A 424 -10.47 57.84 -13.73
CA LEU A 424 -10.52 56.49 -13.22
C LEU A 424 -9.20 55.81 -13.47
N GLN A 425 -8.57 55.30 -12.40
CA GLN A 425 -7.29 54.63 -12.53
C GLN A 425 -7.34 53.23 -11.91
N ALA A 426 -6.50 52.33 -12.39
CA ALA A 426 -6.57 50.95 -11.92
C ALA A 426 -5.22 50.27 -11.94
N SER A 427 -5.14 49.12 -11.29
CA SER A 427 -3.95 48.29 -11.25
C SER A 427 -4.34 46.81 -11.23
N GLY A 428 -3.44 45.96 -11.73
CA GLY A 428 -3.68 44.53 -11.73
C GLY A 428 -2.43 43.69 -11.95
N ARG A 429 -2.63 42.44 -12.36
CA ARG A 429 -1.52 41.52 -12.58
C ARG A 429 -1.23 41.26 -14.06
N THR A 430 -2.09 41.73 -14.96
CA THR A 430 -1.86 41.57 -16.39
C THR A 430 -2.45 42.73 -17.13
N LEU A 431 -2.20 42.81 -18.43
CA LEU A 431 -2.90 43.74 -19.29
C LEU A 431 -4.41 43.55 -19.10
N GLU A 432 -4.85 42.30 -19.12
CA GLU A 432 -6.27 42.07 -19.01
C GLU A 432 -6.80 42.58 -17.67
N ALA A 433 -6.10 42.26 -16.58
CA ALA A 433 -6.62 42.57 -15.24
C ALA A 433 -7.10 44.00 -15.20
N VAL A 434 -6.38 44.85 -15.92
CA VAL A 434 -6.63 46.28 -15.98
C VAL A 434 -7.67 46.62 -17.06
N GLN A 435 -7.47 46.09 -18.26
CA GLN A 435 -8.46 46.27 -19.33
C GLN A 435 -9.85 45.87 -18.83
N THR A 436 -9.89 44.92 -17.90
CA THR A 436 -11.16 44.49 -17.34
C THR A 436 -11.76 45.60 -16.49
N LEU A 437 -10.99 46.07 -15.52
CA LEU A 437 -11.47 47.12 -14.62
C LEU A 437 -11.94 48.35 -15.37
N LEU A 438 -11.10 48.88 -16.25
CA LEU A 438 -11.47 50.05 -17.04
C LEU A 438 -12.77 49.83 -17.83
N GLU A 439 -13.02 48.60 -18.25
CA GLU A 439 -14.26 48.24 -18.93
C GLU A 439 -15.46 48.43 -18.01
N GLN A 440 -15.27 48.10 -16.73
CA GLN A 440 -16.34 48.23 -15.75
C GLN A 440 -16.54 49.67 -15.31
N GLY A 441 -15.45 50.44 -15.36
CA GLY A 441 -15.51 51.84 -14.99
C GLY A 441 -16.26 52.62 -16.06
N LEU A 442 -15.92 52.35 -17.32
CA LEU A 442 -16.57 52.99 -18.44
C LEU A 442 -18.09 52.67 -18.50
N ARG A 443 -18.45 51.42 -18.25
CA ARG A 443 -19.85 51.05 -18.32
C ARG A 443 -20.65 51.62 -17.15
N HIS A 444 -19.94 52.14 -16.15
CA HIS A 444 -20.60 52.77 -15.01
C HIS A 444 -20.15 54.21 -14.83
N SER A 445 -19.96 54.91 -15.94
CA SER A 445 -19.41 56.28 -15.97
C SER A 445 -19.92 57.14 -14.82
N ARG A 446 -21.17 57.59 -14.91
CA ARG A 446 -21.62 58.62 -13.99
C ARG A 446 -21.76 58.15 -12.53
N ASP A 447 -21.56 56.87 -12.25
CA ASP A 447 -21.70 56.36 -10.87
C ASP A 447 -20.48 56.63 -9.99
N LEU A 448 -20.57 57.64 -9.14
CA LEU A 448 -19.42 58.11 -8.38
C LEU A 448 -19.02 57.18 -7.24
N ALA A 449 -19.98 56.53 -6.63
CA ALA A 449 -19.67 55.67 -5.50
C ALA A 449 -18.69 54.64 -5.95
N PHE A 450 -18.98 54.08 -7.11
CA PHE A 450 -18.25 52.95 -7.68
C PHE A 450 -16.84 53.34 -8.13
N VAL A 451 -16.73 54.49 -8.80
CA VAL A 451 -15.46 54.92 -9.33
C VAL A 451 -14.50 55.29 -8.22
N GLY A 452 -15.03 55.92 -7.19
CA GLY A 452 -14.20 56.32 -6.08
C GLY A 452 -13.53 55.11 -5.48
N MET A 453 -14.31 54.07 -5.21
CA MET A 453 -13.78 52.85 -4.67
C MET A 453 -12.69 52.22 -5.55
N LEU A 454 -13.00 51.97 -6.83
CA LEU A 454 -12.03 51.49 -7.80
C LEU A 454 -10.68 52.16 -7.61
N ASN A 455 -10.72 53.46 -7.38
CA ASN A 455 -9.54 54.30 -7.20
C ASN A 455 -8.81 54.04 -5.91
N GLU A 456 -9.55 54.06 -4.82
CA GLU A 456 -8.98 53.74 -3.52
C GLU A 456 -8.18 52.43 -3.56
N ILE A 457 -8.64 51.50 -4.40
CA ILE A 457 -7.99 50.21 -4.58
C ILE A 457 -6.71 50.33 -5.37
N ALA A 458 -6.80 51.01 -6.51
CA ALA A 458 -5.70 51.07 -7.47
C ALA A 458 -4.35 51.33 -6.81
N ALA A 459 -4.38 52.01 -5.68
CA ALA A 459 -3.15 52.41 -4.98
C ALA A 459 -2.35 51.23 -4.39
N VAL A 460 -1.80 50.37 -5.24
CA VAL A 460 -0.93 49.31 -4.76
C VAL A 460 0.40 49.37 -5.48
N SER A 461 1.48 49.37 -4.70
CA SER A 461 2.83 49.33 -5.23
C SER A 461 2.95 48.43 -6.45
N PRO A 462 3.60 48.92 -7.51
CA PRO A 462 3.87 48.14 -8.72
C PRO A 462 4.86 47.01 -8.46
N VAL A 463 5.29 46.90 -7.21
CA VAL A 463 6.09 45.76 -6.79
C VAL A 463 5.21 44.52 -6.80
N ALA A 464 3.91 44.73 -6.60
CA ALA A 464 2.94 43.64 -6.59
C ALA A 464 2.07 43.69 -7.83
N MET A 465 1.54 44.87 -8.12
CA MET A 465 0.70 45.05 -9.28
C MET A 465 1.44 45.89 -10.30
N PRO A 466 2.20 45.23 -11.20
CA PRO A 466 3.08 45.83 -12.19
C PRO A 466 2.33 46.32 -13.43
N PHE A 467 1.01 46.39 -13.33
CA PHE A 467 0.19 46.74 -14.47
C PHE A 467 -0.84 47.80 -14.13
N ARG A 468 -0.78 48.91 -14.84
CA ARG A 468 -1.69 50.01 -14.56
C ARG A 468 -2.31 50.62 -15.81
N GLY A 469 -3.35 51.41 -15.61
CA GLY A 469 -4.11 51.99 -16.68
C GLY A 469 -5.02 53.07 -16.16
N TYR A 470 -5.61 53.84 -17.07
CA TYR A 470 -6.49 54.92 -16.68
C TYR A 470 -7.51 55.20 -17.77
N ALA A 471 -8.61 55.85 -17.40
CA ALA A 471 -9.63 56.29 -18.36
C ALA A 471 -10.20 57.63 -17.91
N VAL A 472 -10.63 58.43 -18.88
CA VAL A 472 -11.22 59.73 -18.58
C VAL A 472 -12.72 59.66 -18.73
N LEU A 473 -13.42 59.36 -17.65
CA LEU A 473 -14.88 59.15 -17.69
C LEU A 473 -15.67 60.41 -18.03
N GLY A 474 -16.58 60.29 -18.99
CA GLY A 474 -17.28 61.47 -19.50
C GLY A 474 -16.28 62.35 -20.23
N GLY A 475 -16.77 63.39 -20.88
CA GLY A 475 -15.91 64.26 -21.66
C GLY A 475 -15.43 63.64 -22.96
N GLU A 476 -15.50 64.39 -24.06
CA GLU A 476 -15.20 63.90 -25.41
C GLU A 476 -13.81 63.30 -25.57
N ALA A 477 -13.13 63.07 -24.45
CA ALA A 477 -11.79 62.50 -24.46
C ALA A 477 -11.80 61.05 -24.95
N GLY A 478 -12.58 60.20 -24.29
CA GLY A 478 -12.48 58.78 -24.52
C GLY A 478 -11.00 58.42 -24.44
N SER A 479 -10.31 59.06 -23.50
CA SER A 479 -8.88 58.89 -23.31
C SER A 479 -8.57 57.74 -22.37
N GLN A 480 -8.17 56.62 -22.97
CA GLN A 480 -7.78 55.42 -22.25
C GLN A 480 -6.29 55.22 -22.40
N GLU A 481 -5.67 54.45 -21.50
CA GLU A 481 -4.27 53.98 -21.66
C GLU A 481 -3.93 52.85 -20.71
N VAL A 482 -3.27 51.82 -21.22
CA VAL A 482 -2.91 50.69 -20.38
C VAL A 482 -1.43 50.39 -20.53
N GLN A 483 -0.77 49.94 -19.47
CA GLN A 483 0.67 49.85 -19.57
C GLN A 483 1.35 49.15 -18.41
N GLN A 484 2.60 48.75 -18.65
CA GLN A 484 3.40 48.10 -17.62
C GLN A 484 4.11 49.15 -16.78
N VAL A 485 4.54 48.76 -15.60
CA VAL A 485 5.09 49.75 -14.68
C VAL A 485 6.43 49.36 -14.11
N PRO A 486 7.45 50.19 -14.37
CA PRO A 486 8.81 50.03 -13.84
C PRO A 486 8.80 49.83 -12.33
N GLY A 487 9.43 48.75 -11.88
CA GLY A 487 9.52 48.46 -10.47
C GLY A 487 10.29 49.56 -9.76
N SER A 488 10.89 49.22 -8.62
CA SER A 488 11.67 50.17 -7.84
C SER A 488 10.88 51.45 -7.53
N LYS A 489 11.46 52.28 -6.67
CA LYS A 489 10.82 53.54 -6.33
C LYS A 489 11.26 54.55 -7.35
N ARG A 490 10.48 55.61 -7.49
CA ARG A 490 10.83 56.67 -8.43
C ARG A 490 10.71 58.03 -7.77
N PRO A 491 11.76 58.86 -7.89
CA PRO A 491 11.76 60.21 -7.32
C PRO A 491 10.79 61.13 -8.07
N VAL A 492 10.14 62.02 -7.32
CA VAL A 492 9.21 62.95 -7.92
C VAL A 492 9.83 64.35 -8.04
N TRP A 493 10.04 64.77 -9.28
CA TRP A 493 10.67 66.05 -9.53
C TRP A 493 9.73 67.05 -10.19
N PHE A 494 9.54 68.17 -9.50
CA PHE A 494 8.70 69.27 -9.98
C PHE A 494 9.51 70.33 -10.71
N ILE A 495 9.07 70.68 -11.92
CA ILE A 495 9.80 71.61 -12.76
C ILE A 495 8.88 72.77 -13.12
N CYS A 496 9.23 73.99 -12.72
CA CYS A 496 8.34 75.11 -12.94
C CYS A 496 8.74 76.04 -14.07
N SER A 497 8.21 75.80 -15.26
CA SER A 497 8.51 76.59 -16.45
C SER A 497 8.10 78.04 -16.28
N GLY A 498 8.81 78.91 -17.01
CA GLY A 498 8.60 80.32 -16.88
C GLY A 498 7.83 80.91 -18.03
N MET A 499 8.36 81.99 -18.60
CA MET A 499 7.62 82.82 -19.55
C MET A 499 7.66 82.26 -20.95
N GLY A 500 6.86 82.87 -21.82
CA GLY A 500 6.63 82.36 -23.16
C GLY A 500 5.51 81.36 -22.99
N ALA A 501 5.20 81.08 -21.74
CA ALA A 501 4.24 80.04 -21.39
C ALA A 501 2.80 80.53 -21.49
N GLN A 502 2.60 81.84 -21.42
CA GLN A 502 1.25 82.37 -21.40
C GLN A 502 0.53 82.18 -22.72
N TRP A 503 -0.80 82.05 -22.62
CA TRP A 503 -1.69 81.97 -23.78
C TRP A 503 -3.10 82.31 -23.36
N GLN A 504 -3.93 82.75 -24.31
CA GLN A 504 -5.31 83.16 -24.00
C GLN A 504 -6.22 82.00 -23.55
N GLY A 505 -6.63 82.02 -22.29
CA GLY A 505 -7.55 81.02 -21.83
C GLY A 505 -6.95 80.11 -20.79
N MET A 506 -5.80 80.50 -20.25
CA MET A 506 -5.13 79.71 -19.25
C MET A 506 -6.06 79.30 -18.12
N GLY A 507 -6.39 78.00 -18.07
CA GLY A 507 -7.14 77.44 -16.95
C GLY A 507 -8.50 78.05 -16.68
N LEU A 508 -9.14 78.53 -17.74
CA LEU A 508 -10.55 78.80 -17.68
C LEU A 508 -11.26 77.44 -17.55
N SER A 509 -10.66 76.39 -18.09
CA SER A 509 -11.28 75.08 -17.98
C SER A 509 -11.04 74.48 -16.60
N LEU A 510 -9.81 74.58 -16.11
CA LEU A 510 -9.50 74.06 -14.78
C LEU A 510 -10.16 74.85 -13.66
N MET A 511 -10.88 75.90 -14.00
CA MET A 511 -11.49 76.73 -12.97
C MET A 511 -12.60 75.96 -12.26
N ARG A 512 -13.19 74.99 -12.94
CA ARG A 512 -14.30 74.22 -12.39
C ARG A 512 -13.89 73.40 -11.20
N LEU A 513 -12.70 72.83 -11.26
CA LEU A 513 -12.17 72.10 -10.11
C LEU A 513 -12.05 73.00 -8.89
N ASP A 514 -12.60 72.57 -7.76
CA ASP A 514 -12.66 73.43 -6.59
C ASP A 514 -11.28 73.82 -6.08
N ARG A 515 -10.42 72.84 -5.86
CA ARG A 515 -9.10 73.12 -5.29
C ARG A 515 -8.35 74.16 -6.11
N PHE A 516 -8.66 74.23 -7.40
CA PHE A 516 -8.01 75.16 -8.31
C PHE A 516 -8.55 76.57 -8.17
N ARG A 517 -9.84 76.74 -8.46
CA ARG A 517 -10.52 78.01 -8.27
C ARG A 517 -10.14 78.56 -6.91
N ASP A 518 -10.46 77.82 -5.86
CA ASP A 518 -10.19 78.27 -4.48
C ASP A 518 -8.74 78.72 -4.20
N SER A 519 -7.77 78.21 -4.95
CA SER A 519 -6.40 78.71 -4.81
C SER A 519 -6.26 79.97 -5.63
N ILE A 520 -6.93 80.03 -6.77
CA ILE A 520 -6.85 81.19 -7.61
C ILE A 520 -7.55 82.36 -6.97
N LEU A 521 -8.40 82.08 -6.02
CA LEU A 521 -9.10 83.15 -5.35
C LEU A 521 -8.24 83.64 -4.21
N ARG A 522 -7.37 82.77 -3.70
CA ARG A 522 -6.54 83.19 -2.58
C ARG A 522 -5.56 84.22 -3.11
N SER A 523 -5.26 84.10 -4.40
CA SER A 523 -4.36 84.99 -5.09
C SER A 523 -5.00 86.36 -5.23
N ASP A 524 -6.27 86.38 -5.60
CA ASP A 524 -7.03 87.60 -5.69
C ASP A 524 -7.00 88.32 -4.35
N GLN A 525 -6.98 87.55 -3.27
CA GLN A 525 -7.03 88.16 -1.95
C GLN A 525 -5.70 88.78 -1.59
N ALA A 526 -4.62 88.21 -2.11
CA ALA A 526 -3.31 88.79 -1.86
C ALA A 526 -3.17 90.08 -2.64
N LEU A 527 -3.85 90.10 -3.80
CA LEU A 527 -3.72 91.18 -4.76
C LEU A 527 -4.80 92.24 -4.64
N LYS A 528 -5.76 92.05 -3.76
CA LYS A 528 -6.84 93.04 -3.59
C LYS A 528 -6.34 94.48 -3.32
N PRO A 529 -5.43 94.66 -2.34
CA PRO A 529 -4.93 96.00 -2.01
C PRO A 529 -4.24 96.75 -3.14
N LEU A 530 -3.87 96.02 -4.18
CA LEU A 530 -3.25 96.64 -5.34
C LEU A 530 -4.32 96.74 -6.41
N GLY A 531 -5.55 96.45 -6.04
CA GLY A 531 -6.68 96.58 -6.94
C GLY A 531 -6.51 95.85 -8.25
N LEU A 532 -6.51 94.53 -8.20
CA LEU A 532 -6.17 93.70 -9.33
C LEU A 532 -6.73 92.32 -9.06
N ARG A 533 -7.47 91.76 -10.00
CA ARG A 533 -8.06 90.45 -9.73
C ARG A 533 -7.65 89.41 -10.76
N VAL A 534 -6.84 88.44 -10.33
CA VAL A 534 -6.18 87.52 -11.24
C VAL A 534 -7.17 86.72 -12.01
N SER A 535 -8.29 86.44 -11.39
CA SER A 535 -9.31 85.70 -12.09
C SER A 535 -9.89 86.50 -13.24
N ASP A 536 -9.86 87.83 -13.13
CA ASP A 536 -10.36 88.72 -14.21
C ASP A 536 -9.34 88.74 -15.33
N LEU A 537 -8.06 88.67 -14.95
CA LEU A 537 -6.93 88.59 -15.87
C LEU A 537 -6.93 87.33 -16.71
N LEU A 538 -7.49 86.26 -16.16
CA LEU A 538 -7.55 85.02 -16.90
C LEU A 538 -8.78 85.04 -17.78
N LEU A 539 -9.80 85.75 -17.31
CA LEU A 539 -11.07 85.72 -17.99
C LEU A 539 -11.22 86.86 -18.99
N SER A 540 -10.51 87.97 -18.76
CA SER A 540 -10.43 88.97 -19.80
C SER A 540 -9.07 88.93 -20.56
N THR A 541 -8.47 87.75 -20.66
CA THR A 541 -7.23 87.59 -21.41
C THR A 541 -7.37 88.27 -22.76
N ASP A 542 -6.24 88.60 -23.37
CA ASP A 542 -6.20 89.15 -24.72
C ASP A 542 -4.73 89.41 -25.06
N GLU A 543 -4.39 89.40 -26.35
CA GLU A 543 -2.99 89.52 -26.78
C GLU A 543 -2.26 90.56 -25.96
N ALA A 544 -2.90 91.71 -25.78
CA ALA A 544 -2.35 92.83 -25.01
C ALA A 544 -1.90 92.48 -23.60
N VAL A 545 -2.69 91.62 -22.95
CA VAL A 545 -2.44 91.24 -21.57
C VAL A 545 -1.46 90.07 -21.48
N LEU A 546 -1.39 89.30 -22.56
CA LEU A 546 -0.38 88.27 -22.68
C LEU A 546 0.96 88.98 -22.86
N ASP A 547 0.89 90.21 -23.35
CA ASP A 547 2.10 91.00 -23.57
C ASP A 547 2.39 91.86 -22.34
N ASP A 548 1.37 92.37 -21.65
CA ASP A 548 1.65 93.08 -20.40
C ASP A 548 2.51 92.17 -19.51
N ILE A 549 3.64 92.66 -19.09
CA ILE A 549 4.53 91.84 -18.31
C ILE A 549 4.07 91.73 -16.84
N VAL A 550 3.25 92.66 -16.40
CA VAL A 550 2.68 92.56 -15.05
C VAL A 550 1.45 91.66 -14.98
N SER A 551 0.69 91.61 -16.07
CA SER A 551 -0.39 90.62 -16.13
C SER A 551 0.19 89.21 -16.29
N SER A 552 1.21 89.09 -17.16
CA SER A 552 1.85 87.82 -17.44
C SER A 552 2.58 87.21 -16.26
N PHE A 553 3.25 88.01 -15.45
CA PHE A 553 3.94 87.49 -14.28
C PHE A 553 2.98 86.95 -13.23
N VAL A 554 1.90 87.69 -13.00
CA VAL A 554 0.94 87.32 -12.00
C VAL A 554 0.05 86.18 -12.49
N SER A 555 -0.19 86.12 -13.79
CA SER A 555 -0.98 85.02 -14.33
C SER A 555 -0.25 83.71 -14.20
N LEU A 556 0.98 83.63 -14.71
CA LEU A 556 1.76 82.41 -14.57
C LEU A 556 1.91 81.99 -13.13
N THR A 557 2.60 82.80 -12.35
CA THR A 557 2.87 82.44 -10.98
C THR A 557 1.62 81.97 -10.29
N SER A 558 0.49 82.64 -10.54
CA SER A 558 -0.75 82.25 -9.87
C SER A 558 -1.22 80.87 -10.27
N ILE A 559 -1.26 80.60 -11.58
CA ILE A 559 -1.68 79.30 -12.09
C ILE A 559 -0.81 78.16 -11.58
N GLN A 560 0.50 78.34 -11.67
CA GLN A 560 1.46 77.37 -11.14
C GLN A 560 1.13 77.02 -9.70
N ILE A 561 0.96 78.05 -8.87
CA ILE A 561 0.62 77.86 -7.48
C ILE A 561 -0.64 77.04 -7.28
N ALA A 562 -1.58 77.17 -8.20
CA ALA A 562 -2.81 76.37 -8.15
C ALA A 562 -2.53 74.92 -8.60
N LEU A 563 -1.74 74.78 -9.65
CA LEU A 563 -1.34 73.46 -10.13
C LEU A 563 -0.66 72.72 -9.00
N ILE A 564 0.27 73.38 -8.33
CA ILE A 564 0.96 72.75 -7.20
C ILE A 564 -0.04 72.34 -6.13
N ASP A 565 -1.09 73.12 -5.96
CA ASP A 565 -2.11 72.79 -4.98
C ASP A 565 -2.86 71.52 -5.41
N LEU A 566 -3.29 71.47 -6.67
CA LEU A 566 -3.84 70.25 -7.25
C LEU A 566 -2.94 69.04 -7.00
N LEU A 567 -1.65 69.19 -7.27
CA LEU A 567 -0.71 68.09 -7.09
C LEU A 567 -0.64 67.66 -5.62
N THR A 568 -0.75 68.60 -4.69
CA THR A 568 -0.75 68.21 -3.29
C THR A 568 -2.04 67.50 -2.97
N SER A 569 -3.12 67.89 -3.65
CA SER A 569 -4.43 67.28 -3.44
C SER A 569 -4.38 65.79 -3.73
N LEU A 570 -3.54 65.42 -4.69
CA LEU A 570 -3.38 64.05 -5.11
C LEU A 570 -2.61 63.29 -4.05
N GLY A 571 -2.04 64.03 -3.11
CA GLY A 571 -1.23 63.47 -2.04
C GLY A 571 0.17 63.23 -2.56
N LEU A 572 0.70 64.20 -3.29
CA LEU A 572 1.93 64.00 -4.04
C LEU A 572 2.92 65.12 -3.81
N GLN A 573 3.61 65.08 -2.67
CA GLN A 573 4.68 66.02 -2.42
C GLN A 573 5.92 65.59 -3.19
N PRO A 574 6.83 66.54 -3.49
CA PRO A 574 7.99 66.29 -4.34
C PRO A 574 9.22 65.91 -3.56
N ASP A 575 10.11 65.20 -4.24
CA ASP A 575 11.41 64.83 -3.69
C ASP A 575 12.44 65.87 -4.07
N GLY A 576 12.41 66.29 -5.33
CA GLY A 576 13.28 67.33 -5.83
C GLY A 576 12.50 68.48 -6.44
N ILE A 577 13.08 69.68 -6.39
CA ILE A 577 12.46 70.86 -6.99
C ILE A 577 13.46 71.67 -7.84
N ILE A 578 13.00 72.15 -9.00
CA ILE A 578 13.80 73.01 -9.89
C ILE A 578 12.95 74.04 -10.61
N GLY A 579 13.35 75.30 -10.54
CA GLY A 579 12.65 76.35 -11.24
C GLY A 579 13.41 76.80 -12.45
N HIS A 580 12.70 77.38 -13.41
CA HIS A 580 13.34 77.87 -14.62
C HIS A 580 12.97 79.34 -14.85
N SER A 581 13.84 80.25 -14.39
CA SER A 581 13.54 81.70 -14.30
C SER A 581 12.24 81.93 -13.51
N LEU A 582 11.39 82.84 -13.96
CA LEU A 582 10.10 83.14 -13.32
C LEU A 582 9.51 81.98 -12.50
N GLY A 583 9.82 80.76 -12.93
CA GLY A 583 9.47 79.55 -12.20
C GLY A 583 9.79 79.58 -10.71
N GLU A 584 11.03 79.93 -10.37
CA GLU A 584 11.52 79.87 -9.00
C GLU A 584 10.58 80.51 -8.00
N VAL A 585 9.73 81.43 -8.45
CA VAL A 585 8.74 81.99 -7.57
C VAL A 585 7.88 80.86 -7.02
N ALA A 586 7.16 80.20 -7.92
CA ALA A 586 6.35 79.06 -7.57
C ALA A 586 7.12 78.04 -6.72
N CYS A 587 8.33 77.71 -7.17
CA CYS A 587 9.15 76.72 -6.49
C CYS A 587 9.30 76.99 -4.99
N GLY A 588 9.62 78.24 -4.66
CA GLY A 588 9.80 78.63 -3.28
C GLY A 588 8.51 78.56 -2.50
N TYR A 589 7.42 78.38 -3.23
CA TYR A 589 6.13 78.16 -2.59
C TYR A 589 6.02 76.70 -2.30
N ALA A 590 6.44 75.92 -3.29
CA ALA A 590 6.41 74.48 -3.20
C ALA A 590 7.55 73.98 -2.34
N ASP A 591 8.52 74.84 -2.09
CA ASP A 591 9.54 74.46 -1.14
C ASP A 591 9.16 74.92 0.25
N GLY A 592 8.16 75.80 0.31
CA GLY A 592 7.63 76.22 1.59
C GLY A 592 8.33 77.41 2.23
N CYS A 593 9.31 78.01 1.55
CA CYS A 593 9.99 79.20 2.08
C CYS A 593 9.32 80.47 1.62
N LEU A 594 8.25 80.30 0.83
CA LEU A 594 7.46 81.41 0.38
C LEU A 594 6.00 81.20 0.67
N THR A 595 5.36 82.26 1.16
CA THR A 595 3.91 82.30 1.31
C THR A 595 3.23 82.24 -0.05
N GLN A 596 1.94 81.94 -0.06
CA GLN A 596 1.17 82.11 -1.29
C GLN A 596 1.14 83.60 -1.62
N GLU A 597 0.79 84.41 -0.62
CA GLU A 597 0.74 85.85 -0.79
C GLU A 597 2.12 86.38 -1.21
N GLU A 598 3.13 86.08 -0.40
CA GLU A 598 4.43 86.63 -0.66
C GLU A 598 4.87 86.25 -2.07
N ALA A 599 4.42 85.11 -2.53
CA ALA A 599 4.75 84.67 -3.88
C ALA A 599 4.03 85.55 -4.87
N VAL A 600 2.69 85.49 -4.83
CA VAL A 600 1.84 86.19 -5.79
C VAL A 600 2.20 87.67 -5.88
N LEU A 601 2.65 88.23 -4.76
CA LEU A 601 3.00 89.65 -4.70
C LEU A 601 4.41 89.96 -5.20
N SER A 602 5.31 88.98 -5.19
CA SER A 602 6.61 89.18 -5.82
C SER A 602 6.43 89.23 -7.33
N SER A 603 5.71 88.26 -7.86
CA SER A 603 5.48 88.20 -9.30
C SER A 603 4.99 89.55 -9.72
N TYR A 604 4.05 90.09 -8.95
CA TYR A 604 3.49 91.37 -9.28
C TYR A 604 4.53 92.50 -9.35
N TRP A 605 5.24 92.76 -8.25
CA TRP A 605 6.30 93.77 -8.28
C TRP A 605 7.43 93.47 -9.26
N ARG A 606 8.07 92.31 -9.13
CA ARG A 606 9.02 91.88 -10.16
C ARG A 606 8.57 92.37 -11.54
N GLY A 607 7.32 92.11 -11.88
CA GLY A 607 6.81 92.55 -13.16
C GLY A 607 6.71 94.04 -13.26
N TYR A 608 6.21 94.69 -12.20
CA TYR A 608 5.88 96.11 -12.23
C TYR A 608 7.09 97.00 -12.38
N CYS A 609 8.01 96.92 -11.43
CA CYS A 609 9.25 97.65 -11.52
C CYS A 609 9.88 97.51 -12.91
N ILE A 610 10.04 96.29 -13.37
CA ILE A 610 10.58 96.08 -14.69
C ILE A 610 9.79 96.80 -15.78
N LYS A 611 8.47 96.88 -15.64
CA LYS A 611 7.75 97.58 -16.69
C LYS A 611 7.96 99.08 -16.56
N GLU A 612 7.95 99.60 -15.34
CA GLU A 612 8.13 101.04 -15.14
C GLU A 612 9.54 101.50 -15.41
N ALA A 613 10.53 100.69 -15.03
CA ALA A 613 11.91 100.96 -15.43
C ALA A 613 12.01 101.27 -16.92
N ASN A 614 10.93 101.08 -17.65
CA ASN A 614 10.87 101.40 -19.08
C ASN A 614 12.11 101.02 -19.87
N VAL A 615 12.73 99.90 -19.48
CA VAL A 615 13.91 99.34 -20.14
C VAL A 615 13.91 99.59 -21.67
N LEU A 616 14.96 99.19 -22.38
CA LEU A 616 15.03 99.35 -23.84
C LEU A 616 14.62 98.06 -24.60
N PRO A 617 14.03 98.21 -25.78
CA PRO A 617 13.45 97.12 -26.58
C PRO A 617 14.33 95.89 -26.67
N GLY A 618 14.06 94.86 -25.88
CA GLY A 618 14.77 93.60 -25.96
C GLY A 618 13.92 92.42 -26.45
N ALA A 619 14.53 91.25 -26.49
CA ALA A 619 13.82 90.09 -27.03
C ALA A 619 14.59 88.79 -26.81
N MET A 620 13.85 87.74 -26.48
CA MET A 620 14.48 86.48 -26.23
C MET A 620 14.08 85.41 -27.22
N ALA A 621 14.90 84.36 -27.28
CA ALA A 621 14.77 83.26 -28.23
C ALA A 621 15.49 81.99 -27.78
N ALA A 622 14.88 80.86 -28.11
CA ALA A 622 15.40 79.57 -27.74
C ALA A 622 16.11 79.03 -28.93
N VAL A 623 17.36 78.68 -28.74
CA VAL A 623 18.23 78.37 -29.85
C VAL A 623 19.06 77.15 -29.56
N GLY A 624 19.02 76.19 -30.47
CA GLY A 624 19.82 74.97 -30.33
C GLY A 624 21.30 75.12 -30.63
N LEU A 625 22.06 75.63 -29.65
CA LEU A 625 23.52 75.70 -29.70
C LEU A 625 24.10 75.44 -28.31
N SER A 626 25.22 74.73 -28.22
CA SER A 626 25.85 74.53 -26.93
C SER A 626 26.05 75.88 -26.27
N TRP A 627 26.03 75.92 -24.95
CA TRP A 627 26.28 77.18 -24.25
C TRP A 627 27.55 77.82 -24.79
N GLU A 628 28.50 76.97 -25.18
CA GLU A 628 29.77 77.46 -25.66
C GLU A 628 29.71 77.90 -27.11
N GLU A 629 28.83 77.28 -27.89
CA GLU A 629 28.67 77.66 -29.28
C GLU A 629 28.00 79.03 -29.40
N CYS A 630 27.58 79.56 -28.26
CA CYS A 630 27.00 80.91 -28.17
C CYS A 630 28.08 81.97 -27.97
N LYS A 631 28.76 81.88 -26.84
CA LYS A 631 29.85 82.77 -26.53
C LYS A 631 30.73 82.99 -27.75
N GLN A 632 30.72 82.02 -28.66
CA GLN A 632 31.60 82.10 -29.82
C GLN A 632 30.93 82.74 -31.03
N ARG A 633 29.60 82.73 -31.07
CA ARG A 633 28.91 83.02 -32.33
C ARG A 633 27.82 84.12 -32.35
N CYS A 634 27.50 84.73 -31.20
CA CYS A 634 26.45 85.75 -31.18
C CYS A 634 26.93 87.19 -31.45
N PRO A 635 26.15 87.99 -32.20
CA PRO A 635 26.50 89.42 -32.30
C PRO A 635 26.68 90.02 -30.92
N PRO A 636 27.57 91.02 -30.79
CA PRO A 636 27.76 91.59 -29.45
C PRO A 636 26.43 92.10 -28.87
N GLY A 637 26.28 92.05 -27.54
CA GLY A 637 25.08 92.56 -26.92
C GLY A 637 23.93 91.58 -27.03
N ILE A 638 24.22 90.36 -27.52
CA ILE A 638 23.25 89.27 -27.54
C ILE A 638 23.75 88.09 -26.73
N VAL A 639 23.67 88.23 -25.42
CA VAL A 639 24.15 87.23 -24.47
C VAL A 639 23.43 85.91 -24.58
N PRO A 640 24.03 84.84 -24.03
CA PRO A 640 23.27 83.64 -23.69
C PRO A 640 22.66 83.87 -22.31
N ALA A 641 21.43 83.47 -22.10
CA ALA A 641 20.79 83.69 -20.81
C ALA A 641 20.10 82.46 -20.21
N CYS A 642 19.69 81.51 -21.05
CA CYS A 642 19.04 80.29 -20.57
C CYS A 642 19.72 79.01 -21.04
N HIS A 643 20.27 78.26 -20.08
CA HIS A 643 21.00 77.03 -20.38
C HIS A 643 20.12 75.83 -20.12
N ASN A 644 19.47 75.38 -21.20
CA ASN A 644 18.38 74.43 -21.05
C ASN A 644 18.86 72.98 -21.15
N SER A 645 19.25 72.56 -22.35
CA SER A 645 19.85 71.24 -22.48
C SER A 645 21.34 71.42 -22.61
N LYS A 646 22.04 70.32 -22.86
CA LYS A 646 23.46 70.42 -23.10
C LYS A 646 23.67 71.09 -24.46
N ASP A 647 22.67 70.99 -25.34
CA ASP A 647 22.76 71.58 -26.68
C ASP A 647 21.59 72.46 -27.12
N THR A 648 20.96 73.13 -26.16
CA THR A 648 19.87 74.08 -26.42
C THR A 648 19.87 75.20 -25.38
N VAL A 649 20.10 76.41 -25.85
CA VAL A 649 20.23 77.59 -24.98
C VAL A 649 19.33 78.74 -25.46
N THR A 650 18.87 79.56 -24.52
CA THR A 650 18.08 80.72 -24.87
C THR A 650 18.91 82.01 -24.80
N ILE A 651 19.07 82.68 -25.94
CA ILE A 651 19.83 83.93 -25.99
C ILE A 651 18.93 85.13 -25.76
N SER A 652 19.45 86.16 -25.10
CA SER A 652 18.66 87.35 -24.78
C SER A 652 19.33 88.58 -25.38
N GLY A 653 18.59 89.57 -25.88
CA GLY A 653 19.22 90.79 -26.37
C GLY A 653 18.37 91.81 -27.11
N PRO A 654 18.96 92.95 -27.53
CA PRO A 654 18.25 94.01 -28.27
C PRO A 654 17.35 93.48 -29.38
N GLN A 655 16.08 93.90 -29.33
CA GLN A 655 15.04 93.44 -30.25
C GLN A 655 15.43 93.59 -31.70
N ALA A 656 15.96 94.77 -32.04
CA ALA A 656 16.46 94.95 -33.38
C ALA A 656 17.47 93.83 -33.67
N ALA A 657 18.43 93.67 -32.76
CA ALA A 657 19.55 92.75 -32.94
C ALA A 657 19.12 91.31 -33.19
N MET A 658 18.04 90.91 -32.53
CA MET A 658 17.57 89.55 -32.68
C MET A 658 16.95 89.32 -34.06
N SER A 659 16.03 90.18 -34.45
CA SER A 659 15.32 90.00 -35.72
C SER A 659 16.28 89.58 -36.82
N GLU A 660 17.26 90.43 -37.14
CA GLU A 660 18.19 90.13 -38.24
C GLU A 660 19.25 89.07 -37.95
N PHE A 661 19.34 88.64 -36.69
CA PHE A 661 20.22 87.52 -36.34
C PHE A 661 19.51 86.16 -36.49
N LEU A 662 18.23 86.21 -36.86
CA LEU A 662 17.47 84.99 -37.09
C LEU A 662 17.10 84.87 -38.56
N GLN A 663 16.80 85.96 -39.23
CA GLN A 663 16.74 85.90 -40.69
C GLN A 663 18.08 85.31 -41.12
N GLN A 664 19.09 85.50 -40.27
CA GLN A 664 20.46 85.07 -40.53
C GLN A 664 20.75 83.65 -40.00
N LEU A 665 20.07 83.25 -38.93
CA LEU A 665 20.17 81.89 -38.37
C LEU A 665 19.28 80.83 -39.06
N LYS A 666 18.04 81.18 -39.36
CA LYS A 666 17.14 80.25 -40.04
C LYS A 666 17.86 79.70 -41.26
N ARG A 667 18.38 80.62 -42.06
CA ARG A 667 19.00 80.28 -43.32
C ARG A 667 20.04 79.17 -43.22
N GLU A 668 20.42 78.83 -42.00
CA GLU A 668 21.38 77.76 -41.81
C GLU A 668 20.75 76.49 -41.30
N ASP A 669 19.43 76.49 -41.12
CA ASP A 669 18.77 75.33 -40.56
C ASP A 669 19.23 75.14 -39.11
N VAL A 670 19.07 76.16 -38.28
CA VAL A 670 19.31 76.01 -36.84
C VAL A 670 18.02 76.18 -36.03
N PHE A 671 18.06 75.73 -34.79
CA PHE A 671 16.85 75.74 -34.01
C PHE A 671 16.56 77.11 -33.47
N VAL A 672 15.39 77.63 -33.80
CA VAL A 672 14.97 78.94 -33.34
C VAL A 672 13.48 79.06 -33.09
N LYS A 673 13.09 78.94 -31.84
CA LYS A 673 11.74 79.24 -31.42
C LYS A 673 11.82 80.51 -30.62
N GLU A 674 11.06 81.52 -31.01
CA GLU A 674 11.09 82.79 -30.28
C GLU A 674 10.42 82.58 -28.95
N VAL A 675 10.57 83.50 -28.00
CA VAL A 675 9.75 83.44 -26.79
C VAL A 675 9.11 84.77 -26.35
N ARG A 676 7.85 84.69 -25.94
CA ARG A 676 7.05 85.86 -25.57
C ARG A 676 7.51 86.51 -24.27
N THR A 677 8.12 87.68 -24.43
CA THR A 677 8.70 88.37 -23.30
C THR A 677 8.04 89.73 -23.29
N GLY A 678 7.30 89.99 -24.35
CA GLY A 678 6.65 91.27 -24.50
C GLY A 678 7.71 92.35 -24.41
N GLY A 679 8.80 92.12 -25.16
CA GLY A 679 9.80 93.13 -25.48
C GLY A 679 11.05 93.19 -24.62
N ILE A 680 11.03 92.47 -23.50
CA ILE A 680 12.12 92.59 -22.55
C ILE A 680 13.08 91.43 -22.61
N ALA A 681 14.37 91.76 -22.70
CA ALA A 681 15.42 90.78 -22.59
C ALA A 681 15.76 90.51 -21.12
N PHE A 682 15.34 89.37 -20.60
CA PHE A 682 15.63 89.02 -19.21
C PHE A 682 16.96 88.27 -19.06
N HIS A 683 17.38 88.04 -17.83
CA HIS A 683 18.62 87.32 -17.54
C HIS A 683 19.84 87.80 -18.36
N SER A 684 19.83 89.08 -18.70
CA SER A 684 20.95 89.72 -19.39
C SER A 684 21.44 90.85 -18.53
N TYR A 685 22.25 91.73 -19.12
CA TYR A 685 22.74 92.92 -18.45
C TYR A 685 21.65 93.98 -18.39
N PHE A 686 20.73 93.92 -19.35
CA PHE A 686 19.62 94.87 -19.45
C PHE A 686 18.91 95.06 -18.12
N MET A 687 19.03 94.07 -17.24
CA MET A 687 18.32 94.08 -15.98
C MET A 687 19.02 94.86 -14.88
N GLU A 688 20.32 95.07 -15.01
CA GLU A 688 21.05 95.80 -13.98
C GLU A 688 20.38 97.12 -13.66
N SER A 689 19.74 97.71 -14.67
CA SER A 689 19.08 99.00 -14.53
C SER A 689 17.96 98.88 -13.53
N ILE A 690 17.27 97.76 -13.60
CA ILE A 690 16.06 97.53 -12.84
C ILE A 690 16.39 96.96 -11.46
N ALA A 691 17.59 96.43 -11.30
CA ALA A 691 18.03 95.85 -10.01
C ALA A 691 17.79 96.73 -8.78
N PRO A 692 18.30 97.99 -8.80
CA PRO A 692 18.17 98.81 -7.59
C PRO A 692 16.72 98.98 -7.15
N THR A 693 15.90 99.61 -7.98
CA THR A 693 14.55 99.98 -7.57
C THR A 693 13.66 98.78 -7.25
N LEU A 694 13.80 97.71 -8.03
CA LEU A 694 13.05 96.48 -7.74
C LEU A 694 13.44 95.85 -6.40
N LEU A 695 14.71 95.57 -6.20
CA LEU A 695 15.22 95.11 -4.91
C LEU A 695 14.65 95.91 -3.74
N ARG A 696 14.83 97.21 -3.72
CA ARG A 696 14.36 98.01 -2.59
C ARG A 696 12.89 97.74 -2.25
N GLN A 697 12.09 97.55 -3.28
CA GLN A 697 10.65 97.34 -3.13
C GLN A 697 10.26 95.94 -2.65
N LEU A 698 10.97 94.93 -3.13
CA LEU A 698 10.69 93.54 -2.78
C LEU A 698 11.18 93.30 -1.38
N ARG A 699 11.99 94.22 -0.89
CA ARG A 699 12.48 94.12 0.46
C ARG A 699 11.34 94.38 1.45
N LYS A 700 10.30 95.08 0.98
CA LYS A 700 9.12 95.38 1.78
C LYS A 700 8.08 94.23 1.75
N VAL A 701 7.95 93.56 0.60
CA VAL A 701 7.15 92.34 0.48
C VAL A 701 7.73 91.15 1.29
N ILE A 702 8.99 90.82 1.04
CA ILE A 702 9.59 89.69 1.75
C ILE A 702 10.43 90.09 2.97
N LEU A 703 9.76 90.55 4.03
CA LEU A 703 10.29 90.45 5.38
C LEU A 703 9.32 89.44 5.96
N ASP A 704 9.81 88.37 6.59
CA ASP A 704 11.22 88.09 6.71
C ASP A 704 11.49 86.83 5.91
N PRO A 705 12.76 86.60 5.54
CA PRO A 705 13.26 85.45 4.76
C PRO A 705 13.05 84.17 5.48
N LYS A 706 12.57 83.14 4.79
CA LYS A 706 12.55 81.81 5.37
C LYS A 706 13.64 80.99 4.71
N PRO A 707 14.11 79.96 5.41
CA PRO A 707 15.15 79.07 4.90
C PRO A 707 14.65 78.26 3.73
N ARG A 708 15.45 78.14 2.67
CA ARG A 708 15.13 77.23 1.58
C ARG A 708 15.65 75.87 2.01
N SER A 709 14.98 74.80 1.60
CA SER A 709 15.39 73.44 1.98
C SER A 709 16.38 72.85 0.98
N LYS A 710 17.00 71.74 1.36
CA LYS A 710 18.01 71.13 0.52
C LYS A 710 17.33 70.41 -0.64
N ARG A 711 16.01 70.36 -0.60
CA ARG A 711 15.23 69.74 -1.67
C ARG A 711 15.16 70.62 -2.92
N TRP A 712 15.37 71.91 -2.76
CA TRP A 712 15.21 72.85 -3.86
C TRP A 712 16.54 73.32 -4.44
N LEU A 713 16.84 72.87 -5.66
CA LEU A 713 18.10 73.19 -6.33
C LEU A 713 18.02 74.51 -7.07
N SER A 714 18.67 75.54 -6.54
CA SER A 714 18.58 76.85 -7.18
C SER A 714 19.19 76.84 -8.56
N THR A 715 18.57 77.58 -9.46
CA THR A 715 19.02 77.64 -10.84
C THR A 715 19.49 79.04 -11.12
N SER A 716 19.43 79.91 -10.11
CA SER A 716 19.89 81.31 -10.21
C SER A 716 21.28 81.52 -9.60
N ILE A 717 21.76 80.50 -8.91
CA ILE A 717 23.02 80.55 -8.17
C ILE A 717 23.90 79.33 -8.50
N PRO A 718 25.16 79.58 -8.91
CA PRO A 718 26.02 78.48 -9.34
C PRO A 718 26.12 77.45 -8.24
N GLU A 719 26.13 76.17 -8.61
CA GLU A 719 26.17 75.12 -7.61
C GLU A 719 27.27 75.38 -6.59
N ALA A 720 28.27 76.14 -7.01
CA ALA A 720 29.38 76.52 -6.14
C ALA A 720 28.91 77.00 -4.77
N GLN A 721 28.20 78.13 -4.78
CA GLN A 721 27.84 78.81 -3.53
C GLN A 721 26.43 78.52 -3.11
N TRP A 722 26.06 77.24 -3.09
CA TRP A 722 24.73 76.83 -2.67
C TRP A 722 24.58 76.88 -1.15
N GLN A 723 25.71 76.87 -0.44
CA GLN A 723 25.72 76.99 1.02
C GLN A 723 25.99 78.42 1.47
N GLY A 724 25.73 79.37 0.56
CA GLY A 724 26.06 80.76 0.79
C GLY A 724 25.08 81.49 1.67
N SER A 725 25.27 82.81 1.77
CA SER A 725 24.42 83.67 2.58
C SER A 725 23.24 84.05 1.74
N LEU A 726 23.50 84.19 0.45
CA LEU A 726 22.43 84.49 -0.46
C LEU A 726 21.57 83.27 -0.61
N ALA A 727 22.18 82.21 -1.14
CA ALA A 727 21.44 81.00 -1.50
C ALA A 727 20.73 80.32 -0.33
N ARG A 728 20.89 80.85 0.87
CA ARG A 728 20.38 80.19 2.06
C ARG A 728 18.91 80.52 2.33
N THR A 729 18.48 81.73 2.00
CA THR A 729 17.09 82.15 2.28
C THR A 729 16.41 82.72 1.05
N PHE A 730 15.11 82.44 0.91
CA PHE A 730 14.35 83.07 -0.16
C PHE A 730 14.05 84.51 0.25
N SER A 731 15.05 85.36 0.02
CA SER A 731 15.04 86.76 0.41
C SER A 731 14.77 87.66 -0.78
N ALA A 732 14.44 88.91 -0.49
CA ALA A 732 14.26 89.89 -1.54
C ALA A 732 15.45 89.75 -2.45
N GLU A 733 16.63 89.87 -1.85
CA GLU A 733 17.89 89.80 -2.55
C GLU A 733 17.97 88.59 -3.50
N TYR A 734 17.56 87.42 -3.01
CA TYR A 734 17.54 86.24 -3.88
C TYR A 734 16.61 86.42 -5.07
N SER A 735 15.48 87.10 -4.86
CA SER A 735 14.48 87.29 -5.92
C SER A 735 15.04 88.12 -7.06
N VAL A 736 15.64 89.25 -6.74
CA VAL A 736 16.18 90.14 -7.76
C VAL A 736 17.29 89.40 -8.51
N ASN A 737 18.08 88.63 -7.78
CA ASN A 737 19.16 87.87 -8.40
C ASN A 737 18.66 86.96 -9.50
N ASN A 738 17.57 86.25 -9.22
CA ASN A 738 16.95 85.37 -10.20
C ASN A 738 16.72 86.02 -11.56
N LEU A 739 16.26 87.27 -11.52
CA LEU A 739 15.93 87.99 -12.73
C LEU A 739 17.15 88.51 -13.45
N VAL A 740 18.26 88.59 -12.74
CA VAL A 740 19.46 89.22 -13.30
C VAL A 740 20.52 88.21 -13.78
N SER A 741 20.73 87.14 -13.01
CA SER A 741 21.75 86.16 -13.36
C SER A 741 21.30 85.28 -14.51
N PRO A 742 22.15 84.34 -14.95
CA PRO A 742 21.67 83.37 -15.94
C PRO A 742 20.98 82.21 -15.26
N VAL A 743 20.00 81.60 -15.95
CA VAL A 743 19.30 80.40 -15.47
C VAL A 743 20.06 79.08 -15.74
N LEU A 744 20.73 78.60 -14.71
CA LEU A 744 21.57 77.44 -14.81
C LEU A 744 20.68 76.23 -14.64
N PHE A 745 20.01 75.88 -15.74
CA PHE A 745 19.03 74.81 -15.75
C PHE A 745 19.68 73.45 -16.04
N GLN A 746 20.28 73.28 -17.21
CA GLN A 746 20.96 72.03 -17.50
C GLN A 746 21.87 71.69 -16.33
N GLU A 747 22.50 72.72 -15.77
CA GLU A 747 23.30 72.58 -14.56
C GLU A 747 22.57 71.76 -13.51
N ALA A 748 21.38 72.24 -13.14
CA ALA A 748 20.59 71.58 -12.11
C ALA A 748 20.01 70.26 -12.58
N LEU A 749 19.56 70.19 -13.83
CA LEU A 749 19.00 68.95 -14.34
C LEU A 749 20.00 67.78 -14.19
N GLN A 750 21.27 68.12 -14.04
CA GLN A 750 22.31 67.12 -13.87
C GLN A 750 22.01 66.24 -12.66
N HIS A 751 21.54 66.88 -11.58
CA HIS A 751 21.24 66.23 -10.29
C HIS A 751 20.01 65.31 -10.23
N VAL A 752 19.19 65.28 -11.28
CA VAL A 752 18.00 64.47 -11.23
C VAL A 752 18.36 63.02 -11.48
N PRO A 753 17.94 62.13 -10.55
CA PRO A 753 18.25 60.69 -10.58
C PRO A 753 17.74 60.02 -11.87
N ALA A 754 17.94 58.70 -11.99
CA ALA A 754 17.68 58.04 -13.26
C ALA A 754 16.35 57.30 -13.36
N HIS A 755 15.67 57.10 -12.25
CA HIS A 755 14.36 56.47 -12.33
C HIS A 755 13.26 57.48 -12.05
N ALA A 756 13.57 58.73 -12.31
CA ALA A 756 12.71 59.77 -11.80
C ALA A 756 11.62 60.17 -12.77
N VAL A 757 10.55 60.73 -12.23
CA VAL A 757 9.46 61.23 -13.03
C VAL A 757 9.47 62.74 -12.87
N VAL A 758 9.44 63.43 -13.99
CA VAL A 758 9.52 64.89 -13.99
C VAL A 758 8.20 65.49 -14.46
N VAL A 759 7.59 66.33 -13.64
CA VAL A 759 6.38 67.01 -14.03
C VAL A 759 6.63 68.49 -14.29
N GLU A 760 6.21 68.97 -15.45
CA GLU A 760 6.35 70.37 -15.78
C GLU A 760 5.11 71.10 -15.28
N ILE A 761 5.29 71.93 -14.26
CA ILE A 761 4.20 72.70 -13.66
C ILE A 761 4.13 74.10 -14.26
N ALA A 762 3.36 74.24 -15.34
CA ALA A 762 3.21 75.53 -16.00
C ALA A 762 1.98 75.49 -16.90
N PRO A 763 1.46 76.66 -17.29
CA PRO A 763 0.26 76.70 -18.14
C PRO A 763 0.53 76.14 -19.52
N HIS A 764 1.79 75.89 -19.83
CA HIS A 764 2.14 75.25 -21.08
C HIS A 764 3.46 74.52 -21.05
N ALA A 765 3.48 73.33 -21.64
CA ALA A 765 4.60 72.40 -21.51
C ALA A 765 5.80 72.78 -22.39
N LEU A 766 6.41 73.91 -22.06
CA LEU A 766 7.48 74.47 -22.87
C LEU A 766 8.76 73.63 -22.85
N LEU A 767 9.08 73.08 -21.68
CA LEU A 767 10.35 72.38 -21.50
C LEU A 767 10.24 70.88 -21.78
N GLN A 768 9.23 70.47 -22.55
CA GLN A 768 9.13 69.07 -22.94
C GLN A 768 10.30 68.68 -23.86
N ALA A 769 10.52 69.49 -24.91
CA ALA A 769 11.69 69.32 -25.76
C ALA A 769 12.93 69.08 -24.91
N VAL A 770 13.28 70.09 -24.12
CA VAL A 770 14.51 70.09 -23.33
C VAL A 770 14.64 68.98 -22.32
N LEU A 771 13.60 68.77 -21.53
CA LEU A 771 13.66 67.77 -20.47
C LEU A 771 13.87 66.37 -21.03
N LYS A 772 13.18 66.06 -22.12
CA LYS A 772 13.22 64.70 -22.65
C LYS A 772 14.57 64.39 -23.24
N ARG A 773 15.26 65.42 -23.69
CA ARG A 773 16.59 65.28 -24.29
C ARG A 773 17.67 65.30 -23.18
N SER A 774 17.73 66.39 -22.43
CA SER A 774 18.80 66.59 -21.44
C SER A 774 18.83 65.51 -20.35
N LEU A 775 17.73 64.78 -20.22
CA LEU A 775 17.56 63.86 -19.10
C LEU A 775 17.53 62.43 -19.63
N GLU A 776 17.67 61.45 -18.74
CA GLU A 776 17.69 60.05 -19.14
C GLU A 776 16.50 59.67 -19.99
N SER A 777 16.69 58.66 -20.85
CA SER A 777 15.58 58.07 -21.58
C SER A 777 14.85 57.07 -20.68
N SER A 778 15.28 57.01 -19.42
CA SER A 778 14.72 56.11 -18.42
C SER A 778 13.81 56.86 -17.47
N CYS A 779 13.57 58.12 -17.80
CA CYS A 779 12.71 59.01 -17.03
C CYS A 779 11.48 59.39 -17.84
N THR A 780 10.34 59.42 -17.17
CA THR A 780 9.10 59.79 -17.83
C THR A 780 8.83 61.27 -17.61
N ILE A 781 8.44 61.96 -18.68
CA ILE A 781 8.21 63.39 -18.58
C ILE A 781 6.78 63.80 -18.94
N ILE A 782 6.16 64.54 -18.03
CA ILE A 782 4.72 64.74 -18.05
C ILE A 782 4.26 66.19 -17.97
N PRO A 783 3.50 66.61 -19.00
CA PRO A 783 2.93 67.95 -19.00
C PRO A 783 1.72 67.99 -18.07
N LEU A 784 1.31 69.19 -17.67
CA LEU A 784 0.09 69.34 -16.91
C LEU A 784 -0.96 70.04 -17.75
N MET A 785 -0.61 71.16 -18.38
CA MET A 785 -1.57 71.81 -19.28
C MET A 785 -0.98 71.93 -20.67
N LYS A 786 -1.83 71.81 -21.70
CA LYS A 786 -1.40 72.07 -23.08
C LYS A 786 -2.14 73.29 -23.58
N LYS A 787 -1.42 74.24 -24.15
CA LYS A 787 -2.02 75.51 -24.54
C LYS A 787 -2.96 75.27 -25.71
N ASP A 788 -4.00 76.10 -25.80
CA ASP A 788 -4.95 76.01 -26.90
C ASP A 788 -5.77 74.70 -26.89
N HIS A 789 -5.67 73.93 -25.80
CA HIS A 789 -6.43 72.69 -25.70
C HIS A 789 -7.89 72.98 -25.47
N ARG A 790 -8.74 72.15 -26.08
CA ARG A 790 -10.19 72.27 -26.03
C ARG A 790 -10.68 72.29 -24.59
N ASP A 791 -9.94 71.62 -23.70
CA ASP A 791 -10.36 71.46 -22.31
C ASP A 791 -9.28 70.88 -21.39
N ASN A 792 -8.51 71.77 -20.76
CA ASN A 792 -7.46 71.34 -19.83
C ASN A 792 -7.92 70.41 -18.73
N LEU A 793 -9.23 70.33 -18.50
CA LEU A 793 -9.68 69.45 -17.46
C LEU A 793 -9.36 68.03 -17.88
N GLU A 794 -9.72 67.67 -19.09
CA GLU A 794 -9.47 66.33 -19.59
C GLU A 794 -7.99 66.05 -19.74
N PHE A 795 -7.23 67.07 -20.13
CA PHE A 795 -5.82 66.88 -20.43
C PHE A 795 -4.99 66.72 -19.17
N PHE A 796 -5.32 67.48 -18.13
CA PHE A 796 -4.64 67.34 -16.84
C PHE A 796 -4.96 65.98 -16.23
N LEU A 797 -6.24 65.61 -16.20
CA LEU A 797 -6.61 64.32 -15.68
C LEU A 797 -5.80 63.26 -16.42
N SER A 798 -5.80 63.35 -17.75
CA SER A 798 -5.01 62.48 -18.61
C SER A 798 -3.61 62.30 -18.06
N ASN A 799 -2.92 63.42 -17.86
CA ASN A 799 -1.58 63.36 -17.34
C ASN A 799 -1.50 62.90 -15.90
N VAL A 800 -2.56 63.08 -15.13
CA VAL A 800 -2.55 62.54 -13.76
C VAL A 800 -2.66 61.04 -13.87
N GLY A 801 -3.38 60.60 -14.88
CA GLY A 801 -3.44 59.20 -15.19
C GLY A 801 -2.05 58.73 -15.53
N ARG A 802 -1.36 59.50 -16.39
CA ARG A 802 0.01 59.17 -16.77
C ARG A 802 0.89 59.02 -15.56
N LEU A 803 0.72 59.92 -14.60
CA LEU A 803 1.49 59.85 -13.36
C LEU A 803 1.30 58.50 -12.66
N HIS A 804 0.13 57.91 -12.86
CA HIS A 804 -0.13 56.61 -12.29
C HIS A 804 0.67 55.55 -13.03
N LEU A 805 0.46 55.48 -14.35
CA LEU A 805 1.20 54.56 -15.24
C LEU A 805 2.71 54.66 -15.08
N ALA A 806 3.13 55.73 -14.44
CA ALA A 806 4.52 55.93 -14.17
C ALA A 806 4.91 55.05 -13.00
N GLY A 807 4.14 55.11 -11.92
CA GLY A 807 4.42 54.31 -10.75
C GLY A 807 4.31 55.13 -9.49
N VAL A 808 3.98 56.41 -9.69
CA VAL A 808 3.77 57.34 -8.58
C VAL A 808 2.46 57.08 -7.88
N SER A 809 2.39 57.50 -6.63
CA SER A 809 1.21 57.25 -5.85
C SER A 809 0.40 58.52 -5.82
N VAL A 810 -0.57 58.63 -6.74
CA VAL A 810 -1.49 59.77 -6.81
C VAL A 810 -2.94 59.30 -6.80
N ASN A 811 -3.83 60.10 -6.22
CA ASN A 811 -5.20 59.66 -6.03
C ASN A 811 -6.30 60.66 -6.38
N PRO A 812 -6.94 60.48 -7.56
CA PRO A 812 -7.82 61.46 -8.19
C PRO A 812 -9.00 61.86 -7.32
N ASN A 813 -9.31 61.08 -6.30
CA ASN A 813 -10.46 61.41 -5.49
C ASN A 813 -10.26 62.75 -4.74
N GLY A 814 -9.01 63.20 -4.64
CA GLY A 814 -8.70 64.42 -3.93
C GLY A 814 -9.05 65.69 -4.70
N LEU A 815 -9.44 65.52 -5.96
CA LEU A 815 -9.72 66.66 -6.81
C LEU A 815 -11.16 67.05 -6.63
N PHE A 816 -11.98 66.06 -6.35
CA PHE A 816 -13.41 66.29 -6.25
C PHE A 816 -13.87 66.06 -4.82
N PRO A 817 -15.09 66.54 -4.48
CA PRO A 817 -15.66 66.47 -3.13
C PRO A 817 -15.87 65.03 -2.70
N PRO A 818 -15.53 64.70 -1.44
CA PRO A 818 -15.68 63.36 -0.87
C PRO A 818 -16.85 62.60 -1.48
N VAL A 819 -16.93 61.29 -1.24
CA VAL A 819 -18.14 60.57 -1.59
C VAL A 819 -18.78 60.13 -0.30
N GLU A 820 -20.11 60.16 -0.23
CA GLU A 820 -20.79 59.79 1.00
C GLU A 820 -20.83 58.28 1.22
N PHE A 821 -19.86 57.79 2.01
CA PHE A 821 -19.77 56.38 2.37
C PHE A 821 -20.64 56.20 3.59
N PRO A 822 -21.38 55.08 3.71
CA PRO A 822 -21.45 53.89 2.86
C PRO A 822 -22.02 54.13 1.48
N ALA A 823 -21.52 53.35 0.53
CA ALA A 823 -21.96 53.41 -0.85
C ALA A 823 -23.42 53.02 -0.96
N PRO A 824 -24.09 53.54 -2.01
CA PRO A 824 -25.49 53.19 -2.26
C PRO A 824 -25.63 51.70 -2.44
N ARG A 825 -26.74 51.13 -1.97
CA ARG A 825 -27.02 49.72 -2.21
C ARG A 825 -27.29 49.48 -3.69
N GLY A 826 -26.79 48.38 -4.22
CA GLY A 826 -26.95 48.07 -5.63
C GLY A 826 -25.82 48.66 -6.46
N THR A 827 -24.80 49.15 -5.77
CA THR A 827 -23.61 49.68 -6.40
C THR A 827 -22.71 48.48 -6.72
N PRO A 828 -22.23 48.39 -7.97
CA PRO A 828 -21.55 47.24 -8.59
C PRO A 828 -20.51 46.50 -7.75
N LEU A 829 -20.53 45.18 -7.84
CA LEU A 829 -19.57 44.33 -7.15
C LEU A 829 -18.21 44.68 -7.66
N ILE A 830 -17.20 44.34 -6.88
CA ILE A 830 -15.82 44.51 -7.34
C ILE A 830 -15.11 43.16 -7.50
N SER A 831 -15.17 42.32 -6.48
CA SER A 831 -14.44 41.07 -6.48
C SER A 831 -14.35 40.44 -7.86
N PRO A 832 -15.50 40.27 -8.54
CA PRO A 832 -15.56 39.51 -9.79
C PRO A 832 -14.68 40.04 -10.92
N HIS A 833 -14.21 41.28 -10.80
CA HIS A 833 -13.39 41.86 -11.86
C HIS A 833 -11.89 41.96 -11.52
N ILE A 834 -11.49 41.27 -10.47
CA ILE A 834 -10.09 41.21 -10.10
C ILE A 834 -9.46 39.93 -10.65
N LYS A 835 -8.95 40.02 -11.88
CA LYS A 835 -8.35 38.89 -12.57
C LYS A 835 -6.84 38.80 -12.29
N TRP A 836 -6.30 37.59 -12.18
CA TRP A 836 -4.89 37.41 -11.85
C TRP A 836 -4.04 36.85 -12.99
N ASP A 837 -2.81 36.45 -12.65
CA ASP A 837 -1.95 35.70 -13.56
C ASP A 837 -2.00 34.23 -13.20
N HIS A 838 -3.07 33.55 -13.62
CA HIS A 838 -3.25 32.16 -13.27
C HIS A 838 -2.47 31.26 -14.18
N SER A 839 -2.11 31.78 -15.35
CA SER A 839 -1.30 31.07 -16.33
C SER A 839 -0.85 29.68 -15.89
N GLN A 840 -0.02 29.61 -14.87
CA GLN A 840 0.50 28.32 -14.42
C GLN A 840 -0.46 27.51 -13.55
N ALA A 841 -0.72 26.27 -13.96
CA ALA A 841 -1.59 25.35 -13.21
C ALA A 841 -0.81 24.39 -12.30
N TRP A 842 -1.33 24.19 -11.10
CA TRP A 842 -0.59 23.57 -9.99
C TRP A 842 -1.11 22.20 -9.54
N ASP A 843 -0.39 21.60 -8.60
CA ASP A 843 -0.67 20.24 -8.18
C ASP A 843 -1.94 20.11 -7.37
N VAL A 844 -2.95 19.56 -8.02
CA VAL A 844 -4.20 19.21 -7.38
C VAL A 844 -4.19 17.74 -7.00
N PRO A 845 -3.96 17.43 -5.71
CA PRO A 845 -4.09 16.05 -5.27
C PRO A 845 -5.25 15.36 -5.98
N SER A 846 -5.00 14.16 -6.48
CA SER A 846 -5.90 13.48 -7.41
C SER A 846 -6.84 12.51 -6.73
N ALA A 847 -7.85 12.07 -7.47
CA ALA A 847 -8.71 11.00 -7.01
C ALA A 847 -7.87 9.93 -6.34
N ALA A 848 -7.12 9.21 -7.16
CA ALA A 848 -6.38 8.03 -6.75
C ALA A 848 -5.17 8.28 -5.84
N ASP A 849 -5.15 9.40 -5.11
CA ASP A 849 -3.99 9.75 -4.30
C ASP A 849 -4.06 9.33 -2.82
N PHE A 850 -5.25 8.99 -2.35
CA PHE A 850 -5.40 8.59 -0.94
C PHE A 850 -5.67 7.10 -0.81
N PRO A 851 -5.38 6.53 0.38
CA PRO A 851 -5.50 5.09 0.62
C PRO A 851 -6.72 4.46 -0.06
N SER A 852 -6.54 3.28 -0.67
CA SER A 852 -7.63 2.64 -1.43
C SER A 852 -7.70 1.09 -1.35
N GLY A 853 -7.39 0.55 -0.17
CA GLY A 853 -7.53 -0.89 0.07
C GLY A 853 -7.19 -1.30 1.50
N SER A 854 -5.92 -1.12 1.86
CA SER A 854 -5.37 -1.33 3.20
C SER A 854 -3.84 -1.38 3.07
N SER A 855 -3.15 -1.48 4.21
CA SER A 855 -1.68 -1.49 4.24
C SER A 855 -1.09 -2.59 3.35
N CYS A 856 0.02 -2.27 2.68
CA CYS A 856 0.79 -3.28 1.94
C CYS A 856 2.27 -2.89 1.87
N SER A 857 3.03 -3.38 2.83
CA SER A 857 4.44 -3.12 2.88
C SER A 857 5.09 -3.85 1.73
N SER A 858 4.45 -3.85 0.56
CA SER A 858 4.88 -4.74 -0.53
C SER A 858 4.42 -4.36 -1.92
N VAL A 859 3.94 -3.13 -2.08
CA VAL A 859 3.73 -2.57 -3.41
C VAL A 859 4.06 -1.09 -3.35
N ALA A 860 4.71 -0.60 -4.41
CA ALA A 860 5.15 0.78 -4.47
C ALA A 860 4.97 1.31 -5.88
N VAL A 861 4.43 2.51 -6.00
CA VAL A 861 4.42 3.19 -7.29
C VAL A 861 5.39 4.36 -7.20
N TYR A 862 6.21 4.49 -8.24
CA TYR A 862 7.18 5.56 -8.32
C TYR A 862 6.84 6.42 -9.53
N LYS A 863 6.76 7.73 -9.34
CA LYS A 863 6.47 8.62 -10.45
C LYS A 863 7.70 9.43 -10.82
N PHE A 864 8.00 9.50 -12.10
CA PHE A 864 9.23 10.13 -12.54
C PHE A 864 9.03 11.32 -13.44
N ASP A 865 9.48 12.48 -12.96
CA ASP A 865 9.44 13.71 -13.76
C ASP A 865 10.82 14.00 -14.33
N VAL A 866 10.87 14.32 -15.62
CA VAL A 866 12.15 14.55 -16.28
C VAL A 866 12.39 16.01 -16.72
N SER A 867 11.37 16.86 -16.59
CA SER A 867 11.54 18.29 -16.76
C SER A 867 12.70 18.76 -15.88
N PRO A 868 13.49 19.72 -16.39
CA PRO A 868 14.79 20.17 -15.86
C PRO A 868 14.78 20.56 -14.39
N GLU A 869 13.59 20.74 -13.84
CA GLU A 869 13.48 21.10 -12.43
C GLU A 869 13.63 19.88 -11.54
N SER A 870 13.05 18.76 -11.99
CA SER A 870 13.00 17.53 -11.22
C SER A 870 14.36 17.02 -10.81
N PRO A 871 14.46 16.50 -9.57
CA PRO A 871 15.66 15.84 -9.03
C PRO A 871 16.02 14.61 -9.85
N ASP A 872 15.05 14.09 -10.58
CA ASP A 872 15.23 12.93 -11.44
C ASP A 872 15.42 13.39 -12.88
N HIS A 873 15.95 14.61 -13.02
CA HIS A 873 16.35 15.14 -14.32
C HIS A 873 17.64 14.48 -14.78
N TYR A 874 18.40 13.97 -13.82
CA TYR A 874 19.66 13.33 -14.17
C TYR A 874 19.40 12.23 -15.19
N LEU A 875 18.18 11.73 -15.22
CA LEU A 875 17.82 10.65 -16.12
C LEU A 875 17.87 11.01 -17.59
N VAL A 876 17.80 12.29 -17.92
CA VAL A 876 17.79 12.66 -19.32
C VAL A 876 19.14 12.35 -19.96
N ASP A 877 20.11 11.99 -19.12
CA ASP A 877 21.40 11.64 -19.65
C ASP A 877 21.48 10.16 -19.97
N HIS A 878 20.38 9.46 -19.84
CA HIS A 878 20.38 8.12 -20.36
C HIS A 878 19.67 8.12 -21.70
N CYS A 879 20.21 8.91 -22.61
CA CYS A 879 19.68 9.01 -23.97
C CYS A 879 20.20 7.84 -24.81
N ILE A 880 19.32 7.22 -25.61
CA ILE A 880 19.71 6.12 -26.48
C ILE A 880 19.04 6.13 -27.85
N ASP A 881 19.83 6.44 -28.87
CA ASP A 881 19.35 6.52 -30.24
C ASP A 881 18.46 7.74 -30.46
N GLY A 882 18.40 8.60 -29.45
CA GLY A 882 17.67 9.84 -29.58
C GLY A 882 16.47 9.93 -28.65
N ARG A 883 16.16 8.82 -27.98
CA ARG A 883 15.10 8.78 -26.99
C ARG A 883 15.71 8.75 -25.61
N VAL A 884 14.99 9.23 -24.60
CA VAL A 884 15.46 9.08 -23.23
C VAL A 884 14.83 7.86 -22.60
N LEU A 885 15.53 6.73 -22.60
CA LEU A 885 14.96 5.50 -22.06
C LEU A 885 15.39 5.25 -20.62
N PHE A 886 14.40 4.94 -19.78
CA PHE A 886 14.68 4.60 -18.40
C PHE A 886 15.70 3.47 -18.36
N PRO A 887 16.79 3.71 -17.63
CA PRO A 887 17.92 2.80 -17.43
C PRO A 887 17.42 1.41 -17.11
N GLY A 888 17.85 0.40 -17.86
CA GLY A 888 17.48 -0.96 -17.49
C GLY A 888 17.91 -1.19 -16.04
N THR A 889 19.03 -0.56 -15.73
CA THR A 889 19.60 -0.62 -14.41
C THR A 889 18.69 -0.01 -13.37
N GLY A 890 18.03 1.07 -13.74
CA GLY A 890 17.07 1.72 -12.88
C GLY A 890 16.02 0.80 -12.27
N TYR A 891 15.43 -0.10 -13.08
CA TYR A 891 14.40 -1.01 -12.57
C TYR A 891 14.93 -1.80 -11.39
N LEU A 892 16.20 -2.16 -11.47
CA LEU A 892 16.85 -2.86 -10.38
C LEU A 892 16.89 -2.01 -9.15
N TRP A 893 17.16 -0.72 -9.34
CA TRP A 893 17.25 0.20 -8.22
C TRP A 893 15.89 0.37 -7.56
N LEU A 894 14.92 0.81 -8.34
CA LEU A 894 13.54 0.81 -7.92
C LEU A 894 13.23 -0.42 -7.10
N THR A 895 13.35 -1.60 -7.71
CA THR A 895 13.02 -2.85 -7.05
C THR A 895 13.75 -2.97 -5.73
N TRP A 896 15.00 -2.55 -5.73
CA TRP A 896 15.84 -2.73 -4.56
C TRP A 896 15.36 -1.86 -3.43
N LYS A 897 15.16 -0.59 -3.72
CA LYS A 897 14.49 0.35 -2.81
C LYS A 897 13.26 -0.35 -2.20
N THR A 898 12.28 -0.62 -3.06
CA THR A 898 11.09 -1.40 -2.71
C THR A 898 11.33 -2.53 -1.71
N LEU A 899 12.43 -3.25 -1.85
CA LEU A 899 12.69 -4.36 -0.95
C LEU A 899 12.87 -3.86 0.45
N ALA A 900 13.76 -2.88 0.59
CA ALA A 900 14.11 -2.37 1.89
C ALA A 900 12.92 -1.67 2.53
N ARG A 901 12.08 -1.03 1.72
CA ARG A 901 10.83 -0.47 2.23
C ARG A 901 10.11 -1.56 3.00
N ALA A 902 9.68 -2.59 2.30
CA ALA A 902 8.98 -3.72 2.91
C ALA A 902 9.69 -4.24 4.16
N LEU A 903 11.00 -3.99 4.23
CA LEU A 903 11.85 -4.49 5.31
C LEU A 903 12.02 -3.52 6.47
N SER A 904 11.33 -2.38 6.39
CA SER A 904 11.41 -1.37 7.42
C SER A 904 12.81 -0.76 7.46
N GLN A 905 13.68 -1.22 6.56
CA GLN A 905 15.08 -0.79 6.50
C GLN A 905 15.38 0.22 5.38
N ASN A 906 16.59 0.77 5.40
CA ASN A 906 17.04 1.68 4.34
C ASN A 906 17.96 0.94 3.38
N LEU A 907 18.25 1.54 2.23
CA LEU A 907 18.98 0.85 1.18
C LEU A 907 20.33 0.36 1.69
N GLU A 908 21.06 1.22 2.41
CA GLU A 908 22.42 0.90 2.85
C GLU A 908 22.49 -0.25 3.86
N GLU A 909 21.34 -0.80 4.23
CA GLU A 909 21.33 -1.88 5.22
C GLU A 909 20.81 -3.18 4.64
N THR A 910 20.47 -3.14 3.36
CA THR A 910 19.85 -4.30 2.76
C THR A 910 20.67 -4.82 1.59
N PRO A 911 21.79 -5.48 1.90
CA PRO A 911 22.57 -6.14 0.86
C PRO A 911 21.67 -7.09 0.09
N VAL A 912 21.43 -6.76 -1.17
CA VAL A 912 20.40 -7.42 -1.98
C VAL A 912 20.99 -8.48 -2.93
N VAL A 913 20.16 -9.43 -3.37
CA VAL A 913 20.51 -10.44 -4.38
C VAL A 913 19.40 -10.51 -5.42
N PHE A 914 19.74 -10.44 -6.70
CA PHE A 914 18.71 -10.63 -7.72
C PHE A 914 18.96 -11.98 -8.37
N GLU A 915 18.01 -12.46 -9.17
CA GLU A 915 18.14 -13.77 -9.83
C GLU A 915 17.20 -13.87 -11.03
N ASP A 916 17.74 -14.22 -12.19
CA ASP A 916 16.92 -14.46 -13.35
C ASP A 916 16.12 -13.24 -13.77
N VAL A 917 16.52 -12.07 -13.30
CA VAL A 917 15.79 -10.90 -13.74
C VAL A 917 15.72 -10.86 -15.26
N THR A 918 14.55 -10.47 -15.76
CA THR A 918 14.36 -10.23 -17.18
C THR A 918 13.84 -8.81 -17.30
N LEU A 919 14.31 -8.07 -18.31
CA LEU A 919 13.70 -6.81 -18.67
C LEU A 919 12.91 -7.12 -19.93
N HIS A 920 11.69 -6.60 -20.04
CA HIS A 920 10.83 -6.98 -21.17
C HIS A 920 10.67 -5.88 -22.22
N GLN A 921 10.05 -4.76 -21.86
CA GLN A 921 10.13 -3.57 -22.69
C GLN A 921 10.91 -2.56 -21.88
N ALA A 922 11.37 -1.49 -22.52
CA ALA A 922 11.97 -0.41 -21.76
C ALA A 922 11.04 0.79 -21.82
N THR A 923 11.32 1.78 -21.00
CA THR A 923 10.39 2.89 -20.81
C THR A 923 10.92 4.15 -21.47
N ILE A 924 10.10 4.80 -22.27
CA ILE A 924 10.56 5.99 -23.00
C ILE A 924 10.11 7.29 -22.36
N LEU A 925 10.90 7.82 -21.44
CA LEU A 925 10.57 9.09 -20.80
C LEU A 925 10.39 10.21 -21.83
N PRO A 926 9.22 10.89 -21.77
CA PRO A 926 8.92 12.05 -22.62
C PRO A 926 9.57 13.28 -22.04
N LYS A 927 9.98 14.22 -22.91
CA LYS A 927 10.64 15.46 -22.49
C LYS A 927 9.95 16.13 -21.28
N THR A 928 8.62 16.00 -21.21
CA THR A 928 7.84 16.60 -20.13
C THR A 928 6.84 15.61 -19.57
N GLY A 929 6.08 16.06 -18.57
CA GLY A 929 5.09 15.22 -17.93
C GLY A 929 5.74 14.12 -17.12
N THR A 930 4.92 13.28 -16.49
CA THR A 930 5.43 12.23 -15.62
C THR A 930 5.13 10.82 -16.15
N VAL A 931 5.97 9.88 -15.77
CA VAL A 931 5.68 8.48 -16.03
C VAL A 931 5.73 7.69 -14.73
N SER A 932 4.80 6.76 -14.60
CA SER A 932 4.69 5.97 -13.39
C SER A 932 5.15 4.56 -13.63
N LEU A 933 5.83 4.02 -12.62
CA LEU A 933 6.36 2.67 -12.62
C LEU A 933 6.00 2.05 -11.28
N GLU A 934 5.27 0.93 -11.28
CA GLU A 934 5.01 0.18 -10.03
C GLU A 934 5.82 -1.11 -9.87
N VAL A 935 6.25 -1.36 -8.64
CA VAL A 935 7.05 -2.52 -8.29
C VAL A 935 6.23 -3.31 -7.29
N ARG A 936 6.07 -4.61 -7.54
CA ARG A 936 5.36 -5.46 -6.60
C ARG A 936 6.23 -6.62 -6.13
N LEU A 937 5.98 -7.07 -4.92
CA LEU A 937 6.94 -7.91 -4.24
C LEU A 937 6.25 -9.08 -3.58
N LEU A 938 6.58 -10.29 -4.02
CA LEU A 938 6.04 -11.50 -3.42
C LEU A 938 7.00 -12.02 -2.36
N GLU A 939 6.77 -11.62 -1.11
CA GLU A 939 7.77 -11.83 -0.06
C GLU A 939 8.11 -13.29 0.33
N ALA A 940 7.30 -14.25 -0.08
CA ALA A 940 7.64 -15.65 0.22
C ALA A 940 8.28 -16.33 -1.00
N SER A 941 7.79 -15.96 -2.17
CA SER A 941 8.24 -16.50 -3.45
C SER A 941 9.58 -15.87 -3.75
N HIS A 942 9.85 -14.75 -3.07
CA HIS A 942 11.01 -13.90 -3.33
C HIS A 942 10.93 -13.29 -4.72
N ALA A 943 9.80 -13.48 -5.37
CA ALA A 943 9.58 -12.97 -6.72
C ALA A 943 9.51 -11.47 -6.70
N PHE A 944 9.40 -10.88 -7.89
CA PHE A 944 9.06 -9.46 -8.05
C PHE A 944 8.70 -9.18 -9.49
N GLU A 945 8.24 -7.96 -9.75
CA GLU A 945 7.75 -7.63 -11.07
C GLU A 945 7.41 -6.15 -11.15
N VAL A 946 7.82 -5.49 -12.23
CA VAL A 946 7.62 -4.04 -12.39
C VAL A 946 6.62 -3.71 -13.51
N SER A 947 5.52 -3.03 -13.15
CA SER A 947 4.48 -2.67 -14.11
C SER A 947 4.57 -1.19 -14.45
N ASP A 948 4.05 -0.80 -15.61
CA ASP A 948 3.91 0.62 -15.90
C ASP A 948 2.46 1.05 -15.78
N SER A 949 2.20 2.35 -15.93
CA SER A 949 0.87 2.92 -15.77
C SER A 949 -0.21 2.11 -16.49
N ASN A 950 0.17 1.57 -17.64
CA ASN A 950 -0.74 0.82 -18.52
C ASN A 950 -0.87 -0.66 -18.13
N GLY A 951 -0.37 -1.02 -16.96
CA GLY A 951 -0.38 -2.39 -16.50
C GLY A 951 0.38 -3.33 -17.42
N SER A 952 1.51 -2.86 -17.95
CA SER A 952 2.35 -3.65 -18.85
C SER A 952 3.48 -4.31 -18.08
N LEU A 953 4.01 -5.39 -18.64
CA LEU A 953 5.15 -6.05 -18.03
C LEU A 953 6.46 -5.36 -18.41
N ILE A 954 7.13 -4.81 -17.41
CA ILE A 954 8.38 -4.09 -17.61
C ILE A 954 9.60 -4.92 -17.20
N ALA A 955 9.53 -5.56 -16.03
CA ALA A 955 10.65 -6.31 -15.51
C ALA A 955 10.23 -7.36 -14.47
N SER A 956 10.96 -8.45 -14.37
CA SER A 956 10.60 -9.53 -13.44
C SER A 956 11.76 -10.44 -13.06
N GLY A 957 11.77 -10.90 -11.81
CA GLY A 957 12.77 -11.84 -11.34
C GLY A 957 12.62 -12.15 -9.88
N LYS A 958 13.73 -12.46 -9.22
CA LYS A 958 13.73 -12.65 -7.78
C LYS A 958 14.66 -11.66 -7.07
N VAL A 959 14.24 -11.18 -5.91
CA VAL A 959 15.09 -10.34 -5.08
C VAL A 959 14.97 -10.73 -3.65
N TYR A 960 16.04 -10.55 -2.88
CA TYR A 960 15.94 -10.77 -1.44
C TYR A 960 17.14 -10.28 -0.66
N GLN A 961 17.01 -10.22 0.66
CA GLN A 961 18.14 -9.82 1.49
C GLN A 961 19.20 -10.93 1.46
N TRP A 962 20.42 -10.53 1.17
CA TRP A 962 21.56 -11.43 1.11
C TRP A 962 22.05 -11.64 2.53
N GLU A 963 21.94 -12.86 3.05
CA GLU A 963 22.21 -13.05 4.46
C GLU A 963 23.69 -13.16 4.87
N SER A 964 24.49 -13.84 4.05
CA SER A 964 25.90 -14.00 4.37
C SER A 964 26.77 -13.33 3.31
N PRO A 965 26.73 -11.99 3.27
CA PRO A 965 27.44 -11.20 2.25
C PRO A 965 28.94 -11.43 2.31
N ASP A 966 29.46 -12.25 1.39
CA ASP A 966 30.89 -12.63 1.35
C ASP A 966 31.71 -11.65 0.50
N PRO A 967 32.50 -10.77 1.12
CA PRO A 967 33.27 -9.72 0.42
C PRO A 967 34.34 -10.25 -0.55
N LYS A 968 34.77 -11.50 -0.36
CA LYS A 968 35.77 -12.11 -1.24
C LYS A 968 35.27 -12.27 -2.68
N LEU A 969 34.03 -11.84 -2.93
CA LEU A 969 33.43 -11.98 -4.24
C LEU A 969 33.87 -10.83 -5.12
N PHE A 970 34.06 -9.68 -4.50
CA PHE A 970 34.43 -8.48 -5.24
C PHE A 970 35.94 -8.21 -5.18
N ASP A 971 36.74 -9.27 -5.18
CA ASP A 971 38.18 -9.12 -5.12
C ASP A 971 38.73 -8.60 -6.46
N THR A 972 39.58 -7.57 -6.43
CA THR A 972 40.13 -7.06 -7.68
C THR A 972 41.65 -7.34 -7.81
N ARG A 973 42.02 -8.60 -8.03
CA ARG A 973 43.44 -8.95 -8.16
C ARG A 973 43.87 -9.31 -9.60
N ALA A 974 45.18 -9.26 -9.86
CA ALA A 974 45.69 -9.30 -11.23
C ALA A 974 46.53 -10.55 -11.58
N ALA A 975 47.04 -10.58 -12.82
CA ALA A 975 47.96 -11.62 -13.27
C ALA A 975 49.23 -11.54 -12.46
N VAL A 976 49.91 -10.41 -12.58
CA VAL A 976 51.16 -10.17 -11.85
C VAL A 976 51.47 -8.67 -11.83
N ASP A 977 52.73 -8.35 -11.58
CA ASP A 977 53.26 -6.98 -11.65
C ASP A 977 53.45 -6.56 -13.12
N PRO A 978 52.57 -5.69 -13.63
CA PRO A 978 52.80 -5.12 -14.96
C PRO A 978 53.74 -3.90 -14.90
N ALA A 979 55.01 -4.07 -15.29
CA ALA A 979 55.92 -2.95 -15.42
C ALA A 979 55.58 -2.15 -16.67
N ASP A 980 54.28 -1.90 -16.87
CA ASP A 980 53.69 -1.40 -18.11
C ASP A 980 52.82 -0.14 -17.97
N SER A 981 53.42 0.99 -17.57
CA SER A 981 52.74 2.29 -17.60
C SER A 981 53.68 3.27 -18.28
N THR A 982 53.12 4.35 -18.82
CA THR A 982 53.83 5.36 -19.67
C THR A 982 54.10 4.82 -21.10
N ALA A 983 53.60 3.59 -21.32
CA ALA A 983 53.53 2.96 -22.64
C ALA A 983 52.10 2.44 -22.75
N GLU A 984 51.91 1.15 -22.45
CA GLU A 984 50.59 0.53 -22.23
C GLU A 984 49.54 0.70 -23.34
N PHE A 985 48.81 1.82 -23.25
CA PHE A 985 47.69 2.17 -24.12
C PHE A 985 46.42 1.85 -23.37
N ARG A 986 45.71 2.89 -22.96
CA ARG A 986 44.42 2.71 -22.32
C ARG A 986 43.41 3.58 -23.07
N LEU A 987 42.15 3.48 -22.68
CA LEU A 987 41.10 4.23 -23.33
C LEU A 987 40.62 5.34 -22.41
N SER A 988 40.61 6.57 -22.93
CA SER A 988 40.23 7.72 -22.11
C SER A 988 38.72 7.82 -22.02
N GLN A 989 38.22 8.32 -20.89
CA GLN A 989 36.79 8.48 -20.72
C GLN A 989 36.20 8.99 -22.01
N GLY A 990 36.86 9.95 -22.64
CA GLY A 990 36.38 10.45 -23.90
C GLY A 990 36.41 9.42 -25.02
N ASP A 991 37.53 8.70 -25.13
CA ASP A 991 37.71 7.66 -26.13
C ASP A 991 36.58 6.65 -26.02
N VAL A 992 36.18 6.33 -24.80
CA VAL A 992 35.11 5.37 -24.59
C VAL A 992 33.77 5.86 -25.10
N TYR A 993 33.18 6.88 -24.48
CA TYR A 993 31.82 7.26 -24.86
C TYR A 993 31.74 7.76 -26.27
N LYS A 994 32.90 8.06 -26.86
CA LYS A 994 32.97 8.34 -28.29
C LYS A 994 32.66 7.08 -29.09
N ASP A 995 33.39 5.99 -28.84
CA ASP A 995 33.14 4.75 -29.57
C ASP A 995 31.71 4.26 -29.34
N LEU A 996 31.16 4.54 -28.17
CA LEU A 996 29.78 4.16 -27.87
C LEU A 996 28.80 5.03 -28.65
N ARG A 997 28.86 6.34 -28.49
CA ARG A 997 27.91 7.21 -29.17
C ARG A 997 27.92 6.93 -30.67
N LEU A 998 28.99 6.29 -31.13
CA LEU A 998 29.10 5.90 -32.53
C LEU A 998 28.09 4.81 -32.85
N ARG A 999 28.05 3.81 -31.97
CA ARG A 999 27.26 2.60 -32.12
C ARG A 999 25.79 2.85 -31.88
N GLY A 1000 25.51 3.90 -31.12
CA GLY A 1000 24.15 4.32 -30.86
C GLY A 1000 23.89 4.87 -29.47
N TYR A 1001 24.82 4.66 -28.54
CA TYR A 1001 24.59 5.05 -27.15
C TYR A 1001 24.91 6.52 -26.86
N ASP A 1002 23.89 7.37 -26.92
CA ASP A 1002 24.08 8.80 -26.74
C ASP A 1002 24.15 9.17 -25.27
N TYR A 1003 24.81 8.35 -24.46
CA TYR A 1003 24.98 8.64 -23.04
C TYR A 1003 25.38 10.09 -22.79
N GLY A 1004 24.73 10.69 -21.81
CA GLY A 1004 25.00 12.07 -21.42
C GLY A 1004 25.88 12.10 -20.18
N PRO A 1005 26.43 13.27 -19.87
CA PRO A 1005 27.44 13.55 -18.83
C PRO A 1005 27.24 12.86 -17.51
N PHE A 1006 26.01 12.76 -17.01
CA PHE A 1006 25.79 12.21 -15.69
C PHE A 1006 26.01 10.71 -15.67
N PHE A 1007 26.05 10.12 -16.87
CA PHE A 1007 26.18 8.69 -17.03
C PHE A 1007 27.51 8.24 -17.59
N GLN A 1008 28.35 9.18 -17.97
CA GLN A 1008 29.63 8.82 -18.49
C GLN A 1008 30.57 8.56 -17.35
N LEU A 1009 30.48 7.38 -16.76
CA LEU A 1009 31.23 7.08 -15.55
C LEU A 1009 32.44 6.20 -15.78
N VAL A 1010 32.63 5.77 -17.01
CA VAL A 1010 33.80 4.99 -17.31
C VAL A 1010 34.94 5.98 -17.46
N LEU A 1011 35.87 5.93 -16.53
CA LEU A 1011 37.00 6.84 -16.52
C LEU A 1011 38.13 6.36 -17.42
N GLU A 1012 38.48 5.08 -17.28
CA GLU A 1012 39.65 4.53 -17.93
C GLU A 1012 39.34 3.08 -18.27
N SER A 1013 40.09 2.51 -19.22
CA SER A 1013 39.84 1.12 -19.59
C SER A 1013 40.86 0.42 -20.46
N ASP A 1014 41.42 -0.66 -19.93
CA ASP A 1014 42.11 -1.66 -20.72
C ASP A 1014 41.56 -1.72 -22.14
N LEU A 1015 42.46 -1.81 -23.13
CA LEU A 1015 42.06 -1.83 -24.54
C LEU A 1015 41.02 -2.88 -24.88
N GLU A 1016 41.03 -3.98 -24.12
CA GLU A 1016 40.17 -5.12 -24.41
C GLU A 1016 38.83 -4.98 -23.72
N GLY A 1017 38.75 -4.06 -22.77
CA GLY A 1017 37.51 -3.82 -22.07
C GLY A 1017 37.35 -4.78 -20.93
N ASN A 1018 38.48 -5.25 -20.41
CA ASN A 1018 38.45 -6.21 -19.33
C ASN A 1018 38.78 -5.57 -17.98
N ARG A 1019 39.51 -4.47 -18.00
CA ARG A 1019 39.79 -3.72 -16.78
C ARG A 1019 39.54 -2.21 -16.92
N GLY A 1020 39.38 -1.52 -15.79
CA GLY A 1020 39.09 -0.10 -15.82
C GLY A 1020 38.72 0.51 -14.49
N ARG A 1021 38.17 1.72 -14.55
CA ARG A 1021 37.84 2.50 -13.37
C ARG A 1021 36.48 3.18 -13.55
N LEU A 1022 35.54 2.93 -12.65
CA LEU A 1022 34.26 3.58 -12.79
C LEU A 1022 34.12 4.64 -11.75
N GLN A 1023 33.53 5.76 -12.15
CA GLN A 1023 33.36 6.88 -11.24
C GLN A 1023 32.11 6.80 -10.41
N TRP A 1024 32.28 6.98 -9.11
CA TRP A 1024 31.14 7.04 -8.19
C TRP A 1024 30.43 8.39 -8.25
N ASN A 1025 29.11 8.33 -8.11
CA ASN A 1025 28.24 9.43 -8.49
C ASN A 1025 27.26 9.66 -7.37
N ASP A 1026 27.39 8.84 -6.34
CA ASP A 1026 26.37 8.71 -5.32
C ASP A 1026 25.01 8.43 -5.97
N SER A 1027 25.00 7.42 -6.82
CA SER A 1027 23.81 6.98 -7.54
C SER A 1027 24.08 5.60 -8.09
N TRP A 1028 23.25 4.63 -7.68
CA TRP A 1028 23.43 3.27 -8.13
C TRP A 1028 22.90 3.08 -9.53
N VAL A 1029 21.93 3.91 -9.91
CA VAL A 1029 21.37 3.80 -11.24
C VAL A 1029 22.45 3.97 -12.26
N SER A 1030 23.33 4.93 -12.01
CA SER A 1030 24.43 5.26 -12.91
C SER A 1030 25.57 4.25 -12.78
N PHE A 1031 26.12 4.13 -11.57
CA PHE A 1031 27.19 3.18 -11.34
C PHE A 1031 26.88 1.82 -11.93
N LEU A 1032 25.71 1.30 -11.64
CA LEU A 1032 25.34 0.00 -12.19
C LEU A 1032 25.33 0.04 -13.71
N ASP A 1033 24.68 1.04 -14.30
CA ASP A 1033 24.62 1.09 -15.76
C ASP A 1033 25.99 1.24 -16.40
N ALA A 1034 26.94 1.80 -15.66
CA ALA A 1034 28.28 1.94 -16.17
C ALA A 1034 28.90 0.57 -16.23
N MET A 1035 28.64 -0.23 -15.21
CA MET A 1035 29.12 -1.60 -15.22
C MET A 1035 28.70 -2.23 -16.50
N LEU A 1036 27.43 -2.07 -16.85
CA LEU A 1036 26.96 -2.54 -18.14
C LEU A 1036 27.79 -2.00 -19.31
N HIS A 1037 27.98 -0.68 -19.38
CA HIS A 1037 28.88 -0.09 -20.36
C HIS A 1037 30.06 -1.01 -20.62
N MET A 1038 30.87 -1.20 -19.58
CA MET A 1038 32.06 -2.03 -19.67
C MET A 1038 31.80 -3.37 -20.38
N SER A 1039 30.70 -4.04 -20.05
CA SER A 1039 30.40 -5.29 -20.74
C SER A 1039 30.23 -5.02 -22.24
N ILE A 1040 29.37 -4.05 -22.57
CA ILE A 1040 29.10 -3.67 -23.95
C ILE A 1040 30.38 -3.33 -24.72
N LEU A 1041 31.44 -3.03 -23.99
CA LEU A 1041 32.65 -2.47 -24.57
C LEU A 1041 33.70 -3.49 -25.03
N ALA A 1042 33.23 -4.63 -25.53
CA ALA A 1042 34.15 -5.63 -26.04
C ALA A 1042 34.86 -5.04 -27.23
N PRO A 1043 36.03 -5.56 -27.58
CA PRO A 1043 36.61 -5.08 -28.83
C PRO A 1043 35.97 -5.84 -29.99
N GLY A 1044 35.79 -5.15 -31.11
CA GLY A 1044 35.16 -5.78 -32.24
C GLY A 1044 33.65 -5.92 -32.15
N GLN A 1045 33.07 -5.63 -30.99
CA GLN A 1045 31.60 -5.69 -30.85
C GLN A 1045 30.92 -4.44 -31.39
N LEU A 1046 30.05 -4.61 -32.38
CA LEU A 1046 29.42 -3.47 -33.02
C LEU A 1046 27.95 -3.36 -32.65
N GLY A 1047 27.25 -2.39 -33.26
CA GLY A 1047 25.81 -2.23 -33.11
C GLY A 1047 25.23 -2.01 -31.72
N LEU A 1048 23.92 -1.77 -31.70
CA LEU A 1048 23.18 -1.31 -30.52
C LEU A 1048 22.58 -2.38 -29.60
N TYR A 1049 23.00 -2.39 -28.34
CA TYR A 1049 22.69 -3.48 -27.41
C TYR A 1049 22.22 -3.05 -26.04
N LEU A 1050 20.99 -3.42 -25.70
CA LEU A 1050 20.45 -3.10 -24.37
C LEU A 1050 20.42 -4.33 -23.46
N PRO A 1051 20.13 -4.17 -22.18
CA PRO A 1051 20.09 -5.38 -21.36
C PRO A 1051 18.76 -6.08 -21.53
N THR A 1052 18.72 -7.35 -21.15
CA THR A 1052 17.55 -8.17 -21.35
C THR A 1052 17.44 -9.24 -20.28
N ARG A 1053 18.57 -9.79 -19.87
CA ARG A 1053 18.58 -10.78 -18.81
C ARG A 1053 19.76 -10.53 -17.91
N PHE A 1054 19.57 -10.61 -16.61
CA PHE A 1054 20.71 -10.79 -15.75
C PHE A 1054 20.47 -12.11 -15.11
N THR A 1055 21.50 -12.73 -14.60
CA THR A 1055 21.30 -14.03 -14.04
C THR A 1055 21.43 -13.98 -12.54
N SER A 1056 22.18 -13.00 -12.05
CA SER A 1056 22.47 -13.00 -10.64
C SER A 1056 23.29 -11.79 -10.26
N ILE A 1057 22.61 -10.66 -10.14
CA ILE A 1057 23.17 -9.47 -9.54
C ILE A 1057 23.31 -9.65 -8.03
N ARG A 1058 24.26 -8.94 -7.41
CA ARG A 1058 24.57 -9.13 -5.99
C ARG A 1058 25.32 -7.95 -5.43
N ILE A 1059 24.60 -7.10 -4.71
CA ILE A 1059 25.15 -5.85 -4.22
C ILE A 1059 25.29 -5.89 -2.72
N ASP A 1060 26.40 -5.37 -2.20
CA ASP A 1060 26.57 -5.27 -0.76
C ASP A 1060 27.18 -3.92 -0.38
N PRO A 1061 26.33 -2.93 -0.07
CA PRO A 1061 26.79 -1.54 0.07
C PRO A 1061 27.83 -1.45 1.17
N VAL A 1062 27.86 -2.47 2.01
CA VAL A 1062 28.83 -2.52 3.11
C VAL A 1062 30.25 -2.59 2.55
N THR A 1063 30.49 -3.54 1.65
CA THR A 1063 31.82 -3.69 1.07
C THR A 1063 32.03 -2.65 -0.02
N HIS A 1064 30.95 -2.27 -0.70
CA HIS A 1064 31.01 -1.19 -1.70
C HIS A 1064 31.60 0.10 -1.14
N ARG A 1065 31.33 0.38 0.12
CA ARG A 1065 31.94 1.55 0.71
C ARG A 1065 33.44 1.33 0.77
N GLN A 1066 33.83 0.14 1.21
CA GLN A 1066 35.24 -0.14 1.41
C GLN A 1066 36.05 -0.24 0.10
N LYS A 1067 35.41 -0.74 -0.95
CA LYS A 1067 36.06 -0.96 -2.23
C LYS A 1067 36.34 0.37 -2.95
N LEU A 1068 35.48 1.34 -2.68
CA LEU A 1068 35.52 2.67 -3.28
C LEU A 1068 36.82 3.40 -2.89
N TYR A 1069 37.24 4.38 -3.70
CA TYR A 1069 38.38 5.23 -3.33
C TYR A 1069 38.28 6.65 -3.89
N THR A 1070 39.17 7.54 -3.43
CA THR A 1070 39.21 8.94 -3.88
C THR A 1070 40.41 9.23 -4.75
N LEU A 1071 40.18 9.74 -5.96
CA LEU A 1071 41.28 10.13 -6.85
C LEU A 1071 41.95 11.38 -6.32
N GLN A 1072 42.85 11.93 -7.12
CA GLN A 1072 43.49 13.19 -6.77
C GLN A 1072 42.54 14.29 -7.18
N ASP A 1073 41.68 13.97 -8.15
CA ASP A 1073 40.62 14.85 -8.61
C ASP A 1073 39.74 15.29 -7.43
N THR A 1074 39.80 14.53 -6.35
CA THR A 1074 38.92 14.66 -5.18
C THR A 1074 37.62 13.87 -5.37
N THR A 1075 37.36 13.54 -6.62
CA THR A 1075 36.20 12.75 -6.99
C THR A 1075 36.39 11.32 -6.47
N GLN A 1076 35.40 10.46 -6.70
CA GLN A 1076 35.43 9.07 -6.25
C GLN A 1076 35.23 8.06 -7.37
N ALA A 1077 35.74 6.85 -7.15
CA ALA A 1077 35.68 5.79 -8.16
C ALA A 1077 36.05 4.44 -7.56
N ALA A 1078 35.96 3.38 -8.35
CA ALA A 1078 36.53 2.10 -7.91
C ALA A 1078 36.92 1.26 -9.11
N ASP A 1079 37.46 0.07 -8.86
CA ASP A 1079 37.86 -0.78 -9.95
C ASP A 1079 36.69 -1.60 -10.48
N VAL A 1080 36.71 -1.86 -11.78
CA VAL A 1080 35.70 -2.66 -12.46
C VAL A 1080 36.43 -3.72 -13.28
N VAL A 1081 35.95 -4.97 -13.26
CA VAL A 1081 36.54 -6.04 -14.07
C VAL A 1081 35.51 -6.84 -14.85
N VAL A 1082 35.85 -7.20 -16.07
CA VAL A 1082 34.96 -7.97 -16.91
C VAL A 1082 35.67 -9.27 -17.25
N ASP A 1083 34.98 -10.40 -17.20
CA ASP A 1083 35.62 -11.67 -17.47
C ASP A 1083 34.77 -12.51 -18.39
N ARG A 1084 34.78 -12.19 -19.67
CA ARG A 1084 33.79 -12.76 -20.59
C ARG A 1084 33.89 -14.29 -20.79
N ASN A 1085 34.88 -14.88 -20.14
CA ASN A 1085 34.91 -16.32 -20.04
C ASN A 1085 33.98 -16.74 -18.93
N LEU A 1086 33.92 -15.95 -17.87
CA LEU A 1086 32.98 -16.20 -16.78
C LEU A 1086 31.66 -15.38 -16.88
N ASN A 1087 31.63 -14.40 -17.79
CA ASN A 1087 30.48 -13.53 -18.04
C ASN A 1087 30.02 -12.79 -16.80
N THR A 1088 30.99 -12.43 -15.98
CA THR A 1088 30.75 -11.63 -14.80
C THR A 1088 31.46 -10.29 -14.91
N VAL A 1089 30.79 -9.24 -14.45
CA VAL A 1089 31.34 -7.90 -14.31
C VAL A 1089 31.30 -7.59 -12.81
N VAL A 1090 32.33 -6.96 -12.30
CA VAL A 1090 32.38 -6.67 -10.89
C VAL A 1090 32.86 -5.26 -10.76
N ALA A 1091 32.31 -4.49 -9.82
CA ALA A 1091 32.71 -3.09 -9.65
C ALA A 1091 32.39 -2.57 -8.28
N GLY A 1092 33.41 -2.31 -7.48
CA GLY A 1092 33.19 -1.88 -6.11
C GLY A 1092 32.46 -3.01 -5.43
N GLY A 1093 31.24 -2.74 -4.96
CA GLY A 1093 30.47 -3.73 -4.21
C GLY A 1093 29.32 -4.40 -4.95
N ALA A 1094 29.34 -4.35 -6.27
CA ALA A 1094 28.28 -4.95 -7.04
C ALA A 1094 28.89 -5.87 -8.07
N LEU A 1095 28.34 -7.06 -8.19
CA LEU A 1095 28.79 -7.93 -9.25
C LEU A 1095 27.62 -8.53 -10.00
N PHE A 1096 27.69 -8.42 -11.31
CA PHE A 1096 26.76 -9.06 -12.21
C PHE A 1096 27.31 -10.43 -12.58
N LEU A 1097 26.43 -11.42 -12.70
CA LEU A 1097 26.80 -12.71 -13.27
C LEU A 1097 25.79 -13.08 -14.34
N GLY A 1098 26.24 -13.19 -15.57
CA GLY A 1098 25.39 -13.66 -16.62
C GLY A 1098 24.47 -12.56 -17.08
N ALA A 1099 25.05 -11.44 -17.42
CA ALA A 1099 24.22 -10.33 -17.83
C ALA A 1099 24.09 -10.25 -19.34
N HIS A 1100 23.36 -11.20 -19.92
CA HIS A 1100 23.10 -11.17 -21.36
C HIS A 1100 22.34 -9.89 -21.75
N SER A 1101 22.72 -9.27 -22.86
CA SER A 1101 21.96 -8.15 -23.42
C SER A 1101 21.58 -8.46 -24.87
N SER A 1102 20.97 -7.52 -25.59
CA SER A 1102 20.59 -7.84 -26.97
C SER A 1102 20.21 -6.68 -27.92
N VAL A 1103 20.19 -7.01 -29.20
CA VAL A 1103 20.16 -6.03 -30.25
C VAL A 1103 18.87 -5.26 -30.31
N ALA A 1104 18.97 -3.98 -30.62
CA ALA A 1104 17.79 -3.17 -30.90
C ALA A 1104 17.96 -2.50 -32.26
N PRO A 1105 16.85 -2.02 -32.82
CA PRO A 1105 16.83 -1.41 -34.15
C PRO A 1105 17.04 0.08 -34.03
N ARG A 1106 17.89 0.63 -34.88
CA ARG A 1106 18.03 2.07 -34.90
C ARG A 1106 16.87 2.67 -35.71
N ARG A 1107 16.16 3.63 -35.11
CA ARG A 1107 14.98 4.24 -35.72
C ARG A 1107 15.31 5.56 -36.38
N PRO A 1108 15.62 5.54 -37.67
CA PRO A 1108 16.03 6.79 -38.34
C PRO A 1108 15.02 7.87 -38.01
N GLN A 1109 15.51 9.05 -37.63
CA GLN A 1109 14.63 10.18 -37.34
C GLN A 1109 14.64 11.12 -38.55
N GLU A 1110 13.66 10.97 -39.43
CA GLU A 1110 13.71 11.57 -40.78
C GLU A 1110 13.72 13.10 -40.86
N HIS A 1111 13.98 13.74 -39.72
CA HIS A 1111 14.20 15.18 -39.70
C HIS A 1111 15.69 15.50 -39.83
N LEU A 1112 16.52 14.45 -39.82
CA LEU A 1112 17.97 14.58 -40.02
C LEU A 1112 18.39 13.94 -41.34
N LYS A 1113 17.51 14.04 -42.32
CA LYS A 1113 17.81 13.58 -43.66
C LYS A 1113 18.60 14.66 -44.41
N PRO A 1114 19.90 14.41 -44.65
CA PRO A 1114 20.87 15.35 -45.25
C PRO A 1114 20.55 15.77 -46.69
N ILE A 1115 21.05 16.93 -47.08
CA ILE A 1115 20.75 17.49 -48.39
C ILE A 1115 21.78 17.09 -49.41
N LEU A 1116 21.35 16.37 -50.44
CA LEU A 1116 22.29 15.85 -51.42
C LEU A 1116 22.26 16.60 -52.74
N GLU A 1117 23.30 17.41 -52.97
CA GLU A 1117 23.37 18.21 -54.19
C GLU A 1117 24.54 17.76 -55.07
N LYS A 1118 24.37 17.90 -56.39
CA LYS A 1118 25.46 17.67 -57.35
C LYS A 1118 26.10 19.02 -57.73
N PHE A 1119 27.27 18.96 -58.34
CA PHE A 1119 28.03 20.17 -58.61
C PHE A 1119 28.55 20.24 -60.06
N CYS A 1120 27.61 20.18 -61.00
CA CYS A 1120 27.93 20.33 -62.42
C CYS A 1120 28.26 21.79 -62.71
N PHE A 1121 29.12 22.00 -63.69
CA PHE A 1121 29.30 23.33 -64.26
C PHE A 1121 28.03 23.67 -65.03
N THR A 1122 27.66 24.94 -65.05
CA THR A 1122 26.45 25.34 -65.75
C THR A 1122 26.71 26.58 -66.60
N PRO A 1123 26.45 26.48 -67.92
CA PRO A 1123 26.70 27.62 -68.83
C PRO A 1123 25.62 28.70 -68.73
N HIS A 1124 25.99 29.96 -68.99
CA HIS A 1124 25.00 31.05 -69.05
C HIS A 1124 24.27 30.99 -70.40
N VAL A 1125 24.69 30.07 -71.25
CA VAL A 1125 24.15 29.97 -72.60
C VAL A 1125 23.65 28.54 -72.87
N GLU A 1126 22.66 28.11 -72.09
CA GLU A 1126 22.06 26.78 -72.23
C GLU A 1126 20.95 26.80 -73.27
N SER A 1127 21.20 26.15 -74.41
CA SER A 1127 20.24 26.10 -75.50
C SER A 1127 19.77 24.66 -75.76
N GLY A 1128 18.53 24.51 -76.20
CA GLY A 1128 17.97 23.20 -76.47
C GLY A 1128 17.70 22.39 -75.22
N CYS A 1129 17.77 23.06 -74.07
CA CYS A 1129 17.57 22.43 -72.77
C CYS A 1129 16.32 21.55 -72.74
N LEU A 1130 16.27 20.64 -71.78
CA LEU A 1130 15.24 19.61 -71.70
C LEU A 1130 15.37 18.63 -72.86
N ALA A 1131 14.29 18.46 -73.62
CA ALA A 1131 14.32 17.56 -74.77
C ALA A 1131 14.61 16.11 -74.37
N GLY A 1132 14.38 15.77 -73.11
CA GLY A 1132 14.58 14.42 -72.63
C GLY A 1132 13.38 13.92 -71.84
N ASN A 1133 12.63 14.84 -71.26
CA ASN A 1133 11.43 14.54 -70.48
C ASN A 1133 10.32 13.93 -71.34
N THR A 1134 10.18 12.61 -71.28
CA THR A 1134 9.10 11.89 -71.97
C THR A 1134 7.74 12.60 -71.81
N ALA A 1135 7.53 13.23 -70.66
CA ALA A 1135 6.29 13.93 -70.34
C ALA A 1135 6.22 15.32 -70.97
N LEU A 1216 -0.08 23.49 -65.83
CA LEU A 1216 0.17 22.32 -66.65
C LEU A 1216 1.54 21.80 -66.27
N LEU A 1217 2.02 20.79 -66.99
CA LEU A 1217 3.39 20.34 -66.81
C LEU A 1217 4.25 20.98 -67.89
N SER A 1218 3.64 21.30 -69.02
CA SER A 1218 4.37 21.80 -70.17
C SER A 1218 4.68 23.30 -70.09
N GLY A 1219 3.70 24.10 -69.67
CA GLY A 1219 3.88 25.54 -69.57
C GLY A 1219 4.77 25.92 -68.40
N LEU A 1220 4.91 24.99 -67.46
CA LEU A 1220 5.62 25.25 -66.21
C LEU A 1220 6.98 24.51 -66.13
N LEU A 1221 8.06 25.27 -66.31
CA LEU A 1221 9.43 24.74 -66.42
C LEU A 1221 10.27 24.92 -65.14
N ASP A 1222 10.04 24.07 -64.14
CA ASP A 1222 10.73 24.19 -62.85
C ASP A 1222 11.94 23.28 -62.70
N ALA A 1223 12.21 22.47 -63.73
CA ALA A 1223 13.42 21.65 -63.74
C ALA A 1223 14.63 22.55 -63.55
N PRO A 1224 15.64 22.04 -62.83
CA PRO A 1224 16.87 22.68 -62.37
C PRO A 1224 17.21 24.09 -62.89
N ALA A 1225 17.17 24.37 -64.18
CA ALA A 1225 17.62 25.67 -64.67
C ALA A 1225 16.79 26.90 -64.22
N LEU A 1226 15.99 26.74 -63.18
CA LEU A 1226 15.37 27.88 -62.50
C LEU A 1226 16.32 28.36 -61.42
N LYS A 1227 16.68 27.41 -60.55
CA LYS A 1227 17.68 27.61 -59.49
C LYS A 1227 19.04 27.97 -60.09
N ALA A 1228 19.27 27.55 -61.32
CA ALA A 1228 20.56 27.78 -61.98
C ALA A 1228 20.90 29.26 -62.05
N CYS A 1229 19.89 30.10 -61.99
CA CYS A 1229 20.08 31.53 -62.16
C CYS A 1229 19.74 32.28 -60.88
N VAL A 1230 18.64 31.87 -60.25
CA VAL A 1230 18.36 32.31 -58.89
C VAL A 1230 19.66 32.24 -58.08
N ASP A 1231 20.36 31.13 -58.19
CA ASP A 1231 21.68 30.98 -57.56
C ASP A 1231 22.63 32.11 -57.97
N THR A 1232 23.00 32.14 -59.24
CA THR A 1232 23.95 33.15 -59.74
C THR A 1232 23.62 34.47 -59.09
N ALA A 1233 22.34 34.85 -59.16
CA ALA A 1233 21.85 36.11 -58.61
C ALA A 1233 22.06 36.22 -57.11
N LEU A 1234 22.00 35.08 -56.41
CA LEU A 1234 21.98 35.08 -54.94
C LEU A 1234 23.32 35.35 -54.28
N GLU A 1235 24.40 34.79 -54.81
CA GLU A 1235 25.69 35.06 -54.24
C GLU A 1235 26.30 36.31 -54.83
N ASN A 1236 25.52 36.99 -55.68
CA ASN A 1236 25.97 38.22 -56.32
C ASN A 1236 25.65 39.47 -55.48
N MET A 1237 25.16 39.25 -54.27
CA MET A 1237 25.09 40.32 -53.29
C MET A 1237 25.91 39.92 -52.06
N ALA A 1238 26.49 40.91 -51.40
CA ALA A 1238 27.36 40.68 -50.26
C ALA A 1238 26.74 39.80 -49.17
N SER A 1239 25.52 40.18 -48.77
CA SER A 1239 24.82 39.53 -47.67
C SER A 1239 23.83 38.45 -48.14
N PRO A 1240 23.79 37.32 -47.43
CA PRO A 1240 22.83 36.22 -47.62
C PRO A 1240 21.38 36.62 -47.30
N LYS A 1241 21.08 37.92 -47.43
CA LYS A 1241 19.73 38.43 -47.27
C LYS A 1241 19.28 39.03 -48.60
N MET A 1242 18.13 38.56 -49.10
CA MET A 1242 17.64 39.01 -50.40
C MET A 1242 16.15 39.37 -50.38
N LYS A 1243 15.85 40.65 -50.65
CA LYS A 1243 14.46 41.07 -50.75
C LYS A 1243 13.95 40.74 -52.14
N VAL A 1244 13.10 39.72 -52.23
CA VAL A 1244 12.53 39.32 -53.51
C VAL A 1244 11.08 39.78 -53.63
N VAL A 1245 10.66 40.06 -54.85
CA VAL A 1245 9.30 40.47 -55.14
C VAL A 1245 8.85 39.77 -56.42
N GLU A 1246 7.55 39.75 -56.70
CA GLU A 1246 7.03 39.14 -57.93
C GLU A 1246 5.73 39.78 -58.43
N VAL A 1247 5.71 40.23 -59.69
CA VAL A 1247 4.50 40.79 -60.29
C VAL A 1247 3.80 39.70 -61.12
N LEU A 1248 2.52 39.93 -61.46
CA LEU A 1248 1.65 38.89 -62.04
C LEU A 1248 1.91 37.56 -61.34
N ALA A 1249 1.43 37.48 -60.10
CA ALA A 1249 1.78 36.39 -59.18
C ALA A 1249 0.76 35.25 -59.10
N GLY A 1250 -0.53 35.59 -59.13
CA GLY A 1250 -1.60 34.62 -58.95
C GLY A 1250 -1.65 33.49 -59.97
N ASP A 1251 -1.24 33.78 -61.20
CA ASP A 1251 -1.30 32.82 -62.29
C ASP A 1251 0.04 32.10 -62.51
N GLY A 1252 1.04 32.82 -62.99
CA GLY A 1252 2.38 32.27 -63.05
C GLY A 1252 2.97 32.18 -61.65
N GLN A 1253 2.74 31.05 -60.98
CA GLN A 1253 2.98 30.92 -59.54
C GLN A 1253 4.44 30.59 -59.13
N LEU A 1254 5.25 31.64 -58.92
CA LEU A 1254 6.65 31.50 -58.54
C LEU A 1254 6.80 31.57 -57.03
N TYR A 1255 5.69 31.87 -56.36
CA TYR A 1255 5.67 31.99 -54.91
C TYR A 1255 5.70 30.60 -54.25
N SER A 1256 5.61 29.57 -55.06
CA SER A 1256 5.58 28.19 -54.56
C SER A 1256 6.94 27.50 -54.67
N ARG A 1257 7.77 28.02 -55.58
CA ARG A 1257 9.03 27.37 -55.93
C ARG A 1257 10.24 27.95 -55.20
N ILE A 1258 10.51 29.24 -55.42
CA ILE A 1258 11.73 29.88 -54.93
C ILE A 1258 11.84 29.98 -53.40
N PRO A 1259 10.70 30.10 -52.69
CA PRO A 1259 10.79 29.93 -51.23
C PRO A 1259 11.29 28.54 -50.86
N ALA A 1260 11.38 27.65 -51.85
CA ALA A 1260 11.95 26.32 -51.65
C ALA A 1260 13.39 26.25 -52.16
N LEU A 1261 13.66 27.01 -53.22
CA LEU A 1261 14.99 27.05 -53.84
C LEU A 1261 16.02 27.80 -52.99
N LEU A 1262 15.55 28.74 -52.17
CA LEU A 1262 16.44 29.50 -51.31
C LEU A 1262 16.53 28.83 -49.94
N ASN A 1263 15.39 28.40 -49.41
CA ASN A 1263 15.32 27.66 -48.15
C ASN A 1263 16.19 26.41 -48.19
N THR A 1264 16.54 26.00 -49.40
CA THR A 1264 17.46 24.89 -49.62
C THR A 1264 18.84 25.19 -49.04
N GLN A 1265 19.37 26.38 -49.32
CA GLN A 1265 20.67 26.76 -48.77
C GLN A 1265 20.59 27.05 -47.26
N PRO A 1266 21.74 26.93 -46.55
CA PRO A 1266 21.79 26.99 -45.09
C PRO A 1266 22.13 28.38 -44.58
N VAL A 1267 22.22 29.33 -45.50
CA VAL A 1267 22.53 30.71 -45.14
C VAL A 1267 21.54 31.66 -45.82
N MET A 1268 20.24 31.51 -45.52
CA MET A 1268 19.21 32.35 -46.14
C MET A 1268 18.49 33.30 -45.18
N ASP A 1269 18.09 34.45 -45.73
CA ASP A 1269 17.38 35.49 -45.01
C ASP A 1269 16.39 36.09 -46.01
N LEU A 1270 15.19 35.52 -46.09
CA LEU A 1270 14.27 35.79 -47.19
C LEU A 1270 13.13 36.79 -46.92
N ASP A 1271 13.06 37.84 -47.75
CA ASP A 1271 11.93 38.76 -47.82
C ASP A 1271 11.22 38.55 -49.14
N TYR A 1272 10.16 37.74 -49.17
CA TYR A 1272 9.43 37.55 -50.42
C TYR A 1272 8.18 38.39 -50.46
N THR A 1273 7.86 38.90 -51.65
CA THR A 1273 6.72 39.79 -51.88
C THR A 1273 5.88 39.31 -53.08
N ALA A 1274 4.58 39.05 -52.86
CA ALA A 1274 3.68 38.55 -53.91
C ALA A 1274 2.52 39.52 -54.24
N THR A 1275 2.67 40.23 -55.37
CA THR A 1275 1.78 41.35 -55.68
C THR A 1275 0.95 41.13 -56.94
N ASP A 1276 -0.37 41.15 -56.79
CA ASP A 1276 -1.26 40.98 -57.93
C ASP A 1276 -2.21 42.15 -58.11
N ARG A 1277 -2.55 42.43 -59.37
CA ARG A 1277 -3.40 43.57 -59.73
C ARG A 1277 -4.65 43.67 -58.86
N ASN A 1278 -5.26 42.52 -58.57
CA ASN A 1278 -6.50 42.45 -57.81
C ASN A 1278 -6.27 41.89 -56.40
N PRO A 1279 -7.29 41.96 -55.54
CA PRO A 1279 -7.25 41.27 -54.25
C PRO A 1279 -7.71 39.81 -54.40
N GLN A 1280 -8.17 39.47 -55.61
CA GLN A 1280 -8.85 38.21 -55.89
C GLN A 1280 -7.94 37.00 -56.11
N ALA A 1281 -6.93 37.15 -56.97
CA ALA A 1281 -6.01 36.05 -57.23
C ALA A 1281 -5.15 35.71 -56.01
N LEU A 1282 -5.03 36.67 -55.10
CA LEU A 1282 -4.31 36.48 -53.84
C LEU A 1282 -5.22 35.83 -52.79
N GLU A 1283 -5.94 34.79 -53.17
CA GLU A 1283 -6.85 34.10 -52.26
C GLU A 1283 -6.49 32.63 -52.05
N ALA A 1284 -6.11 31.95 -53.13
CA ALA A 1284 -5.60 30.58 -53.01
C ALA A 1284 -4.25 30.64 -52.30
N ALA A 1285 -3.80 31.87 -52.07
CA ALA A 1285 -2.50 32.16 -51.50
C ALA A 1285 -2.54 32.36 -49.98
N GLN A 1286 -3.69 32.76 -49.45
CA GLN A 1286 -3.82 32.92 -48.00
C GLN A 1286 -3.56 31.58 -47.31
N ALA A 1287 -3.86 30.50 -48.03
CA ALA A 1287 -3.62 29.14 -47.55
C ALA A 1287 -2.17 28.71 -47.86
N LYS A 1288 -1.51 29.50 -48.69
CA LYS A 1288 -0.11 29.26 -49.06
C LYS A 1288 0.85 30.34 -48.53
N LEU A 1289 0.62 31.60 -48.88
CA LEU A 1289 1.46 32.72 -48.44
C LEU A 1289 1.65 32.76 -46.93
N GLU A 1290 0.64 32.23 -46.24
CA GLU A 1290 0.69 32.04 -44.79
C GLU A 1290 1.92 31.21 -44.38
N GLN A 1291 2.02 29.99 -44.92
CA GLN A 1291 3.12 29.07 -44.63
C GLN A 1291 4.45 29.54 -45.23
N LEU A 1292 4.38 30.15 -46.42
CA LEU A 1292 5.54 30.65 -47.15
C LEU A 1292 6.10 31.93 -46.56
N HIS A 1293 5.29 32.60 -45.75
CA HIS A 1293 5.68 33.87 -45.15
C HIS A 1293 6.01 34.88 -46.24
N VAL A 1294 4.99 35.24 -47.01
CA VAL A 1294 5.17 36.17 -48.12
C VAL A 1294 4.32 37.43 -47.98
N THR A 1295 4.97 38.58 -48.04
CA THR A 1295 4.29 39.88 -47.99
C THR A 1295 3.49 40.15 -49.28
N GLN A 1296 2.15 40.09 -49.18
CA GLN A 1296 1.27 40.26 -50.34
C GLN A 1296 0.86 41.71 -50.56
N GLY A 1297 0.31 42.01 -51.74
CA GLY A 1297 -0.13 43.37 -52.06
C GLY A 1297 -0.90 43.55 -53.36
N GLN A 1298 -0.88 44.77 -53.90
CA GLN A 1298 -1.53 45.07 -55.18
C GLN A 1298 -0.67 45.92 -56.14
N TRP A 1299 -0.63 45.52 -57.40
CA TRP A 1299 0.27 46.11 -58.40
C TRP A 1299 -0.06 45.71 -59.86
N ASP A 1300 -0.08 46.70 -60.74
CA ASP A 1300 -0.39 46.49 -62.17
C ASP A 1300 0.73 47.10 -63.05
N PRO A 1301 1.30 46.30 -63.97
CA PRO A 1301 2.42 46.66 -64.87
C PRO A 1301 2.34 48.00 -65.58
N ALA A 1302 2.21 49.08 -64.81
CA ALA A 1302 2.17 50.45 -65.34
C ALA A 1302 3.15 51.34 -64.58
N ASN A 1303 3.97 50.73 -63.72
CA ASN A 1303 5.18 51.35 -63.11
C ASN A 1303 5.19 51.71 -61.61
N PRO A 1304 4.17 52.42 -61.11
CA PRO A 1304 4.23 53.00 -59.76
C PRO A 1304 4.51 51.98 -58.66
N ALA A 1305 5.56 52.20 -57.87
CA ALA A 1305 6.01 51.23 -56.88
C ALA A 1305 5.89 51.68 -55.41
N PRO A 1306 4.91 51.13 -54.68
CA PRO A 1306 4.72 51.40 -53.25
C PRO A 1306 5.85 50.87 -52.39
N ALA A 1312 14.41 45.44 -52.13
CA ALA A 1312 14.60 45.71 -53.54
C ALA A 1312 15.87 45.06 -54.09
N ASP A 1313 15.99 43.73 -53.96
CA ASP A 1313 17.17 42.97 -54.41
C ASP A 1313 16.97 42.13 -55.69
N LEU A 1314 15.82 41.50 -55.82
CA LEU A 1314 15.46 40.75 -57.03
C LEU A 1314 13.95 40.78 -57.29
N LEU A 1315 13.56 40.83 -58.57
CA LEU A 1315 12.15 40.73 -58.94
C LEU A 1315 11.90 39.57 -59.91
N VAL A 1316 10.84 38.82 -59.67
CA VAL A 1316 10.54 37.60 -60.42
C VAL A 1316 9.16 37.71 -61.09
N CYS A 1317 8.96 37.01 -62.21
CA CYS A 1317 7.69 37.11 -62.92
C CYS A 1317 7.49 36.01 -63.97
N ASN A 1318 6.31 35.36 -63.89
CA ASN A 1318 5.91 34.34 -64.88
C ASN A 1318 4.78 34.82 -65.80
N CYS A 1319 5.11 35.00 -67.08
CA CYS A 1319 4.16 35.49 -68.09
C CYS A 1319 3.36 34.37 -68.75
N ALA A 1320 3.22 33.25 -68.05
CA ALA A 1320 2.46 32.13 -68.59
C ALA A 1320 0.98 32.36 -68.35
N GLY A 1341 21.78 47.87 -59.08
CA GLY A 1341 22.14 46.90 -60.10
C GLY A 1341 21.78 45.46 -59.77
N GLY A 1342 20.58 45.27 -59.20
CA GLY A 1342 20.14 43.94 -58.77
C GLY A 1342 19.71 43.01 -59.89
N PHE A 1343 18.72 42.17 -59.61
CA PHE A 1343 18.35 41.12 -60.56
C PHE A 1343 16.87 40.99 -60.90
N LEU A 1344 16.62 40.53 -62.12
CA LEU A 1344 15.29 40.44 -62.69
C LEU A 1344 15.10 39.16 -63.48
N LEU A 1345 14.27 38.26 -62.96
CA LEU A 1345 14.00 37.01 -63.67
C LEU A 1345 12.62 37.04 -64.32
N LEU A 1346 12.56 36.62 -65.58
CA LEU A 1346 11.34 36.69 -66.37
C LEU A 1346 11.21 35.44 -67.23
N HIS A 1347 10.01 35.14 -67.69
CA HIS A 1347 9.75 33.92 -68.47
C HIS A 1347 8.56 34.07 -69.41
N THR A 1348 8.80 34.29 -70.70
CA THR A 1348 7.74 34.27 -71.70
C THR A 1348 7.66 32.90 -72.40
N LEU A 1349 7.01 32.84 -73.57
CA LEU A 1349 6.80 31.57 -74.26
C LEU A 1349 7.00 31.66 -75.78
N ASP A 1376 14.78 37.28 -79.65
CA ASP A 1376 15.47 38.33 -80.37
C ASP A 1376 14.81 39.68 -80.09
N GLN A 1377 13.50 39.71 -80.29
CA GLN A 1377 12.71 40.91 -80.03
C GLN A 1377 12.78 41.18 -78.54
N TRP A 1378 12.95 40.11 -77.79
CA TRP A 1378 13.10 40.19 -76.36
C TRP A 1378 14.43 40.83 -75.98
N GLU A 1379 15.47 40.50 -76.74
CA GLU A 1379 16.84 40.92 -76.41
C GLU A 1379 17.13 42.38 -76.72
N SER A 1380 16.19 43.05 -77.40
CA SER A 1380 16.32 44.48 -77.65
C SER A 1380 15.35 45.29 -76.77
N LEU A 1381 14.52 44.59 -76.00
CA LEU A 1381 13.65 45.24 -75.02
C LEU A 1381 14.40 45.35 -73.69
N PHE A 1382 15.57 44.74 -73.62
CA PHE A 1382 16.46 44.85 -72.45
C PHE A 1382 17.59 45.84 -72.72
N ALA A 1383 17.86 46.12 -73.98
CA ALA A 1383 18.89 47.08 -74.36
C ALA A 1383 18.41 48.49 -74.04
N GLY A 1384 17.09 48.64 -73.94
CA GLY A 1384 16.49 49.94 -73.66
C GLY A 1384 16.50 50.30 -72.19
N ALA A 1385 16.29 49.31 -71.33
CA ALA A 1385 16.30 49.53 -69.89
C ALA A 1385 17.72 49.45 -69.31
N SER A 1386 18.71 49.42 -70.19
CA SER A 1386 20.13 49.33 -69.81
C SER A 1386 20.51 48.04 -69.04
N LEU A 1387 19.83 46.94 -69.39
CA LEU A 1387 20.06 45.62 -68.80
C LEU A 1387 21.05 44.79 -69.62
N HIS A 1388 21.78 43.92 -68.94
CA HIS A 1388 22.62 42.94 -69.61
C HIS A 1388 22.07 41.55 -69.32
N LEU A 1389 21.70 40.81 -70.36
CA LEU A 1389 21.24 39.44 -70.22
C LEU A 1389 22.28 38.64 -69.45
N VAL A 1390 22.03 38.44 -68.17
CA VAL A 1390 22.94 37.66 -67.36
C VAL A 1390 22.85 36.20 -67.76
N ALA A 1391 21.60 35.71 -67.88
CA ALA A 1391 21.35 34.31 -68.20
C ALA A 1391 20.30 34.07 -69.29
N LEU A 1392 20.42 32.93 -69.96
CA LEU A 1392 19.52 32.54 -71.03
C LEU A 1392 19.36 31.03 -71.06
N LYS A 1393 18.17 30.56 -70.74
CA LYS A 1393 17.86 29.15 -70.82
C LYS A 1393 16.77 28.91 -71.86
N ARG A 1394 17.17 28.44 -73.04
CA ARG A 1394 16.23 28.13 -74.12
C ARG A 1394 15.80 26.65 -74.09
N SER A 1395 14.50 26.44 -73.92
CA SER A 1395 13.90 25.11 -73.91
C SER A 1395 13.60 24.62 -75.33
N PHE A 1396 13.57 23.31 -75.51
CA PHE A 1396 13.29 22.71 -76.81
C PHE A 1396 11.90 23.09 -77.33
N TYR A 1397 10.94 23.26 -76.41
CA TYR A 1397 9.56 23.53 -76.81
C TYR A 1397 9.19 25.03 -76.88
N GLY A 1398 10.18 25.91 -76.77
CA GLY A 1398 9.95 27.34 -76.93
C GLY A 1398 9.80 28.13 -75.64
N SER A 1399 10.17 27.50 -74.52
CA SER A 1399 10.13 28.12 -73.19
C SER A 1399 11.51 28.66 -72.86
N VAL A 1400 11.66 29.98 -72.80
CA VAL A 1400 12.96 30.59 -72.54
C VAL A 1400 13.01 31.39 -71.25
N LEU A 1401 14.15 31.31 -70.57
CA LEU A 1401 14.34 31.98 -69.29
C LEU A 1401 15.33 33.13 -69.44
N PHE A 1402 14.97 34.30 -68.92
CA PHE A 1402 15.86 35.45 -68.96
C PHE A 1402 16.12 35.99 -67.57
N LEU A 1403 17.40 36.04 -67.20
CA LEU A 1403 17.80 36.78 -66.02
C LEU A 1403 18.37 38.11 -66.46
N CYS A 1404 18.18 39.15 -65.65
CA CYS A 1404 18.63 40.48 -66.04
C CYS A 1404 19.18 41.28 -64.88
N ARG A 1405 20.38 41.83 -65.08
CA ARG A 1405 21.03 42.68 -64.10
C ARG A 1405 21.31 44.05 -64.71
N GLN A 1406 20.76 45.09 -64.10
CA GLN A 1406 20.94 46.47 -64.60
C GLN A 1406 22.09 47.20 -63.88
N GLN A 1407 23.12 47.56 -64.64
CA GLN A 1407 24.44 47.91 -64.11
C GLN A 1407 24.67 49.38 -63.73
N THR A 1408 25.15 49.61 -62.51
CA THR A 1408 25.54 50.94 -62.02
C THR A 1408 27.02 51.16 -62.38
N PRO A 1409 27.34 52.32 -62.98
CA PRO A 1409 28.70 52.63 -63.49
C PRO A 1409 29.82 52.03 -62.64
N GLN A 1410 30.93 51.63 -63.28
CA GLN A 1410 32.00 50.94 -62.56
C GLN A 1410 33.09 51.87 -62.01
N ASP A 1411 33.93 51.31 -61.13
CA ASP A 1411 34.98 52.06 -60.45
C ASP A 1411 36.39 51.71 -60.93
N SER A 1412 37.32 51.62 -59.99
CA SER A 1412 38.71 51.28 -60.30
C SER A 1412 38.90 49.77 -60.30
N PRO A 1413 38.78 49.15 -61.48
CA PRO A 1413 38.77 47.68 -61.60
C PRO A 1413 40.15 47.07 -61.37
N VAL A 1414 40.42 46.60 -60.15
CA VAL A 1414 41.72 46.00 -59.84
C VAL A 1414 41.86 44.58 -60.45
N PHE A 1415 43.07 44.18 -60.80
CA PHE A 1415 43.29 42.86 -61.41
C PHE A 1415 44.54 42.12 -60.85
N LEU A 1416 44.32 40.96 -60.25
CA LEU A 1416 45.39 40.14 -59.68
C LEU A 1416 45.22 38.68 -60.09
N SER A 1417 46.22 38.15 -60.81
CA SER A 1417 46.22 36.74 -61.20
C SER A 1417 46.82 35.87 -60.11
N VAL A 1418 46.49 34.59 -60.16
CA VAL A 1418 46.79 33.68 -59.07
C VAL A 1418 47.14 32.29 -59.61
N GLU A 1419 48.38 32.11 -60.03
CA GLU A 1419 48.85 30.85 -60.59
C GLU A 1419 50.15 30.45 -59.90
N ASP A 1420 50.85 31.46 -59.41
CA ASP A 1420 52.12 31.30 -58.71
C ASP A 1420 51.95 30.45 -57.45
N THR A 1421 52.79 29.43 -57.30
CA THR A 1421 52.68 28.51 -56.17
C THR A 1421 52.91 29.20 -54.83
N SER A 1422 53.76 30.23 -54.86
CA SER A 1422 54.27 30.90 -53.65
C SER A 1422 53.18 31.50 -52.75
N PHE A 1423 52.03 31.83 -53.34
CA PHE A 1423 50.97 32.56 -52.63
C PHE A 1423 51.37 34.03 -52.40
N ARG A 1424 52.02 34.65 -53.38
CA ARG A 1424 52.49 36.02 -53.23
C ARG A 1424 51.32 37.02 -53.24
N TRP A 1425 50.27 36.68 -53.98
CA TRP A 1425 49.10 37.54 -54.12
C TRP A 1425 48.38 37.82 -52.80
N VAL A 1426 48.78 37.12 -51.73
CA VAL A 1426 48.08 37.20 -50.44
C VAL A 1426 48.40 38.47 -49.65
N ASP A 1427 49.66 38.90 -49.70
CA ASP A 1427 50.04 40.20 -49.18
C ASP A 1427 49.63 41.27 -50.19
N SER A 1428 49.26 40.83 -51.39
CA SER A 1428 48.73 41.69 -52.45
C SER A 1428 47.24 41.99 -52.27
N LEU A 1429 46.49 41.00 -51.78
CA LEU A 1429 45.06 41.15 -51.54
C LEU A 1429 44.76 41.72 -50.16
N LYS A 1430 45.68 41.48 -49.23
CA LYS A 1430 45.58 42.05 -47.89
C LYS A 1430 45.88 43.56 -47.93
N ASP A 1431 46.42 43.99 -49.07
CA ASP A 1431 46.67 45.41 -49.34
C ASP A 1431 45.46 46.08 -50.02
N ILE A 1432 44.67 45.30 -50.75
CA ILE A 1432 43.48 45.81 -51.45
C ILE A 1432 42.29 45.93 -50.49
N LEU A 1433 42.58 45.89 -49.19
CA LEU A 1433 41.55 46.00 -48.17
C LEU A 1433 41.53 47.37 -47.50
N ALA A 1434 42.56 48.18 -47.78
CA ALA A 1434 42.60 49.57 -47.29
C ALA A 1434 41.82 50.47 -48.24
N ASP A 1435 41.97 50.22 -49.53
CA ASP A 1435 41.21 50.89 -50.59
C ASP A 1435 39.75 51.01 -50.15
N ALA A 1436 39.33 52.24 -49.86
CA ALA A 1436 37.98 52.51 -49.38
C ALA A 1436 36.90 51.76 -50.17
N SER A 1437 36.68 52.16 -51.42
CA SER A 1437 35.60 51.56 -52.21
C SER A 1437 35.97 51.25 -53.68
N SER A 1438 37.02 50.46 -53.88
CA SER A 1438 37.32 49.89 -55.18
C SER A 1438 36.26 48.84 -55.54
N ARG A 1439 35.13 49.30 -56.09
CA ARG A 1439 33.98 48.42 -56.33
C ARG A 1439 34.28 47.16 -57.14
N PRO A 1440 34.90 47.30 -58.33
CA PRO A 1440 35.29 46.10 -59.09
C PRO A 1440 36.67 45.56 -58.71
N VAL A 1441 36.71 44.49 -57.91
CA VAL A 1441 37.96 43.79 -57.60
C VAL A 1441 37.92 42.34 -58.12
N TRP A 1442 38.69 42.05 -59.15
CA TRP A 1442 38.57 40.80 -59.91
C TRP A 1442 39.79 39.85 -59.79
N LEU A 1443 39.59 38.68 -59.18
CA LEU A 1443 40.65 37.66 -59.12
C LEU A 1443 40.59 36.72 -60.32
N MET A 1444 41.75 36.22 -60.73
CA MET A 1444 41.84 35.38 -61.92
C MET A 1444 43.09 34.51 -61.93
N ALA A 1445 43.13 33.57 -62.86
CA ALA A 1445 44.26 32.66 -63.00
C ALA A 1445 44.23 32.07 -64.39
N VAL A 1446 45.33 32.19 -65.12
CA VAL A 1446 45.40 31.74 -66.50
C VAL A 1446 46.16 30.41 -66.62
N GLY A 1447 47.02 30.15 -65.64
CA GLY A 1447 47.90 29.00 -65.69
C GLY A 1447 47.32 27.69 -65.17
N CYS A 1448 47.16 27.56 -63.85
CA CYS A 1448 46.68 26.33 -63.23
C CYS A 1448 45.23 25.99 -63.60
N SER A 1449 45.04 24.86 -64.26
CA SER A 1449 43.70 24.35 -64.51
C SER A 1449 43.12 23.84 -63.19
N THR A 1450 43.68 24.31 -62.08
CA THR A 1450 43.35 23.81 -60.75
C THR A 1450 43.58 24.91 -59.72
N SER A 1451 43.02 26.08 -59.97
CA SER A 1451 43.40 27.28 -59.23
C SER A 1451 42.67 27.49 -57.90
N GLY A 1452 41.57 26.77 -57.69
CA GLY A 1452 40.82 26.89 -56.44
C GLY A 1452 40.34 28.29 -56.12
N VAL A 1453 40.12 29.10 -57.15
CA VAL A 1453 39.55 30.43 -56.97
C VAL A 1453 38.11 30.31 -56.53
N VAL A 1454 37.30 29.68 -57.37
CA VAL A 1454 35.88 29.49 -57.11
C VAL A 1454 35.58 29.28 -55.62
N GLY A 1455 36.41 28.48 -54.96
CA GLY A 1455 36.29 28.22 -53.54
C GLY A 1455 36.82 29.34 -52.68
N MET A 1456 38.07 29.74 -52.95
CA MET A 1456 38.65 30.95 -52.37
C MET A 1456 37.64 32.11 -52.30
N VAL A 1457 36.97 32.35 -53.42
CA VAL A 1457 36.00 33.44 -53.54
C VAL A 1457 34.92 33.34 -52.49
N ASN A 1458 34.09 32.30 -52.60
CA ASN A 1458 33.00 32.10 -51.65
C ASN A 1458 33.39 32.42 -50.20
N CYS A 1459 34.67 32.19 -49.87
CA CYS A 1459 35.17 32.47 -48.51
C CYS A 1459 35.35 33.96 -48.24
N LEU A 1460 35.97 34.66 -49.18
CA LEU A 1460 36.19 36.11 -49.08
C LEU A 1460 34.94 36.93 -49.43
N ARG A 1461 34.14 36.42 -50.36
CA ARG A 1461 32.93 37.12 -50.83
C ARG A 1461 31.99 37.54 -49.70
N LYS A 1462 32.16 36.93 -48.53
CA LYS A 1462 31.42 37.33 -47.34
C LYS A 1462 32.29 37.24 -46.06
N GLU A 1463 33.53 37.70 -46.18
CA GLU A 1463 34.38 37.94 -45.02
C GLU A 1463 34.50 39.46 -44.87
N PRO A 1464 34.23 39.98 -43.66
CA PRO A 1464 34.04 41.41 -43.36
C PRO A 1464 34.67 42.41 -44.34
N GLY A 1465 36.00 42.40 -44.47
CA GLY A 1465 36.71 43.36 -45.31
C GLY A 1465 36.27 43.41 -46.77
N GLY A 1466 36.01 42.25 -47.36
CA GLY A 1466 35.62 42.17 -48.76
C GLY A 1466 34.13 41.95 -49.01
N HIS A 1467 33.30 42.25 -48.01
CA HIS A 1467 31.84 42.08 -48.10
C HIS A 1467 31.31 42.62 -49.43
N ARG A 1468 31.27 43.95 -49.56
CA ARG A 1468 30.83 44.61 -50.79
C ARG A 1468 31.94 44.71 -51.85
N ILE A 1469 32.99 43.91 -51.71
CA ILE A 1469 34.14 43.99 -52.61
C ILE A 1469 33.82 43.61 -54.05
N ARG A 1470 32.64 43.06 -54.30
CA ARG A 1470 32.27 42.66 -55.66
C ARG A 1470 33.33 41.67 -56.13
N CYS A 1471 33.76 40.83 -55.21
CA CYS A 1471 34.80 39.84 -55.44
C CYS A 1471 34.41 38.93 -56.60
N VAL A 1472 34.97 39.22 -57.78
CA VAL A 1472 34.68 38.44 -58.97
C VAL A 1472 35.84 37.50 -59.25
N LEU A 1473 35.69 36.66 -60.26
CA LEU A 1473 36.69 35.65 -60.56
C LEU A 1473 36.63 35.21 -62.02
N VAL A 1474 37.78 34.79 -62.55
CA VAL A 1474 37.85 34.24 -63.88
C VAL A 1474 38.84 33.07 -63.93
N SER A 1475 38.42 31.96 -64.52
CA SER A 1475 39.23 30.74 -64.47
C SER A 1475 39.29 30.00 -65.81
N ASN A 1476 40.41 29.31 -66.00
CA ASN A 1476 40.66 28.54 -67.21
C ASN A 1476 40.71 27.03 -66.97
N LEU A 1477 39.59 26.36 -67.18
CA LEU A 1477 39.58 24.91 -67.05
C LEU A 1477 39.16 24.23 -68.34
N SER A 1478 40.05 24.25 -69.32
CA SER A 1478 39.82 23.46 -70.52
C SER A 1478 40.09 22.01 -70.14
N SER A 1479 39.12 21.15 -70.46
CA SER A 1479 39.16 19.74 -70.05
C SER A 1479 39.74 18.81 -71.12
N THR A 1480 39.62 19.18 -72.39
CA THR A 1480 40.26 18.44 -73.48
C THR A 1480 41.41 19.28 -74.03
N SER A 1481 42.44 18.62 -74.53
CA SER A 1481 43.59 19.34 -75.08
C SER A 1481 43.23 20.23 -76.29
N PRO A 1482 42.25 19.81 -77.13
CA PRO A 1482 41.84 20.64 -78.27
C PRO A 1482 40.93 21.83 -77.88
N ALA A 1483 40.84 22.18 -76.60
CA ALA A 1483 39.86 23.19 -76.17
C ALA A 1483 40.44 24.45 -75.51
N PRO A 1484 41.23 25.24 -76.27
CA PRO A 1484 41.76 26.53 -75.81
C PRO A 1484 40.77 27.65 -76.09
N GLU A 1485 41.05 28.84 -75.58
CA GLU A 1485 40.32 30.06 -75.90
C GLU A 1485 40.20 30.97 -74.68
N MET A 1486 41.33 31.43 -74.16
CA MET A 1486 41.34 32.25 -72.96
C MET A 1486 42.37 33.41 -73.00
N HIS A 1487 41.99 34.49 -73.69
CA HIS A 1487 42.83 35.68 -73.83
C HIS A 1487 42.15 36.97 -73.32
N PRO A 1488 42.78 37.62 -72.31
CA PRO A 1488 42.34 38.89 -71.73
C PRO A 1488 42.75 40.16 -72.50
N SER A 1489 42.40 41.32 -71.95
CA SER A 1489 42.72 42.64 -72.52
C SER A 1489 42.18 42.88 -73.93
N SER A 1490 41.40 41.93 -74.45
CA SER A 1490 40.92 41.96 -75.84
C SER A 1490 39.41 42.16 -75.96
N SER A 1491 38.74 41.17 -76.56
CA SER A 1491 37.31 41.20 -76.84
C SER A 1491 36.45 40.67 -75.70
N GLU A 1492 36.80 39.49 -75.20
CA GLU A 1492 35.97 38.77 -74.25
C GLU A 1492 36.15 39.21 -72.79
N LEU A 1493 37.26 39.89 -72.50
CA LEU A 1493 37.48 40.42 -71.15
C LEU A 1493 36.36 41.37 -70.74
N GLN A 1494 35.74 42.00 -71.74
CA GLN A 1494 34.68 43.00 -71.50
C GLN A 1494 33.28 42.40 -71.62
N LYS A 1495 33.12 41.37 -72.45
CA LYS A 1495 31.87 40.62 -72.54
C LYS A 1495 31.49 40.12 -71.16
N VAL A 1496 32.51 39.73 -70.40
CA VAL A 1496 32.34 39.16 -69.06
C VAL A 1496 32.37 40.24 -67.96
N LEU A 1497 32.94 41.40 -68.27
CA LEU A 1497 32.93 42.54 -67.36
C LEU A 1497 31.59 43.28 -67.41
N GLN A 1498 30.96 43.29 -68.59
CA GLN A 1498 29.64 43.89 -68.79
C GLN A 1498 28.53 43.09 -68.10
N GLY A 1499 28.66 41.77 -68.09
CA GLY A 1499 27.73 40.89 -67.38
C GLY A 1499 27.91 40.98 -65.89
N ASP A 1500 29.11 41.39 -65.48
CA ASP A 1500 29.49 41.65 -64.09
C ASP A 1500 29.32 40.48 -63.12
N LEU A 1501 28.79 39.35 -63.61
CA LEU A 1501 28.61 38.16 -62.80
C LEU A 1501 29.78 37.94 -61.84
N VAL A 1502 29.47 37.62 -60.59
CA VAL A 1502 30.50 37.35 -59.58
C VAL A 1502 31.45 36.23 -60.01
N MET A 1503 30.88 35.14 -60.52
CA MET A 1503 31.69 33.99 -60.89
C MET A 1503 31.67 33.68 -62.38
N ASN A 1504 32.86 33.72 -62.98
CA ASN A 1504 33.03 33.52 -64.41
C ASN A 1504 34.05 32.44 -64.73
N VAL A 1505 33.57 31.29 -65.16
CA VAL A 1505 34.45 30.17 -65.45
C VAL A 1505 34.32 29.79 -66.93
N TYR A 1506 35.19 28.92 -67.41
CA TYR A 1506 35.23 28.64 -68.83
C TYR A 1506 35.75 27.25 -69.19
N ARG A 1507 34.84 26.41 -69.68
CA ARG A 1507 35.15 25.03 -70.08
C ARG A 1507 34.88 24.74 -71.54
N ASP A 1508 35.94 24.65 -72.34
CA ASP A 1508 35.82 24.21 -73.73
C ASP A 1508 34.93 25.10 -74.61
N GLY A 1509 34.50 26.25 -74.08
CA GLY A 1509 33.77 27.21 -74.89
C GLY A 1509 32.48 27.80 -74.35
N ALA A 1510 32.10 27.44 -73.13
CA ALA A 1510 30.87 27.94 -72.52
C ALA A 1510 31.14 28.86 -71.32
N TRP A 1511 30.51 30.03 -71.32
CA TRP A 1511 30.66 30.97 -70.22
C TRP A 1511 29.54 30.84 -69.20
N GLY A 1512 29.83 30.12 -68.12
CA GLY A 1512 28.90 29.95 -67.02
C GLY A 1512 29.63 29.94 -65.70
N ALA A 1513 28.89 30.02 -64.61
CA ALA A 1513 29.50 29.91 -63.29
C ALA A 1513 29.38 28.49 -62.75
N PHE A 1514 29.66 28.31 -61.47
CA PHE A 1514 29.52 26.99 -60.87
C PHE A 1514 28.29 26.89 -59.98
N ARG A 1515 27.33 26.07 -60.38
CA ARG A 1515 26.08 25.99 -59.64
C ARG A 1515 25.81 24.67 -58.91
N HIS A 1516 25.13 24.78 -57.78
CA HIS A 1516 24.69 23.63 -57.02
C HIS A 1516 23.27 23.26 -57.39
N PHE A 1517 23.12 22.09 -58.00
CA PHE A 1517 21.79 21.58 -58.30
C PHE A 1517 21.51 20.42 -57.37
N PRO A 1518 20.23 20.17 -57.06
CA PRO A 1518 19.88 19.03 -56.20
C PRO A 1518 20.33 17.75 -56.90
N LEU A 1519 20.33 16.63 -56.18
CA LEU A 1519 20.77 15.37 -56.78
C LEU A 1519 19.63 14.55 -57.40
N GLU A 1520 19.98 13.73 -58.37
CA GLU A 1520 19.01 13.00 -59.17
C GLU A 1520 18.29 11.89 -58.40
N GLN A 1521 18.83 11.55 -57.22
CA GLN A 1521 18.05 10.91 -56.16
C GLN A 1521 17.92 9.37 -56.23
N ASP A 1522 17.85 8.86 -57.46
CA ASP A 1522 17.65 7.43 -57.70
C ASP A 1522 18.81 6.59 -57.15
N ARG A 1523 18.51 5.74 -56.17
CA ARG A 1523 19.49 4.81 -55.60
C ARG A 1523 20.14 3.96 -56.69
N PRO A 1524 21.34 4.35 -57.16
CA PRO A 1524 21.95 3.84 -58.40
C PRO A 1524 21.87 2.31 -58.55
N GLU A 1525 21.28 1.89 -59.67
CA GLU A 1525 21.14 0.48 -60.01
C GLU A 1525 22.24 0.08 -60.99
N LYS A 1526 22.32 -1.21 -61.26
CA LYS A 1526 23.34 -1.73 -62.15
C LYS A 1526 22.81 -2.96 -62.91
N GLN A 1527 23.37 -3.20 -64.09
CA GLN A 1527 23.07 -4.38 -64.88
C GLN A 1527 24.00 -5.50 -64.38
N THR A 1528 23.46 -6.43 -63.61
CA THR A 1528 24.30 -7.45 -62.96
C THR A 1528 23.88 -8.87 -63.29
N GLU A 1529 24.88 -9.75 -63.34
CA GLU A 1529 24.62 -11.17 -63.47
C GLU A 1529 24.50 -11.71 -62.05
N HIS A 1530 24.67 -10.80 -61.09
CA HIS A 1530 24.83 -11.17 -59.70
C HIS A 1530 24.09 -10.28 -58.71
N ALA A 1531 23.15 -10.87 -57.97
CA ALA A 1531 22.44 -10.12 -56.94
C ALA A 1531 21.74 -11.05 -55.96
N PHE A 1532 21.56 -10.55 -54.74
CA PHE A 1532 20.85 -11.26 -53.68
C PHE A 1532 19.90 -10.29 -52.99
N VAL A 1533 18.98 -10.79 -52.18
CA VAL A 1533 17.93 -9.93 -51.62
C VAL A 1533 17.77 -9.97 -50.10
N ASN A 1534 17.70 -8.79 -49.51
CA ASN A 1534 17.80 -8.60 -48.07
C ASN A 1534 17.00 -7.35 -47.66
N VAL A 1535 16.12 -7.51 -46.68
CA VAL A 1535 15.25 -6.44 -46.18
C VAL A 1535 16.05 -5.20 -45.80
N LEU A 1536 15.79 -4.06 -46.46
CA LEU A 1536 16.52 -2.83 -46.17
C LEU A 1536 16.15 -2.25 -44.81
N SER A 1537 15.21 -2.89 -44.11
CA SER A 1537 14.81 -2.41 -42.79
C SER A 1537 13.98 -3.42 -42.02
N ARG A 1538 14.57 -3.93 -40.94
CA ARG A 1538 14.02 -5.05 -40.17
C ARG A 1538 12.59 -4.86 -39.64
N GLY A 1539 11.63 -5.54 -40.27
CA GLY A 1539 10.24 -5.48 -39.83
C GLY A 1539 9.23 -5.11 -40.90
N ASP A 1540 9.71 -4.61 -42.03
CA ASP A 1540 8.84 -4.08 -43.07
C ASP A 1540 9.28 -4.55 -44.45
N LEU A 1541 8.33 -5.14 -45.18
CA LEU A 1541 8.64 -5.83 -46.42
C LEU A 1541 8.42 -4.96 -47.65
N SER A 1542 8.18 -3.67 -47.43
CA SER A 1542 8.05 -2.70 -48.53
C SER A 1542 9.44 -2.26 -48.92
N SER A 1543 10.38 -2.54 -48.03
CA SER A 1543 11.79 -2.35 -48.32
C SER A 1543 12.50 -3.70 -48.35
N ILE A 1544 12.05 -4.52 -49.31
CA ILE A 1544 12.73 -5.73 -49.73
C ILE A 1544 13.26 -5.43 -51.13
N ARG A 1545 14.57 -5.54 -51.36
CA ARG A 1545 15.12 -5.23 -52.68
C ARG A 1545 16.29 -6.08 -53.18
N TRP A 1546 16.57 -5.93 -54.48
CA TRP A 1546 17.64 -6.69 -55.11
C TRP A 1546 18.99 -5.99 -54.95
N VAL A 1547 19.79 -6.57 -54.07
CA VAL A 1547 21.06 -6.01 -53.66
C VAL A 1547 22.19 -6.61 -54.48
N CYS A 1548 22.98 -5.74 -55.11
CA CYS A 1548 24.22 -6.16 -55.76
C CYS A 1548 24.97 -7.17 -54.90
N SER A 1549 25.23 -8.33 -55.46
CA SER A 1549 25.98 -9.36 -54.76
C SER A 1549 27.49 -9.15 -54.89
N PRO A 1550 28.24 -9.39 -53.81
CA PRO A 1550 29.70 -9.24 -53.78
C PRO A 1550 30.46 -10.10 -54.77
N LEU A 1551 29.78 -10.99 -55.49
CA LEU A 1551 30.40 -11.73 -56.57
C LEU A 1551 30.37 -10.84 -57.80
N HIS A 1552 29.64 -9.72 -57.69
CA HIS A 1552 29.48 -8.79 -58.80
C HIS A 1552 30.64 -7.83 -58.82
N TYR A 1553 31.39 -7.80 -57.72
CA TYR A 1553 32.55 -6.93 -57.65
C TYR A 1553 33.83 -7.71 -57.94
N ALA A 1554 33.81 -9.00 -57.62
CA ALA A 1554 34.96 -9.86 -57.91
C ALA A 1554 34.80 -11.31 -57.41
N LEU A 1555 35.61 -12.18 -58.00
CA LEU A 1555 35.52 -13.62 -57.77
C LEU A 1555 36.89 -14.26 -57.96
N PRO A 1556 37.58 -14.51 -56.84
CA PRO A 1556 38.96 -15.00 -56.87
C PRO A 1556 38.98 -16.48 -57.20
N ALA A 1557 39.85 -16.88 -58.11
CA ALA A 1557 39.95 -18.28 -58.51
C ALA A 1557 39.65 -19.19 -57.32
N SER A 1558 40.08 -18.75 -56.14
CA SER A 1558 39.92 -19.51 -54.91
C SER A 1558 38.49 -19.91 -54.57
N CYS A 1559 37.59 -18.93 -54.53
CA CYS A 1559 36.17 -19.15 -54.20
C CYS A 1559 35.42 -19.62 -55.47
N GLN A 1560 36.12 -19.66 -56.58
CA GLN A 1560 35.49 -19.62 -57.90
C GLN A 1560 34.92 -20.92 -58.44
N ASP A 1561 35.53 -22.03 -58.08
CA ASP A 1561 35.12 -23.31 -58.64
C ASP A 1561 33.79 -23.70 -58.01
N ARG A 1562 33.48 -23.05 -56.90
CA ARG A 1562 32.28 -23.35 -56.15
C ARG A 1562 31.08 -22.54 -56.63
N LEU A 1563 31.25 -21.79 -57.72
CA LEU A 1563 30.18 -20.91 -58.15
C LEU A 1563 29.06 -21.68 -58.83
N CYS A 1564 27.86 -21.12 -58.74
CA CYS A 1564 26.65 -21.85 -59.09
C CYS A 1564 25.42 -20.95 -59.30
N SER A 1565 24.76 -21.13 -60.44
CA SER A 1565 23.68 -20.24 -60.85
C SER A 1565 22.30 -20.79 -60.51
N VAL A 1566 21.47 -19.92 -59.93
CA VAL A 1566 20.19 -20.33 -59.37
C VAL A 1566 19.06 -20.28 -60.37
N TYR A 1567 18.23 -21.31 -60.36
CA TYR A 1567 16.98 -21.27 -61.11
C TYR A 1567 15.82 -21.06 -60.13
N TYR A 1568 15.87 -21.74 -59.00
CA TYR A 1568 14.87 -21.55 -57.95
C TYR A 1568 15.51 -21.29 -56.59
N THR A 1569 14.95 -20.32 -55.86
CA THR A 1569 15.28 -20.15 -54.45
C THR A 1569 14.00 -20.18 -53.63
N SER A 1570 14.06 -20.88 -52.50
CA SER A 1570 12.89 -21.04 -51.65
C SER A 1570 13.00 -20.32 -50.31
N LEU A 1571 11.87 -19.80 -49.84
CA LEU A 1571 11.80 -19.21 -48.51
C LEU A 1571 11.65 -20.31 -47.49
N ASN A 1572 12.26 -20.12 -46.33
CA ASN A 1572 11.99 -20.99 -45.21
C ASN A 1572 11.57 -20.14 -44.06
N PHE A 1573 11.20 -20.79 -42.96
CA PHE A 1573 10.45 -20.04 -41.98
C PHE A 1573 11.25 -18.87 -41.45
N ARG A 1574 12.51 -19.11 -41.16
CA ARG A 1574 13.37 -18.05 -40.65
C ARG A 1574 13.50 -16.82 -41.59
N ASP A 1575 13.72 -17.05 -42.87
CA ASP A 1575 13.70 -15.98 -43.84
C ASP A 1575 12.50 -15.08 -43.56
N VAL A 1576 11.40 -15.69 -43.14
CA VAL A 1576 10.18 -14.95 -42.82
C VAL A 1576 10.28 -14.22 -41.48
N MET A 1577 10.29 -15.02 -40.41
CA MET A 1577 10.31 -14.49 -39.04
C MET A 1577 11.33 -13.38 -38.83
N LEU A 1578 12.39 -13.39 -39.64
CA LEU A 1578 13.42 -12.38 -39.53
C LEU A 1578 12.98 -11.11 -40.25
N ALA A 1579 12.66 -11.24 -41.53
CA ALA A 1579 12.12 -10.14 -42.33
C ALA A 1579 10.91 -9.49 -41.62
N THR A 1580 10.36 -10.24 -40.66
CA THR A 1580 9.33 -9.75 -39.76
C THR A 1580 9.96 -8.94 -38.64
N GLY A 1581 10.64 -9.64 -37.75
CA GLY A 1581 11.14 -9.04 -36.52
C GLY A 1581 10.57 -9.77 -35.32
N LYS A 1582 9.91 -10.91 -35.52
CA LYS A 1582 9.43 -11.73 -34.39
C LYS A 1582 10.61 -12.45 -33.72
N LEU A 1583 11.57 -12.89 -34.54
CA LEU A 1583 12.79 -13.55 -34.06
C LEU A 1583 14.02 -12.64 -34.24
N SER A 1584 14.78 -12.44 -33.15
CA SER A 1584 15.97 -11.60 -33.19
C SER A 1584 17.07 -12.23 -34.04
N PRO A 1585 18.00 -11.40 -34.54
CA PRO A 1585 19.20 -11.95 -35.19
C PRO A 1585 20.18 -12.54 -34.17
N ASP A 1586 19.87 -12.35 -32.88
CA ASP A 1586 20.68 -12.84 -31.75
C ASP A 1586 20.56 -14.35 -31.54
N SER A 1587 19.51 -14.95 -32.12
CA SER A 1587 19.26 -16.37 -31.96
C SER A 1587 19.68 -17.18 -33.18
N ILE A 1588 20.49 -16.54 -34.03
CA ILE A 1588 21.01 -17.20 -35.21
C ILE A 1588 22.47 -17.62 -35.01
N PRO A 1589 22.71 -18.95 -35.01
CA PRO A 1589 24.04 -19.54 -34.90
C PRO A 1589 24.97 -19.09 -36.02
N GLY A 1590 26.27 -19.16 -35.74
CA GLY A 1590 27.29 -18.69 -36.67
C GLY A 1590 27.78 -17.34 -36.18
N LYS A 1591 29.05 -17.03 -36.44
CA LYS A 1591 29.56 -15.70 -36.12
C LYS A 1591 29.49 -14.85 -37.37
N TRP A 1592 28.96 -13.63 -37.22
CA TRP A 1592 28.60 -12.81 -38.36
C TRP A 1592 29.35 -11.49 -38.48
N LEU A 1593 30.01 -11.30 -39.63
CA LEU A 1593 30.55 -10.00 -40.00
C LEU A 1593 29.39 -9.01 -39.89
N THR A 1594 28.57 -8.98 -40.93
CA THR A 1594 27.41 -8.10 -40.99
C THR A 1594 26.14 -8.91 -40.68
N ARG A 1595 25.43 -8.50 -39.63
CA ARG A 1595 24.17 -9.14 -39.25
C ARG A 1595 23.03 -8.67 -40.17
N ASP A 1596 23.41 -8.00 -41.25
CA ASP A 1596 22.51 -7.50 -42.30
C ASP A 1596 22.06 -8.62 -43.21
N CYS A 1597 22.70 -8.67 -44.38
CA CYS A 1597 22.45 -9.67 -45.40
C CYS A 1597 22.42 -11.05 -44.73
N MET A 1598 21.23 -11.60 -44.53
CA MET A 1598 21.05 -12.79 -43.69
C MET A 1598 19.81 -13.66 -44.07
N LEU A 1599 19.36 -13.54 -45.32
CA LEU A 1599 18.11 -14.17 -45.79
C LEU A 1599 18.21 -15.08 -47.03
N GLY A 1600 17.94 -16.37 -46.84
CA GLY A 1600 17.88 -17.31 -47.95
C GLY A 1600 18.79 -18.49 -47.73
N MET A 1601 18.27 -19.71 -47.78
CA MET A 1601 19.11 -20.87 -47.48
C MET A 1601 18.91 -22.06 -48.42
N GLU A 1602 18.03 -21.93 -49.40
CA GLU A 1602 17.76 -23.06 -50.27
C GLU A 1602 17.71 -22.59 -51.71
N PHE A 1603 18.19 -23.43 -52.63
CA PHE A 1603 18.25 -23.09 -54.05
C PHE A 1603 18.55 -24.27 -54.94
N SER A 1604 18.24 -24.12 -56.21
CA SER A 1604 18.51 -25.15 -57.19
C SER A 1604 18.99 -24.57 -58.52
N GLY A 1605 19.92 -25.26 -59.14
CA GLY A 1605 20.48 -24.80 -60.40
C GLY A 1605 21.61 -25.68 -60.94
N ARG A 1606 22.66 -25.03 -61.38
CA ARG A 1606 23.75 -25.72 -62.06
C ARG A 1606 25.10 -25.12 -61.63
N ASP A 1607 26.05 -25.97 -61.20
CA ASP A 1607 27.40 -25.48 -60.88
C ASP A 1607 28.23 -25.22 -62.14
N ALA A 1608 29.46 -24.74 -61.98
CA ALA A 1608 30.28 -24.36 -63.13
C ALA A 1608 30.61 -25.58 -63.99
N SER A 1609 30.20 -26.75 -63.52
CA SER A 1609 30.41 -27.99 -64.22
C SER A 1609 29.35 -28.09 -65.31
N GLY A 1610 28.41 -27.16 -65.29
CA GLY A 1610 27.21 -27.32 -66.09
C GLY A 1610 26.26 -28.25 -65.37
N ARG A 1611 26.82 -29.15 -64.56
CA ARG A 1611 26.05 -30.12 -63.77
C ARG A 1611 24.81 -29.52 -63.11
N ARG A 1612 23.98 -30.37 -62.52
CA ARG A 1612 22.66 -29.94 -62.10
C ARG A 1612 22.41 -30.17 -60.60
N VAL A 1613 22.50 -29.11 -59.79
CA VAL A 1613 22.50 -29.29 -58.33
C VAL A 1613 21.39 -28.62 -57.52
N MET A 1614 21.42 -28.93 -56.24
CA MET A 1614 20.38 -28.52 -55.32
C MET A 1614 21.06 -28.44 -53.98
N GLY A 1615 20.87 -27.35 -53.24
CA GLY A 1615 21.63 -27.19 -52.03
C GLY A 1615 21.24 -26.15 -51.01
N MET A 1616 22.05 -26.10 -49.96
CA MET A 1616 21.88 -25.15 -48.89
C MET A 1616 23.07 -24.20 -48.77
N VAL A 1617 22.85 -23.12 -48.04
CA VAL A 1617 23.74 -21.97 -47.97
C VAL A 1617 23.44 -21.21 -46.70
N PRO A 1618 24.47 -20.97 -45.88
CA PRO A 1618 24.33 -20.41 -44.53
C PRO A 1618 23.52 -19.13 -44.53
N ALA A 1619 23.48 -18.42 -45.66
CA ALA A 1619 22.74 -17.17 -45.82
C ALA A 1619 22.99 -16.54 -47.19
N GLU A 1620 22.13 -15.62 -47.58
CA GLU A 1620 22.23 -14.92 -48.86
C GLU A 1620 21.81 -15.80 -50.01
N GLY A 1621 20.98 -16.80 -49.68
CA GLY A 1621 20.53 -17.80 -50.63
C GLY A 1621 19.61 -17.23 -51.68
N LEU A 1622 18.76 -16.31 -51.26
CA LEU A 1622 17.87 -15.64 -52.20
C LEU A 1622 18.68 -14.84 -53.19
N ALA A 1623 19.11 -15.48 -54.26
CA ALA A 1623 19.97 -14.78 -55.23
C ALA A 1623 20.06 -15.43 -56.60
N THR A 1624 20.53 -14.64 -57.55
CA THR A 1624 20.81 -15.08 -58.90
C THR A 1624 21.85 -16.17 -58.86
N SER A 1625 22.88 -15.92 -58.06
CA SER A 1625 24.08 -16.71 -58.10
C SER A 1625 24.48 -16.97 -56.67
N VAL A 1626 25.26 -18.02 -56.44
CA VAL A 1626 25.58 -18.47 -55.10
C VAL A 1626 26.76 -19.43 -54.99
N LEU A 1627 27.46 -19.34 -53.86
CA LEU A 1627 28.62 -20.19 -53.60
C LEU A 1627 28.31 -21.44 -52.77
N LEU A 1628 28.31 -22.59 -53.45
CA LEU A 1628 27.96 -23.89 -52.87
C LEU A 1628 28.76 -24.18 -51.64
N LEU A 1629 28.33 -25.17 -50.87
CA LEU A 1629 29.12 -25.66 -49.77
C LEU A 1629 29.34 -27.13 -50.00
N GLN A 1630 30.58 -27.53 -50.26
CA GLN A 1630 30.86 -28.95 -50.51
C GLN A 1630 29.91 -29.92 -49.78
N HIS A 1631 29.88 -29.81 -48.45
CA HIS A 1631 29.15 -30.73 -47.59
C HIS A 1631 27.63 -30.53 -47.55
N ALA A 1632 27.10 -29.60 -48.32
CA ALA A 1632 25.66 -29.39 -48.35
C ALA A 1632 25.24 -28.94 -49.73
N THR A 1633 25.64 -29.74 -50.68
CA THR A 1633 25.08 -29.66 -52.00
C THR A 1633 25.00 -31.09 -52.47
N TRP A 1634 23.90 -31.41 -53.14
CA TRP A 1634 23.66 -32.75 -53.63
C TRP A 1634 23.30 -32.67 -55.10
N GLU A 1635 23.41 -33.81 -55.78
CA GLU A 1635 23.09 -33.85 -57.20
C GLU A 1635 21.59 -34.07 -57.30
N VAL A 1636 20.93 -33.25 -58.10
CA VAL A 1636 19.48 -33.33 -58.26
C VAL A 1636 19.09 -34.30 -59.39
N PRO A 1637 18.35 -35.36 -59.03
CA PRO A 1637 17.98 -36.53 -59.84
C PRO A 1637 17.35 -36.22 -61.18
N SER A 1638 17.84 -36.92 -62.19
CA SER A 1638 17.26 -36.94 -63.51
C SER A 1638 15.74 -36.81 -63.52
N THR A 1639 15.10 -37.20 -62.42
CA THR A 1639 13.64 -37.26 -62.38
C THR A 1639 12.99 -36.18 -61.53
N TRP A 1640 13.69 -35.08 -61.37
CA TRP A 1640 13.19 -34.00 -60.52
C TRP A 1640 13.35 -32.68 -61.21
N THR A 1641 12.24 -31.98 -61.43
CA THR A 1641 12.28 -30.62 -61.95
C THR A 1641 13.13 -29.78 -61.01
N LEU A 1642 13.87 -28.82 -61.54
CA LEU A 1642 14.65 -27.93 -60.67
C LEU A 1642 13.74 -27.22 -59.67
N GLU A 1643 12.43 -27.24 -59.93
CA GLU A 1643 11.45 -26.64 -59.04
C GLU A 1643 11.25 -27.50 -57.82
N GLU A 1644 10.72 -28.71 -58.04
CA GLU A 1644 10.50 -29.65 -56.96
C GLU A 1644 11.76 -29.78 -56.09
N ALA A 1645 12.92 -29.87 -56.73
CA ALA A 1645 14.20 -29.97 -56.03
C ALA A 1645 14.38 -28.83 -55.04
N ALA A 1646 13.95 -27.64 -55.43
CA ALA A 1646 14.21 -26.43 -54.66
C ALA A 1646 13.40 -26.31 -53.39
N SER A 1647 12.80 -27.41 -52.98
CA SER A 1647 11.98 -27.48 -51.78
C SER A 1647 12.47 -28.49 -50.76
N VAL A 1648 13.34 -29.42 -51.18
CA VAL A 1648 13.72 -30.58 -50.38
C VAL A 1648 14.72 -30.35 -49.24
N PRO A 1649 15.92 -29.82 -49.55
CA PRO A 1649 16.99 -29.67 -48.54
C PRO A 1649 16.56 -29.30 -47.12
N ILE A 1650 16.33 -28.02 -46.82
CA ILE A 1650 16.00 -27.59 -45.45
C ILE A 1650 15.08 -28.56 -44.69
N VAL A 1651 13.95 -28.85 -45.34
CA VAL A 1651 12.80 -29.53 -44.79
C VAL A 1651 13.12 -30.96 -44.32
N TYR A 1652 13.55 -31.84 -45.22
CA TYR A 1652 13.95 -33.19 -44.82
C TYR A 1652 15.25 -33.26 -44.04
N THR A 1653 16.18 -32.38 -44.36
CA THR A 1653 17.39 -32.30 -43.58
C THR A 1653 16.91 -32.06 -42.17
N THR A 1654 16.09 -31.03 -42.00
CA THR A 1654 15.54 -30.68 -40.69
C THR A 1654 14.82 -31.86 -40.05
N ALA A 1655 14.11 -32.62 -40.88
CA ALA A 1655 13.35 -33.76 -40.41
C ALA A 1655 14.27 -34.86 -39.93
N TYR A 1656 15.16 -35.31 -40.78
CA TYR A 1656 16.07 -36.34 -40.33
C TYR A 1656 16.94 -35.87 -39.13
N TYR A 1657 17.56 -34.69 -39.18
CA TYR A 1657 18.37 -34.29 -38.02
C TYR A 1657 17.54 -34.53 -36.76
N SER A 1658 16.24 -34.21 -36.85
CA SER A 1658 15.33 -34.29 -35.69
C SER A 1658 14.85 -35.70 -35.28
N LEU A 1659 14.35 -36.46 -36.25
CA LEU A 1659 13.75 -37.74 -35.95
C LEU A 1659 14.78 -38.81 -35.74
N VAL A 1660 15.73 -38.90 -36.66
CA VAL A 1660 16.68 -39.99 -36.67
C VAL A 1660 17.93 -39.76 -35.85
N VAL A 1661 18.68 -38.73 -36.20
CA VAL A 1661 20.00 -38.54 -35.60
C VAL A 1661 19.92 -38.24 -34.11
N ARG A 1662 18.94 -37.40 -33.77
CA ARG A 1662 18.88 -36.72 -32.48
C ARG A 1662 17.86 -37.33 -31.55
N GLY A 1663 16.73 -37.75 -32.12
CA GLY A 1663 15.70 -38.41 -31.36
C GLY A 1663 15.81 -39.92 -31.36
N ARG A 1664 16.59 -40.43 -32.31
CA ARG A 1664 16.78 -41.86 -32.43
C ARG A 1664 15.47 -42.63 -32.54
N MET A 1665 14.62 -42.15 -33.45
CA MET A 1665 13.32 -42.75 -33.72
C MET A 1665 13.51 -44.12 -34.35
N GLN A 1666 12.98 -45.13 -33.66
CA GLN A 1666 12.97 -46.50 -34.17
C GLN A 1666 11.60 -46.92 -34.66
N PRO A 1667 11.59 -47.88 -35.61
CA PRO A 1667 10.41 -48.44 -36.27
C PRO A 1667 9.38 -48.79 -35.23
N GLY A 1668 8.10 -48.64 -35.54
CA GLY A 1668 7.01 -49.08 -34.67
C GLY A 1668 6.99 -48.39 -33.33
N GLU A 1669 7.47 -47.14 -33.33
CA GLU A 1669 7.38 -46.23 -32.19
C GLU A 1669 6.30 -45.21 -32.57
N SER A 1670 5.94 -44.31 -31.66
CA SER A 1670 4.84 -43.39 -31.94
C SER A 1670 5.34 -41.95 -31.98
N VAL A 1671 4.79 -41.17 -32.90
CA VAL A 1671 5.26 -39.80 -33.06
C VAL A 1671 4.16 -38.80 -33.39
N LEU A 1672 4.20 -37.68 -32.69
CA LEU A 1672 3.27 -36.60 -32.87
C LEU A 1672 4.01 -35.50 -33.60
N ILE A 1673 3.64 -35.25 -34.85
CA ILE A 1673 4.30 -34.25 -35.67
C ILE A 1673 3.38 -33.08 -35.95
N HIS A 1674 3.61 -31.95 -35.30
CA HIS A 1674 2.74 -30.79 -35.49
C HIS A 1674 2.79 -30.18 -36.90
N SER A 1675 1.65 -29.66 -37.35
CA SER A 1675 1.55 -28.93 -38.61
C SER A 1675 2.01 -29.67 -39.85
N GLY A 1676 1.69 -30.95 -39.95
CA GLY A 1676 2.05 -31.73 -41.13
C GLY A 1676 1.60 -31.09 -42.43
N SER A 1677 0.71 -30.11 -42.30
CA SER A 1677 0.28 -29.29 -43.42
C SER A 1677 1.49 -28.62 -44.02
N GLY A 1678 2.41 -28.25 -43.13
CA GLY A 1678 3.60 -27.49 -43.44
C GLY A 1678 4.64 -28.25 -44.24
N GLY A 1679 5.80 -27.63 -44.41
CA GLY A 1679 6.85 -28.16 -45.26
C GLY A 1679 7.60 -29.18 -44.46
N VAL A 1680 8.14 -28.72 -43.32
CA VAL A 1680 8.86 -29.60 -42.41
C VAL A 1680 7.95 -30.74 -41.97
N GLY A 1681 6.67 -30.45 -41.74
CA GLY A 1681 5.69 -31.47 -41.42
C GLY A 1681 5.59 -32.63 -42.43
N GLN A 1682 5.29 -32.30 -43.68
CA GLN A 1682 5.24 -33.29 -44.73
C GLN A 1682 6.48 -34.18 -44.73
N ALA A 1683 7.66 -33.58 -44.70
CA ALA A 1683 8.88 -34.37 -44.66
C ALA A 1683 8.91 -35.24 -43.40
N ALA A 1684 8.65 -34.64 -42.24
CA ALA A 1684 8.65 -35.41 -41.01
C ALA A 1684 7.76 -36.62 -41.19
N ILE A 1685 6.51 -36.39 -41.59
CA ILE A 1685 5.59 -37.50 -41.79
C ILE A 1685 6.17 -38.58 -42.71
N ALA A 1686 6.66 -38.18 -43.89
CA ALA A 1686 7.12 -39.17 -44.84
C ALA A 1686 8.10 -40.13 -44.19
N ILE A 1687 9.15 -39.56 -43.61
CA ILE A 1687 10.21 -40.30 -42.92
C ILE A 1687 9.71 -41.23 -41.80
N ALA A 1688 8.84 -40.73 -40.94
CA ALA A 1688 8.33 -41.54 -39.83
C ALA A 1688 7.46 -42.70 -40.34
N LEU A 1689 6.84 -42.52 -41.49
CA LEU A 1689 6.09 -43.60 -42.14
C LEU A 1689 7.01 -44.70 -42.67
N SER A 1690 8.16 -44.31 -43.19
CA SER A 1690 9.07 -45.26 -43.83
C SER A 1690 9.56 -46.30 -42.84
N ARG A 1691 9.87 -45.88 -41.63
CA ARG A 1691 10.16 -46.82 -40.56
C ARG A 1691 8.84 -47.14 -39.90
N GLY A 1692 7.79 -46.88 -40.65
CA GLY A 1692 6.42 -47.22 -40.28
C GLY A 1692 6.09 -47.05 -38.82
N CYS A 1693 5.84 -45.82 -38.40
CA CYS A 1693 5.48 -45.57 -37.01
C CYS A 1693 4.02 -45.12 -36.90
N ARG A 1694 3.57 -44.94 -35.67
CA ARG A 1694 2.24 -44.39 -35.48
C ARG A 1694 2.40 -42.89 -35.65
N VAL A 1695 1.64 -42.36 -36.60
CA VAL A 1695 1.66 -40.95 -36.89
C VAL A 1695 0.52 -40.23 -36.16
N PHE A 1696 0.84 -39.05 -35.67
CA PHE A 1696 -0.16 -38.15 -35.12
C PHE A 1696 0.22 -36.77 -35.60
N THR A 1697 -0.54 -36.23 -36.53
CA THR A 1697 -0.20 -34.92 -37.04
C THR A 1697 -1.34 -34.01 -36.68
N THR A 1698 -1.09 -32.71 -36.62
CA THR A 1698 -2.12 -31.74 -36.30
C THR A 1698 -2.09 -30.70 -37.39
N VAL A 1699 -3.20 -30.00 -37.57
CA VAL A 1699 -3.39 -29.21 -38.78
C VAL A 1699 -4.40 -28.11 -38.55
N GLY A 1700 -4.21 -26.97 -39.21
CA GLY A 1700 -5.07 -25.84 -38.97
C GLY A 1700 -6.38 -25.89 -39.72
N SER A 1701 -6.29 -26.27 -40.99
CA SER A 1701 -7.41 -26.14 -41.94
C SER A 1701 -8.01 -27.47 -42.38
N ALA A 1702 -9.34 -27.49 -42.49
CA ALA A 1702 -10.06 -28.59 -43.11
C ALA A 1702 -9.36 -29.11 -44.37
N GLU A 1703 -9.04 -28.19 -45.30
CA GLU A 1703 -8.42 -28.57 -46.56
C GLU A 1703 -7.03 -29.18 -46.40
N LYS A 1704 -6.39 -28.90 -45.26
CA LYS A 1704 -5.06 -29.46 -45.00
C LYS A 1704 -5.16 -30.92 -44.56
N ARG A 1705 -6.24 -31.27 -43.87
CA ARG A 1705 -6.56 -32.67 -43.58
C ARG A 1705 -6.65 -33.39 -44.92
N ALA A 1706 -7.34 -32.72 -45.85
CA ALA A 1706 -7.52 -33.24 -47.19
C ALA A 1706 -6.18 -33.64 -47.76
N TYR A 1707 -5.44 -32.63 -48.20
CA TYR A 1707 -4.15 -32.84 -48.84
C TYR A 1707 -3.39 -34.00 -48.20
N LEU A 1708 -3.07 -33.89 -46.92
CA LEU A 1708 -2.33 -34.94 -46.23
C LEU A 1708 -2.94 -36.32 -46.45
N GLN A 1709 -4.24 -36.44 -46.18
CA GLN A 1709 -4.91 -37.73 -46.32
C GLN A 1709 -4.64 -38.33 -47.68
N ALA A 1710 -4.81 -37.53 -48.73
CA ALA A 1710 -4.52 -37.96 -50.09
C ALA A 1710 -3.09 -38.47 -50.19
N ARG A 1711 -2.14 -37.56 -49.94
CA ARG A 1711 -0.70 -37.82 -50.13
C ARG A 1711 -0.14 -39.00 -49.34
N PHE A 1712 -0.45 -39.03 -48.06
CA PHE A 1712 -0.08 -40.18 -47.27
C PHE A 1712 -1.35 -40.99 -47.02
N PRO A 1713 -1.45 -42.16 -47.66
CA PRO A 1713 -2.69 -42.92 -47.65
C PRO A 1713 -2.77 -43.75 -46.38
N GLN A 1714 -1.60 -44.00 -45.81
CA GLN A 1714 -1.49 -44.84 -44.64
C GLN A 1714 -2.05 -44.15 -43.41
N LEU A 1715 -2.61 -42.95 -43.59
CA LEU A 1715 -3.15 -42.18 -42.47
C LEU A 1715 -4.66 -42.42 -42.19
N ASP A 1716 -4.96 -42.84 -40.95
CA ASP A 1716 -6.34 -42.98 -40.48
C ASP A 1716 -6.91 -41.62 -40.21
N GLU A 1717 -8.13 -41.58 -39.71
CA GLU A 1717 -8.65 -40.32 -39.23
C GLU A 1717 -8.27 -40.20 -37.79
N THR A 1718 -7.84 -41.29 -37.16
CA THR A 1718 -7.30 -41.18 -35.80
C THR A 1718 -5.99 -40.37 -35.75
N CYS A 1719 -5.34 -40.22 -36.90
CA CYS A 1719 -4.03 -39.60 -36.97
C CYS A 1719 -4.08 -38.08 -36.78
N PHE A 1720 -5.22 -37.49 -37.11
CA PHE A 1720 -5.38 -36.04 -37.20
C PHE A 1720 -5.98 -35.38 -35.95
N ALA A 1721 -5.28 -34.41 -35.39
CA ALA A 1721 -5.88 -33.57 -34.39
C ALA A 1721 -5.77 -32.13 -34.84
N ASN A 1722 -6.14 -31.19 -33.97
CA ASN A 1722 -6.08 -29.79 -34.36
C ASN A 1722 -4.78 -29.08 -33.96
N SER A 1723 -4.60 -27.87 -34.48
CA SER A 1723 -3.42 -27.10 -34.18
C SER A 1723 -3.77 -25.69 -33.74
N ARG A 1724 -4.98 -25.26 -34.08
CA ARG A 1724 -5.44 -23.95 -33.66
C ARG A 1724 -5.62 -23.94 -32.13
N ASP A 1725 -5.20 -25.01 -31.48
CA ASP A 1725 -5.81 -25.37 -30.20
C ASP A 1725 -4.90 -26.15 -29.25
N THR A 1726 -5.43 -26.50 -28.08
CA THR A 1726 -4.79 -27.44 -27.15
C THR A 1726 -5.50 -28.79 -27.23
N SER A 1727 -6.62 -28.81 -27.94
CA SER A 1727 -7.41 -30.02 -28.17
C SER A 1727 -6.56 -31.26 -28.41
N PHE A 1728 -5.51 -31.13 -29.22
CA PHE A 1728 -4.70 -32.28 -29.63
C PHE A 1728 -4.14 -33.11 -28.46
N GLU A 1729 -4.01 -32.52 -27.27
CA GLU A 1729 -3.50 -33.27 -26.11
C GLU A 1729 -4.51 -34.32 -25.74
N GLN A 1730 -5.76 -33.90 -25.60
CA GLN A 1730 -6.89 -34.80 -25.42
C GLN A 1730 -6.88 -35.85 -26.52
N HIS A 1731 -6.93 -35.42 -27.77
CA HIS A 1731 -7.00 -36.37 -28.87
C HIS A 1731 -5.87 -37.38 -28.85
N VAL A 1732 -4.68 -36.93 -28.48
CA VAL A 1732 -3.53 -37.82 -28.46
C VAL A 1732 -3.57 -38.71 -27.25
N LEU A 1733 -4.19 -38.25 -26.18
CA LEU A 1733 -4.32 -39.10 -25.00
C LEU A 1733 -5.38 -40.20 -25.15
N ARG A 1734 -6.39 -39.96 -25.99
CA ARG A 1734 -7.33 -41.02 -26.29
C ARG A 1734 -6.58 -42.11 -26.98
N HIS A 1735 -6.37 -41.97 -28.27
CA HIS A 1735 -5.84 -43.08 -29.06
C HIS A 1735 -4.45 -43.51 -28.62
N THR A 1736 -4.09 -43.11 -27.42
CA THR A 1736 -2.79 -43.47 -26.88
C THR A 1736 -3.04 -44.29 -25.64
N ALA A 1737 -4.29 -44.29 -25.19
CA ALA A 1737 -4.69 -44.97 -23.97
C ALA A 1737 -4.01 -44.35 -22.76
N GLY A 1738 -3.94 -43.03 -22.78
CA GLY A 1738 -3.29 -42.27 -21.70
C GLY A 1738 -1.84 -42.65 -21.57
N LYS A 1739 -1.25 -43.14 -22.65
CA LYS A 1739 0.09 -43.67 -22.57
C LYS A 1739 1.07 -42.62 -23.08
N GLY A 1740 0.61 -41.89 -24.10
CA GLY A 1740 1.38 -40.79 -24.65
C GLY A 1740 2.13 -41.22 -25.88
N VAL A 1741 2.87 -40.29 -26.46
CA VAL A 1741 3.56 -40.59 -27.69
C VAL A 1741 5.05 -40.73 -27.41
N ASP A 1742 5.76 -41.39 -28.30
CA ASP A 1742 7.18 -41.67 -28.10
C ASP A 1742 8.09 -40.47 -28.41
N LEU A 1743 7.83 -39.81 -29.53
CA LEU A 1743 8.55 -38.59 -29.84
C LEU A 1743 7.57 -37.52 -30.31
N VAL A 1744 7.82 -36.29 -29.88
CA VAL A 1744 7.02 -35.16 -30.34
C VAL A 1744 7.92 -34.19 -31.13
N LEU A 1745 7.46 -33.79 -32.31
CA LEU A 1745 8.20 -32.85 -33.17
C LEU A 1745 7.50 -31.51 -33.15
N ASN A 1746 7.83 -30.74 -32.11
CA ASN A 1746 7.10 -29.53 -31.77
C ASN A 1746 7.66 -28.34 -32.50
N SER A 1747 6.77 -27.50 -32.96
CA SER A 1747 7.14 -26.25 -33.59
C SER A 1747 5.96 -25.37 -33.29
N LEU A 1748 5.69 -25.17 -32.01
CA LEU A 1748 4.45 -24.51 -31.66
C LEU A 1748 4.52 -23.57 -30.47
N ALA A 1749 3.59 -22.63 -30.46
CA ALA A 1749 3.46 -21.55 -29.48
C ALA A 1749 3.76 -21.88 -28.03
N GLU A 1750 3.15 -21.11 -27.12
CA GLU A 1750 3.41 -21.23 -25.69
C GLU A 1750 2.58 -22.33 -25.03
N GLU A 1751 1.33 -22.03 -24.71
CA GLU A 1751 0.47 -23.01 -24.08
C GLU A 1751 0.49 -24.29 -24.90
N LYS A 1752 0.70 -24.17 -26.22
CA LYS A 1752 0.69 -25.33 -27.11
C LYS A 1752 1.93 -26.21 -26.97
N LEU A 1753 3.07 -25.61 -26.69
CA LEU A 1753 4.30 -26.38 -26.47
C LEU A 1753 4.15 -27.05 -25.14
N GLN A 1754 3.73 -26.26 -24.15
CA GLN A 1754 3.48 -26.77 -22.82
C GLN A 1754 2.58 -27.98 -22.89
N ALA A 1755 1.62 -27.97 -23.81
CA ALA A 1755 0.70 -29.10 -24.01
C ALA A 1755 1.30 -30.25 -24.81
N SER A 1756 2.27 -29.96 -25.65
CA SER A 1756 2.92 -31.02 -26.37
C SER A 1756 3.83 -31.80 -25.43
N VAL A 1757 4.40 -31.10 -24.46
CA VAL A 1757 5.26 -31.77 -23.49
C VAL A 1757 4.48 -32.85 -22.78
N ARG A 1758 3.18 -32.61 -22.62
CA ARG A 1758 2.32 -33.56 -21.90
C ARG A 1758 1.94 -34.79 -22.71
N CYS A 1759 2.07 -34.75 -24.03
CA CYS A 1759 1.77 -35.94 -24.82
C CYS A 1759 2.95 -36.87 -24.79
N LEU A 1760 3.90 -36.59 -23.92
CA LEU A 1760 5.10 -37.40 -23.86
C LEU A 1760 4.84 -38.69 -23.10
N ALA A 1761 5.07 -39.82 -23.79
CA ALA A 1761 5.02 -41.14 -23.19
C ALA A 1761 6.24 -41.30 -22.32
N GLN A 1762 6.29 -42.34 -21.50
CA GLN A 1762 7.49 -42.50 -20.72
C GLN A 1762 8.69 -42.85 -21.61
N HIS A 1763 9.85 -42.33 -21.22
CA HIS A 1763 11.10 -42.56 -21.93
C HIS A 1763 11.17 -41.79 -23.22
N GLY A 1764 10.04 -41.22 -23.61
CA GLY A 1764 9.94 -40.46 -24.84
C GLY A 1764 10.80 -39.21 -24.96
N ARG A 1765 10.81 -38.69 -26.18
CA ARG A 1765 11.71 -37.62 -26.54
C ARG A 1765 10.98 -36.41 -27.14
N PHE A 1766 11.40 -35.25 -26.66
CA PHE A 1766 10.85 -34.00 -27.15
C PHE A 1766 11.82 -33.38 -28.12
N LEU A 1767 11.41 -33.34 -29.39
CA LEU A 1767 12.21 -32.72 -30.42
C LEU A 1767 11.77 -31.28 -30.56
N GLU A 1768 12.61 -30.34 -30.12
CA GLU A 1768 12.27 -28.91 -30.17
C GLU A 1768 12.92 -28.16 -31.34
N ILE A 1769 12.13 -27.91 -32.37
CA ILE A 1769 12.56 -27.15 -33.52
C ILE A 1769 12.32 -25.68 -33.27
N GLY A 1770 11.04 -25.32 -33.24
CA GLY A 1770 10.63 -23.93 -33.05
C GLY A 1770 11.45 -23.17 -32.03
N LYS A 1771 11.56 -21.86 -32.23
CA LYS A 1771 12.49 -21.06 -31.44
C LYS A 1771 11.83 -19.96 -30.63
N PHE A 1772 10.53 -19.75 -30.80
CA PHE A 1772 9.93 -18.65 -30.05
C PHE A 1772 10.06 -18.84 -28.54
N ASP A 1773 9.56 -19.95 -28.02
CA ASP A 1773 9.57 -20.16 -26.57
C ASP A 1773 10.97 -20.22 -25.99
N LEU A 1774 11.91 -20.76 -26.77
CA LEU A 1774 13.28 -20.88 -26.34
C LEU A 1774 13.88 -19.50 -26.18
N SER A 1775 13.63 -18.70 -27.20
CA SER A 1775 14.19 -17.37 -27.35
C SER A 1775 13.79 -16.47 -26.19
N ASN A 1776 12.62 -16.71 -25.63
CA ASN A 1776 12.15 -15.92 -24.49
C ASN A 1776 12.42 -16.54 -23.12
N ASN A 1777 13.33 -17.50 -23.07
CA ASN A 1777 13.65 -18.19 -21.84
C ASN A 1777 12.40 -18.48 -21.02
N HIS A 1778 11.40 -19.09 -21.66
CA HIS A 1778 10.19 -19.51 -20.97
C HIS A 1778 10.60 -20.59 -19.97
N ALA A 1779 9.68 -21.04 -19.12
CA ALA A 1779 10.01 -22.06 -18.14
C ALA A 1779 9.55 -23.44 -18.57
N LEU A 1780 10.29 -24.45 -18.17
CA LEU A 1780 9.87 -25.82 -18.44
C LEU A 1780 9.65 -26.56 -17.13
N GLY A 1781 8.52 -27.25 -17.04
CA GLY A 1781 8.16 -27.96 -15.83
C GLY A 1781 9.09 -29.13 -15.59
N MET A 1782 10.06 -28.93 -14.69
CA MET A 1782 11.17 -29.87 -14.52
C MET A 1782 10.78 -31.29 -14.05
N ALA A 1783 9.51 -31.52 -13.80
CA ALA A 1783 9.12 -32.82 -13.31
C ALA A 1783 8.62 -33.69 -14.46
N VAL A 1784 8.66 -33.18 -15.67
CA VAL A 1784 8.37 -34.04 -16.80
C VAL A 1784 9.52 -35.02 -16.89
N PHE A 1785 10.59 -34.71 -16.15
CA PHE A 1785 11.81 -35.50 -16.26
C PHE A 1785 11.79 -36.82 -15.45
N LEU A 1786 10.76 -36.99 -14.64
CA LEU A 1786 10.59 -38.24 -13.96
C LEU A 1786 10.03 -39.32 -14.89
N LYS A 1787 9.43 -38.90 -16.00
CA LYS A 1787 8.98 -39.90 -16.94
C LYS A 1787 10.19 -40.51 -17.69
N ASN A 1788 11.38 -40.21 -17.20
CA ASN A 1788 12.62 -40.61 -17.89
C ASN A 1788 12.54 -40.09 -19.31
N VAL A 1789 12.08 -38.86 -19.42
CA VAL A 1789 12.00 -38.20 -20.70
C VAL A 1789 13.31 -37.49 -20.98
N THR A 1790 13.57 -37.26 -22.26
CA THR A 1790 14.72 -36.47 -22.62
C THR A 1790 14.25 -35.36 -23.58
N PHE A 1791 14.74 -34.14 -23.33
CA PHE A 1791 14.31 -32.92 -24.03
C PHE A 1791 15.38 -32.31 -24.94
N HIS A 1792 15.06 -32.22 -26.23
CA HIS A 1792 16.03 -31.91 -27.29
C HIS A 1792 15.85 -30.53 -27.92
N GLY A 1793 16.83 -29.64 -27.71
CA GLY A 1793 16.89 -28.39 -28.43
C GLY A 1793 17.55 -28.57 -29.79
N ILE A 1794 16.83 -28.24 -30.86
CA ILE A 1794 17.31 -28.64 -32.18
C ILE A 1794 17.35 -27.49 -33.19
N LEU A 1795 18.55 -26.95 -33.38
CA LEU A 1795 18.80 -25.91 -34.37
C LEU A 1795 19.74 -26.43 -35.45
N LEU A 1796 19.21 -26.72 -36.64
CA LEU A 1796 20.04 -27.24 -37.72
C LEU A 1796 21.09 -26.23 -38.18
N ASP A 1797 20.77 -24.95 -38.02
CA ASP A 1797 21.72 -23.86 -38.19
C ASP A 1797 23.04 -24.17 -37.52
N SER A 1798 22.99 -24.57 -36.26
CA SER A 1798 24.19 -24.85 -35.51
C SER A 1798 25.14 -25.83 -36.17
N LEU A 1799 24.61 -26.69 -37.05
CA LEU A 1799 25.44 -27.63 -37.80
C LEU A 1799 25.81 -27.03 -39.15
N PHE A 1800 25.41 -27.69 -40.22
CA PHE A 1800 25.19 -26.98 -41.48
C PHE A 1800 26.42 -26.28 -42.11
N GLU A 1801 26.65 -25.01 -41.73
CA GLU A 1801 27.86 -24.31 -42.17
C GLU A 1801 29.09 -25.08 -41.63
N GLU A 1802 29.47 -24.78 -40.38
CA GLU A 1802 30.41 -25.60 -39.60
C GLU A 1802 30.06 -27.07 -39.84
N GLY A 1803 30.59 -27.63 -40.91
CA GLY A 1803 30.15 -28.89 -41.45
C GLY A 1803 30.75 -30.13 -40.82
N GLY A 1804 30.44 -30.37 -39.55
CA GLY A 1804 31.03 -31.46 -38.80
C GLY A 1804 30.60 -32.87 -39.20
N ALA A 1805 31.07 -33.83 -38.40
CA ALA A 1805 30.73 -35.25 -38.58
C ALA A 1805 29.25 -35.45 -38.40
N THR A 1806 28.68 -34.86 -37.35
CA THR A 1806 27.27 -35.00 -37.08
C THR A 1806 26.47 -34.63 -38.31
N TRP A 1807 26.86 -33.55 -38.98
CA TRP A 1807 26.12 -33.08 -40.16
C TRP A 1807 26.27 -34.00 -41.33
N GLN A 1808 27.48 -34.52 -41.52
CA GLN A 1808 27.72 -35.44 -42.61
C GLN A 1808 26.76 -36.63 -42.48
N GLU A 1809 26.47 -37.00 -41.24
CA GLU A 1809 25.50 -38.05 -40.99
C GLU A 1809 24.14 -37.63 -41.49
N VAL A 1810 23.78 -36.38 -41.22
CA VAL A 1810 22.48 -35.86 -41.65
C VAL A 1810 22.42 -35.85 -43.15
N SER A 1811 23.51 -35.48 -43.78
CA SER A 1811 23.49 -35.39 -45.23
C SER A 1811 23.26 -36.75 -45.83
N GLU A 1812 23.90 -37.77 -45.28
CA GLU A 1812 23.81 -39.12 -45.85
C GLU A 1812 22.50 -39.82 -45.54
N LEU A 1813 21.68 -39.23 -44.68
CA LEU A 1813 20.31 -39.72 -44.53
C LEU A 1813 19.47 -39.14 -45.66
N LEU A 1814 19.85 -37.98 -46.17
CA LEU A 1814 19.18 -37.42 -47.30
C LEU A 1814 19.56 -38.20 -48.54
N LYS A 1815 20.86 -38.41 -48.72
CA LYS A 1815 21.37 -39.10 -49.88
C LYS A 1815 20.69 -40.47 -49.98
N ALA A 1816 20.70 -41.19 -48.88
CA ALA A 1816 20.05 -42.50 -48.85
C ALA A 1816 18.54 -42.37 -49.05
N GLY A 1817 17.88 -41.66 -48.13
CA GLY A 1817 16.46 -41.41 -48.22
C GLY A 1817 16.02 -41.08 -49.64
N ILE A 1818 16.84 -40.32 -50.37
CA ILE A 1818 16.44 -39.95 -51.72
C ILE A 1818 16.41 -41.18 -52.60
N GLN A 1819 17.45 -42.00 -52.53
CA GLN A 1819 17.55 -43.22 -53.33
C GLN A 1819 16.64 -44.35 -52.88
N GLU A 1820 15.78 -44.09 -51.91
CA GLU A 1820 14.84 -45.09 -51.46
C GLU A 1820 13.41 -44.55 -51.54
N GLY A 1821 13.23 -43.47 -52.28
CA GLY A 1821 11.91 -42.87 -52.45
C GLY A 1821 11.35 -42.21 -51.20
N VAL A 1822 11.92 -42.53 -50.04
CA VAL A 1822 11.47 -41.94 -48.80
C VAL A 1822 11.25 -40.43 -48.99
N VAL A 1823 12.25 -39.72 -49.51
CA VAL A 1823 12.14 -38.26 -49.68
C VAL A 1823 11.60 -37.82 -51.04
N GLN A 1824 10.60 -36.95 -51.00
CA GLN A 1824 9.90 -36.52 -52.22
C GLN A 1824 9.62 -35.01 -52.20
N PRO A 1825 9.64 -34.38 -53.38
CA PRO A 1825 9.32 -32.97 -53.59
C PRO A 1825 8.00 -32.55 -52.93
N LEU A 1826 7.94 -31.37 -52.31
CA LEU A 1826 6.68 -30.87 -51.78
C LEU A 1826 5.98 -29.94 -52.79
N LYS A 1827 4.67 -29.82 -52.65
CA LYS A 1827 3.90 -28.92 -53.49
C LYS A 1827 4.56 -27.55 -53.46
N CYS A 1828 4.61 -26.88 -54.60
CA CYS A 1828 5.23 -25.56 -54.64
C CYS A 1828 4.24 -24.48 -55.06
N THR A 1829 4.29 -23.36 -54.36
CA THR A 1829 3.60 -22.14 -54.77
C THR A 1829 4.66 -21.17 -55.31
N VAL A 1830 4.69 -21.00 -56.64
CA VAL A 1830 5.83 -20.40 -57.32
C VAL A 1830 5.65 -18.94 -57.77
N PHE A 1831 6.39 -18.05 -57.13
CA PHE A 1831 6.39 -16.61 -57.45
C PHE A 1831 7.51 -16.24 -58.43
N PRO A 1832 7.21 -15.36 -59.40
CA PRO A 1832 8.22 -14.84 -60.33
C PRO A 1832 9.23 -14.00 -59.58
N ARG A 1833 10.42 -13.83 -60.15
CA ARG A 1833 11.50 -13.12 -59.48
C ARG A 1833 11.13 -11.66 -59.17
N THR A 1834 9.95 -11.25 -59.62
CA THR A 1834 9.44 -9.90 -59.43
C THR A 1834 8.66 -9.72 -58.13
N LYS A 1835 7.56 -10.47 -58.02
CA LYS A 1835 6.64 -10.39 -56.87
C LYS A 1835 7.23 -10.94 -55.57
N VAL A 1836 8.54 -10.77 -55.40
CA VAL A 1836 9.26 -11.31 -54.25
C VAL A 1836 8.64 -10.88 -52.90
N GLU A 1837 8.32 -9.60 -52.80
CA GLU A 1837 7.65 -9.07 -51.62
C GLU A 1837 6.50 -9.99 -51.30
N ALA A 1838 5.56 -10.08 -52.23
CA ALA A 1838 4.37 -10.89 -52.08
C ALA A 1838 4.66 -12.30 -51.59
N ALA A 1839 5.74 -12.89 -52.12
CA ALA A 1839 6.12 -14.25 -51.76
C ALA A 1839 6.28 -14.36 -50.27
N PHE A 1840 6.77 -13.28 -49.66
CA PHE A 1840 6.93 -13.24 -48.22
C PHE A 1840 5.59 -13.20 -47.49
N ARG A 1841 4.78 -12.18 -47.80
CA ARG A 1841 3.48 -12.01 -47.15
C ARG A 1841 2.66 -13.28 -47.25
N TYR A 1842 2.79 -13.96 -48.39
CA TYR A 1842 2.12 -15.25 -48.57
C TYR A 1842 2.57 -16.31 -47.52
N MET A 1843 3.88 -16.56 -47.44
CA MET A 1843 4.40 -17.50 -46.44
C MET A 1843 4.16 -16.98 -45.02
N ALA A 1844 3.85 -15.68 -44.93
CA ALA A 1844 3.58 -15.05 -43.65
C ALA A 1844 2.33 -15.64 -43.02
N GLN A 1845 1.35 -15.95 -43.87
CA GLN A 1845 -0.01 -16.24 -43.41
C GLN A 1845 -0.40 -17.71 -43.25
N GLY A 1846 0.58 -18.62 -43.23
CA GLY A 1846 0.29 -20.03 -43.05
C GLY A 1846 -0.75 -20.59 -44.00
N LYS A 1847 -1.06 -19.84 -45.06
CA LYS A 1847 -2.05 -20.25 -46.05
C LYS A 1847 -1.39 -20.99 -47.22
N HIS A 1848 -0.62 -22.02 -46.91
CA HIS A 1848 0.04 -22.80 -47.96
C HIS A 1848 0.26 -24.24 -47.55
N ILE A 1849 0.62 -25.06 -48.53
CA ILE A 1849 0.83 -26.49 -48.29
C ILE A 1849 2.10 -26.90 -48.99
N GLY A 1850 3.21 -26.97 -48.26
CA GLY A 1850 4.50 -27.25 -48.87
C GLY A 1850 5.35 -26.00 -48.98
N LYS A 1851 6.27 -25.91 -49.97
CA LYS A 1851 7.22 -24.77 -50.00
C LYS A 1851 6.77 -23.58 -50.87
N VAL A 1852 7.09 -22.36 -50.44
CA VAL A 1852 6.89 -21.17 -51.29
C VAL A 1852 8.20 -20.85 -51.99
N VAL A 1853 8.16 -20.83 -53.31
CA VAL A 1853 9.37 -20.83 -54.09
C VAL A 1853 9.48 -19.70 -55.11
N ILE A 1854 10.69 -19.17 -55.25
CA ILE A 1854 10.95 -18.05 -56.15
C ILE A 1854 11.80 -18.44 -57.36
N GLN A 1855 11.22 -18.27 -58.56
CA GLN A 1855 11.84 -18.68 -59.83
C GLN A 1855 12.66 -17.58 -60.46
N VAL A 1856 13.91 -17.91 -60.71
CA VAL A 1856 14.87 -16.93 -61.14
C VAL A 1856 15.28 -17.21 -62.56
N ARG A 1857 15.03 -18.43 -63.01
CA ARG A 1857 15.40 -18.84 -64.35
C ARG A 1857 14.48 -19.92 -64.91
N GLU A 1858 13.65 -19.56 -65.89
CA GLU A 1858 12.88 -20.57 -66.60
C GLU A 1858 13.88 -21.69 -66.86
N GLU A 1859 13.58 -22.91 -66.44
CA GLU A 1859 14.56 -23.99 -66.60
C GLU A 1859 14.75 -24.43 -68.05
N GLU A 1860 15.88 -25.07 -68.29
CA GLU A 1860 16.27 -25.47 -69.64
C GLU A 1860 15.52 -26.74 -70.05
N GLN A 1861 14.93 -26.73 -71.25
CA GLN A 1861 13.92 -27.72 -71.63
C GLN A 1861 14.37 -29.12 -72.10
N GLY A 1862 13.41 -29.82 -72.71
CA GLY A 1862 13.53 -31.21 -73.18
C GLY A 1862 14.89 -31.77 -73.55
N PRO A 1863 15.12 -32.05 -74.85
CA PRO A 1863 16.44 -32.53 -75.29
C PRO A 1863 17.58 -31.92 -74.46
N ALA A 1864 18.51 -32.77 -73.99
CA ALA A 1864 19.58 -32.37 -73.05
C ALA A 1864 20.23 -31.01 -73.34
N PRO A 1865 19.92 -30.00 -72.50
CA PRO A 1865 20.43 -28.65 -72.74
C PRO A 1865 21.62 -28.24 -71.86
N ARG A 1866 22.82 -28.32 -72.41
CA ARG A 1866 23.97 -27.66 -71.80
C ARG A 1866 23.77 -26.17 -72.07
N GLY A 1867 23.66 -25.37 -71.03
CA GLY A 1867 23.37 -23.96 -71.22
C GLY A 1867 24.49 -22.96 -70.91
N LEU A 1868 24.25 -21.71 -71.31
CA LEU A 1868 25.06 -20.55 -70.90
C LEU A 1868 24.13 -19.36 -70.64
N PRO A 1869 23.85 -19.07 -69.35
CA PRO A 1869 22.81 -18.09 -69.00
C PRO A 1869 23.08 -16.61 -69.36
N PRO A 1870 22.03 -15.88 -69.78
CA PRO A 1870 22.08 -14.46 -70.17
C PRO A 1870 21.32 -13.51 -69.23
N ILE A 1871 21.52 -13.57 -67.92
CA ILE A 1871 20.69 -12.78 -67.00
C ILE A 1871 21.04 -11.30 -66.83
N ALA A 1872 20.11 -10.46 -67.22
CA ALA A 1872 20.16 -9.04 -66.93
C ALA A 1872 19.24 -8.77 -65.72
N LEU A 1873 19.78 -8.13 -64.69
CA LEU A 1873 18.96 -7.83 -63.51
C LEU A 1873 19.10 -6.40 -62.97
N THR A 1874 17.97 -5.84 -62.53
CA THR A 1874 17.91 -4.53 -61.90
C THR A 1874 18.38 -4.65 -60.47
N GLY A 1875 19.67 -4.42 -60.27
CA GLY A 1875 20.27 -4.61 -58.96
C GLY A 1875 20.78 -3.30 -58.38
N LEU A 1876 20.35 -3.01 -57.16
CA LEU A 1876 20.74 -1.77 -56.48
C LEU A 1876 22.22 -1.83 -56.07
N SER A 1877 22.89 -0.68 -56.18
CA SER A 1877 24.34 -0.62 -55.99
C SER A 1877 24.70 -0.46 -54.50
N LYS A 1878 25.62 -1.31 -54.04
CA LYS A 1878 26.18 -1.27 -52.70
C LYS A 1878 27.68 -1.46 -52.91
N THR A 1879 28.52 -0.60 -52.36
CA THR A 1879 29.95 -0.71 -52.65
C THR A 1879 30.54 -1.92 -51.93
N PHE A 1880 31.27 -2.72 -52.69
CA PHE A 1880 31.92 -3.92 -52.18
C PHE A 1880 33.36 -4.00 -52.64
N CYS A 1881 34.20 -4.53 -51.76
CA CYS A 1881 35.62 -4.57 -52.00
C CYS A 1881 36.07 -5.99 -52.38
N PRO A 1882 36.63 -6.14 -53.59
CA PRO A 1882 37.25 -7.41 -53.95
C PRO A 1882 38.34 -7.68 -52.93
N PRO A 1883 38.45 -8.92 -52.49
CA PRO A 1883 39.35 -9.15 -51.35
C PRO A 1883 40.80 -9.29 -51.76
N HIS A 1884 41.15 -9.00 -53.01
CA HIS A 1884 42.55 -9.01 -53.42
C HIS A 1884 43.12 -7.59 -53.56
N LYS A 1885 42.22 -6.62 -53.69
CA LYS A 1885 42.61 -5.22 -53.83
C LYS A 1885 42.95 -4.58 -52.47
N SER A 1886 43.87 -3.62 -52.50
CA SER A 1886 44.25 -2.84 -51.32
C SER A 1886 43.73 -1.40 -51.42
N TYR A 1887 43.36 -0.85 -50.28
CA TYR A 1887 42.76 0.47 -50.23
C TYR A 1887 43.59 1.37 -49.34
N VAL A 1888 43.81 2.61 -49.79
CA VAL A 1888 44.70 3.54 -49.09
C VAL A 1888 43.98 4.80 -48.57
N ILE A 1889 44.06 5.04 -47.26
CA ILE A 1889 43.44 6.22 -46.67
C ILE A 1889 44.45 7.11 -45.90
N THR A 1890 44.87 8.23 -46.50
CA THR A 1890 45.74 9.19 -45.82
C THR A 1890 44.95 9.85 -44.70
N GLY A 1891 45.64 10.23 -43.64
CA GLY A 1891 44.95 10.73 -42.46
C GLY A 1891 44.05 9.60 -41.97
N GLY A 1892 44.62 8.40 -41.97
CA GLY A 1892 43.87 7.18 -41.76
C GLY A 1892 43.58 6.84 -40.31
N LEU A 1893 44.35 7.42 -39.39
CA LEU A 1893 44.08 7.17 -37.97
C LEU A 1893 43.24 8.29 -37.41
N GLY A 1894 42.81 9.19 -38.29
CA GLY A 1894 41.97 10.30 -37.89
C GLY A 1894 40.57 9.85 -37.57
N GLY A 1895 39.92 10.54 -36.63
CA GLY A 1895 38.58 10.19 -36.21
C GLY A 1895 37.75 9.64 -37.36
N PHE A 1896 37.61 10.42 -38.43
CA PHE A 1896 36.77 10.03 -39.54
C PHE A 1896 37.44 8.99 -40.43
N GLY A 1897 38.75 9.08 -40.58
CA GLY A 1897 39.49 8.06 -41.32
C GLY A 1897 39.27 6.65 -40.77
N LEU A 1898 39.50 6.49 -39.47
CA LEU A 1898 39.35 5.21 -38.81
C LEU A 1898 38.01 4.61 -39.12
N GLN A 1899 37.01 5.46 -39.34
CA GLN A 1899 35.65 4.98 -39.58
C GLN A 1899 35.47 4.52 -41.00
N LEU A 1900 36.11 5.23 -41.93
CA LEU A 1900 36.10 4.82 -43.32
C LEU A 1900 36.88 3.55 -43.44
N ALA A 1901 37.86 3.39 -42.57
CA ALA A 1901 38.64 2.17 -42.48
C ALA A 1901 37.72 1.04 -42.08
N GLN A 1902 37.08 1.16 -40.93
CA GLN A 1902 36.12 0.16 -40.49
C GLN A 1902 35.14 -0.12 -41.61
N TRP A 1903 34.48 0.92 -42.10
CA TRP A 1903 33.45 0.76 -43.10
C TRP A 1903 33.97 0.06 -44.34
N LEU A 1904 35.19 0.37 -44.75
CA LEU A 1904 35.78 -0.34 -45.89
C LEU A 1904 35.90 -1.81 -45.61
N ARG A 1905 36.40 -2.15 -44.43
CA ARG A 1905 36.56 -3.55 -44.09
C ARG A 1905 35.25 -4.30 -44.21
N LEU A 1906 34.21 -3.77 -43.58
CA LEU A 1906 32.89 -4.39 -43.61
C LEU A 1906 32.43 -4.69 -45.02
N ARG A 1907 32.60 -3.73 -45.93
CA ARG A 1907 32.26 -3.96 -47.31
C ARG A 1907 33.27 -4.88 -48.00
N GLY A 1908 34.21 -5.41 -47.21
CA GLY A 1908 34.98 -6.56 -47.61
C GLY A 1908 36.47 -6.38 -47.80
N ALA A 1909 36.97 -5.19 -47.48
CA ALA A 1909 38.38 -4.88 -47.72
C ALA A 1909 39.31 -5.72 -46.84
N GLN A 1910 40.33 -6.31 -47.47
CA GLN A 1910 41.26 -7.16 -46.74
C GLN A 1910 42.60 -6.46 -46.57
N LYS A 1911 42.81 -5.43 -47.37
CA LYS A 1911 44.11 -4.78 -47.40
C LYS A 1911 43.99 -3.25 -47.28
N LEU A 1912 44.45 -2.75 -46.14
CA LEU A 1912 44.39 -1.34 -45.82
C LEU A 1912 45.78 -0.72 -45.60
N VAL A 1913 46.01 0.45 -46.20
CA VAL A 1913 47.16 1.29 -45.89
C VAL A 1913 46.70 2.61 -45.28
N LEU A 1914 46.83 2.74 -43.96
CA LEU A 1914 46.43 3.96 -43.29
C LEU A 1914 47.64 4.83 -43.02
N THR A 1915 47.54 6.11 -43.38
CA THR A 1915 48.62 7.09 -43.24
C THR A 1915 48.46 8.08 -42.08
N SER A 1916 49.51 8.23 -41.28
CA SER A 1916 49.55 9.23 -40.22
C SER A 1916 50.97 9.76 -40.09
N ARG A 1917 51.12 10.92 -39.46
CA ARG A 1917 52.43 11.54 -39.34
C ARG A 1917 53.35 10.85 -38.32
N SER A 1918 52.85 10.60 -37.12
CA SER A 1918 53.67 10.00 -36.08
C SER A 1918 53.52 8.49 -35.98
N GLY A 1919 52.58 7.94 -36.75
CA GLY A 1919 52.17 6.57 -36.55
C GLY A 1919 51.07 6.51 -35.50
N ILE A 1920 50.92 5.35 -34.89
CA ILE A 1920 49.85 5.14 -33.93
C ILE A 1920 50.18 5.75 -32.58
N ARG A 1921 49.41 6.72 -32.13
CA ARG A 1921 49.67 7.30 -30.83
C ARG A 1921 48.58 7.07 -29.76
N THR A 1922 47.31 6.96 -30.17
CA THR A 1922 46.19 6.80 -29.23
C THR A 1922 45.96 5.35 -28.83
N GLY A 1923 45.35 5.13 -27.68
CA GLY A 1923 44.85 3.81 -27.37
C GLY A 1923 43.75 3.40 -28.34
N TYR A 1924 42.80 4.29 -28.61
CA TYR A 1924 41.66 3.97 -29.46
C TYR A 1924 42.10 3.72 -30.88
N GLN A 1925 43.31 4.11 -31.22
CA GLN A 1925 43.82 3.82 -32.54
C GLN A 1925 44.45 2.44 -32.51
N ALA A 1926 45.26 2.21 -31.50
CA ALA A 1926 45.85 0.91 -31.27
C ALA A 1926 44.74 -0.12 -31.36
N ARG A 1927 43.65 0.14 -30.64
CA ARG A 1927 42.57 -0.82 -30.54
C ARG A 1927 42.00 -1.21 -31.88
N GLN A 1928 41.61 -0.24 -32.68
CA GLN A 1928 41.00 -0.56 -33.97
C GLN A 1928 41.94 -1.39 -34.81
N VAL A 1929 43.13 -0.86 -35.05
CA VAL A 1929 44.12 -1.56 -35.88
C VAL A 1929 44.45 -2.94 -35.33
N ARG A 1930 44.64 -2.99 -34.01
CA ARG A 1930 45.01 -4.23 -33.33
C ARG A 1930 43.97 -5.29 -33.61
N GLU A 1931 42.71 -4.90 -33.47
CA GLU A 1931 41.62 -5.79 -33.78
C GLU A 1931 41.63 -6.18 -35.24
N TRP A 1932 41.43 -5.23 -36.15
CA TRP A 1932 41.41 -5.58 -37.57
C TRP A 1932 42.46 -6.60 -38.00
N ARG A 1933 43.57 -6.64 -37.28
CA ARG A 1933 44.58 -7.62 -37.58
C ARG A 1933 44.15 -8.98 -37.03
N ARG A 1934 43.62 -9.03 -35.81
CA ARG A 1934 43.01 -10.27 -35.27
C ARG A 1934 41.84 -10.79 -36.11
N GLN A 1935 41.06 -9.89 -36.72
CA GLN A 1935 39.99 -10.29 -37.63
C GLN A 1935 40.59 -10.72 -38.95
N GLY A 1936 41.89 -10.54 -39.08
CA GLY A 1936 42.58 -11.02 -40.25
C GLY A 1936 42.65 -10.03 -41.40
N VAL A 1937 42.29 -8.79 -41.13
CA VAL A 1937 42.55 -7.74 -42.11
C VAL A 1937 44.02 -7.35 -42.14
N GLN A 1938 44.53 -7.11 -43.33
CA GLN A 1938 45.94 -6.83 -43.47
C GLN A 1938 46.10 -5.32 -43.38
N VAL A 1939 46.72 -4.85 -42.31
CA VAL A 1939 46.79 -3.42 -42.10
C VAL A 1939 48.19 -2.89 -41.90
N LEU A 1940 48.56 -1.93 -42.74
CA LEU A 1940 49.88 -1.37 -42.73
C LEU A 1940 49.78 0.09 -42.32
N VAL A 1941 50.28 0.42 -41.13
CA VAL A 1941 50.31 1.80 -40.71
C VAL A 1941 51.53 2.43 -41.32
N SER A 1942 51.33 3.51 -42.05
CA SER A 1942 52.43 4.16 -42.74
C SER A 1942 52.73 5.58 -42.27
N THR A 1943 54.00 5.96 -42.32
CA THR A 1943 54.42 7.29 -41.92
C THR A 1943 54.71 8.10 -43.16
N SER A 1944 54.24 7.61 -44.31
CA SER A 1944 54.54 8.23 -45.59
C SER A 1944 53.57 9.36 -45.97
N ASN A 1945 54.13 10.46 -46.49
CA ASN A 1945 53.37 11.65 -46.87
C ASN A 1945 53.26 11.73 -48.39
N ALA A 1946 52.13 12.24 -48.90
CA ALA A 1946 51.86 12.19 -50.33
C ALA A 1946 52.10 13.48 -51.10
N SER A 1947 52.51 14.54 -50.42
CA SER A 1947 52.74 15.82 -51.09
C SER A 1947 54.08 15.89 -51.79
N SER A 1948 54.87 14.84 -51.63
CA SER A 1948 56.14 14.69 -52.32
C SER A 1948 56.00 13.49 -53.26
N LEU A 1949 56.21 13.69 -54.56
CA LEU A 1949 56.05 12.60 -55.51
C LEU A 1949 56.78 11.35 -55.04
N ASP A 1950 57.96 11.56 -54.46
CA ASP A 1950 58.80 10.47 -53.98
C ASP A 1950 58.16 9.77 -52.79
N GLY A 1951 57.46 10.53 -51.96
CA GLY A 1951 56.69 9.97 -50.88
C GLY A 1951 55.41 9.32 -51.39
N ALA A 1952 54.72 9.99 -52.29
CA ALA A 1952 53.52 9.43 -52.90
C ALA A 1952 53.81 8.09 -53.59
N ARG A 1953 54.82 8.06 -54.44
CA ARG A 1953 55.24 6.79 -55.05
C ARG A 1953 55.59 5.74 -53.98
N SER A 1954 56.22 6.18 -52.90
CA SER A 1954 56.56 5.30 -51.78
C SER A 1954 55.30 4.66 -51.20
N LEU A 1955 54.23 5.46 -51.12
CA LEU A 1955 52.98 5.05 -50.50
C LEU A 1955 52.23 4.07 -51.40
N ILE A 1956 51.89 4.55 -52.60
CA ILE A 1956 51.18 3.73 -53.59
C ILE A 1956 51.92 2.42 -53.83
N THR A 1957 53.23 2.45 -53.61
CA THR A 1957 54.06 1.25 -53.75
C THR A 1957 53.86 0.38 -52.52
N GLU A 1958 53.96 1.01 -51.34
CA GLU A 1958 53.68 0.35 -50.09
C GLU A 1958 52.41 -0.47 -50.20
N ALA A 1959 51.36 0.16 -50.72
CA ALA A 1959 50.07 -0.51 -50.86
C ALA A 1959 50.12 -1.65 -51.87
N THR A 1960 50.82 -1.42 -52.97
CA THR A 1960 50.88 -2.39 -54.06
C THR A 1960 51.44 -3.75 -53.65
N GLN A 1961 52.19 -3.76 -52.55
CA GLN A 1961 52.74 -5.00 -51.98
C GLN A 1961 51.63 -5.83 -51.41
N LEU A 1962 50.68 -5.18 -50.77
CA LEU A 1962 49.54 -5.89 -50.23
C LEU A 1962 48.63 -6.44 -51.33
N GLY A 1963 48.73 -5.84 -52.52
CA GLY A 1963 47.88 -6.21 -53.65
C GLY A 1963 47.46 -4.98 -54.43
N PRO A 1964 47.06 -5.19 -55.69
CA PRO A 1964 46.70 -4.11 -56.61
C PRO A 1964 45.84 -3.04 -55.95
N VAL A 1965 46.19 -1.79 -56.17
CA VAL A 1965 45.54 -0.69 -55.50
C VAL A 1965 44.20 -0.36 -56.14
N GLY A 1966 43.12 -0.55 -55.39
CA GLY A 1966 41.79 -0.27 -55.88
C GLY A 1966 41.08 0.90 -55.21
N GLY A 1967 41.77 1.60 -54.32
CA GLY A 1967 41.12 2.68 -53.61
C GLY A 1967 42.06 3.67 -52.95
N VAL A 1968 41.84 4.93 -53.26
CA VAL A 1968 42.65 5.99 -52.68
C VAL A 1968 41.77 7.10 -52.15
N PHE A 1969 41.76 7.26 -50.84
CA PHE A 1969 40.92 8.22 -50.18
C PHE A 1969 41.76 9.26 -49.48
N ASN A 1970 41.73 10.50 -49.95
CA ASN A 1970 42.53 11.53 -49.31
C ASN A 1970 41.81 12.28 -48.20
N LEU A 1971 42.20 11.98 -46.96
CA LEU A 1971 41.58 12.57 -45.76
C LEU A 1971 42.53 13.43 -44.93
N ALA A 1972 43.82 13.38 -45.25
CA ALA A 1972 44.81 14.18 -44.52
C ALA A 1972 44.47 15.67 -44.61
N MET A 1973 44.61 16.36 -43.48
CA MET A 1973 44.34 17.79 -43.39
C MET A 1973 45.09 18.43 -42.22
N VAL A 1974 45.60 19.65 -42.42
CA VAL A 1974 46.32 20.38 -41.36
C VAL A 1974 45.79 21.80 -41.10
N VAL A 1991 48.66 24.29 -45.35
CA VAL A 1991 47.31 23.77 -45.53
C VAL A 1991 47.15 23.07 -46.88
N SER A 1992 47.69 23.71 -47.93
CA SER A 1992 47.53 23.21 -49.30
C SER A 1992 48.67 22.28 -49.72
N LYS A 1993 49.22 21.56 -48.75
CA LYS A 1993 50.14 20.45 -49.05
C LYS A 1993 49.47 19.08 -48.85
N PRO A 1994 48.71 18.93 -47.75
CA PRO A 1994 47.99 17.67 -47.57
C PRO A 1994 46.92 17.51 -48.64
N LYS A 1995 46.20 18.59 -48.88
CA LYS A 1995 45.01 18.57 -49.74
C LYS A 1995 45.33 18.73 -51.24
N TYR A 1996 45.82 19.90 -51.65
CA TYR A 1996 46.10 20.16 -53.07
C TYR A 1996 47.28 19.34 -53.59
N SER A 1997 48.47 19.57 -53.05
CA SER A 1997 49.68 18.94 -53.56
C SER A 1997 49.63 17.41 -53.46
N GLY A 1998 49.03 16.89 -52.39
CA GLY A 1998 48.87 15.46 -52.24
C GLY A 1998 47.94 14.91 -53.31
N THR A 1999 46.72 15.44 -53.35
CA THR A 1999 45.74 15.08 -54.37
C THR A 1999 46.39 15.04 -55.75
N ALA A 2000 47.13 16.09 -56.09
CA ALA A 2000 47.80 16.19 -57.37
C ALA A 2000 48.72 14.99 -57.61
N ASN A 2001 49.70 14.81 -56.73
CA ASN A 2001 50.67 13.74 -56.87
C ASN A 2001 49.98 12.40 -57.06
N LEU A 2002 49.16 12.05 -56.08
CA LEU A 2002 48.37 10.81 -56.15
C LEU A 2002 47.65 10.63 -57.48
N ASP A 2003 47.10 11.72 -58.02
CA ASP A 2003 46.50 11.64 -59.34
C ASP A 2003 47.52 11.06 -60.29
N ARG A 2004 48.73 11.60 -60.26
CA ARG A 2004 49.77 11.18 -61.17
C ARG A 2004 50.19 9.74 -60.90
N VAL A 2005 50.80 9.51 -59.75
CA VAL A 2005 51.23 8.16 -59.40
C VAL A 2005 50.13 7.15 -59.73
N THR A 2006 48.89 7.47 -59.36
CA THR A 2006 47.75 6.59 -59.63
C THR A 2006 47.54 6.30 -61.10
N ARG A 2007 47.74 7.33 -61.92
CA ARG A 2007 47.63 7.13 -63.34
C ARG A 2007 48.78 6.22 -63.77
N GLU A 2008 50.00 6.67 -63.51
CA GLU A 2008 51.19 5.92 -63.93
C GLU A 2008 51.10 4.41 -63.67
N ALA A 2009 50.82 4.03 -62.43
CA ALA A 2009 50.88 2.61 -62.07
C ALA A 2009 49.78 2.06 -61.15
N CYS A 2010 48.53 2.41 -61.43
CA CYS A 2010 47.37 1.82 -60.72
C CYS A 2010 46.27 1.43 -61.69
N PRO A 2011 46.50 0.36 -62.47
CA PRO A 2011 45.55 -0.02 -63.54
C PRO A 2011 44.27 -0.63 -62.98
N GLU A 2012 44.25 -0.94 -61.69
CA GLU A 2012 43.07 -1.57 -61.10
C GLU A 2012 42.34 -0.66 -60.11
N LEU A 2013 42.63 0.63 -60.16
CA LEU A 2013 42.00 1.61 -59.28
C LEU A 2013 40.49 1.76 -59.54
N ASP A 2014 39.70 1.47 -58.52
CA ASP A 2014 38.26 1.55 -58.61
C ASP A 2014 37.77 2.90 -58.10
N TYR A 2015 38.34 3.36 -56.99
CA TYR A 2015 37.86 4.60 -56.38
C TYR A 2015 38.98 5.59 -56.22
N PHE A 2016 38.64 6.86 -56.37
CA PHE A 2016 39.58 7.96 -56.14
C PHE A 2016 38.77 9.05 -55.51
N VAL A 2017 38.89 9.19 -54.20
CA VAL A 2017 38.03 10.09 -53.45
C VAL A 2017 38.81 11.12 -52.62
N ILE A 2018 38.20 12.28 -52.41
CA ILE A 2018 38.82 13.38 -51.69
C ILE A 2018 37.80 14.11 -50.85
N PHE A 2019 38.18 14.47 -49.62
CA PHE A 2019 37.23 15.11 -48.74
C PHE A 2019 37.42 16.60 -48.66
N SER A 2020 36.44 17.30 -49.24
CA SER A 2020 36.40 18.73 -49.21
C SER A 2020 35.70 19.19 -47.93
N SER A 2021 34.77 20.14 -48.10
CA SER A 2021 33.99 20.71 -47.01
C SER A 2021 33.27 21.93 -47.57
N VAL A 2022 32.08 22.22 -47.06
CA VAL A 2022 31.31 23.35 -47.58
C VAL A 2022 32.00 24.70 -47.27
N SER A 2023 33.17 24.64 -46.62
CA SER A 2023 33.99 25.83 -46.41
C SER A 2023 34.29 26.45 -47.76
N CYS A 2024 34.57 25.57 -48.73
CA CYS A 2024 34.78 25.95 -50.12
C CYS A 2024 33.44 26.25 -50.79
N GLY A 2025 32.38 25.60 -50.30
CA GLY A 2025 31.03 25.82 -50.79
C GLY A 2025 30.55 27.25 -50.61
N ARG A 2026 29.78 27.49 -49.55
CA ARG A 2026 29.18 28.81 -49.31
C ARG A 2026 30.16 29.76 -48.64
N GLY A 2027 31.16 29.19 -47.97
CA GLY A 2027 32.26 29.97 -47.42
C GLY A 2027 32.32 30.08 -45.91
N ASN A 2028 33.54 30.07 -45.38
CA ASN A 2028 33.77 30.26 -43.95
C ASN A 2028 34.70 31.46 -43.67
N ALA A 2029 34.34 32.27 -42.68
CA ALA A 2029 35.17 33.40 -42.28
C ALA A 2029 36.30 32.96 -41.36
N GLY A 2030 37.52 32.90 -41.90
CA GLY A 2030 38.68 32.49 -41.13
C GLY A 2030 39.32 31.22 -41.67
N GLN A 2031 38.96 30.88 -42.90
CA GLN A 2031 39.51 29.70 -43.56
C GLN A 2031 39.54 29.89 -45.07
N ALA A 2032 40.02 31.05 -45.52
CA ALA A 2032 40.18 31.31 -46.95
C ALA A 2032 41.33 30.46 -47.51
N ASN A 2033 42.20 30.00 -46.62
CA ASN A 2033 43.31 29.12 -46.97
C ASN A 2033 42.87 27.66 -47.05
N TYR A 2034 41.98 27.28 -46.15
CA TYR A 2034 41.35 25.95 -46.20
C TYR A 2034 40.53 25.90 -47.49
N GLY A 2035 39.98 27.04 -47.87
CA GLY A 2035 39.12 27.15 -49.04
C GLY A 2035 39.79 26.94 -50.39
N PHE A 2036 40.87 27.66 -50.63
CA PHE A 2036 41.64 27.49 -51.86
C PHE A 2036 42.02 26.03 -52.05
N ALA A 2037 42.65 25.47 -51.02
CA ALA A 2037 43.20 24.12 -51.11
C ALA A 2037 42.15 23.11 -51.57
N ASN A 2038 40.94 23.22 -51.02
CA ASN A 2038 39.85 22.33 -51.35
C ASN A 2038 39.39 22.45 -52.80
N SER A 2039 38.87 23.62 -53.17
CA SER A 2039 38.42 23.86 -54.54
C SER A 2039 39.41 23.31 -55.55
N ALA A 2040 40.70 23.36 -55.19
CA ALA A 2040 41.76 22.83 -56.03
C ALA A 2040 41.55 21.35 -56.34
N MET A 2041 41.41 20.53 -55.28
CA MET A 2041 41.16 19.10 -55.46
C MET A 2041 39.91 18.89 -56.33
N GLU A 2042 38.92 19.76 -56.14
CA GLU A 2042 37.66 19.69 -56.89
C GLU A 2042 37.86 19.85 -58.40
N ARG A 2043 38.95 20.49 -58.79
CA ARG A 2043 39.28 20.55 -60.20
C ARG A 2043 39.91 19.23 -60.65
N ILE A 2044 40.96 18.79 -59.95
CA ILE A 2044 41.68 17.58 -60.36
C ILE A 2044 40.76 16.37 -60.42
N CYS A 2045 39.67 16.42 -59.65
CA CYS A 2045 38.65 15.37 -59.73
C CYS A 2045 37.91 15.46 -61.06
N GLU A 2046 37.40 16.65 -61.36
CA GLU A 2046 36.72 16.88 -62.63
C GLU A 2046 37.61 16.54 -63.82
N LYS A 2047 38.93 16.64 -63.63
CA LYS A 2047 39.88 16.20 -64.66
C LYS A 2047 39.69 14.72 -64.90
N ARG A 2048 40.05 13.94 -63.88
CA ARG A 2048 39.98 12.48 -63.92
C ARG A 2048 38.64 11.99 -64.44
N ARG A 2049 37.57 12.70 -64.10
CA ARG A 2049 36.25 12.33 -64.59
C ARG A 2049 36.21 12.46 -66.11
N HIS A 2050 36.50 13.64 -66.62
CA HIS A 2050 36.55 13.84 -68.05
C HIS A 2050 37.39 12.76 -68.75
N ASP A 2051 38.50 12.38 -68.11
CA ASP A 2051 39.44 11.43 -68.71
C ASP A 2051 39.05 9.97 -68.50
N GLY A 2052 37.79 9.72 -68.13
CA GLY A 2052 37.29 8.36 -67.99
C GLY A 2052 37.75 7.61 -66.75
N LEU A 2053 38.39 8.31 -65.82
CA LEU A 2053 38.86 7.71 -64.58
C LEU A 2053 37.85 7.93 -63.47
N PRO A 2054 38.01 7.21 -62.37
CA PRO A 2054 37.26 7.48 -61.14
C PRO A 2054 37.79 8.75 -60.51
N GLY A 2055 36.91 9.50 -59.87
CA GLY A 2055 37.27 10.75 -59.24
C GLY A 2055 36.05 11.26 -58.52
N LEU A 2056 36.25 11.96 -57.42
CA LEU A 2056 35.12 12.33 -56.58
C LEU A 2056 35.54 13.14 -55.34
N ALA A 2057 35.21 14.42 -55.33
CA ALA A 2057 35.41 15.25 -54.14
C ALA A 2057 34.07 15.41 -53.44
N VAL A 2058 34.09 15.41 -52.12
CA VAL A 2058 32.85 15.50 -51.37
C VAL A 2058 32.86 16.69 -50.42
N GLN A 2059 31.94 17.63 -50.66
CA GLN A 2059 31.82 18.82 -49.83
C GLN A 2059 30.97 18.54 -48.60
N TRP A 2060 31.63 18.22 -47.49
CA TRP A 2060 30.91 17.86 -46.28
C TRP A 2060 30.52 19.08 -45.49
N GLY A 2061 29.34 19.01 -44.88
CA GLY A 2061 28.95 20.00 -43.90
C GLY A 2061 29.74 19.70 -42.65
N ALA A 2062 29.17 20.06 -41.50
CA ALA A 2062 29.80 19.72 -40.24
C ALA A 2062 29.77 18.21 -40.10
N ILE A 2063 30.94 17.63 -39.85
CA ILE A 2063 31.03 16.19 -39.64
C ILE A 2063 31.02 15.92 -38.15
N GLY A 2064 30.23 14.93 -37.75
CA GLY A 2064 29.84 14.79 -36.37
C GLY A 2064 30.65 13.90 -35.47
N ASP A 2065 30.10 12.72 -35.17
CA ASP A 2065 30.50 11.91 -34.03
C ASP A 2065 31.97 12.00 -33.62
N VAL A 2066 32.89 12.06 -34.58
CA VAL A 2066 34.31 12.16 -34.22
C VAL A 2066 35.17 13.11 -35.07
N GLY A 2067 34.55 13.94 -35.88
CA GLY A 2067 35.29 14.91 -36.68
C GLY A 2067 36.11 15.88 -35.83
N VAL A 2068 36.66 16.91 -36.47
CA VAL A 2068 37.44 17.94 -35.77
C VAL A 2068 36.56 18.80 -34.84
N VAL A 2069 35.24 18.65 -34.98
CA VAL A 2069 34.22 19.39 -34.22
C VAL A 2069 34.13 19.00 -32.73
N LEU A 2070 33.60 17.80 -32.46
CA LEU A 2070 33.47 17.30 -31.08
C LEU A 2070 34.83 17.10 -30.42
N GLU A 2071 35.88 17.02 -31.25
CA GLU A 2071 37.24 16.82 -30.77
C GLU A 2071 38.05 18.10 -30.91
N ASN A 2076 27.56 17.55 -30.83
CA ASN A 2076 26.61 17.01 -31.79
C ASN A 2076 25.27 17.74 -31.82
N ASP A 2077 25.14 18.81 -31.04
CA ASP A 2077 23.92 19.62 -30.98
C ASP A 2077 24.18 21.07 -31.41
N THR A 2078 25.39 21.36 -31.88
CA THR A 2078 25.84 22.73 -32.15
C THR A 2078 25.22 23.30 -33.42
N VAL A 2079 25.93 24.23 -34.06
CA VAL A 2079 25.51 24.89 -35.30
C VAL A 2079 26.67 25.58 -36.06
N ILE A 2080 27.59 24.81 -36.62
CA ILE A 2080 28.75 25.37 -37.34
C ILE A 2080 28.48 25.63 -38.84
N GLY A 2081 28.47 26.91 -39.22
CA GLY A 2081 28.23 27.29 -40.60
C GLY A 2081 26.77 27.21 -40.99
N GLY A 2082 25.88 27.33 -40.01
CA GLY A 2082 24.45 27.29 -40.22
C GLY A 2082 23.96 25.89 -40.56
N THR A 2083 24.59 24.89 -39.98
CA THR A 2083 24.27 23.50 -40.29
C THR A 2083 24.16 22.63 -39.03
N LEU A 2084 24.47 21.34 -39.20
CA LEU A 2084 24.41 20.37 -38.11
C LEU A 2084 25.40 19.23 -38.34
N PRO A 2085 26.08 18.78 -37.27
CA PRO A 2085 27.07 17.71 -37.44
C PRO A 2085 26.46 16.42 -37.97
N GLN A 2086 26.74 16.07 -39.22
CA GLN A 2086 26.28 14.80 -39.78
C GLN A 2086 26.78 13.68 -38.89
N ARG A 2087 25.88 12.81 -38.44
CA ARG A 2087 26.32 11.64 -37.68
C ARG A 2087 27.08 10.73 -38.66
N ILE A 2088 28.34 10.46 -38.36
CA ILE A 2088 29.19 9.69 -39.27
C ILE A 2088 28.45 8.53 -39.94
N ALA A 2089 27.54 7.90 -39.21
CA ALA A 2089 26.76 6.79 -39.76
C ALA A 2089 26.01 7.20 -41.02
N SER A 2090 25.33 8.35 -40.96
CA SER A 2090 24.72 8.96 -42.14
C SER A 2090 25.75 9.21 -43.23
N CYS A 2091 26.90 9.76 -42.86
CA CYS A 2091 27.95 10.02 -43.82
C CYS A 2091 28.30 8.77 -44.60
N LEU A 2092 28.61 7.71 -43.86
CA LEU A 2092 29.13 6.51 -44.48
C LEU A 2092 28.16 5.97 -45.52
N GLU A 2093 26.86 5.99 -45.21
CA GLU A 2093 25.86 5.51 -46.17
C GLU A 2093 25.59 6.52 -47.27
N VAL A 2094 25.90 7.78 -47.00
CA VAL A 2094 25.88 8.81 -48.02
C VAL A 2094 27.03 8.57 -48.98
N LEU A 2095 28.14 8.07 -48.45
CA LEU A 2095 29.29 7.79 -49.28
C LEU A 2095 28.95 6.64 -50.23
N ASP A 2096 28.26 5.62 -49.73
CA ASP A 2096 27.77 4.52 -50.56
C ASP A 2096 27.19 5.07 -51.83
N LEU A 2097 26.19 5.93 -51.62
CA LEU A 2097 25.48 6.57 -52.69
C LEU A 2097 26.44 7.32 -53.63
N PHE A 2098 27.26 8.20 -53.08
CA PHE A 2098 28.17 9.00 -53.89
C PHE A 2098 29.20 8.17 -54.67
N LEU A 2099 29.80 7.19 -54.01
CA LEU A 2099 30.86 6.39 -54.62
C LEU A 2099 30.47 5.74 -55.94
N SER A 2100 29.17 5.59 -56.16
CA SER A 2100 28.67 4.96 -57.38
C SER A 2100 27.87 5.96 -58.23
N GLN A 2101 28.45 7.14 -58.43
CA GLN A 2101 27.79 8.21 -59.13
C GLN A 2101 28.71 8.68 -60.26
N PRO A 2102 28.17 9.43 -61.22
CA PRO A 2102 28.97 9.88 -62.36
C PRO A 2102 29.67 11.19 -62.04
N HIS A 2103 28.94 12.14 -61.48
CA HIS A 2103 29.43 13.49 -61.25
C HIS A 2103 30.67 13.54 -60.37
N PRO A 2104 31.59 14.47 -60.65
CA PRO A 2104 32.89 14.59 -59.99
C PRO A 2104 32.81 15.15 -58.57
N VAL A 2105 31.95 16.13 -58.36
CA VAL A 2105 31.88 16.83 -57.07
C VAL A 2105 30.45 16.86 -56.53
N LEU A 2106 30.28 16.52 -55.25
CA LEU A 2106 28.95 16.51 -54.64
C LEU A 2106 28.97 16.97 -53.18
N SER A 2107 27.88 17.60 -52.74
CA SER A 2107 27.79 18.19 -51.42
C SER A 2107 26.86 17.40 -50.53
N SER A 2108 27.20 17.29 -49.26
CA SER A 2108 26.34 16.66 -48.26
C SER A 2108 26.43 17.33 -46.90
N PHE A 2109 25.35 17.99 -46.51
CA PHE A 2109 25.28 18.67 -45.22
C PHE A 2109 23.85 18.62 -44.70
N VAL A 2110 23.68 18.90 -43.41
CA VAL A 2110 22.37 18.88 -42.79
C VAL A 2110 21.93 20.28 -42.40
N LEU A 2111 20.63 20.54 -42.48
CA LEU A 2111 20.12 21.87 -42.22
C LEU A 2111 19.89 22.18 -40.74
N ALA A 2112 20.29 23.38 -40.34
CA ALA A 2112 20.01 23.91 -39.00
C ALA A 2112 18.53 24.29 -38.91
N GLU A 2113 18.21 25.58 -38.97
CA GLU A 2113 16.82 26.05 -39.07
C GLU A 2113 16.73 27.42 -39.77
N MET B 1 -17.78 41.35 33.25
CA MET B 1 -18.64 41.63 34.40
C MET B 1 -18.43 40.63 35.53
N GLU B 2 -18.59 39.34 35.22
CA GLU B 2 -18.58 38.25 36.21
C GLU B 2 -17.20 37.62 36.42
N GLU B 3 -16.97 37.02 37.58
CA GLU B 3 -15.67 36.47 37.91
C GLU B 3 -15.52 34.99 37.50
N VAL B 4 -14.36 34.67 36.94
CA VAL B 4 -14.11 33.36 36.33
C VAL B 4 -12.99 32.59 37.03
N VAL B 5 -13.28 31.36 37.44
CA VAL B 5 -12.31 30.55 38.16
C VAL B 5 -12.12 29.13 37.61
N ILE B 6 -10.99 28.55 37.96
CA ILE B 6 -10.64 27.21 37.54
C ILE B 6 -11.02 26.24 38.64
N ALA B 7 -12.14 25.55 38.44
CA ALA B 7 -12.77 24.74 39.48
C ALA B 7 -12.43 23.27 39.37
N GLY B 8 -12.09 22.82 38.17
CA GLY B 8 -11.79 21.41 37.98
C GLY B 8 -10.66 21.18 37.02
N MET B 9 -9.85 20.15 37.29
CA MET B 9 -8.77 19.79 36.37
C MET B 9 -8.53 18.28 36.36
N SER B 10 -8.18 17.75 35.20
CA SER B 10 -7.65 16.40 35.09
C SER B 10 -7.01 16.16 33.73
N GLY B 11 -6.15 15.16 33.67
CA GLY B 11 -5.55 14.77 32.41
C GLY B 11 -4.79 13.47 32.49
N LYS B 12 -4.39 12.97 31.32
CA LYS B 12 -3.45 11.87 31.22
C LYS B 12 -2.23 12.39 30.46
N LEU B 13 -1.06 12.28 31.07
CA LEU B 13 0.18 12.79 30.48
C LEU B 13 1.31 11.77 30.54
N PRO B 14 2.29 11.93 29.63
CA PRO B 14 3.48 11.07 29.47
C PRO B 14 3.91 10.34 30.76
N GLU B 15 3.76 9.02 30.72
CA GLU B 15 4.13 8.14 31.82
C GLU B 15 3.37 8.46 33.10
N SER B 16 2.14 8.96 32.92
CA SER B 16 1.26 9.29 34.04
C SER B 16 -0.20 9.11 33.59
N GLU B 17 -0.97 8.32 34.33
CA GLU B 17 -2.36 8.06 33.97
C GLU B 17 -3.32 9.08 34.56
N ASN B 18 -3.02 9.51 35.78
CA ASN B 18 -3.81 10.52 36.47
C ASN B 18 -2.91 11.64 36.93
N LEU B 19 -3.50 12.71 37.45
CA LEU B 19 -2.72 13.88 37.80
C LEU B 19 -1.84 13.73 39.04
N GLU B 20 -2.05 12.67 39.83
CA GLU B 20 -1.20 12.45 40.99
C GLU B 20 0.09 11.73 40.58
N GLU B 21 0.01 10.93 39.52
CA GLU B 21 1.21 10.38 38.89
C GLU B 21 2.02 11.50 38.27
N PHE B 22 1.37 12.31 37.43
CA PHE B 22 1.99 13.44 36.75
C PHE B 22 2.82 14.27 37.72
N TRP B 23 2.27 14.53 38.90
CA TRP B 23 2.93 15.36 39.91
C TRP B 23 4.15 14.69 40.53
N ALA B 24 4.01 13.44 40.93
CA ALA B 24 5.13 12.71 41.50
C ALA B 24 6.33 12.77 40.55
N ASN B 25 6.05 12.94 39.27
CA ASN B 25 7.09 13.04 38.26
C ASN B 25 7.66 14.45 38.10
N LEU B 26 6.80 15.45 38.28
CA LEU B 26 7.22 16.84 38.20
C LEU B 26 8.14 17.14 39.38
N ILE B 27 7.68 16.78 40.57
CA ILE B 27 8.48 16.97 41.78
C ILE B 27 9.73 16.09 41.76
N GLY B 28 9.52 14.79 41.61
CA GLY B 28 10.62 13.84 41.61
C GLY B 28 11.62 14.09 40.49
N GLY B 29 11.36 15.14 39.70
CA GLY B 29 12.20 15.48 38.58
C GLY B 29 12.49 14.22 37.79
N VAL B 30 11.45 13.66 37.19
CA VAL B 30 11.59 12.45 36.40
C VAL B 30 11.26 12.75 34.95
N ASP B 31 12.16 12.36 34.06
CA ASP B 31 11.97 12.61 32.63
C ASP B 31 10.88 11.69 32.10
N MET B 32 9.77 12.30 31.72
CA MET B 32 8.62 11.53 31.27
C MET B 32 8.75 11.14 29.79
N VAL B 33 9.80 11.61 29.16
CA VAL B 33 10.10 11.21 27.79
C VAL B 33 10.87 9.89 27.82
N THR B 34 10.57 8.99 26.88
CA THR B 34 11.13 7.63 26.90
C THR B 34 11.64 7.16 25.54
N ALA B 35 12.26 5.98 25.54
CA ALA B 35 12.77 5.38 24.30
C ALA B 35 12.04 4.07 24.03
N ASP B 36 10.90 4.15 23.34
CA ASP B 36 10.03 2.99 23.23
C ASP B 36 9.61 2.61 21.81
N ASP B 37 9.39 1.31 21.62
CA ASP B 37 8.72 0.80 20.44
C ASP B 37 7.23 0.90 20.69
N ARG B 38 6.79 2.03 21.25
CA ARG B 38 5.42 2.15 21.76
C ARG B 38 4.38 2.70 20.78
N ARG B 39 4.68 3.85 20.16
CA ARG B 39 3.75 4.37 19.15
C ARG B 39 4.14 3.77 17.81
N TRP B 40 5.39 3.98 17.44
CA TRP B 40 5.99 3.21 16.37
C TRP B 40 7.31 2.65 16.82
N LYS B 41 8.27 2.65 15.93
CA LYS B 41 9.41 1.76 16.09
C LYS B 41 10.66 2.47 16.59
N ALA B 42 11.62 1.68 17.06
CA ALA B 42 12.86 2.16 17.66
C ALA B 42 13.30 3.56 17.19
N GLY B 43 13.46 3.73 15.88
CA GLY B 43 13.83 5.03 15.34
C GLY B 43 13.52 5.14 13.87
N LEU B 44 12.27 4.85 13.51
CA LEU B 44 11.84 4.80 12.13
C LEU B 44 12.29 6.05 11.35
N TYR B 45 12.81 5.84 10.14
CA TYR B 45 13.19 6.94 9.25
C TYR B 45 14.14 7.95 9.87
N GLY B 46 14.79 7.61 10.98
CA GLY B 46 15.73 8.52 11.62
C GLY B 46 15.12 9.39 12.71
N LEU B 47 13.80 9.38 12.82
CA LEU B 47 13.12 10.14 13.88
C LEU B 47 13.73 9.81 15.24
N PRO B 48 13.81 10.82 16.11
CA PRO B 48 14.46 10.71 17.41
C PRO B 48 13.83 9.57 18.18
N ARG B 49 14.64 8.87 18.96
CA ARG B 49 14.12 7.72 19.71
C ARG B 49 13.20 8.16 20.86
N ARG B 50 13.14 9.47 21.12
CA ARG B 50 12.42 9.94 22.30
C ARG B 50 11.03 10.55 22.02
N MET B 51 10.03 10.15 22.81
CA MET B 51 8.70 10.76 22.79
C MET B 51 8.04 10.72 24.15
N GLY B 52 7.31 11.77 24.50
CA GLY B 52 6.45 11.74 25.66
C GLY B 52 5.16 11.00 25.34
N LYS B 53 5.07 9.76 25.83
CA LYS B 53 3.97 8.86 25.46
C LYS B 53 3.02 8.57 26.63
N LEU B 54 1.72 8.46 26.34
CA LEU B 54 0.75 8.07 27.36
C LEU B 54 0.97 6.63 27.73
N LYS B 55 0.80 6.28 29.00
CA LYS B 55 1.04 4.91 29.43
C LYS B 55 0.23 3.97 28.55
N ASP B 56 -1.09 3.99 28.74
CA ASP B 56 -2.04 3.22 27.95
C ASP B 56 -2.84 4.19 27.09
N LEU B 57 -3.53 3.66 26.09
CA LEU B 57 -4.18 4.47 25.08
C LEU B 57 -5.43 3.75 24.58
N SER B 58 -5.51 2.47 24.92
CA SER B 58 -6.56 1.59 24.47
C SER B 58 -7.67 1.49 25.49
N ARG B 59 -7.39 1.94 26.71
CA ARG B 59 -8.36 1.85 27.79
C ARG B 59 -9.49 2.86 27.61
N PHE B 60 -10.65 2.49 28.12
CA PHE B 60 -11.87 3.28 27.95
C PHE B 60 -13.04 2.48 28.52
N ASP B 61 -13.92 3.16 29.26
CA ASP B 61 -15.06 2.49 29.88
C ASP B 61 -16.32 2.68 29.07
N ALA B 62 -16.44 1.91 27.99
CA ALA B 62 -17.44 2.14 26.95
C ALA B 62 -18.92 2.06 27.34
N SER B 63 -19.24 1.21 28.32
CA SER B 63 -20.64 1.03 28.69
C SER B 63 -21.12 2.29 29.38
N PHE B 64 -20.32 2.78 30.31
CA PHE B 64 -20.71 3.94 31.09
C PHE B 64 -21.04 5.13 30.21
N PHE B 65 -20.33 5.27 29.10
CA PHE B 65 -20.53 6.40 28.19
C PHE B 65 -21.54 6.05 27.11
N GLY B 66 -22.02 4.82 27.16
CA GLY B 66 -23.13 4.39 26.33
C GLY B 66 -22.84 4.20 24.86
N VAL B 67 -21.73 3.53 24.53
CA VAL B 67 -21.34 3.36 23.15
C VAL B 67 -21.26 1.92 22.71
N HIS B 68 -22.02 1.58 21.68
CA HIS B 68 -22.05 0.22 21.18
C HIS B 68 -20.63 -0.26 20.99
N SER B 69 -20.33 -1.44 21.53
CA SER B 69 -19.01 -2.06 21.42
C SER B 69 -18.33 -1.86 20.05
N LYS B 70 -19.11 -1.93 18.97
CA LYS B 70 -18.57 -1.72 17.64
C LYS B 70 -18.26 -0.25 17.45
N GLN B 71 -19.25 0.60 17.71
CA GLN B 71 -19.12 2.04 17.47
C GLN B 71 -18.02 2.67 18.34
N ALA B 72 -17.42 1.87 19.21
CA ALA B 72 -16.38 2.33 20.13
C ALA B 72 -14.97 2.03 19.62
N ASN B 73 -14.84 0.91 18.93
CA ASN B 73 -13.57 0.54 18.32
C ASN B 73 -13.29 1.45 17.16
N THR B 74 -14.32 2.13 16.69
CA THR B 74 -14.16 3.12 15.67
C THR B 74 -14.24 4.52 16.30
N MET B 75 -13.72 4.65 17.52
CA MET B 75 -13.60 5.96 18.16
C MET B 75 -12.14 6.38 18.33
N ASP B 76 -11.84 7.60 17.92
CA ASP B 76 -10.51 8.18 18.10
C ASP B 76 -10.18 8.19 19.58
N PRO B 77 -9.09 7.50 19.97
CA PRO B 77 -8.75 7.38 21.39
C PRO B 77 -8.65 8.71 22.13
N GLN B 78 -8.31 9.81 21.46
CA GLN B 78 -8.36 11.13 22.09
C GLN B 78 -9.74 11.28 22.72
N LEU B 79 -10.76 11.19 21.87
CA LEU B 79 -12.14 11.37 22.28
C LEU B 79 -12.52 10.42 23.37
N ARG B 80 -12.00 9.19 23.28
CA ARG B 80 -12.25 8.19 24.31
C ARG B 80 -11.81 8.76 25.65
N MET B 81 -10.52 9.06 25.78
CA MET B 81 -10.00 9.50 27.06
C MET B 81 -10.32 10.97 27.39
N LEU B 82 -10.82 11.71 26.41
CA LEU B 82 -11.35 13.03 26.69
C LEU B 82 -12.62 12.83 27.52
N LEU B 83 -13.55 12.04 26.98
CA LEU B 83 -14.82 11.77 27.65
C LEU B 83 -14.61 11.35 29.09
N GLU B 84 -13.46 10.76 29.36
CA GLU B 84 -13.16 10.33 30.73
C GLU B 84 -12.53 11.42 31.56
N VAL B 85 -11.52 12.10 31.03
CA VAL B 85 -10.86 13.12 31.84
C VAL B 85 -11.82 14.23 32.23
N THR B 86 -12.68 14.63 31.29
CA THR B 86 -13.57 15.76 31.54
C THR B 86 -14.67 15.38 32.51
N TYR B 87 -14.94 14.08 32.65
CA TYR B 87 -15.74 13.63 33.78
C TYR B 87 -14.84 13.72 35.02
N GLU B 88 -13.71 13.04 34.97
CA GLU B 88 -12.71 13.09 36.05
C GLU B 88 -12.39 14.51 36.48
N ALA B 89 -12.69 15.48 35.62
CA ALA B 89 -12.36 16.85 35.92
C ALA B 89 -13.51 17.53 36.63
N ILE B 90 -14.72 17.35 36.11
CA ILE B 90 -15.89 17.96 36.71
C ILE B 90 -16.05 17.50 38.13
N VAL B 91 -16.05 16.20 38.32
CA VAL B 91 -16.15 15.69 39.68
C VAL B 91 -14.92 16.07 40.47
N ASP B 92 -13.86 16.51 39.80
CA ASP B 92 -12.66 16.90 40.55
C ASP B 92 -12.98 18.10 41.42
N GLY B 93 -13.88 18.94 40.92
CA GLY B 93 -14.25 20.18 41.59
C GLY B 93 -15.54 20.08 42.40
N GLY B 94 -15.80 18.89 42.93
CA GLY B 94 -16.87 18.70 43.89
C GLY B 94 -18.28 18.83 43.34
N ILE B 95 -18.39 18.91 42.02
CA ILE B 95 -19.69 19.03 41.38
C ILE B 95 -20.10 17.70 40.83
N ASN B 96 -21.35 17.31 41.06
CA ASN B 96 -21.86 16.14 40.39
C ASN B 96 -22.26 16.53 38.99
N PRO B 97 -21.66 15.90 38.00
CA PRO B 97 -21.85 16.18 36.58
C PRO B 97 -23.32 16.40 36.27
N ALA B 98 -24.17 15.52 36.78
CA ALA B 98 -25.58 15.58 36.47
C ALA B 98 -26.20 16.95 36.79
N SER B 99 -25.65 17.64 37.80
CA SER B 99 -26.20 18.93 38.18
C SER B 99 -26.16 19.89 37.00
N LEU B 100 -25.28 19.61 36.05
CA LEU B 100 -25.08 20.46 34.89
C LEU B 100 -25.92 20.05 33.68
N ARG B 101 -26.52 18.86 33.74
CA ARG B 101 -27.31 18.38 32.62
C ARG B 101 -28.36 19.42 32.24
N GLY B 102 -28.36 19.81 30.97
CA GLY B 102 -29.34 20.76 30.46
C GLY B 102 -28.91 22.21 30.61
N THR B 103 -27.69 22.42 31.09
CA THR B 103 -27.20 23.77 31.31
C THR B 103 -26.94 24.54 30.02
N SER B 104 -26.74 25.84 30.17
CA SER B 104 -26.15 26.65 29.14
C SER B 104 -24.64 26.60 29.34
N THR B 105 -24.13 25.40 29.58
CA THR B 105 -22.70 25.19 29.76
C THR B 105 -22.08 24.77 28.43
N GLY B 106 -20.80 25.11 28.22
CA GLY B 106 -20.19 24.90 26.93
C GLY B 106 -18.89 24.11 26.90
N VAL B 107 -18.43 23.79 25.69
CA VAL B 107 -17.25 22.97 25.55
C VAL B 107 -16.31 23.46 24.47
N TRP B 108 -15.07 23.73 24.87
CA TRP B 108 -14.05 24.22 23.97
C TRP B 108 -12.87 23.30 23.97
N VAL B 109 -12.51 22.82 22.79
CA VAL B 109 -11.43 21.86 22.68
C VAL B 109 -10.30 22.34 21.80
N GLY B 110 -9.08 22.21 22.32
CA GLY B 110 -7.88 22.51 21.57
C GLY B 110 -7.31 21.23 20.98
N VAL B 111 -7.54 21.05 19.70
CA VAL B 111 -7.11 19.84 19.03
C VAL B 111 -6.50 20.14 17.68
N SER B 112 -5.27 19.67 17.46
CA SER B 112 -4.61 19.89 16.18
C SER B 112 -4.44 18.61 15.34
N SER B 113 -4.29 17.47 15.99
CA SER B 113 -4.00 16.26 15.24
C SER B 113 -5.05 15.16 15.45
N SER B 114 -5.91 14.98 14.43
CA SER B 114 -6.84 13.84 14.43
C SER B 114 -6.32 12.68 13.55
N ASP B 115 -5.29 11.97 14.04
CA ASP B 115 -4.65 10.88 13.28
C ASP B 115 -5.57 9.68 13.10
N ALA B 116 -6.14 9.22 14.22
CA ALA B 116 -7.01 8.05 14.24
C ALA B 116 -8.04 8.14 13.13
N SER B 117 -8.42 9.37 12.80
CA SER B 117 -9.47 9.58 11.83
C SER B 117 -9.04 9.02 10.48
N GLU B 118 -7.89 9.44 9.99
CA GLU B 118 -7.46 8.97 8.67
C GLU B 118 -7.30 7.47 8.69
N ALA B 119 -6.65 6.95 9.74
CA ALA B 119 -6.43 5.51 9.84
C ALA B 119 -7.67 4.67 9.50
N LEU B 120 -8.82 5.03 10.07
CA LEU B 120 -10.04 4.24 9.85
C LEU B 120 -10.90 4.77 8.71
N SER B 121 -10.30 5.26 7.64
CA SER B 121 -11.09 5.75 6.49
C SER B 121 -10.47 5.33 5.16
N ARG B 122 -9.38 4.57 5.24
CA ARG B 122 -8.76 3.97 4.07
C ARG B 122 -9.63 2.83 3.53
N ASP B 123 -9.70 1.73 4.28
CA ASP B 123 -10.46 0.54 3.86
C ASP B 123 -11.72 0.95 3.11
N PRO B 124 -11.75 0.76 1.80
CA PRO B 124 -12.88 1.35 1.08
C PRO B 124 -14.07 0.41 1.09
N GLU B 125 -13.86 -0.89 1.29
CA GLU B 125 -15.00 -1.79 1.54
C GLU B 125 -14.80 -2.64 2.79
N THR B 126 -14.13 -2.06 3.79
CA THR B 126 -13.93 -2.67 5.10
C THR B 126 -14.45 -1.67 6.12
N LEU B 127 -14.91 -0.54 5.61
CA LEU B 127 -15.05 0.68 6.41
C LEU B 127 -16.43 0.97 6.95
N VAL B 128 -16.50 1.10 8.27
CA VAL B 128 -17.76 1.36 8.94
C VAL B 128 -18.04 2.86 8.94
N GLY B 129 -19.18 3.24 8.37
CA GLY B 129 -19.54 4.64 8.16
C GLY B 129 -19.72 5.49 9.40
N TYR B 130 -19.87 4.85 10.56
CA TYR B 130 -20.05 5.59 11.81
C TYR B 130 -18.75 5.80 12.57
N SER B 131 -17.64 5.71 11.86
CA SER B 131 -16.37 6.00 12.49
C SER B 131 -16.27 7.50 12.51
N MET B 132 -17.00 8.13 11.60
CA MET B 132 -16.90 9.57 11.45
C MET B 132 -17.67 10.30 12.53
N ILE B 133 -18.65 9.63 13.13
CA ILE B 133 -19.29 10.16 14.34
C ILE B 133 -18.34 10.01 15.52
N GLY B 134 -17.17 9.43 15.27
CA GLY B 134 -16.21 9.15 16.33
C GLY B 134 -14.79 9.59 16.02
N CYS B 135 -14.66 10.44 14.99
CA CYS B 135 -13.34 10.89 14.58
C CYS B 135 -13.33 12.30 14.01
N GLN B 136 -14.35 12.63 13.22
CA GLN B 136 -14.47 13.99 12.67
C GLN B 136 -14.21 15.03 13.77
N ARG B 137 -13.18 15.87 13.58
CA ARG B 137 -12.76 16.80 14.63
C ARG B 137 -13.88 17.41 15.43
N ALA B 138 -14.93 17.86 14.75
CA ALA B 138 -16.02 18.52 15.43
C ALA B 138 -16.50 17.70 16.62
N MET B 139 -16.44 16.38 16.50
CA MET B 139 -16.88 15.49 17.60
C MET B 139 -16.04 15.56 18.89
N MET B 140 -14.84 16.12 18.82
CA MET B 140 -13.99 16.22 20.01
C MET B 140 -14.68 17.04 21.08
N ALA B 141 -15.63 17.87 20.64
CA ALA B 141 -16.43 18.69 21.52
C ALA B 141 -17.90 18.28 21.39
N ASN B 142 -18.42 18.31 20.17
CA ASN B 142 -19.81 17.92 19.90
C ASN B 142 -20.24 16.63 20.65
N ARG B 143 -19.31 15.70 20.86
CA ARG B 143 -19.67 14.44 21.47
C ARG B 143 -19.38 14.47 22.96
N LEU B 144 -18.65 15.48 23.37
CA LEU B 144 -18.48 15.69 24.78
C LEU B 144 -19.69 16.46 25.28
N SER B 145 -20.14 17.40 24.46
CA SER B 145 -21.38 18.14 24.72
C SER B 145 -22.56 17.17 24.73
N PHE B 146 -22.53 16.21 23.82
CA PHE B 146 -23.61 15.25 23.70
C PHE B 146 -23.85 14.51 25.02
N PHE B 147 -22.84 13.79 25.50
CA PHE B 147 -23.01 12.91 26.66
C PHE B 147 -23.26 13.62 27.99
N PHE B 148 -22.70 14.81 28.16
CA PHE B 148 -22.85 15.53 29.42
C PHE B 148 -24.07 16.43 29.41
N ASP B 149 -24.65 16.60 28.22
CA ASP B 149 -25.89 17.33 28.02
C ASP B 149 -25.68 18.84 28.08
N PHE B 150 -24.47 19.29 27.76
CA PHE B 150 -24.16 20.71 27.76
C PHE B 150 -24.73 21.43 26.53
N LYS B 151 -25.83 22.15 26.74
CA LYS B 151 -26.55 22.77 25.62
C LYS B 151 -25.93 24.11 25.15
N GLY B 152 -24.84 24.52 25.80
CA GLY B 152 -24.10 25.70 25.36
C GLY B 152 -23.06 25.37 24.30
N PRO B 153 -22.39 26.40 23.75
CA PRO B 153 -21.43 26.30 22.66
C PRO B 153 -20.56 25.06 22.72
N SER B 154 -20.47 24.37 21.59
CA SER B 154 -19.60 23.22 21.48
C SER B 154 -18.65 23.42 20.31
N ILE B 155 -17.36 23.53 20.61
CA ILE B 155 -16.42 24.04 19.63
C ILE B 155 -15.01 23.49 19.73
N THR B 156 -14.41 23.24 18.56
CA THR B 156 -13.02 22.83 18.46
C THR B 156 -12.23 23.93 17.80
N ILE B 157 -11.07 24.23 18.35
CA ILE B 157 -10.17 25.22 17.73
C ILE B 157 -8.85 24.60 17.38
N ASP B 158 -8.28 25.06 16.27
CA ASP B 158 -6.97 24.63 15.81
C ASP B 158 -6.11 25.86 15.48
N THR B 159 -4.98 25.97 16.18
CA THR B 159 -4.07 27.06 15.99
C THR B 159 -2.69 26.52 16.25
N ALA B 160 -2.47 25.28 15.85
CA ALA B 160 -1.23 24.61 16.20
C ALA B 160 -1.03 24.60 17.71
N CYS B 161 0.22 24.65 18.13
CA CYS B 161 0.59 24.57 19.54
C CYS B 161 -0.28 25.42 20.49
N SER B 162 -0.81 26.55 20.04
CA SER B 162 -1.52 27.46 20.93
C SER B 162 -2.82 26.83 21.44
N SER B 163 -3.87 26.94 20.61
CA SER B 163 -5.11 26.16 20.73
C SER B 163 -5.70 25.95 22.12
N SER B 164 -5.23 24.92 22.81
CA SER B 164 -5.80 24.58 24.11
C SER B 164 -5.78 25.75 25.05
N LEU B 165 -4.71 26.52 25.03
CA LEU B 165 -4.68 27.70 25.88
C LEU B 165 -5.70 28.69 25.35
N LEU B 166 -5.75 28.84 24.04
CA LEU B 166 -6.69 29.77 23.43
C LEU B 166 -8.12 29.28 23.57
N ALA B 167 -8.31 27.98 23.73
CA ALA B 167 -9.62 27.46 24.10
C ALA B 167 -9.95 27.95 25.49
N LEU B 168 -9.00 27.79 26.42
CA LEU B 168 -9.19 28.24 27.79
C LEU B 168 -9.41 29.75 27.86
N GLN B 169 -8.88 30.48 26.89
CA GLN B 169 -9.16 31.91 26.80
C GLN B 169 -10.59 32.11 26.31
N SER B 170 -10.94 31.38 25.27
CA SER B 170 -12.21 31.59 24.58
C SER B 170 -13.37 31.33 25.53
N ALA B 171 -13.23 30.34 26.40
CA ALA B 171 -14.29 29.97 27.35
C ALA B 171 -14.41 31.02 28.44
N TYR B 172 -13.28 31.32 29.08
CA TYR B 172 -13.23 32.37 30.08
C TYR B 172 -14.02 33.57 29.61
N GLN B 173 -13.83 33.93 28.34
CA GLN B 173 -14.51 35.10 27.77
C GLN B 173 -16.01 34.91 27.64
N ALA B 174 -16.42 33.70 27.26
CA ALA B 174 -17.83 33.40 27.14
C ALA B 174 -18.53 33.47 28.49
N ILE B 175 -17.93 32.88 29.52
CA ILE B 175 -18.45 32.96 30.89
C ILE B 175 -18.53 34.42 31.35
N ARG B 176 -17.36 35.06 31.38
CA ARG B 176 -17.24 36.46 31.73
C ARG B 176 -18.46 37.27 31.34
N GLY B 177 -18.87 37.17 30.09
CA GLY B 177 -19.91 38.05 29.57
C GLY B 177 -21.29 37.45 29.42
N GLY B 178 -21.74 36.70 30.42
CA GLY B 178 -23.09 36.16 30.40
C GLY B 178 -23.17 34.76 29.86
N GLU B 179 -23.21 34.65 28.53
CA GLU B 179 -23.29 33.36 27.82
C GLU B 179 -23.37 32.10 28.68
N CYS B 180 -22.29 31.77 29.40
CA CYS B 180 -22.25 30.52 30.16
C CYS B 180 -22.01 30.66 31.66
N SER B 181 -22.35 29.60 32.38
CA SER B 181 -22.15 29.54 33.82
C SER B 181 -20.93 28.68 34.11
N ALA B 182 -20.50 27.92 33.11
CA ALA B 182 -19.33 27.08 33.26
C ALA B 182 -18.86 26.57 31.90
N ALA B 183 -17.67 25.99 31.85
CA ALA B 183 -17.17 25.43 30.59
C ALA B 183 -16.18 24.25 30.73
N VAL B 184 -16.12 23.45 29.67
CA VAL B 184 -15.13 22.40 29.58
C VAL B 184 -14.07 22.87 28.62
N VAL B 185 -12.86 23.06 29.15
CA VAL B 185 -11.72 23.40 28.32
C VAL B 185 -10.85 22.16 28.22
N GLY B 186 -10.60 21.74 26.98
CA GLY B 186 -9.85 20.54 26.76
C GLY B 186 -8.75 20.74 25.76
N GLY B 187 -7.67 19.99 25.96
CA GLY B 187 -6.59 19.87 24.99
C GLY B 187 -6.24 18.42 24.72
N LEU B 188 -6.00 18.11 23.45
CA LEU B 188 -5.76 16.75 23.01
C LEU B 188 -4.66 16.70 21.96
N ASN B 189 -3.76 15.74 22.12
CA ASN B 189 -2.78 15.46 21.10
C ASN B 189 -2.29 14.04 21.26
N VAL B 190 -2.51 13.22 20.24
CA VAL B 190 -2.03 11.84 20.24
C VAL B 190 -1.17 11.54 19.02
N LEU B 191 -0.01 10.93 19.24
CA LEU B 191 1.00 10.72 18.21
C LEU B 191 0.97 9.33 17.61
N LEU B 192 0.27 9.20 16.49
CA LEU B 192 0.02 7.89 15.93
C LEU B 192 0.75 7.64 14.63
N LYS B 193 0.69 8.60 13.70
CA LYS B 193 1.36 8.43 12.41
C LYS B 193 2.74 9.08 12.43
N PRO B 194 3.74 8.33 11.96
CA PRO B 194 5.12 8.80 12.10
C PRO B 194 5.36 9.84 11.03
N ASN B 195 4.69 9.70 9.90
CA ASN B 195 4.81 10.69 8.83
C ASN B 195 4.76 12.13 9.38
N SER B 196 3.82 12.39 10.29
CA SER B 196 3.73 13.68 10.97
C SER B 196 5.09 14.15 11.49
N SER B 197 5.67 13.39 12.43
CA SER B 197 6.99 13.74 12.97
C SER B 197 7.97 13.98 11.84
N LEU B 198 7.95 13.09 10.85
CA LEU B 198 8.85 13.19 9.71
C LEU B 198 8.79 14.57 9.03
N GLN B 199 7.59 15.11 8.87
CA GLN B 199 7.45 16.45 8.32
C GLN B 199 8.14 17.46 9.23
N PHE B 200 7.85 17.36 10.52
CA PHE B 200 8.43 18.25 11.49
C PHE B 200 9.94 18.25 11.42
N MET B 201 10.53 17.06 11.38
CA MET B 201 11.98 16.93 11.37
C MET B 201 12.61 17.59 10.15
N LYS B 202 11.94 17.48 9.01
CA LYS B 202 12.39 18.08 7.75
C LYS B 202 12.29 19.62 7.78
N LEU B 203 11.55 20.14 8.76
CA LEU B 203 11.48 21.58 8.97
C LEU B 203 12.45 21.95 10.10
N GLY B 204 13.14 20.94 10.61
CA GLY B 204 14.18 21.16 11.59
C GLY B 204 13.72 21.42 13.01
N MET B 205 12.43 21.64 13.18
CA MET B 205 11.93 21.94 14.50
C MET B 205 11.99 20.73 15.45
N LEU B 206 12.29 19.56 14.90
CA LEU B 206 12.41 18.34 15.70
C LEU B 206 13.82 18.15 16.25
N SER B 207 13.91 17.94 17.56
CA SER B 207 15.19 17.75 18.22
C SER B 207 15.65 16.32 18.04
N GLN B 208 16.79 16.13 17.38
CA GLN B 208 17.35 14.77 17.23
C GLN B 208 17.72 14.20 18.59
N ASP B 209 18.35 15.04 19.40
CA ASP B 209 18.59 14.77 20.81
C ASP B 209 17.37 14.14 21.48
N GLY B 210 16.19 14.50 20.98
CA GLY B 210 14.94 13.99 21.53
C GLY B 210 14.68 14.55 22.90
N THR B 211 14.65 15.88 23.02
CA THR B 211 14.46 16.53 24.32
C THR B 211 14.17 18.01 24.17
N CYS B 212 13.47 18.57 25.16
CA CYS B 212 13.16 20.00 25.18
C CYS B 212 14.08 20.73 26.14
N ARG B 213 15.35 20.81 25.76
CA ARG B 213 16.34 21.60 26.48
C ARG B 213 15.75 23.00 26.63
N SER B 214 15.15 23.27 27.79
CA SER B 214 14.24 24.40 27.97
C SER B 214 14.86 25.78 27.82
N PHE B 215 16.08 25.96 28.33
CA PHE B 215 16.76 27.25 28.20
C PHE B 215 18.28 27.07 28.12
N ASP B 216 18.69 25.81 28.01
CA ASP B 216 20.09 25.45 27.92
C ASP B 216 20.62 25.75 26.53
N ALA B 217 21.84 26.29 26.48
CA ALA B 217 22.44 26.76 25.23
C ALA B 217 22.36 25.78 24.06
N GLU B 218 22.40 24.49 24.36
CA GLU B 218 22.39 23.46 23.32
C GLU B 218 21.00 23.12 22.80
N GLY B 219 20.12 24.11 22.70
CA GLY B 219 18.79 23.86 22.19
C GLY B 219 18.77 23.54 20.71
N THR B 220 18.55 22.28 20.37
CA THR B 220 18.38 21.86 18.98
C THR B 220 16.97 22.23 18.56
N GLY B 221 16.02 21.44 19.05
CA GLY B 221 14.61 21.65 18.80
C GLY B 221 13.77 21.13 19.95
N TYR B 222 12.50 20.85 19.69
CA TYR B 222 11.63 20.28 20.73
C TYR B 222 11.38 18.82 20.48
N CYS B 223 10.70 18.20 21.44
CA CYS B 223 10.51 16.76 21.48
C CYS B 223 9.03 16.47 21.68
N ARG B 224 8.33 16.11 20.60
CA ARG B 224 6.89 15.99 20.68
C ARG B 224 6.43 14.93 21.68
N ALA B 225 5.38 15.27 22.42
CA ALA B 225 4.78 14.43 23.43
C ALA B 225 3.25 14.56 23.35
N GLU B 226 2.54 13.58 23.88
CA GLU B 226 1.08 13.58 23.80
C GLU B 226 0.40 13.82 25.16
N ALA B 227 -0.87 14.22 25.11
CA ALA B 227 -1.68 14.38 26.31
C ALA B 227 -3.13 14.71 26.03
N VAL B 228 -4.01 14.18 26.87
CA VAL B 228 -5.37 14.66 26.97
C VAL B 228 -5.53 15.31 28.33
N VAL B 229 -5.96 16.56 28.33
CA VAL B 229 -6.08 17.30 29.56
C VAL B 229 -7.34 18.11 29.47
N ALA B 230 -7.94 18.37 30.62
CA ALA B 230 -9.16 19.18 30.66
C ALA B 230 -9.34 19.89 31.99
N VAL B 231 -9.94 21.07 31.91
CA VAL B 231 -10.22 21.84 33.09
C VAL B 231 -11.64 22.36 33.06
N LEU B 232 -12.21 22.57 34.25
CA LEU B 232 -13.53 23.13 34.36
C LEU B 232 -13.47 24.56 34.84
N LEU B 233 -13.94 25.49 34.01
CA LEU B 233 -14.11 26.88 34.41
C LEU B 233 -15.52 27.06 34.92
N THR B 234 -15.77 28.15 35.62
CA THR B 234 -17.08 28.41 36.20
C THR B 234 -17.06 29.79 36.82
N LYS B 235 -18.23 30.34 37.11
CA LYS B 235 -18.30 31.59 37.85
C LYS B 235 -18.14 31.27 39.35
N LYS B 236 -17.40 32.13 40.06
CA LYS B 236 -17.08 31.89 41.48
C LYS B 236 -18.31 31.58 42.30
N SER B 237 -19.41 32.23 41.97
CA SER B 237 -20.66 32.05 42.69
C SER B 237 -21.27 30.70 42.37
N LEU B 238 -20.43 29.72 42.12
CA LEU B 238 -20.90 28.41 41.67
C LEU B 238 -19.81 27.33 41.81
N ALA B 239 -18.60 27.77 42.14
CA ALA B 239 -17.48 26.83 42.25
C ALA B 239 -17.33 26.32 43.67
N ARG B 240 -17.33 25.00 43.83
CA ARG B 240 -17.15 24.43 45.16
C ARG B 240 -15.68 24.37 45.52
N ARG B 241 -14.84 24.59 44.50
CA ARG B 241 -13.41 24.58 44.69
C ARG B 241 -12.77 25.50 43.65
N VAL B 242 -11.75 26.26 44.07
CA VAL B 242 -11.06 27.18 43.17
C VAL B 242 -9.53 27.05 43.24
N TYR B 243 -8.95 26.58 42.14
CA TYR B 243 -7.51 26.44 42.03
C TYR B 243 -6.88 27.80 41.84
N ALA B 244 -7.51 28.61 41.00
CA ALA B 244 -7.08 29.98 40.79
C ALA B 244 -8.19 30.77 40.13
N THR B 245 -7.95 32.07 39.98
CA THR B 245 -8.87 32.95 39.25
C THR B 245 -8.19 33.51 38.01
N ILE B 246 -8.94 33.60 36.92
CA ILE B 246 -8.40 34.22 35.71
C ILE B 246 -8.58 35.75 35.79
N LEU B 247 -7.46 36.45 35.73
CA LEU B 247 -7.43 37.90 35.78
C LEU B 247 -7.54 38.53 34.39
N ASN B 248 -6.93 37.89 33.40
CA ASN B 248 -7.00 38.37 32.03
C ASN B 248 -6.50 37.33 31.02
N ALA B 249 -6.72 37.62 29.74
CA ALA B 249 -6.21 36.77 28.67
C ALA B 249 -6.60 37.35 27.32
N GLY B 250 -5.79 37.12 26.31
CA GLY B 250 -6.04 37.65 24.98
C GLY B 250 -5.04 37.02 24.04
N THR B 251 -5.23 37.17 22.74
CA THR B 251 -4.27 36.65 21.78
C THR B 251 -4.12 37.60 20.63
N ASN B 252 -2.93 37.62 20.05
CA ASN B 252 -2.71 38.30 18.79
C ASN B 252 -2.08 37.33 17.82
N THR B 253 -1.37 37.88 16.83
CA THR B 253 -0.85 37.06 15.75
C THR B 253 0.35 37.72 15.03
N ASP B 254 1.56 37.25 15.36
CA ASP B 254 2.80 37.61 14.66
C ASP B 254 2.51 38.06 13.24
N GLY B 255 2.58 39.36 12.98
CA GLY B 255 2.17 39.91 11.70
C GLY B 255 2.64 39.16 10.47
N SER B 256 3.39 39.85 9.63
CA SER B 256 4.11 39.19 8.54
C SER B 256 5.57 39.47 8.78
N LYS B 257 6.29 38.44 9.20
CA LYS B 257 7.69 38.54 9.52
C LYS B 257 8.50 38.36 8.23
N GLU B 258 9.63 39.03 8.12
CA GLU B 258 10.44 38.87 6.92
C GLU B 258 11.17 37.53 6.91
N GLN B 259 11.32 36.96 8.09
CA GLN B 259 12.20 35.82 8.29
C GLN B 259 11.46 34.50 8.10
N GLY B 260 10.26 34.55 7.53
CA GLY B 260 9.45 33.35 7.30
C GLY B 260 8.26 33.20 8.22
N VAL B 261 7.43 32.21 7.96
CA VAL B 261 6.23 32.01 8.76
C VAL B 261 6.50 31.31 10.09
N THR B 262 7.49 30.43 10.10
CA THR B 262 7.77 29.66 11.30
C THR B 262 8.42 30.49 12.39
N PHE B 263 8.95 31.65 12.02
CA PHE B 263 9.76 32.46 12.93
C PHE B 263 8.95 33.13 14.03
N PRO B 264 9.20 32.75 15.30
CA PRO B 264 8.45 33.34 16.41
C PRO B 264 8.79 34.82 16.55
N SER B 265 7.82 35.70 16.32
CA SER B 265 8.07 37.12 16.49
C SER B 265 7.94 37.56 17.94
N GLY B 266 9.09 37.73 18.59
CA GLY B 266 9.14 38.15 19.96
C GLY B 266 8.69 39.58 20.10
N ASP B 267 8.87 40.37 19.06
CA ASP B 267 8.41 41.75 19.10
C ASP B 267 6.88 41.82 19.16
N VAL B 268 6.21 40.84 18.56
CA VAL B 268 4.76 40.78 18.62
C VAL B 268 4.33 40.16 19.93
N GLN B 269 4.98 39.07 20.32
CA GLN B 269 4.67 38.41 21.59
C GLN B 269 4.80 39.39 22.72
N GLU B 270 5.76 40.30 22.59
CA GLU B 270 5.98 41.32 23.58
C GLU B 270 4.73 42.15 23.69
N GLN B 271 4.22 42.62 22.56
CA GLN B 271 2.98 43.39 22.53
C GLN B 271 1.87 42.65 23.28
N LEU B 272 1.58 41.42 22.89
CA LEU B 272 0.50 40.65 23.52
C LEU B 272 0.61 40.64 25.03
N ILE B 273 1.84 40.55 25.54
CA ILE B 273 2.04 40.49 26.98
C ILE B 273 1.71 41.82 27.66
N ARG B 274 1.92 42.93 26.96
CA ARG B 274 1.57 44.24 27.51
C ARG B 274 0.08 44.51 27.52
N SER B 275 -0.60 44.12 26.45
CA SER B 275 -2.02 44.39 26.31
C SER B 275 -2.78 43.96 27.54
N LEU B 276 -2.18 43.07 28.32
CA LEU B 276 -2.93 42.41 29.37
C LEU B 276 -2.47 42.85 30.76
N TYR B 277 -1.48 43.73 30.79
CA TYR B 277 -0.93 44.22 32.05
C TYR B 277 -0.96 45.74 32.22
N ALA B 278 0.11 46.27 32.80
CA ALA B 278 0.25 47.68 33.17
C ALA B 278 -1.05 48.53 33.04
N PRO B 279 -1.19 49.35 31.99
CA PRO B 279 -2.41 50.19 32.01
C PRO B 279 -3.72 49.39 31.92
N ALA B 280 -3.71 48.29 31.19
CA ALA B 280 -4.93 47.50 30.99
C ALA B 280 -4.88 46.14 31.70
N GLY B 281 -4.67 46.17 33.01
CA GLY B 281 -4.65 44.94 33.78
C GLY B 281 -3.57 44.96 34.85
N PRO B 282 -3.49 43.87 35.61
CA PRO B 282 -2.63 43.62 36.78
C PRO B 282 -1.26 44.27 36.74
N ASP B 283 -0.64 44.37 37.90
CA ASP B 283 0.65 45.02 38.08
C ASP B 283 1.79 44.04 37.79
N PRO B 284 2.62 44.34 36.78
CA PRO B 284 3.71 43.46 36.33
C PRO B 284 4.65 43.05 37.48
N GLU B 285 4.43 43.63 38.65
CA GLU B 285 5.29 43.45 39.82
C GLU B 285 4.78 42.29 40.68
N SER B 286 3.50 41.99 40.52
CA SER B 286 2.84 40.94 41.29
C SER B 286 3.15 39.55 40.75
N LEU B 287 3.69 39.50 39.53
CA LEU B 287 4.02 38.22 38.93
C LEU B 287 5.12 37.53 39.73
N GLU B 288 4.81 36.36 40.25
CA GLU B 288 5.81 35.53 40.93
C GLU B 288 6.47 34.63 39.90
N TYR B 289 5.65 33.92 39.15
CA TYR B 289 6.15 32.93 38.21
C TYR B 289 5.47 33.09 36.86
N ILE B 290 6.25 32.94 35.79
CA ILE B 290 5.70 32.89 34.44
C ILE B 290 6.10 31.56 33.79
N GLU B 291 5.11 30.82 33.30
CA GLU B 291 5.41 29.58 32.61
C GLU B 291 5.61 29.91 31.14
N ALA B 292 6.77 29.57 30.61
CA ALA B 292 7.09 29.89 29.24
C ALA B 292 6.61 28.81 28.30
N HIS B 293 6.43 29.15 27.03
CA HIS B 293 6.26 28.14 26.00
C HIS B 293 7.47 27.20 26.12
N GLY B 294 8.65 27.80 26.22
CA GLY B 294 9.85 27.05 26.52
C GLY B 294 10.10 25.88 25.60
N THR B 295 9.70 26.00 24.34
CA THR B 295 9.93 24.94 23.35
C THR B 295 11.30 24.29 23.48
N GLY B 296 12.35 25.09 23.37
CA GLY B 296 13.71 24.58 23.33
C GLY B 296 14.29 24.73 21.94
N THR B 297 13.81 25.74 21.20
CA THR B 297 14.31 26.05 19.86
C THR B 297 15.55 26.90 20.00
N LYS B 298 16.55 26.67 19.16
CA LYS B 298 17.70 27.55 19.19
C LYS B 298 17.31 28.97 18.77
N VAL B 299 16.20 29.10 18.04
CA VAL B 299 15.71 30.39 17.61
C VAL B 299 14.52 30.87 18.44
N GLY B 300 13.61 29.95 18.75
CA GLY B 300 12.45 30.29 19.54
C GLY B 300 12.80 30.84 20.90
N ASP B 301 13.39 30.01 21.74
CA ASP B 301 13.65 30.37 23.13
C ASP B 301 14.02 31.83 23.32
N PRO B 302 15.11 32.28 22.68
CA PRO B 302 15.59 33.64 22.90
C PRO B 302 14.52 34.68 22.54
N GLN B 303 13.98 34.59 21.34
CA GLN B 303 12.93 35.50 20.90
C GLN B 303 11.86 35.68 21.96
N GLU B 304 11.46 34.59 22.61
CA GLU B 304 10.37 34.65 23.58
C GLU B 304 10.76 35.31 24.91
N LEU B 305 11.75 34.71 25.58
CA LEU B 305 12.22 35.23 26.86
C LEU B 305 12.68 36.69 26.80
N ASN B 306 13.20 37.12 25.66
CA ASN B 306 13.57 38.51 25.49
C ASN B 306 12.35 39.40 25.64
N GLY B 307 11.46 39.34 24.64
CA GLY B 307 10.21 40.07 24.67
C GLY B 307 9.42 39.93 25.97
N ILE B 308 9.72 38.89 26.75
CA ILE B 308 9.05 38.72 28.05
C ILE B 308 9.49 39.83 28.99
N VAL B 309 10.79 39.87 29.26
CA VAL B 309 11.36 40.88 30.15
C VAL B 309 11.19 42.28 29.55
N ASN B 310 11.41 42.38 28.23
CA ASN B 310 11.17 43.62 27.49
C ASN B 310 9.76 44.18 27.68
N ALA B 311 8.93 43.48 28.45
CA ALA B 311 7.55 43.92 28.69
C ALA B 311 7.14 43.82 30.15
N LEU B 312 7.64 42.81 30.86
CA LEU B 312 7.22 42.56 32.24
C LEU B 312 8.16 43.06 33.33
N CYS B 313 9.26 43.70 32.96
CA CYS B 313 10.29 44.00 33.96
C CYS B 313 10.77 45.45 34.08
N ALA B 314 9.97 46.27 34.76
CA ALA B 314 10.42 47.55 35.31
C ALA B 314 10.12 47.47 36.80
N THR B 315 10.92 46.67 37.50
CA THR B 315 10.60 46.21 38.84
C THR B 315 11.80 45.59 39.56
N ARG B 316 11.73 45.55 40.90
CA ARG B 316 12.82 45.06 41.74
C ARG B 316 12.67 43.59 42.10
N ARG B 317 13.50 43.13 43.03
CA ARG B 317 13.57 41.71 43.39
C ARG B 317 13.77 40.81 42.16
N GLU B 318 13.88 39.50 42.39
CA GLU B 318 13.99 38.53 41.32
C GLU B 318 12.61 38.28 40.77
N PRO B 319 12.14 39.16 39.86
CA PRO B 319 10.72 39.29 39.56
C PRO B 319 10.05 37.94 39.35
N LEU B 320 10.23 37.39 38.16
CA LEU B 320 9.56 36.14 37.81
C LEU B 320 10.50 34.96 37.74
N LEU B 321 10.20 33.96 38.55
CA LEU B 321 10.79 32.64 38.40
C LEU B 321 10.24 32.09 37.09
N ILE B 322 11.12 31.80 36.14
CA ILE B 322 10.70 31.22 34.88
C ILE B 322 10.83 29.71 34.89
N GLY B 323 9.96 29.05 34.14
CA GLY B 323 10.04 27.61 34.03
C GLY B 323 9.40 27.10 32.76
N SER B 324 9.25 25.78 32.70
CA SER B 324 8.56 25.14 31.61
C SER B 324 8.19 23.75 32.06
N THR B 325 7.08 23.30 31.53
CA THR B 325 6.66 21.95 31.77
C THR B 325 7.16 21.15 30.60
N LYS B 326 7.33 21.82 29.46
CA LYS B 326 7.74 21.17 28.23
C LYS B 326 9.13 20.51 28.35
N SER B 327 9.90 20.93 29.33
CA SER B 327 11.20 20.32 29.58
C SER B 327 11.03 19.06 30.40
N ASN B 328 10.02 19.05 31.26
CA ASN B 328 9.71 17.88 32.08
C ASN B 328 9.15 16.71 31.26
N MET B 329 8.48 17.01 30.16
CA MET B 329 7.61 16.02 29.52
C MET B 329 7.54 16.04 27.98
N GLY B 330 7.83 17.19 27.38
CA GLY B 330 7.78 17.29 25.93
C GLY B 330 6.68 18.23 25.49
N HIS B 331 6.83 18.80 24.30
CA HIS B 331 5.87 19.75 23.75
C HIS B 331 4.57 19.04 23.34
N PRO B 332 3.50 19.15 24.15
CA PRO B 332 2.27 18.42 23.83
C PRO B 332 1.51 19.12 22.71
N GLU B 333 2.19 19.99 21.97
CA GLU B 333 1.59 20.68 20.83
C GLU B 333 0.27 21.40 21.17
N PRO B 334 -0.85 21.09 20.49
CA PRO B 334 -1.97 22.01 20.72
C PRO B 334 -2.44 21.95 22.17
N ALA B 335 -2.09 20.86 22.86
CA ALA B 335 -2.47 20.70 24.25
C ALA B 335 -1.56 21.51 25.16
N SER B 336 -0.36 21.81 24.67
CA SER B 336 0.67 22.57 25.40
C SER B 336 0.13 23.56 26.43
N GLY B 337 -0.75 24.45 26.00
CA GLY B 337 -1.32 25.47 26.86
C GLY B 337 -1.92 24.96 28.16
N VAL B 338 -2.88 24.04 28.06
CA VAL B 338 -3.56 23.54 29.24
C VAL B 338 -2.75 22.50 30.00
N ALA B 339 -1.89 21.78 29.30
CA ALA B 339 -0.98 20.85 29.94
C ALA B 339 -0.15 21.64 30.93
N ALA B 340 0.29 22.82 30.49
CA ALA B 340 1.13 23.69 31.27
C ALA B 340 0.35 24.25 32.46
N LEU B 341 -0.82 24.81 32.18
CA LEU B 341 -1.67 25.33 33.22
C LEU B 341 -1.77 24.32 34.36
N ILE B 342 -1.91 23.05 33.99
CA ILE B 342 -2.05 22.00 34.98
C ILE B 342 -0.81 21.89 35.87
N LYS B 343 0.35 21.84 35.26
CA LYS B 343 1.58 21.88 36.02
C LYS B 343 1.55 23.04 37.01
N VAL B 344 1.12 24.20 36.54
CA VAL B 344 1.05 25.37 37.39
C VAL B 344 0.14 25.10 38.57
N LEU B 345 -1.13 24.85 38.28
CA LEU B 345 -2.13 24.63 39.32
C LEU B 345 -1.67 23.55 40.30
N LEU B 346 -1.10 22.47 39.76
CA LEU B 346 -0.61 21.38 40.59
C LEU B 346 0.39 21.87 41.65
N SER B 347 1.38 22.62 41.21
CA SER B 347 2.39 23.14 42.12
C SER B 347 1.81 24.12 43.13
N LEU B 348 0.92 24.99 42.65
CA LEU B 348 0.32 25.98 43.54
C LEU B 348 -0.28 25.33 44.77
N GLU B 349 -0.85 24.14 44.58
CA GLU B 349 -1.55 23.45 45.65
C GLU B 349 -0.59 22.79 46.65
N HIS B 350 0.68 22.70 46.27
CA HIS B 350 1.70 22.14 47.14
C HIS B 350 2.70 23.21 47.60
N GLY B 351 2.41 24.47 47.27
CA GLY B 351 3.25 25.57 47.70
C GLY B 351 4.69 25.46 47.25
N VAL B 352 4.89 25.00 46.03
CA VAL B 352 6.23 24.80 45.50
C VAL B 352 6.21 24.74 43.99
N TRP B 353 7.28 25.22 43.37
CA TRP B 353 7.37 25.24 41.92
C TRP B 353 8.13 24.01 41.40
N ALA B 354 7.51 23.32 40.45
CA ALA B 354 8.13 22.18 39.79
C ALA B 354 9.51 22.55 39.27
N PRO B 355 10.52 21.77 39.69
CA PRO B 355 11.89 21.92 39.20
C PRO B 355 12.01 21.57 37.73
N ASN B 356 12.12 22.61 36.91
CA ASN B 356 12.40 22.46 35.49
C ASN B 356 13.60 21.52 35.29
N LEU B 357 13.65 20.83 34.15
CA LEU B 357 14.73 19.86 33.90
C LEU B 357 15.75 20.37 32.89
N HIS B 358 16.80 19.58 32.70
CA HIS B 358 17.81 19.83 31.66
C HIS B 358 18.44 21.21 31.70
N TYR B 359 18.27 21.95 32.79
CA TYR B 359 18.88 23.27 32.87
C TYR B 359 20.32 23.20 33.33
N HIS B 360 21.23 23.62 32.46
CA HIS B 360 22.66 23.54 32.77
C HIS B 360 23.38 24.83 32.41
N THR B 361 23.52 25.09 31.11
CA THR B 361 24.24 26.27 30.62
C THR B 361 23.27 27.32 30.07
N PRO B 362 22.94 28.34 30.89
CA PRO B 362 22.06 29.42 30.44
C PRO B 362 22.38 29.84 29.01
N ASN B 363 21.37 29.94 28.16
CA ASN B 363 21.58 30.33 26.77
C ASN B 363 22.34 31.65 26.68
N PRO B 364 23.48 31.63 25.98
CA PRO B 364 24.32 32.83 25.84
C PRO B 364 23.82 33.74 24.72
N GLU B 365 22.52 33.77 24.51
CA GLU B 365 21.93 34.63 23.48
C GLU B 365 20.86 35.54 24.11
N ILE B 366 20.54 35.27 25.38
CA ILE B 366 19.62 36.10 26.16
C ILE B 366 20.20 36.33 27.56
N PRO B 367 20.27 37.60 27.99
CA PRO B 367 20.79 37.84 29.35
C PRO B 367 19.68 37.56 30.33
N ALA B 368 19.82 38.02 31.56
CA ALA B 368 18.78 37.88 32.57
C ALA B 368 18.67 36.44 33.06
N LEU B 369 19.43 35.55 32.41
CA LEU B 369 19.53 34.14 32.80
C LEU B 369 20.57 33.96 33.93
N GLN B 370 21.11 35.07 34.39
CA GLN B 370 22.03 35.15 35.51
C GLN B 370 22.30 36.63 35.71
N ASP B 371 21.60 37.42 34.90
CA ASP B 371 21.59 38.87 34.98
C ASP B 371 20.50 39.32 35.96
N GLY B 372 20.20 38.44 36.91
CA GLY B 372 19.29 38.77 38.00
C GLY B 372 17.82 38.75 37.67
N ARG B 373 17.46 39.38 36.55
CA ARG B 373 16.05 39.58 36.18
C ARG B 373 15.19 38.30 36.24
N LEU B 374 15.53 37.30 35.43
CA LEU B 374 14.81 36.03 35.44
C LEU B 374 15.55 34.93 36.21
N GLN B 375 14.80 33.96 36.73
CA GLN B 375 15.39 32.87 37.50
C GLN B 375 14.82 31.53 37.12
N VAL B 376 15.55 30.79 36.30
CA VAL B 376 15.11 29.44 35.95
C VAL B 376 14.94 28.64 37.22
N VAL B 377 13.84 27.88 37.30
CA VAL B 377 13.56 27.07 38.47
C VAL B 377 14.13 25.66 38.32
N ASP B 378 15.42 25.51 38.64
CA ASP B 378 16.11 24.22 38.58
C ASP B 378 16.01 23.44 39.89
N ARG B 379 15.56 24.11 40.94
CA ARG B 379 15.39 23.48 42.25
C ARG B 379 13.96 23.65 42.73
N PRO B 380 13.52 22.75 43.61
CA PRO B 380 12.19 22.91 44.21
C PRO B 380 12.15 24.14 45.12
N LEU B 381 11.55 25.22 44.61
CA LEU B 381 11.47 26.47 45.35
C LEU B 381 10.10 26.63 46.00
N PRO B 382 10.05 26.80 47.33
CA PRO B 382 8.79 27.11 48.00
C PRO B 382 8.19 28.42 47.47
N ILE B 383 6.88 28.45 47.24
CA ILE B 383 6.25 29.65 46.70
C ILE B 383 5.73 30.55 47.81
N ARG B 384 5.81 31.86 47.57
CA ARG B 384 5.34 32.84 48.54
C ARG B 384 4.13 33.63 48.02
N GLY B 385 4.38 34.70 47.28
CA GLY B 385 3.31 35.58 46.83
C GLY B 385 2.82 35.33 45.40
N GLY B 386 2.02 34.30 45.23
CA GLY B 386 1.54 33.90 43.92
C GLY B 386 0.87 34.96 43.06
N ASN B 387 1.06 34.82 41.75
CA ASN B 387 0.36 35.60 40.74
C ASN B 387 1.11 35.34 39.43
N VAL B 388 0.48 34.57 38.53
CA VAL B 388 1.21 33.90 37.46
C VAL B 388 0.74 34.22 36.04
N GLY B 389 1.67 34.19 35.09
CA GLY B 389 1.33 34.31 33.69
C GLY B 389 1.59 32.99 32.99
N ILE B 390 1.08 32.84 31.77
CA ILE B 390 1.26 31.61 31.00
C ILE B 390 1.28 31.88 29.50
N ASN B 391 2.18 31.20 28.78
CA ASN B 391 2.39 31.43 27.34
C ASN B 391 2.02 30.23 26.44
N SER B 392 1.57 30.52 25.24
CA SER B 392 1.36 29.46 24.26
C SER B 392 1.39 30.06 22.87
N PHE B 393 2.33 29.61 22.07
CA PHE B 393 2.55 30.19 20.76
C PHE B 393 2.54 29.11 19.69
N GLY B 394 1.51 29.08 18.87
CA GLY B 394 1.44 28.12 17.78
C GLY B 394 2.43 28.45 16.68
N PHE B 395 3.05 27.44 16.10
CA PHE B 395 4.15 27.69 15.15
C PHE B 395 3.74 28.58 13.98
N GLY B 396 2.43 28.69 13.74
CA GLY B 396 1.92 29.51 12.65
C GLY B 396 1.82 30.98 13.01
N GLY B 397 2.28 31.32 14.21
CA GLY B 397 2.33 32.70 14.63
C GLY B 397 1.14 33.18 15.43
N SER B 398 0.48 32.27 16.13
CA SER B 398 -0.67 32.68 16.90
C SER B 398 -0.42 32.55 18.39
N ASN B 399 -0.26 33.69 19.03
CA ASN B 399 0.15 33.72 20.41
C ASN B 399 -1.04 33.98 21.29
N VAL B 400 -0.94 33.55 22.54
CA VAL B 400 -1.94 33.85 23.54
C VAL B 400 -1.31 33.79 24.94
N HIS B 401 -1.70 34.73 25.78
CA HIS B 401 -1.23 34.80 27.16
C HIS B 401 -2.43 34.73 28.08
N VAL B 402 -2.20 34.37 29.33
CA VAL B 402 -3.26 34.43 30.35
C VAL B 402 -2.72 34.56 31.77
N ILE B 403 -3.25 35.53 32.50
CA ILE B 403 -2.80 35.86 33.84
C ILE B 403 -3.66 35.18 34.88
N LEU B 404 -3.03 34.70 35.95
CA LEU B 404 -3.76 33.96 36.97
C LEU B 404 -3.53 34.54 38.36
N GLN B 405 -4.52 34.38 39.23
CA GLN B 405 -4.35 34.77 40.61
C GLN B 405 -4.75 33.62 41.51
N PRO B 406 -3.74 32.94 42.09
CA PRO B 406 -4.07 31.80 42.96
C PRO B 406 -4.96 32.27 44.10
N ASN B 407 -5.77 31.37 44.64
CA ASN B 407 -6.52 31.74 45.82
C ASN B 407 -5.66 31.34 47.02
N SER B 408 -5.57 32.25 47.98
CA SER B 408 -4.84 31.99 49.21
C SER B 408 -5.82 32.05 50.38
N ARG B 409 -6.00 30.93 51.07
CA ARG B 409 -6.99 30.86 52.13
C ARG B 409 -6.91 29.54 52.89
N PRO B 410 -6.52 29.62 54.18
CA PRO B 410 -6.35 28.47 55.08
C PRO B 410 -7.66 28.01 55.72
N ALA B 411 -7.64 26.83 56.35
CA ALA B 411 -8.84 26.24 56.92
C ALA B 411 -9.04 26.63 58.39
N PRO B 412 -10.24 27.15 58.71
CA PRO B 412 -10.64 27.58 60.06
C PRO B 412 -10.59 26.41 61.07
N PRO B 413 -10.84 26.69 62.36
CA PRO B 413 -10.96 25.67 63.42
C PRO B 413 -12.36 25.57 64.04
N PRO B 414 -13.28 24.78 63.46
CA PRO B 414 -14.66 24.65 63.94
C PRO B 414 -14.82 23.84 65.25
N ALA B 415 -16.06 23.57 65.64
CA ALA B 415 -16.35 22.75 66.82
C ALA B 415 -17.39 21.68 66.49
N GLN B 416 -17.52 21.36 65.20
CA GLN B 416 -18.48 20.35 64.76
C GLN B 416 -17.84 18.97 64.55
N HIS B 417 -16.79 18.87 63.73
CA HIS B 417 -16.04 17.61 63.68
C HIS B 417 -15.34 17.41 65.02
N ALA B 418 -15.63 18.31 65.96
CA ALA B 418 -15.15 18.17 67.33
C ALA B 418 -15.39 16.75 67.80
N ALA B 419 -16.58 16.50 68.32
CA ALA B 419 -16.95 15.16 68.76
C ALA B 419 -17.97 14.52 67.81
N LEU B 420 -18.19 15.16 66.67
CA LEU B 420 -19.21 14.70 65.72
C LEU B 420 -18.59 13.95 64.54
N PRO B 421 -18.79 12.63 64.49
CA PRO B 421 -18.31 11.86 63.36
C PRO B 421 -19.16 12.20 62.15
N ARG B 422 -18.55 12.32 60.98
CA ARG B 422 -19.27 12.61 59.74
C ARG B 422 -19.60 11.32 59.01
N LEU B 423 -20.47 11.40 58.01
CA LEU B 423 -20.71 10.26 57.15
C LEU B 423 -20.07 10.51 55.80
N LEU B 424 -19.29 9.54 55.33
CA LEU B 424 -18.70 9.63 54.00
C LEU B 424 -19.26 8.56 53.11
N GLN B 425 -19.84 8.97 51.98
CA GLN B 425 -20.40 8.00 51.04
C GLN B 425 -19.83 8.19 49.65
N ALA B 426 -19.84 7.12 48.86
CA ALA B 426 -19.20 7.17 47.55
C ALA B 426 -19.86 6.23 46.55
N SER B 427 -19.51 6.43 45.28
CA SER B 427 -19.99 5.60 44.19
C SER B 427 -18.91 5.47 43.12
N GLY B 428 -18.97 4.38 42.35
CA GLY B 428 -18.01 4.14 41.29
C GLY B 428 -18.46 3.07 40.30
N ARG B 429 -17.49 2.53 39.56
CA ARG B 429 -17.76 1.53 38.53
C ARG B 429 -17.33 0.11 38.93
N THR B 430 -16.60 -0.02 40.03
CA THR B 430 -16.18 -1.32 40.53
C THR B 430 -16.10 -1.32 42.04
N LEU B 431 -15.85 -2.49 42.62
CA LEU B 431 -15.53 -2.58 44.04
C LEU B 431 -14.36 -1.64 44.32
N GLU B 432 -13.33 -1.72 43.48
CA GLU B 432 -12.15 -0.90 43.71
C GLU B 432 -12.47 0.59 43.65
N ALA B 433 -13.20 1.02 42.62
CA ALA B 433 -13.45 2.45 42.42
C ALA B 433 -13.89 3.10 43.72
N VAL B 434 -14.64 2.34 44.51
CA VAL B 434 -15.19 2.78 45.79
C VAL B 434 -14.22 2.56 46.94
N GLN B 435 -13.64 1.36 47.02
CA GLN B 435 -12.63 1.07 48.03
C GLN B 435 -11.53 2.13 47.95
N THR B 436 -11.31 2.67 46.75
CA THR B 436 -10.29 3.71 46.56
C THR B 436 -10.71 4.99 47.27
N LEU B 437 -11.91 5.45 46.94
CA LEU B 437 -12.44 6.69 47.50
C LEU B 437 -12.49 6.67 49.02
N LEU B 438 -13.10 5.63 49.58
CA LEU B 438 -13.17 5.49 51.02
C LEU B 438 -11.79 5.49 51.68
N GLU B 439 -10.78 4.97 50.98
CA GLU B 439 -9.39 5.02 51.44
C GLU B 439 -8.90 6.46 51.56
N GLN B 440 -9.29 7.29 50.60
CA GLN B 440 -8.90 8.70 50.59
C GLN B 440 -9.68 9.51 51.62
N GLY B 441 -10.91 9.07 51.89
CA GLY B 441 -11.76 9.73 52.88
C GLY B 441 -11.24 9.48 54.27
N LEU B 442 -10.91 8.22 54.53
CA LEU B 442 -10.36 7.84 55.83
C LEU B 442 -9.03 8.52 56.12
N ARG B 443 -8.15 8.63 55.12
CA ARG B 443 -6.85 9.23 55.33
C ARG B 443 -6.94 10.75 55.51
N HIS B 444 -8.10 11.31 55.18
CA HIS B 444 -8.34 12.75 55.38
C HIS B 444 -9.54 13.00 56.28
N SER B 445 -9.68 12.16 57.31
CA SER B 445 -10.81 12.19 58.23
C SER B 445 -11.29 13.60 58.54
N ARG B 446 -10.54 14.31 59.38
CA ARG B 446 -11.06 15.56 59.93
C ARG B 446 -11.22 16.69 58.89
N ASP B 447 -10.77 16.50 57.66
CA ASP B 447 -10.87 17.54 56.63
C ASP B 447 -12.27 17.66 56.00
N LEU B 448 -13.04 18.65 56.45
CA LEU B 448 -14.44 18.76 56.07
C LEU B 448 -14.67 19.22 54.64
N ALA B 449 -13.79 20.09 54.15
CA ALA B 449 -13.93 20.60 52.80
C ALA B 449 -13.97 19.44 51.84
N PHE B 450 -13.04 18.51 52.06
CA PHE B 450 -12.80 17.39 51.17
C PHE B 450 -13.92 16.36 51.20
N VAL B 451 -14.39 16.04 52.41
CA VAL B 451 -15.42 15.03 52.58
C VAL B 451 -16.75 15.49 52.00
N GLY B 452 -17.07 16.76 52.23
CA GLY B 452 -18.30 17.33 51.70
C GLY B 452 -18.37 17.13 50.21
N MET B 453 -17.30 17.50 49.52
CA MET B 453 -17.25 17.35 48.08
C MET B 453 -17.43 15.89 47.64
N LEU B 454 -16.62 14.99 48.19
CA LEU B 454 -16.76 13.56 47.91
C LEU B 454 -18.23 13.15 47.88
N ASN B 455 -18.97 13.68 48.84
CA ASN B 455 -20.37 13.37 49.00
C ASN B 455 -21.23 13.95 47.90
N GLU B 456 -21.06 15.23 47.64
CA GLU B 456 -21.79 15.89 46.57
C GLU B 456 -21.68 15.11 45.28
N ILE B 457 -20.54 14.44 45.10
CA ILE B 457 -20.29 13.62 43.93
C ILE B 457 -21.04 12.31 43.95
N ALA B 458 -20.94 11.61 45.08
CA ALA B 458 -21.48 10.27 45.21
C ALA B 458 -22.89 10.14 44.64
N ALA B 459 -23.65 11.23 44.65
CA ALA B 459 -25.03 11.22 44.22
C ALA B 459 -25.22 10.98 42.71
N VAL B 460 -24.87 9.80 42.23
CA VAL B 460 -25.14 9.45 40.84
C VAL B 460 -25.92 8.16 40.75
N SER B 461 -27.02 8.22 40.00
CA SER B 461 -27.85 7.05 39.76
C SER B 461 -27.02 5.76 39.60
N PRO B 462 -27.44 4.68 40.28
CA PRO B 462 -26.80 3.36 40.15
C PRO B 462 -27.05 2.75 38.77
N VAL B 463 -27.77 3.49 37.92
CA VAL B 463 -27.90 3.13 36.52
C VAL B 463 -26.54 3.29 35.83
N ALA B 464 -25.73 4.20 36.35
CA ALA B 464 -24.39 4.45 35.80
C ALA B 464 -23.31 3.93 36.75
N MET B 465 -23.44 4.30 38.02
CA MET B 465 -22.50 3.87 39.04
C MET B 465 -23.17 2.85 39.95
N PRO B 466 -23.06 1.56 39.60
CA PRO B 466 -23.72 0.43 40.25
C PRO B 466 -22.99 -0.02 41.50
N PHE B 467 -22.03 0.77 41.95
CA PHE B 467 -21.21 0.38 43.07
C PHE B 467 -21.11 1.47 44.10
N ARG B 468 -21.53 1.17 45.33
CA ARG B 468 -21.51 2.16 46.38
C ARG B 468 -20.93 1.65 47.68
N GLY B 469 -20.60 2.59 48.57
CA GLY B 469 -19.98 2.27 49.83
C GLY B 469 -20.07 3.44 50.78
N TYR B 470 -19.70 3.20 52.04
CA TYR B 470 -19.73 4.26 53.03
C TYR B 470 -18.71 4.01 54.13
N ALA B 471 -18.36 5.07 54.86
CA ALA B 471 -17.48 4.96 56.03
C ALA B 471 -17.93 5.97 57.10
N VAL B 472 -17.70 5.63 58.36
CA VAL B 472 -18.04 6.53 59.46
C VAL B 472 -16.78 7.19 60.01
N LEU B 473 -16.45 8.37 59.49
CA LEU B 473 -15.23 9.09 59.84
C LEU B 473 -15.25 9.58 61.28
N GLY B 474 -14.23 9.26 62.05
CA GLY B 474 -14.24 9.58 63.47
C GLY B 474 -15.22 8.69 64.20
N GLY B 475 -15.21 8.73 65.53
CA GLY B 475 -16.06 7.86 66.33
C GLY B 475 -15.61 6.41 66.31
N GLU B 476 -15.62 5.77 67.49
CA GLU B 476 -15.12 4.41 67.66
C GLU B 476 -15.81 3.35 66.79
N ALA B 477 -16.60 3.80 65.83
CA ALA B 477 -17.29 2.89 64.91
C ALA B 477 -16.32 2.14 64.00
N GLY B 478 -15.49 2.87 63.26
CA GLY B 478 -14.70 2.25 62.22
C GLY B 478 -15.63 1.41 61.37
N SER B 479 -16.85 1.93 61.16
CA SER B 479 -17.93 1.23 60.46
C SER B 479 -17.92 1.49 58.95
N GLN B 480 -17.59 0.47 58.15
CA GLN B 480 -17.35 0.67 56.73
C GLN B 480 -17.84 -0.50 55.86
N GLU B 481 -18.85 -0.24 55.04
CA GLU B 481 -19.44 -1.29 54.21
C GLU B 481 -19.45 -0.94 52.73
N VAL B 482 -19.08 -1.91 51.89
CA VAL B 482 -19.08 -1.75 50.44
C VAL B 482 -19.97 -2.82 49.80
N GLN B 483 -20.89 -2.41 48.92
CA GLN B 483 -21.82 -3.34 48.29
C GLN B 483 -22.09 -3.02 46.81
N GLN B 484 -22.70 -3.98 46.11
CA GLN B 484 -23.20 -3.72 44.78
C GLN B 484 -24.63 -3.27 44.98
N VAL B 485 -25.23 -2.74 43.93
CA VAL B 485 -26.52 -2.06 44.09
C VAL B 485 -27.52 -2.46 43.03
N PRO B 486 -28.66 -3.01 43.47
CA PRO B 486 -29.78 -3.38 42.61
C PRO B 486 -30.16 -2.23 41.69
N GLY B 487 -30.21 -2.49 40.39
CA GLY B 487 -30.62 -1.49 39.42
C GLY B 487 -32.06 -1.09 39.67
N SER B 488 -32.73 -0.60 38.62
CA SER B 488 -34.12 -0.16 38.71
C SER B 488 -34.32 0.85 39.84
N LYS B 489 -35.52 1.44 39.89
CA LYS B 489 -35.85 2.36 40.95
C LYS B 489 -36.36 1.53 42.15
N ARG B 490 -36.14 2.01 43.37
CA ARG B 490 -36.72 1.41 44.57
C ARG B 490 -37.58 2.46 45.30
N PRO B 491 -38.82 2.11 45.65
CA PRO B 491 -39.72 3.01 46.38
C PRO B 491 -39.26 3.26 47.83
N VAL B 492 -39.42 4.48 48.30
CA VAL B 492 -39.02 4.82 49.67
C VAL B 492 -40.25 4.87 50.57
N TRP B 493 -40.32 3.94 51.52
CA TRP B 493 -41.46 3.86 52.42
C TRP B 493 -41.10 4.17 53.88
N PHE B 494 -41.74 5.21 54.41
CA PHE B 494 -41.54 5.65 55.78
C PHE B 494 -42.55 4.99 56.71
N ILE B 495 -42.07 4.40 57.80
CA ILE B 495 -42.91 3.70 58.75
C ILE B 495 -42.71 4.28 60.14
N CYS B 496 -43.77 4.84 60.71
CA CYS B 496 -43.65 5.53 61.99
C CYS B 496 -44.15 4.75 63.19
N SER B 497 -43.26 4.01 63.84
CA SER B 497 -43.60 3.20 65.00
C SER B 497 -44.13 4.03 66.15
N GLY B 498 -44.96 3.42 66.99
CA GLY B 498 -45.62 4.12 68.06
C GLY B 498 -45.02 3.84 69.42
N MET B 499 -45.89 3.51 70.37
CA MET B 499 -45.50 3.41 71.77
C MET B 499 -44.82 2.09 72.12
N GLY B 500 -44.29 2.04 73.35
CA GLY B 500 -43.44 0.94 73.76
C GLY B 500 -42.04 1.27 73.27
N ALA B 501 -41.98 2.31 72.44
CA ALA B 501 -40.75 2.72 71.80
C ALA B 501 -39.87 3.56 72.72
N GLN B 502 -40.47 4.17 73.75
CA GLN B 502 -39.72 5.07 74.62
C GLN B 502 -38.66 4.35 75.45
N TRP B 503 -37.58 5.08 75.73
CA TRP B 503 -36.50 4.60 76.59
C TRP B 503 -35.69 5.80 77.10
N GLN B 504 -34.98 5.61 78.21
CA GLN B 504 -34.26 6.67 78.90
C GLN B 504 -32.99 7.15 78.21
N GLY B 505 -33.07 8.27 77.48
CA GLY B 505 -31.93 8.81 76.77
C GLY B 505 -32.17 9.00 75.29
N MET B 506 -33.43 8.94 74.89
CA MET B 506 -33.80 9.12 73.50
C MET B 506 -33.15 10.35 72.88
N GLY B 507 -32.20 10.12 71.97
CA GLY B 507 -31.62 11.18 71.16
C GLY B 507 -30.93 12.30 71.94
N LEU B 508 -30.40 11.96 73.10
CA LEU B 508 -29.45 12.85 73.77
C LEU B 508 -28.18 12.86 72.93
N SER B 509 -27.92 11.77 72.22
CA SER B 509 -26.76 11.70 71.33
C SER B 509 -27.01 12.46 70.04
N LEU B 510 -28.18 12.25 69.44
CA LEU B 510 -28.51 12.93 68.19
C LEU B 510 -28.74 14.43 68.38
N MET B 511 -28.66 14.90 69.63
CA MET B 511 -28.89 16.32 69.89
C MET B 511 -27.80 17.21 69.29
N ARG B 512 -26.61 16.64 69.13
CA ARG B 512 -25.46 17.39 68.61
C ARG B 512 -25.66 17.84 67.17
N LEU B 513 -26.26 16.98 66.35
CA LEU B 513 -26.59 17.35 64.99
C LEU B 513 -27.52 18.55 64.98
N ASP B 514 -27.16 19.56 64.20
CA ASP B 514 -27.92 20.79 64.20
C ASP B 514 -29.38 20.61 63.77
N ARG B 515 -29.58 20.02 62.60
CA ARG B 515 -30.92 19.87 62.04
C ARG B 515 -31.86 19.19 63.05
N PHE B 516 -31.29 18.36 63.92
CA PHE B 516 -32.08 17.63 64.92
C PHE B 516 -32.46 18.51 66.11
N ARG B 517 -31.46 19.02 66.81
CA ARG B 517 -31.68 19.95 67.91
C ARG B 517 -32.67 21.02 67.47
N ASP B 518 -32.31 21.76 66.43
CA ASP B 518 -33.14 22.86 65.93
C ASP B 518 -34.59 22.48 65.61
N SER B 519 -34.86 21.21 65.30
CA SER B 519 -36.24 20.75 65.14
C SER B 519 -36.87 20.45 66.50
N ILE B 520 -36.04 19.94 67.40
CA ILE B 520 -36.50 19.66 68.74
C ILE B 520 -36.76 20.94 69.53
N LEU B 521 -36.15 22.02 69.08
CA LEU B 521 -36.40 23.31 69.72
C LEU B 521 -37.67 23.95 69.17
N ARG B 522 -38.03 23.62 67.93
CA ARG B 522 -39.24 24.16 67.34
C ARG B 522 -40.43 23.57 68.08
N SER B 523 -40.24 22.35 68.59
CA SER B 523 -41.24 21.64 69.38
C SER B 523 -41.45 22.34 70.71
N ASP B 524 -40.35 22.74 71.35
CA ASP B 524 -40.40 23.50 72.60
C ASP B 524 -41.20 24.77 72.40
N GLN B 525 -41.10 25.33 71.21
CA GLN B 525 -41.76 26.60 70.92
C GLN B 525 -43.26 26.43 70.72
N ALA B 526 -43.66 25.28 70.19
CA ALA B 526 -45.08 24.99 70.08
C ALA B 526 -45.65 24.73 71.47
N LEU B 527 -44.82 24.20 72.35
CA LEU B 527 -45.23 23.73 73.69
C LEU B 527 -45.01 24.76 74.80
N LYS B 528 -44.40 25.90 74.48
CA LYS B 528 -44.14 26.93 75.49
C LYS B 528 -45.39 27.39 76.28
N PRO B 529 -46.50 27.71 75.57
CA PRO B 529 -47.73 28.19 76.24
C PRO B 529 -48.36 27.18 77.19
N LEU B 530 -47.95 25.93 77.09
CA LEU B 530 -48.44 24.91 77.99
C LEU B 530 -47.38 24.65 79.05
N GLY B 531 -46.35 25.48 79.05
CA GLY B 531 -45.27 25.42 80.03
C GLY B 531 -44.64 24.07 80.15
N LEU B 532 -43.95 23.66 79.08
CA LEU B 532 -43.44 22.30 78.96
C LEU B 532 -42.32 22.34 77.94
N ARG B 533 -41.16 21.79 78.29
CA ARG B 533 -40.04 21.84 77.36
C ARG B 533 -39.53 20.44 77.01
N VAL B 534 -39.79 20.03 75.77
CA VAL B 534 -39.52 18.67 75.34
C VAL B 534 -38.07 18.28 75.50
N SER B 535 -37.18 19.26 75.32
CA SER B 535 -35.76 18.99 75.48
C SER B 535 -35.43 18.67 76.94
N ASP B 536 -36.21 19.22 77.87
CA ASP B 536 -36.03 18.92 79.29
C ASP B 536 -36.55 17.51 79.59
N LEU B 537 -37.62 17.13 78.91
CA LEU B 537 -38.21 15.80 79.00
C LEU B 537 -37.28 14.70 78.51
N LEU B 538 -36.39 15.04 77.59
CA LEU B 538 -35.45 14.06 77.04
C LEU B 538 -34.19 14.01 77.90
N LEU B 539 -33.78 15.18 78.36
CA LEU B 539 -32.63 15.31 79.24
C LEU B 539 -32.90 14.56 80.54
N SER B 540 -34.06 14.83 81.14
CA SER B 540 -34.45 14.21 82.41
C SER B 540 -34.30 12.69 82.34
N THR B 541 -33.74 12.13 83.41
CA THR B 541 -33.50 10.70 83.48
C THR B 541 -33.99 10.15 84.83
N ASP B 542 -35.09 10.74 85.32
CA ASP B 542 -35.79 10.20 86.47
C ASP B 542 -36.95 9.33 85.98
N GLU B 543 -37.17 8.20 86.64
CA GLU B 543 -38.10 7.18 86.15
C GLU B 543 -39.59 7.49 86.32
N ALA B 544 -39.92 8.75 86.60
CA ALA B 544 -41.33 9.15 86.65
C ALA B 544 -41.72 9.80 85.33
N VAL B 545 -40.76 9.86 84.40
CA VAL B 545 -40.95 10.56 83.15
C VAL B 545 -41.05 9.61 81.94
N LEU B 546 -40.79 8.32 82.14
CA LEU B 546 -40.97 7.33 81.09
C LEU B 546 -42.26 6.53 81.29
N ASP B 547 -42.96 6.81 82.38
CA ASP B 547 -44.23 6.16 82.66
C ASP B 547 -45.38 7.08 82.25
N ASP B 548 -45.16 8.38 82.37
CA ASP B 548 -46.16 9.39 82.06
C ASP B 548 -46.57 9.32 80.59
N ILE B 549 -47.87 9.21 80.35
CA ILE B 549 -48.36 9.08 78.98
C ILE B 549 -48.34 10.42 78.22
N VAL B 550 -48.31 11.53 78.96
CA VAL B 550 -48.20 12.84 78.34
C VAL B 550 -46.75 13.22 78.01
N SER B 551 -45.81 12.73 78.82
CA SER B 551 -44.40 12.91 78.48
C SER B 551 -44.01 11.99 77.31
N SER B 552 -44.54 10.77 77.34
CA SER B 552 -44.25 9.76 76.31
C SER B 552 -44.81 10.09 74.94
N PHE B 553 -46.00 10.68 74.89
CA PHE B 553 -46.62 11.05 73.62
C PHE B 553 -45.87 12.18 72.95
N VAL B 554 -45.49 13.16 73.74
CA VAL B 554 -44.78 14.33 73.23
C VAL B 554 -43.31 14.03 72.93
N SER B 555 -42.72 13.11 73.69
CA SER B 555 -41.35 12.71 73.41
C SER B 555 -41.24 11.97 72.07
N LEU B 556 -42.01 10.90 71.88
CA LEU B 556 -42.00 10.17 70.63
C LEU B 556 -42.28 11.07 69.45
N THR B 557 -43.51 11.56 69.37
CA THR B 557 -43.90 12.40 68.26
C THR B 557 -42.84 13.45 67.95
N SER B 558 -42.28 14.08 68.97
CA SER B 558 -41.26 15.13 68.75
C SER B 558 -40.00 14.58 68.08
N ILE B 559 -39.49 13.46 68.59
CA ILE B 559 -38.30 12.83 68.03
C ILE B 559 -38.51 12.39 66.58
N GLN B 560 -39.61 11.68 66.34
CA GLN B 560 -39.96 11.27 64.99
C GLN B 560 -39.91 12.44 64.05
N ILE B 561 -40.57 13.53 64.43
CA ILE B 561 -40.59 14.75 63.63
C ILE B 561 -39.19 15.28 63.33
N ALA B 562 -38.26 15.09 64.26
CA ALA B 562 -36.88 15.50 64.02
C ALA B 562 -36.17 14.50 63.09
N LEU B 563 -36.45 13.21 63.28
CA LEU B 563 -35.91 12.19 62.40
C LEU B 563 -36.35 12.45 60.97
N ILE B 564 -37.64 12.68 60.77
CA ILE B 564 -38.15 13.02 59.44
C ILE B 564 -37.45 14.23 58.88
N ASP B 565 -37.09 15.18 59.74
CA ASP B 565 -36.37 16.36 59.30
C ASP B 565 -34.97 15.97 58.81
N LEU B 566 -34.26 15.17 59.60
CA LEU B 566 -32.97 14.59 59.19
C LEU B 566 -33.07 13.90 57.84
N LEU B 567 -34.11 13.09 57.66
CA LEU B 567 -34.29 12.37 56.40
C LEU B 567 -34.51 13.32 55.23
N THR B 568 -35.20 14.42 55.46
CA THR B 568 -35.37 15.39 54.39
C THR B 568 -34.04 16.10 54.11
N SER B 569 -33.22 16.26 55.14
CA SER B 569 -31.90 16.89 54.99
C SER B 569 -31.05 16.12 54.02
N LEU B 570 -31.24 14.81 54.00
CA LEU B 570 -30.49 13.93 53.13
C LEU B 570 -30.99 14.09 51.70
N GLY B 571 -32.12 14.79 51.58
CA GLY B 571 -32.75 15.00 50.28
C GLY B 571 -33.58 13.79 49.92
N LEU B 572 -34.32 13.28 50.90
CA LEU B 572 -34.97 11.99 50.74
C LEU B 572 -36.43 12.05 51.14
N GLN B 573 -37.26 12.58 50.26
CA GLN B 573 -38.70 12.53 50.48
C GLN B 573 -39.20 11.13 50.16
N PRO B 574 -40.36 10.77 50.72
CA PRO B 574 -40.92 9.42 50.62
C PRO B 574 -41.91 9.25 49.47
N ASP B 575 -42.01 8.01 49.01
CA ASP B 575 -42.98 7.61 47.99
C ASP B 575 -44.27 7.14 48.66
N GLY B 576 -44.10 6.32 49.70
CA GLY B 576 -45.23 5.85 50.48
C GLY B 576 -45.07 6.15 51.96
N ILE B 577 -46.20 6.29 52.65
CA ILE B 577 -46.20 6.57 54.08
C ILE B 577 -47.20 5.70 54.85
N ILE B 578 -46.77 5.18 56.01
CA ILE B 578 -47.64 4.38 56.87
C ILE B 578 -47.33 4.60 58.35
N GLY B 579 -48.38 4.87 59.13
CA GLY B 579 -48.21 5.05 60.56
C GLY B 579 -48.77 3.87 61.34
N HIS B 580 -48.44 3.80 62.64
CA HIS B 580 -48.89 2.71 63.52
C HIS B 580 -49.35 3.28 64.86
N SER B 581 -50.66 3.43 65.03
CA SER B 581 -51.22 4.22 66.13
C SER B 581 -50.51 5.58 66.22
N LEU B 582 -49.82 5.87 67.32
CA LEU B 582 -49.16 7.18 67.53
C LEU B 582 -48.28 7.68 66.37
N GLY B 583 -47.76 6.76 65.55
CA GLY B 583 -46.88 7.11 64.45
C GLY B 583 -47.55 7.96 63.38
N GLU B 584 -48.87 7.80 63.25
CA GLU B 584 -49.62 8.57 62.28
C GLU B 584 -49.55 10.08 62.52
N VAL B 585 -49.43 10.48 63.79
CA VAL B 585 -49.23 11.89 64.09
C VAL B 585 -48.10 12.36 63.20
N ALA B 586 -46.92 11.80 63.43
CA ALA B 586 -45.74 12.12 62.64
C ALA B 586 -46.01 12.01 61.14
N CYS B 587 -46.66 10.94 60.74
CA CYS B 587 -46.99 10.70 59.34
C CYS B 587 -47.65 11.90 58.68
N GLY B 588 -48.69 12.41 59.33
CA GLY B 588 -49.43 13.55 58.81
C GLY B 588 -48.55 14.79 58.73
N TYR B 589 -47.40 14.73 59.38
CA TYR B 589 -46.44 15.83 59.29
C TYR B 589 -45.62 15.59 58.06
N ALA B 590 -45.24 14.33 57.88
CA ALA B 590 -44.45 13.92 56.74
C ALA B 590 -45.31 13.82 55.49
N ASP B 591 -46.63 13.83 55.67
CA ASP B 591 -47.50 13.92 54.51
C ASP B 591 -47.86 15.37 54.23
N GLY B 592 -47.59 16.24 55.20
CA GLY B 592 -47.73 17.67 54.99
C GLY B 592 -49.10 18.22 55.30
N CYS B 593 -50.01 17.38 55.77
CA CYS B 593 -51.34 17.86 56.16
C CYS B 593 -51.38 18.29 57.63
N LEU B 594 -50.23 18.17 58.28
CA LEU B 594 -50.08 18.62 59.66
C LEU B 594 -48.86 19.54 59.81
N THR B 595 -49.05 20.67 60.48
CA THR B 595 -47.93 21.56 60.79
C THR B 595 -47.17 20.97 61.97
N GLN B 596 -45.91 21.39 62.16
CA GLN B 596 -45.11 20.86 63.26
C GLN B 596 -45.65 21.32 64.59
N GLU B 597 -46.34 22.46 64.58
CA GLU B 597 -46.98 23.02 65.77
C GLU B 597 -48.25 22.26 66.11
N GLU B 598 -49.01 21.87 65.08
CA GLU B 598 -50.28 21.16 65.23
C GLU B 598 -50.06 19.68 65.55
N ALA B 599 -48.94 19.14 65.07
CA ALA B 599 -48.56 17.78 65.39
C ALA B 599 -48.19 17.68 66.86
N VAL B 600 -47.10 18.37 67.22
CA VAL B 600 -46.58 18.32 68.59
C VAL B 600 -47.68 18.57 69.63
N LEU B 601 -48.65 19.41 69.29
CA LEU B 601 -49.73 19.77 70.22
C LEU B 601 -50.89 18.77 70.27
N SER B 602 -51.05 17.97 69.22
CA SER B 602 -52.00 16.87 69.27
C SER B 602 -51.47 15.79 70.21
N SER B 603 -50.22 15.39 70.01
CA SER B 603 -49.61 14.38 70.85
C SER B 603 -49.82 14.76 72.30
N TYR B 604 -49.62 16.04 72.59
CA TYR B 604 -49.79 16.52 73.95
C TYR B 604 -51.22 16.30 74.48
N TRP B 605 -52.22 16.87 73.82
CA TRP B 605 -53.60 16.70 74.28
C TRP B 605 -54.06 15.24 74.21
N ARG B 606 -53.90 14.60 73.06
CA ARG B 606 -54.17 13.16 72.97
C ARG B 606 -53.72 12.47 74.24
N GLY B 607 -52.49 12.77 74.66
CA GLY B 607 -51.94 12.20 75.87
C GLY B 607 -52.66 12.70 77.11
N TYR B 608 -52.91 14.00 77.17
CA TYR B 608 -53.45 14.64 78.36
C TYR B 608 -54.85 14.19 78.73
N CYS B 609 -55.79 14.41 77.81
CA CYS B 609 -57.16 13.98 78.03
C CYS B 609 -57.22 12.53 78.47
N ILE B 610 -56.52 11.66 77.77
CA ILE B 610 -56.45 10.26 78.16
C ILE B 610 -55.94 10.10 79.60
N LYS B 611 -55.12 11.07 80.03
CA LYS B 611 -54.51 11.09 81.38
C LYS B 611 -55.41 11.75 82.44
N GLU B 612 -56.49 12.39 81.97
CA GLU B 612 -57.42 13.12 82.83
C GLU B 612 -58.81 12.52 82.77
N ALA B 613 -58.98 11.51 81.92
CA ALA B 613 -60.27 10.85 81.74
C ALA B 613 -60.50 9.77 82.79
N ASN B 614 -59.42 9.36 83.45
CA ASN B 614 -59.52 8.44 84.57
C ASN B 614 -60.18 7.14 84.14
N VAL B 615 -59.66 6.54 83.07
CA VAL B 615 -60.24 5.31 82.55
C VAL B 615 -59.92 4.14 83.49
N LEU B 616 -60.83 3.16 83.58
CA LEU B 616 -60.59 1.95 84.38
C LEU B 616 -59.19 1.41 84.09
N PRO B 617 -58.63 0.61 85.02
CA PRO B 617 -57.32 -0.03 84.78
C PRO B 617 -57.31 -0.96 83.57
N GLY B 618 -56.24 -0.89 82.77
CA GLY B 618 -56.12 -1.70 81.57
C GLY B 618 -54.71 -2.19 81.24
N ALA B 619 -54.60 -2.97 80.17
CA ALA B 619 -53.33 -3.51 79.72
C ALA B 619 -53.50 -4.23 78.39
N MET B 620 -52.48 -4.16 77.54
CA MET B 620 -52.54 -4.77 76.21
C MET B 620 -51.49 -5.88 76.05
N ALA B 621 -51.91 -7.03 75.51
CA ALA B 621 -51.02 -8.18 75.37
C ALA B 621 -50.91 -8.69 73.93
N ALA B 622 -49.78 -8.39 73.29
CA ALA B 622 -49.49 -8.90 71.95
C ALA B 622 -49.46 -10.43 71.96
N VAL B 623 -50.03 -11.05 70.92
CA VAL B 623 -50.19 -12.50 70.88
C VAL B 623 -49.87 -13.09 69.52
N GLY B 624 -49.65 -14.41 69.49
CA GLY B 624 -49.45 -15.14 68.26
C GLY B 624 -50.73 -15.83 67.83
N LEU B 625 -51.67 -15.03 67.32
CA LEU B 625 -52.91 -15.55 66.75
C LEU B 625 -53.41 -14.65 65.61
N SER B 626 -54.04 -15.28 64.62
CA SER B 626 -54.54 -14.58 63.45
C SER B 626 -55.61 -13.58 63.86
N TRP B 627 -55.74 -12.50 63.10
CA TRP B 627 -56.79 -11.53 63.37
C TRP B 627 -58.12 -12.25 63.53
N GLU B 628 -58.27 -13.34 62.78
CA GLU B 628 -59.52 -14.09 62.77
C GLU B 628 -59.64 -15.03 63.96
N GLU B 629 -58.51 -15.53 64.45
CA GLU B 629 -58.51 -16.39 65.62
C GLU B 629 -58.83 -15.62 66.89
N CYS B 630 -58.94 -14.29 66.74
CA CYS B 630 -59.34 -13.39 67.83
C CYS B 630 -60.86 -13.25 67.89
N LYS B 631 -61.44 -12.70 66.82
CA LYS B 631 -62.89 -12.55 66.74
C LYS B 631 -63.60 -13.82 67.19
N GLN B 632 -62.91 -14.96 67.09
CA GLN B 632 -63.52 -16.24 67.43
C GLN B 632 -63.29 -16.65 68.88
N ARG B 633 -62.24 -16.13 69.51
CA ARG B 633 -61.78 -16.70 70.78
C ARG B 633 -61.75 -15.66 71.91
N CYS B 634 -62.22 -14.46 71.55
CA CYS B 634 -62.39 -13.31 72.43
C CYS B 634 -63.49 -13.54 73.44
N PRO B 635 -63.39 -12.90 74.61
CA PRO B 635 -64.47 -12.75 75.59
C PRO B 635 -65.10 -11.36 75.46
N PRO B 636 -66.27 -11.24 74.80
CA PRO B 636 -66.84 -9.93 74.45
C PRO B 636 -66.47 -8.82 75.44
N GLY B 637 -65.33 -8.20 75.17
CA GLY B 637 -64.80 -7.09 75.95
C GLY B 637 -63.29 -7.02 75.84
N ILE B 638 -62.71 -8.01 75.15
CA ILE B 638 -61.27 -8.03 74.88
C ILE B 638 -60.99 -8.05 73.37
N VAL B 639 -61.16 -6.88 72.76
CA VAL B 639 -61.00 -6.68 71.33
C VAL B 639 -59.59 -7.02 70.83
N PRO B 640 -59.45 -7.26 69.52
CA PRO B 640 -58.14 -7.11 68.87
C PRO B 640 -57.98 -5.64 68.52
N ALA B 641 -56.79 -5.09 68.69
CA ALA B 641 -56.59 -3.66 68.41
C ALA B 641 -55.36 -3.37 67.55
N CYS B 642 -54.37 -4.26 67.59
CA CYS B 642 -53.16 -4.08 66.79
C CYS B 642 -52.89 -5.29 65.91
N HIS B 643 -53.27 -5.21 64.65
CA HIS B 643 -53.02 -6.29 63.70
C HIS B 643 -51.57 -6.19 63.19
N ASN B 644 -50.61 -6.46 64.07
CA ASN B 644 -49.19 -6.29 63.75
C ASN B 644 -48.71 -6.98 62.46
N SER B 645 -48.62 -8.31 62.47
CA SER B 645 -48.29 -9.06 61.26
C SER B 645 -49.36 -10.12 60.98
N LYS B 646 -49.17 -10.90 59.91
CA LYS B 646 -50.15 -11.91 59.52
C LYS B 646 -50.51 -12.81 60.70
N ASP B 647 -49.51 -13.16 61.51
CA ASP B 647 -49.70 -14.05 62.66
C ASP B 647 -49.08 -13.57 64.00
N THR B 648 -49.22 -12.27 64.29
CA THR B 648 -48.95 -11.72 65.63
C THR B 648 -49.71 -10.43 65.82
N VAL B 649 -50.67 -10.43 66.75
CA VAL B 649 -51.54 -9.29 66.97
C VAL B 649 -51.56 -8.90 68.44
N THR B 650 -51.77 -7.62 68.72
CA THR B 650 -51.90 -7.13 70.10
C THR B 650 -53.36 -6.89 70.47
N ILE B 651 -53.87 -7.64 71.45
CA ILE B 651 -55.24 -7.49 71.91
C ILE B 651 -55.33 -6.47 73.05
N SER B 652 -56.43 -5.71 73.10
CA SER B 652 -56.61 -4.68 74.12
C SER B 652 -57.90 -4.92 74.90
N GLY B 653 -57.92 -4.55 76.17
CA GLY B 653 -59.10 -4.76 77.00
C GLY B 653 -58.93 -4.32 78.45
N PRO B 654 -59.68 -4.95 79.37
CA PRO B 654 -59.58 -4.65 80.80
C PRO B 654 -58.38 -5.37 81.39
N GLN B 655 -58.02 -5.10 82.65
CA GLN B 655 -56.97 -5.87 83.30
C GLN B 655 -57.60 -7.05 84.05
N ALA B 656 -58.93 -7.07 84.10
CA ALA B 656 -59.65 -8.14 84.78
C ALA B 656 -59.99 -9.29 83.83
N ALA B 657 -60.52 -8.95 82.65
CA ALA B 657 -60.82 -9.95 81.64
C ALA B 657 -59.53 -10.42 80.97
N MET B 658 -58.44 -9.70 81.25
CA MET B 658 -57.14 -9.88 80.57
C MET B 658 -56.10 -10.66 81.38
N SER B 659 -55.92 -10.26 82.64
CA SER B 659 -54.89 -10.83 83.52
C SER B 659 -54.96 -12.36 83.63
N GLU B 660 -56.13 -12.89 83.96
CA GLU B 660 -56.31 -14.33 84.07
C GLU B 660 -56.79 -14.95 82.75
N PHE B 661 -56.77 -14.15 81.68
CA PHE B 661 -57.09 -14.64 80.35
C PHE B 661 -55.80 -14.97 79.58
N LEU B 662 -54.68 -14.41 80.02
CA LEU B 662 -53.36 -14.77 79.49
C LEU B 662 -52.71 -15.87 80.34
N GLN B 663 -53.38 -16.23 81.44
CA GLN B 663 -53.02 -17.41 82.24
C GLN B 663 -53.58 -18.64 81.52
N GLN B 664 -54.49 -18.39 80.58
CA GLN B 664 -55.26 -19.42 79.88
C GLN B 664 -54.57 -19.93 78.60
N LEU B 665 -53.71 -19.10 78.03
CA LEU B 665 -52.93 -19.45 76.84
C LEU B 665 -51.52 -19.92 77.23
N LYS B 666 -51.07 -19.49 78.41
CA LYS B 666 -49.76 -19.89 78.96
C LYS B 666 -49.75 -21.36 79.40
N ARG B 667 -50.93 -21.89 79.72
CA ARG B 667 -51.08 -23.29 80.09
C ARG B 667 -51.20 -24.18 78.85
N GLU B 668 -51.79 -23.65 77.78
CA GLU B 668 -52.03 -24.43 76.57
C GLU B 668 -50.81 -24.55 75.66
N ASP B 669 -50.28 -23.41 75.20
CA ASP B 669 -49.00 -23.37 74.46
C ASP B 669 -48.73 -22.08 73.67
N VAL B 670 -49.78 -21.28 73.41
CA VAL B 670 -49.66 -20.15 72.50
C VAL B 670 -48.56 -19.14 72.91
N PHE B 671 -48.31 -18.15 72.06
CA PHE B 671 -47.35 -17.08 72.38
C PHE B 671 -48.05 -15.77 72.83
N VAL B 672 -47.92 -15.44 74.12
CA VAL B 672 -48.56 -14.26 74.70
C VAL B 672 -47.61 -13.40 75.56
N LYS B 673 -47.08 -12.32 74.97
CA LYS B 673 -46.21 -11.38 75.69
C LYS B 673 -46.93 -10.05 76.03
N GLU B 674 -46.91 -9.66 77.30
CA GLU B 674 -47.53 -8.42 77.75
C GLU B 674 -46.70 -7.18 77.38
N VAL B 675 -47.25 -6.29 76.56
CA VAL B 675 -46.59 -5.02 76.25
C VAL B 675 -47.07 -3.88 77.17
N ARG B 676 -46.15 -2.97 77.53
CA ARG B 676 -46.45 -1.90 78.48
C ARG B 676 -46.95 -0.62 77.81
N THR B 677 -48.16 -0.20 78.20
CA THR B 677 -48.79 0.97 77.61
C THR B 677 -49.01 2.06 78.64
N GLY B 678 -48.84 1.70 79.91
CA GLY B 678 -49.15 2.59 81.00
C GLY B 678 -50.42 2.13 81.68
N GLY B 679 -50.68 0.83 81.59
CA GLY B 679 -51.85 0.23 82.20
C GLY B 679 -53.15 0.78 81.66
N ILE B 680 -53.24 0.91 80.33
CA ILE B 680 -54.44 1.45 79.70
C ILE B 680 -54.82 0.63 78.45
N ALA B 681 -56.04 0.85 77.96
CA ALA B 681 -56.54 0.08 76.81
C ALA B 681 -56.63 0.93 75.54
N PHE B 682 -55.50 1.07 74.84
CA PHE B 682 -55.47 1.74 73.54
C PHE B 682 -56.34 1.01 72.55
N HIS B 683 -57.00 1.76 71.69
CA HIS B 683 -57.68 1.15 70.55
C HIS B 683 -58.73 0.10 70.98
N SER B 684 -59.35 0.35 72.13
CA SER B 684 -60.43 -0.49 72.62
C SER B 684 -61.68 0.37 72.77
N TYR B 685 -62.68 -0.16 73.48
CA TYR B 685 -63.90 0.58 73.81
C TYR B 685 -63.64 1.61 74.91
N PHE B 686 -62.63 1.32 75.74
CA PHE B 686 -62.27 2.16 76.88
C PHE B 686 -62.12 3.62 76.48
N MET B 687 -61.89 3.84 75.20
CA MET B 687 -61.60 5.18 74.69
C MET B 687 -62.85 5.99 74.37
N GLU B 688 -63.98 5.33 74.12
CA GLU B 688 -65.20 6.03 73.80
C GLU B 688 -65.48 7.12 74.82
N SER B 689 -65.08 6.89 76.06
CA SER B 689 -65.31 7.82 77.17
C SER B 689 -64.58 9.11 76.88
N ILE B 690 -63.38 8.96 76.34
CA ILE B 690 -62.46 10.07 76.13
C ILE B 690 -62.74 10.75 74.79
N ALA B 691 -63.46 10.06 73.90
CA ALA B 691 -63.77 10.59 72.56
C ALA B 691 -64.35 12.01 72.54
N PRO B 692 -65.45 12.25 73.29
CA PRO B 692 -66.08 13.56 73.24
C PRO B 692 -65.14 14.70 73.59
N THR B 693 -64.65 14.73 74.84
CA THR B 693 -63.86 15.86 75.33
C THR B 693 -62.55 16.07 74.58
N LEU B 694 -61.89 14.99 74.18
CA LEU B 694 -60.66 15.11 73.40
C LEU B 694 -60.92 15.70 72.01
N LEU B 695 -61.86 15.11 71.27
CA LEU B 695 -62.29 15.64 69.97
C LEU B 695 -62.55 17.15 70.00
N ARG B 696 -63.42 17.60 70.88
CA ARG B 696 -63.75 19.02 70.98
C ARG B 696 -62.49 19.91 71.10
N GLN B 697 -61.50 19.43 71.86
CA GLN B 697 -60.26 20.18 72.13
C GLN B 697 -59.26 20.19 70.96
N LEU B 698 -59.15 19.06 70.27
CA LEU B 698 -58.27 18.95 69.11
C LEU B 698 -58.84 19.69 67.92
N ARG B 699 -60.12 20.03 68.01
CA ARG B 699 -60.77 20.80 66.97
C ARG B 699 -60.22 22.23 66.98
N LYS B 700 -59.71 22.66 68.13
CA LYS B 700 -59.12 23.99 68.29
C LYS B 700 -57.65 24.04 67.81
N VAL B 701 -56.92 22.94 68.03
CA VAL B 701 -55.55 22.79 67.52
C VAL B 701 -55.51 22.64 65.98
N ILE B 702 -56.27 21.69 65.43
CA ILE B 702 -56.27 21.48 63.99
C ILE B 702 -57.46 22.16 63.29
N LEU B 703 -57.36 23.47 63.13
CA LEU B 703 -58.34 24.21 62.33
C LEU B 703 -57.96 24.13 60.86
N ASP B 704 -58.95 23.90 60.01
CA ASP B 704 -58.74 23.72 58.56
C ASP B 704 -58.01 22.40 58.28
N PRO B 705 -58.72 21.26 58.46
CA PRO B 705 -58.11 19.97 58.13
C PRO B 705 -57.60 20.03 56.72
N LYS B 706 -56.32 19.77 56.53
CA LYS B 706 -55.73 19.75 55.21
C LYS B 706 -55.92 18.38 54.59
N PRO B 707 -55.91 18.31 53.25
CA PRO B 707 -56.07 17.05 52.52
C PRO B 707 -54.89 16.13 52.76
N ARG B 708 -55.17 14.86 53.01
CA ARG B 708 -54.12 13.85 53.04
C ARG B 708 -53.87 13.44 51.60
N SER B 709 -52.62 13.13 51.27
CA SER B 709 -52.30 12.71 49.92
C SER B 709 -52.47 11.21 49.73
N LYS B 710 -52.44 10.76 48.48
CA LYS B 710 -52.62 9.35 48.15
C LYS B 710 -51.36 8.54 48.49
N ARG B 711 -50.30 9.25 48.87
CA ARG B 711 -49.03 8.65 49.29
C ARG B 711 -49.15 8.02 50.68
N TRP B 712 -50.10 8.49 51.48
CA TRP B 712 -50.21 8.06 52.87
C TRP B 712 -51.35 7.08 53.09
N LEU B 713 -50.98 5.84 53.37
CA LEU B 713 -51.95 4.76 53.57
C LEU B 713 -52.39 4.71 55.02
N SER B 714 -53.62 5.14 55.27
CA SER B 714 -54.13 5.15 56.63
C SER B 714 -54.21 3.74 57.20
N THR B 715 -53.91 3.62 58.49
CA THR B 715 -53.93 2.34 59.18
C THR B 715 -55.01 2.36 60.25
N SER B 716 -55.73 3.48 60.32
CA SER B 716 -56.83 3.65 61.27
C SER B 716 -58.20 3.47 60.59
N ILE B 717 -58.20 3.38 59.27
CA ILE B 717 -59.43 3.30 58.47
C ILE B 717 -59.34 2.15 57.46
N PRO B 718 -60.34 1.25 57.44
CA PRO B 718 -60.27 0.08 56.57
C PRO B 718 -60.07 0.50 55.12
N GLU B 719 -59.23 -0.23 54.39
CA GLU B 719 -58.94 0.15 53.02
C GLU B 719 -60.23 0.44 52.26
N ALA B 720 -61.34 -0.13 52.73
CA ALA B 720 -62.65 0.07 52.14
C ALA B 720 -62.94 1.54 51.89
N GLN B 721 -63.03 2.31 52.97
CA GLN B 721 -63.47 3.70 52.87
C GLN B 721 -62.32 4.70 52.88
N TRP B 722 -61.31 4.45 52.05
CA TRP B 722 -60.15 5.33 51.96
C TRP B 722 -60.46 6.59 51.17
N GLN B 723 -61.50 6.51 50.35
CA GLN B 723 -61.98 7.65 49.61
C GLN B 723 -63.22 8.23 50.29
N GLY B 724 -63.22 8.22 51.62
CA GLY B 724 -64.35 8.70 52.41
C GLY B 724 -64.27 10.16 52.81
N SER B 725 -65.22 10.59 53.64
CA SER B 725 -65.26 11.97 54.15
C SER B 725 -64.31 12.08 55.31
N LEU B 726 -64.23 11.01 56.09
CA LEU B 726 -63.30 10.96 57.20
C LEU B 726 -61.89 10.86 56.66
N ALA B 727 -61.62 9.76 55.95
CA ALA B 727 -60.27 9.43 55.50
C ALA B 727 -59.67 10.45 54.55
N ARG B 728 -60.43 11.50 54.23
CA ARG B 728 -60.00 12.46 53.22
C ARG B 728 -59.12 13.59 53.80
N THR B 729 -59.39 13.99 55.05
CA THR B 729 -58.61 15.06 55.68
C THR B 729 -58.06 14.69 57.05
N PHE B 730 -56.85 15.16 57.35
CA PHE B 730 -56.31 14.98 58.69
C PHE B 730 -57.02 15.95 59.62
N SER B 731 -58.23 15.54 60.04
CA SER B 731 -59.09 16.36 60.87
C SER B 731 -59.05 15.91 62.33
N ALA B 732 -59.57 16.75 63.22
CA ALA B 732 -59.72 16.36 64.63
C ALA B 732 -60.34 14.98 64.66
N GLU B 733 -61.52 14.90 64.06
CA GLU B 733 -62.24 13.65 63.87
C GLU B 733 -61.30 12.47 63.56
N TYR B 734 -60.50 12.59 62.50
CA TYR B 734 -59.57 11.53 62.10
C TYR B 734 -58.62 11.17 63.24
N SER B 735 -58.17 12.17 64.00
CA SER B 735 -57.21 11.94 65.08
C SER B 735 -57.79 11.06 66.18
N VAL B 736 -58.98 11.40 66.64
CA VAL B 736 -59.63 10.62 67.70
C VAL B 736 -59.85 9.19 67.22
N ASN B 737 -60.26 9.05 65.96
CA ASN B 737 -60.49 7.74 65.37
C ASN B 737 -59.26 6.82 65.47
N ASN B 738 -58.09 7.37 65.16
CA ASN B 738 -56.85 6.62 65.26
C ASN B 738 -56.65 5.94 66.61
N LEU B 739 -57.00 6.65 67.68
CA LEU B 739 -56.83 6.15 69.03
C LEU B 739 -57.88 5.13 69.44
N VAL B 740 -58.99 5.10 68.69
CA VAL B 740 -60.13 4.28 69.06
C VAL B 740 -60.26 2.99 68.23
N SER B 741 -60.06 3.10 66.93
CA SER B 741 -60.16 1.95 66.03
C SER B 741 -58.96 1.01 66.16
N PRO B 742 -58.99 -0.12 65.45
CA PRO B 742 -57.79 -0.97 65.44
C PRO B 742 -56.78 -0.48 64.42
N VAL B 743 -55.50 -0.72 64.69
CA VAL B 743 -54.42 -0.37 63.77
C VAL B 743 -54.22 -1.46 62.70
N LEU B 744 -54.77 -1.21 61.53
CA LEU B 744 -54.70 -2.14 60.42
C LEU B 744 -53.35 -1.96 59.74
N PHE B 745 -52.33 -2.58 60.33
CA PHE B 745 -50.96 -2.44 59.87
C PHE B 745 -50.58 -3.47 58.81
N GLN B 746 -50.65 -4.76 59.13
CA GLN B 746 -50.39 -5.79 58.12
C GLN B 746 -51.25 -5.50 56.89
N GLU B 747 -52.49 -5.05 57.12
CA GLU B 747 -53.36 -4.56 56.06
C GLU B 747 -52.62 -3.65 55.10
N ALA B 748 -52.08 -2.55 55.63
CA ALA B 748 -51.37 -1.58 54.82
C ALA B 748 -50.04 -2.11 54.28
N LEU B 749 -49.30 -2.86 55.10
CA LEU B 749 -48.01 -3.41 54.66
C LEU B 749 -48.15 -4.25 53.39
N GLN B 750 -49.38 -4.67 53.12
CA GLN B 750 -49.67 -5.44 51.92
C GLN B 750 -49.27 -4.67 50.65
N HIS B 751 -49.54 -3.36 50.63
CA HIS B 751 -49.31 -2.55 49.42
C HIS B 751 -47.85 -2.22 49.12
N VAL B 752 -46.97 -2.39 50.09
CA VAL B 752 -45.57 -2.04 49.89
C VAL B 752 -44.94 -2.92 48.81
N PRO B 753 -44.39 -2.30 47.76
CA PRO B 753 -43.79 -2.99 46.60
C PRO B 753 -42.69 -3.94 47.02
N ALA B 754 -42.08 -4.61 46.04
CA ALA B 754 -41.14 -5.68 46.35
C ALA B 754 -39.65 -5.32 46.32
N HIS B 755 -39.32 -4.16 45.75
CA HIS B 755 -37.93 -3.71 45.79
C HIS B 755 -37.80 -2.51 46.68
N ALA B 756 -38.88 -2.19 47.40
CA ALA B 756 -38.95 -0.97 48.20
C ALA B 756 -38.01 -1.00 49.40
N VAL B 757 -37.67 0.19 49.88
CA VAL B 757 -36.85 0.31 51.07
C VAL B 757 -37.73 0.89 52.16
N VAL B 758 -37.75 0.22 53.32
CA VAL B 758 -38.58 0.63 54.45
C VAL B 758 -37.73 1.14 55.59
N VAL B 759 -37.97 2.39 56.00
CA VAL B 759 -37.28 2.97 57.15
C VAL B 759 -38.21 3.10 58.35
N GLU B 760 -37.77 2.55 59.48
CA GLU B 760 -38.53 2.65 60.70
C GLU B 760 -38.14 3.94 61.41
N ILE B 761 -39.08 4.88 61.48
CA ILE B 761 -38.84 6.17 62.09
C ILE B 761 -39.35 6.19 63.52
N ALA B 762 -38.48 5.84 64.45
CA ALA B 762 -38.84 5.79 65.86
C ALA B 762 -37.58 5.74 66.70
N PRO B 763 -37.69 6.08 68.00
CA PRO B 763 -36.51 6.08 68.87
C PRO B 763 -35.97 4.68 69.06
N HIS B 764 -36.73 3.68 68.64
CA HIS B 764 -36.24 2.31 68.69
C HIS B 764 -36.88 1.40 67.66
N ALA B 765 -36.05 0.56 67.04
CA ALA B 765 -36.46 -0.25 65.91
C ALA B 765 -37.29 -1.46 66.31
N LEU B 766 -38.50 -1.19 66.82
CA LEU B 766 -39.39 -2.22 67.32
C LEU B 766 -39.95 -3.16 66.24
N LEU B 767 -40.28 -2.59 65.09
CA LEU B 767 -40.92 -3.37 64.02
C LEU B 767 -39.94 -3.99 63.02
N GLN B 768 -38.68 -4.17 63.43
CA GLN B 768 -37.70 -4.85 62.59
C GLN B 768 -38.09 -6.31 62.40
N ALA B 769 -38.39 -6.99 63.51
CA ALA B 769 -38.92 -8.34 63.46
C ALA B 769 -40.03 -8.44 62.42
N VAL B 770 -41.10 -7.68 62.68
CA VAL B 770 -42.31 -7.73 61.86
C VAL B 770 -42.13 -7.36 60.40
N LEU B 771 -41.46 -6.25 60.15
CA LEU B 771 -41.30 -5.76 58.78
C LEU B 771 -40.52 -6.74 57.92
N LYS B 772 -39.45 -7.32 58.48
CA LYS B 772 -38.58 -8.18 57.71
C LYS B 772 -39.28 -9.48 57.33
N ARG B 773 -40.24 -9.87 58.16
CA ARG B 773 -41.00 -11.10 57.94
C ARG B 773 -42.20 -10.83 57.01
N SER B 774 -43.08 -9.91 57.42
CA SER B 774 -44.33 -9.66 56.71
C SER B 774 -44.12 -9.15 55.28
N LEU B 775 -42.92 -8.66 55.01
CA LEU B 775 -42.64 -8.01 53.74
C LEU B 775 -41.65 -8.85 52.93
N GLU B 776 -41.52 -8.54 51.64
CA GLU B 776 -40.64 -9.30 50.75
C GLU B 776 -39.22 -9.44 51.28
N SER B 777 -38.55 -10.51 50.90
CA SER B 777 -37.13 -10.67 51.20
C SER B 777 -36.30 -9.88 50.17
N SER B 778 -37.02 -9.17 49.30
CA SER B 778 -36.41 -8.37 48.25
C SER B 778 -36.41 -6.89 48.63
N CYS B 779 -36.82 -6.64 49.87
CA CYS B 779 -36.89 -5.29 50.43
C CYS B 779 -35.88 -5.14 51.55
N THR B 780 -35.21 -4.00 51.59
CA THR B 780 -34.25 -3.71 52.64
C THR B 780 -34.91 -2.94 53.78
N ILE B 781 -34.63 -3.33 55.01
CA ILE B 781 -35.28 -2.70 56.14
C ILE B 781 -34.28 -2.09 57.11
N ILE B 782 -34.50 -0.82 57.41
CA ILE B 782 -33.48 -0.01 58.06
C ILE B 782 -33.94 0.73 59.30
N PRO B 783 -33.26 0.48 60.42
CA PRO B 783 -33.53 1.22 61.65
C PRO B 783 -32.91 2.62 61.57
N LEU B 784 -33.37 3.53 62.42
CA LEU B 784 -32.75 4.84 62.55
C LEU B 784 -32.02 4.99 63.89
N MET B 785 -32.70 4.66 64.97
CA MET B 785 -32.05 4.66 66.27
C MET B 785 -32.14 3.28 66.92
N LYS B 786 -31.08 2.88 67.63
CA LYS B 786 -31.11 1.65 68.44
C LYS B 786 -31.06 2.03 69.92
N LYS B 787 -31.98 1.50 70.72
CA LYS B 787 -32.06 1.91 72.13
C LYS B 787 -30.83 1.44 72.88
N ASP B 788 -30.43 2.19 73.90
CA ASP B 788 -29.29 1.83 74.73
C ASP B 788 -27.96 1.87 73.98
N HIS B 789 -27.96 2.45 72.77
CA HIS B 789 -26.73 2.53 71.99
C HIS B 789 -25.81 3.59 72.57
N ARG B 790 -24.52 3.28 72.54
CA ARG B 790 -23.47 4.14 73.07
C ARG B 790 -23.56 5.55 72.46
N ASP B 791 -24.05 5.65 71.22
CA ASP B 791 -24.09 6.92 70.51
C ASP B 791 -24.91 6.86 69.22
N ASN B 792 -26.19 7.22 69.31
CA ASN B 792 -27.08 7.24 68.15
C ASN B 792 -26.57 8.05 66.97
N LEU B 793 -25.59 8.92 67.20
CA LEU B 793 -25.08 9.71 66.11
C LEU B 793 -24.41 8.79 65.09
N GLU B 794 -23.53 7.92 65.59
CA GLU B 794 -22.83 6.96 64.73
C GLU B 794 -23.78 5.95 64.13
N PHE B 795 -24.80 5.56 64.88
CA PHE B 795 -25.73 4.52 64.45
C PHE B 795 -26.69 5.00 63.35
N PHE B 796 -27.18 6.22 63.51
CA PHE B 796 -28.03 6.83 62.50
C PHE B 796 -27.24 7.05 61.21
N LEU B 797 -26.07 7.66 61.32
CA LEU B 797 -25.21 7.86 60.16
C LEU B 797 -25.00 6.50 59.48
N SER B 798 -24.67 5.48 60.27
CA SER B 798 -24.52 4.12 59.76
C SER B 798 -25.68 3.73 58.88
N ASN B 799 -26.88 3.88 59.40
CA ASN B 799 -28.08 3.53 58.65
C ASN B 799 -28.36 4.48 57.48
N VAL B 800 -27.88 5.71 57.55
CA VAL B 800 -28.03 6.60 56.41
C VAL B 800 -27.09 6.12 55.32
N GLY B 801 -25.96 5.59 55.76
CA GLY B 801 -25.04 4.94 54.86
C GLY B 801 -25.78 3.78 54.22
N ARG B 802 -26.43 2.98 55.04
CA ARG B 802 -27.20 1.83 54.56
C ARG B 802 -28.19 2.27 53.49
N LEU B 803 -28.86 3.39 53.74
CA LEU B 803 -29.83 3.92 52.78
C LEU B 803 -29.17 4.15 51.43
N HIS B 804 -27.88 4.46 51.46
CA HIS B 804 -27.14 4.63 50.23
C HIS B 804 -26.94 3.29 49.53
N LEU B 805 -26.35 2.33 50.25
CA LEU B 805 -26.09 0.99 49.74
C LEU B 805 -27.36 0.32 49.23
N ALA B 806 -28.50 0.89 49.62
CA ALA B 806 -29.79 0.42 49.16
C ALA B 806 -29.97 0.84 47.72
N GLY B 807 -29.71 2.12 47.44
CA GLY B 807 -29.88 2.65 46.10
C GLY B 807 -30.63 3.97 46.14
N VAL B 808 -31.02 4.37 47.34
CA VAL B 808 -31.74 5.62 47.53
C VAL B 808 -30.81 6.80 47.36
N SER B 809 -31.39 7.94 47.03
CA SER B 809 -30.60 9.14 46.84
C SER B 809 -30.66 9.98 48.11
N VAL B 810 -29.65 9.83 48.97
CA VAL B 810 -29.56 10.63 50.19
C VAL B 810 -28.19 11.27 50.27
N ASN B 811 -28.11 12.44 50.91
CA ASN B 811 -26.86 13.22 50.91
C ASN B 811 -26.46 13.84 52.25
N PRO B 812 -25.49 13.21 52.93
CA PRO B 812 -25.12 13.50 54.32
C PRO B 812 -24.71 14.93 54.56
N ASN B 813 -24.37 15.66 53.51
CA ASN B 813 -23.93 17.03 53.70
C ASN B 813 -25.05 17.91 54.27
N GLY B 814 -26.29 17.45 54.14
CA GLY B 814 -27.43 18.21 54.64
C GLY B 814 -27.63 18.16 56.15
N LEU B 815 -26.84 17.34 56.82
CA LEU B 815 -26.94 17.19 58.27
C LEU B 815 -26.10 18.25 58.96
N PHE B 816 -25.00 18.60 58.31
CA PHE B 816 -24.03 19.54 58.88
C PHE B 816 -24.01 20.84 58.10
N PRO B 817 -23.44 21.89 58.70
CA PRO B 817 -23.42 23.23 58.11
C PRO B 817 -22.66 23.24 56.80
N PRO B 818 -23.21 23.91 55.78
CA PRO B 818 -22.60 24.04 54.45
C PRO B 818 -21.14 24.47 54.53
N VAL B 819 -20.23 23.56 54.16
CA VAL B 819 -18.82 23.87 54.13
C VAL B 819 -18.58 25.09 53.22
N GLU B 820 -18.12 26.18 53.81
CA GLU B 820 -17.97 27.44 53.09
C GLU B 820 -17.04 27.32 51.87
N PHE B 821 -17.62 27.07 50.70
CA PHE B 821 -16.83 27.14 49.48
C PHE B 821 -16.50 28.60 49.17
N PRO B 822 -15.37 28.84 48.47
CA PRO B 822 -14.39 27.89 47.95
C PRO B 822 -13.57 27.15 49.01
N ALA B 823 -13.20 25.92 48.67
CA ALA B 823 -12.40 25.07 49.53
C ALA B 823 -11.03 25.68 49.76
N PRO B 824 -10.41 25.35 50.89
CA PRO B 824 -9.06 25.81 51.19
C PRO B 824 -8.08 25.35 50.11
N ARG B 825 -7.09 26.18 49.79
CA ARG B 825 -6.04 25.80 48.85
C ARG B 825 -5.18 24.70 49.46
N GLY B 826 -4.77 23.73 48.63
CA GLY B 826 -3.99 22.62 49.12
C GLY B 826 -4.88 21.50 49.63
N THR B 827 -6.18 21.63 49.37
CA THR B 827 -7.15 20.59 49.69
C THR B 827 -7.10 19.53 48.59
N PRO B 828 -6.98 18.25 48.97
CA PRO B 828 -6.65 17.10 48.11
C PRO B 828 -7.36 17.03 46.77
N LEU B 829 -6.61 16.64 45.74
CA LEU B 829 -7.16 16.42 44.41
C LEU B 829 -8.24 15.36 44.46
N ILE B 830 -9.10 15.34 43.46
CA ILE B 830 -10.09 14.29 43.37
C ILE B 830 -9.87 13.45 42.12
N SER B 831 -9.73 14.09 40.97
CA SER B 831 -9.63 13.36 39.70
C SER B 831 -8.86 12.05 39.81
N PRO B 832 -7.65 12.07 40.39
CA PRO B 832 -6.75 10.92 40.40
C PRO B 832 -7.31 9.68 41.08
N HIS B 833 -8.37 9.82 41.87
CA HIS B 833 -8.91 8.67 42.60
C HIS B 833 -10.22 8.15 42.01
N ILE B 834 -10.55 8.60 40.80
CA ILE B 834 -11.73 8.13 40.10
C ILE B 834 -11.39 7.00 39.13
N LYS B 835 -11.39 5.77 39.63
CA LYS B 835 -11.01 4.61 38.84
C LYS B 835 -12.22 3.99 38.16
N TRP B 836 -12.04 3.47 36.94
CA TRP B 836 -13.15 2.94 36.15
C TRP B 836 -13.08 1.43 35.95
N ASP B 837 -13.94 0.94 35.06
CA ASP B 837 -13.88 -0.44 34.61
C ASP B 837 -13.18 -0.48 33.26
N HIS B 838 -11.86 -0.41 33.27
CA HIS B 838 -11.11 -0.39 32.02
C HIS B 838 -10.88 -1.78 31.47
N SER B 839 -11.02 -2.78 32.33
CA SER B 839 -10.93 -4.19 31.96
C SER B 839 -10.68 -4.45 30.47
N GLN B 840 -11.66 -4.11 29.64
CA GLN B 840 -11.54 -4.36 28.20
C GLN B 840 -10.69 -3.32 27.47
N ALA B 841 -9.70 -3.81 26.72
CA ALA B 841 -8.82 -2.94 25.94
C ALA B 841 -9.24 -2.89 24.46
N TRP B 842 -9.15 -1.68 23.89
CA TRP B 842 -9.79 -1.38 22.61
C TRP B 842 -8.84 -1.08 21.45
N ASP B 843 -9.40 -0.91 20.27
CA ASP B 843 -8.62 -0.74 19.06
C ASP B 843 -7.89 0.62 18.98
N VAL B 844 -6.57 0.60 19.14
CA VAL B 844 -5.76 1.79 18.92
C VAL B 844 -5.02 1.65 17.58
N PRO B 845 -5.49 2.35 16.54
CA PRO B 845 -4.85 2.30 15.22
C PRO B 845 -3.33 2.37 15.35
N SER B 846 -2.63 1.29 14.96
CA SER B 846 -1.19 1.23 15.16
C SER B 846 -0.43 2.02 14.09
N ALA B 847 0.82 2.35 14.39
CA ALA B 847 1.66 3.05 13.45
C ALA B 847 1.81 2.23 12.17
N ALA B 848 1.74 0.91 12.31
CA ALA B 848 1.83 0.02 11.17
C ALA B 848 0.68 0.27 10.19
N ASP B 849 -0.49 0.58 10.73
CA ASP B 849 -1.68 0.75 9.90
C ASP B 849 -1.37 1.71 8.75
N PHE B 850 -0.92 2.91 9.09
CA PHE B 850 -0.66 3.95 8.09
C PHE B 850 0.29 3.51 6.97
N PRO B 851 0.26 4.23 5.84
CA PRO B 851 0.94 3.77 4.63
C PRO B 851 2.41 4.15 4.52
N SER B 852 3.08 3.45 3.60
CA SER B 852 4.32 3.90 2.99
C SER B 852 3.96 4.42 1.58
N GLY B 853 2.66 4.39 1.28
CA GLY B 853 2.15 4.79 -0.03
C GLY B 853 1.64 3.58 -0.78
N SER B 854 0.54 3.73 -1.51
CA SER B 854 -0.01 2.62 -2.29
C SER B 854 -1.40 2.86 -2.89
N SER B 855 -1.65 2.14 -3.97
CA SER B 855 -2.98 2.04 -4.56
C SER B 855 -3.56 0.67 -4.15
N CYS B 856 -2.64 -0.23 -3.78
CA CYS B 856 -2.88 -1.59 -3.25
C CYS B 856 -4.31 -2.13 -3.26
N SER B 857 -4.75 -2.62 -4.41
CA SER B 857 -6.01 -3.35 -4.49
C SER B 857 -5.72 -4.82 -4.74
N SER B 858 -4.44 -5.17 -4.75
CA SER B 858 -4.00 -6.49 -5.21
C SER B 858 -3.45 -7.41 -4.13
N VAL B 859 -3.48 -6.98 -2.87
CA VAL B 859 -3.08 -7.85 -1.77
C VAL B 859 -4.23 -7.92 -0.79
N ALA B 860 -4.45 -9.11 -0.23
CA ALA B 860 -5.55 -9.36 0.70
C ALA B 860 -5.09 -10.28 1.81
N VAL B 861 -5.44 -9.95 3.06
CA VAL B 861 -5.23 -10.89 4.14
C VAL B 861 -6.60 -11.38 4.58
N TYR B 862 -6.71 -12.69 4.78
CA TYR B 862 -7.95 -13.30 5.24
C TYR B 862 -7.70 -13.95 6.58
N LYS B 863 -8.56 -13.68 7.55
CA LYS B 863 -8.41 -14.27 8.88
C LYS B 863 -9.53 -15.27 9.12
N PHE B 864 -9.13 -16.45 9.60
CA PHE B 864 -10.08 -17.54 9.74
C PHE B 864 -10.27 -18.01 11.16
N ASP B 865 -11.49 -17.85 11.66
CA ASP B 865 -11.87 -18.36 12.97
C ASP B 865 -12.64 -19.66 12.82
N VAL B 866 -12.26 -20.66 13.62
CA VAL B 866 -12.89 -21.98 13.53
C VAL B 866 -13.75 -22.37 14.76
N SER B 867 -13.68 -21.56 15.82
CA SER B 867 -14.60 -21.70 16.95
C SER B 867 -16.02 -21.75 16.42
N PRO B 868 -16.85 -22.59 17.02
CA PRO B 868 -18.20 -22.99 16.57
C PRO B 868 -19.13 -21.81 16.25
N GLU B 869 -18.77 -20.61 16.69
CA GLU B 869 -19.58 -19.44 16.42
C GLU B 869 -19.33 -18.92 14.99
N SER B 870 -18.07 -18.98 14.57
CA SER B 870 -17.64 -18.43 13.28
C SER B 870 -18.40 -19.02 12.10
N PRO B 871 -18.71 -18.19 11.11
CA PRO B 871 -19.29 -18.57 9.82
C PRO B 871 -18.38 -19.52 9.06
N ASP B 872 -17.10 -19.48 9.42
CA ASP B 872 -16.10 -20.33 8.81
C ASP B 872 -15.84 -21.53 9.72
N HIS B 873 -16.86 -21.91 10.48
CA HIS B 873 -16.82 -23.11 11.31
C HIS B 873 -17.02 -24.33 10.44
N TYR B 874 -17.65 -24.14 9.29
CA TYR B 874 -17.86 -25.24 8.35
C TYR B 874 -16.54 -25.93 8.04
N LEU B 875 -15.45 -25.20 8.22
CA LEU B 875 -14.13 -25.73 7.92
C LEU B 875 -13.70 -26.90 8.80
N VAL B 876 -14.25 -27.00 10.00
CA VAL B 876 -13.81 -28.06 10.90
C VAL B 876 -14.16 -29.42 10.33
N ASP B 877 -14.94 -29.42 9.25
CA ASP B 877 -15.32 -30.67 8.64
C ASP B 877 -14.33 -31.04 7.60
N HIS B 878 -13.26 -30.27 7.49
CA HIS B 878 -12.16 -30.76 6.68
C HIS B 878 -11.08 -31.35 7.57
N CYS B 879 -11.49 -32.33 8.36
CA CYS B 879 -10.59 -33.06 9.24
C CYS B 879 -9.79 -34.11 8.45
N ILE B 880 -8.49 -34.19 8.70
CA ILE B 880 -7.66 -35.21 8.04
C ILE B 880 -6.60 -35.82 8.96
N ASP B 881 -6.81 -37.09 9.28
CA ASP B 881 -5.91 -37.83 10.16
C ASP B 881 -6.01 -37.35 11.59
N GLY B 882 -6.97 -36.48 11.86
CA GLY B 882 -7.21 -36.02 13.23
C GLY B 882 -6.92 -34.54 13.41
N ARG B 883 -6.34 -33.91 12.38
CA ARG B 883 -6.11 -32.47 12.37
C ARG B 883 -7.12 -31.79 11.45
N VAL B 884 -7.44 -30.52 11.73
CA VAL B 884 -8.31 -29.78 10.83
C VAL B 884 -7.47 -28.98 9.87
N LEU B 885 -7.21 -29.51 8.68
CA LEU B 885 -6.36 -28.80 7.73
C LEU B 885 -7.14 -27.97 6.73
N PHE B 886 -6.73 -26.72 6.56
CA PHE B 886 -7.33 -25.86 5.56
C PHE B 886 -7.29 -26.56 4.21
N PRO B 887 -8.47 -26.69 3.59
CA PRO B 887 -8.71 -27.32 2.30
C PRO B 887 -7.69 -26.84 1.30
N GLY B 888 -6.97 -27.76 0.65
CA GLY B 888 -6.07 -27.34 -0.42
C GLY B 888 -6.89 -26.53 -1.41
N THR B 889 -8.13 -26.96 -1.59
CA THR B 889 -9.08 -26.30 -2.47
C THR B 889 -9.37 -24.88 -2.05
N GLY B 890 -9.44 -24.68 -0.73
CA GLY B 890 -9.64 -23.36 -0.17
C GLY B 890 -8.71 -22.29 -0.68
N TYR B 891 -7.40 -22.58 -0.77
CA TYR B 891 -6.43 -21.60 -1.25
C TYR B 891 -6.83 -21.10 -2.62
N LEU B 892 -7.37 -21.99 -3.44
CA LEU B 892 -7.86 -21.61 -4.76
C LEU B 892 -9.01 -20.63 -4.64
N TRP B 893 -9.87 -20.86 -3.66
CA TRP B 893 -11.03 -20.00 -3.49
C TRP B 893 -10.57 -18.63 -3.04
N LEU B 894 -9.87 -18.59 -1.92
CA LEU B 894 -9.21 -17.36 -1.49
C LEU B 894 -8.64 -16.60 -2.67
N THR B 895 -7.69 -17.21 -3.37
CA THR B 895 -7.02 -16.58 -4.50
C THR B 895 -8.04 -16.04 -5.47
N TRP B 896 -9.08 -16.83 -5.73
CA TRP B 896 -10.06 -16.50 -6.74
C TRP B 896 -10.82 -15.26 -6.34
N LYS B 897 -11.35 -15.29 -5.13
CA LYS B 897 -11.94 -14.12 -4.49
C LYS B 897 -11.01 -12.91 -4.74
N THR B 898 -9.81 -12.98 -4.19
CA THR B 898 -8.77 -12.00 -4.40
C THR B 898 -8.68 -11.46 -5.83
N LEU B 899 -8.84 -12.32 -6.82
CA LEU B 899 -8.77 -11.86 -8.20
C LEU B 899 -9.86 -10.86 -8.50
N ALA B 900 -11.09 -11.25 -8.20
CA ALA B 900 -12.25 -10.42 -8.50
C ALA B 900 -12.24 -9.12 -7.70
N ARG B 901 -11.74 -9.16 -6.47
CA ARG B 901 -11.52 -7.92 -5.71
C ARG B 901 -10.73 -6.94 -6.59
N ALA B 902 -9.49 -7.27 -6.91
CA ALA B 902 -8.64 -6.43 -7.76
C ALA B 902 -9.33 -6.00 -9.05
N LEU B 903 -10.35 -6.75 -9.45
CA LEU B 903 -11.10 -6.49 -10.68
C LEU B 903 -12.36 -5.64 -10.48
N SER B 904 -12.59 -5.21 -9.25
CA SER B 904 -13.76 -4.40 -8.94
C SER B 904 -15.03 -5.22 -9.10
N GLN B 905 -14.87 -6.49 -9.46
CA GLN B 905 -16.00 -7.41 -9.72
C GLN B 905 -16.28 -8.39 -8.57
N ASN B 906 -17.39 -9.10 -8.67
CA ASN B 906 -17.74 -10.14 -7.70
C ASN B 906 -17.41 -11.52 -8.26
N LEU B 907 -17.45 -12.54 -7.42
CA LEU B 907 -16.99 -13.87 -7.81
C LEU B 907 -17.77 -14.39 -9.02
N GLU B 908 -19.08 -14.24 -8.98
CA GLU B 908 -19.93 -14.78 -10.04
C GLU B 908 -19.73 -14.12 -11.41
N GLU B 909 -18.86 -13.13 -11.49
CA GLU B 909 -18.63 -12.43 -12.75
C GLU B 909 -17.24 -12.66 -13.30
N THR B 910 -16.44 -13.42 -12.57
CA THR B 910 -15.04 -13.56 -12.95
C THR B 910 -14.69 -15.02 -13.21
N PRO B 911 -15.14 -15.54 -14.36
CA PRO B 911 -14.73 -16.87 -14.76
C PRO B 911 -13.21 -16.93 -14.79
N VAL B 912 -12.65 -17.70 -13.86
CA VAL B 912 -11.22 -17.71 -13.58
C VAL B 912 -10.51 -18.87 -14.27
N VAL B 913 -9.20 -18.77 -14.44
CA VAL B 913 -8.34 -19.86 -14.94
C VAL B 913 -7.13 -19.99 -14.03
N PHE B 914 -6.76 -21.19 -13.62
CA PHE B 914 -5.53 -21.34 -12.85
C PHE B 914 -4.54 -22.05 -13.75
N GLU B 915 -3.26 -22.09 -13.35
CA GLU B 915 -2.20 -22.75 -14.12
C GLU B 915 -0.99 -23.07 -13.25
N ASP B 916 -0.58 -24.32 -13.24
CA ASP B 916 0.65 -24.70 -12.57
C ASP B 916 0.59 -24.46 -11.10
N VAL B 917 -0.61 -24.31 -10.55
CA VAL B 917 -0.65 -24.07 -9.12
C VAL B 917 0.08 -25.20 -8.40
N THR B 918 0.78 -24.81 -7.35
CA THR B 918 1.44 -25.74 -6.45
C THR B 918 0.95 -25.41 -5.07
N LEU B 919 0.69 -26.43 -4.27
CA LEU B 919 0.47 -26.22 -2.85
C LEU B 919 1.75 -26.69 -2.19
N HIS B 920 2.25 -25.98 -1.20
CA HIS B 920 3.55 -26.32 -0.62
C HIS B 920 3.47 -26.95 0.78
N GLN B 921 3.01 -26.21 1.77
CA GLN B 921 2.59 -26.79 3.03
C GLN B 921 1.10 -26.59 3.15
N ALA B 922 0.45 -27.31 4.05
CA ALA B 922 -0.96 -27.04 4.30
C ALA B 922 -1.06 -26.42 5.66
N THR B 923 -2.23 -25.88 5.96
CA THR B 923 -2.43 -25.09 7.17
C THR B 923 -3.27 -25.83 8.22
N ILE B 924 -2.75 -25.91 9.44
CA ILE B 924 -3.43 -26.68 10.47
C ILE B 924 -4.25 -25.78 11.41
N LEU B 925 -5.50 -25.54 11.07
CA LEU B 925 -6.40 -24.76 11.94
C LEU B 925 -6.51 -25.36 13.35
N PRO B 926 -6.21 -24.55 14.36
CA PRO B 926 -6.32 -24.95 15.76
C PRO B 926 -7.77 -24.83 16.20
N LYS B 927 -8.18 -25.68 17.14
CA LYS B 927 -9.56 -25.69 17.66
C LYS B 927 -10.10 -24.29 17.96
N THR B 928 -9.24 -23.41 18.44
CA THR B 928 -9.64 -22.04 18.75
C THR B 928 -8.66 -21.02 18.17
N GLY B 929 -8.92 -19.75 18.42
CA GLY B 929 -8.08 -18.68 17.91
C GLY B 929 -8.17 -18.56 16.40
N THR B 930 -7.44 -17.60 15.83
CA THR B 930 -7.51 -17.33 14.41
C THR B 930 -6.22 -17.63 13.68
N VAL B 931 -6.33 -17.96 12.40
CA VAL B 931 -5.17 -18.05 11.54
C VAL B 931 -5.33 -17.13 10.35
N SER B 932 -4.23 -16.50 9.97
CA SER B 932 -4.25 -15.56 8.88
C SER B 932 -3.57 -16.15 7.66
N LEU B 933 -4.14 -15.82 6.50
CA LEU B 933 -3.64 -16.24 5.20
C LEU B 933 -3.66 -15.04 4.27
N GLU B 934 -2.51 -14.66 3.71
CA GLU B 934 -2.47 -13.58 2.71
C GLU B 934 -2.26 -14.06 1.26
N VAL B 935 -2.95 -13.40 0.35
CA VAL B 935 -2.89 -13.71 -1.07
C VAL B 935 -2.37 -12.49 -1.77
N ARG B 936 -1.36 -12.66 -2.61
CA ARG B 936 -0.81 -11.54 -3.35
C ARG B 936 -0.84 -11.80 -4.84
N LEU B 937 -0.97 -10.74 -5.62
CA LEU B 937 -1.37 -10.92 -6.99
C LEU B 937 -0.52 -10.05 -7.91
N LEU B 938 0.20 -10.69 -8.82
CA LEU B 938 1.00 -9.95 -9.79
C LEU B 938 0.22 -9.76 -11.09
N GLU B 939 -0.46 -8.63 -11.23
CA GLU B 939 -1.46 -8.47 -12.30
C GLU B 939 -0.96 -8.48 -13.74
N ALA B 940 0.34 -8.33 -13.95
CA ALA B 940 0.85 -8.41 -15.32
C ALA B 940 1.44 -9.79 -15.58
N SER B 941 2.07 -10.35 -14.56
CA SER B 941 2.68 -11.68 -14.60
C SER B 941 1.59 -12.75 -14.56
N HIS B 942 0.42 -12.33 -14.12
CA HIS B 942 -0.71 -13.20 -13.88
C HIS B 942 -0.38 -14.18 -12.77
N ALA B 943 0.77 -13.96 -12.14
CA ALA B 943 1.23 -14.84 -11.07
C ALA B 943 0.36 -14.66 -9.84
N PHE B 944 0.62 -15.47 -8.82
CA PHE B 944 0.02 -15.27 -7.50
C PHE B 944 0.76 -16.11 -6.48
N GLU B 945 0.37 -15.97 -5.21
CA GLU B 945 1.10 -16.63 -4.15
C GLU B 945 0.43 -16.38 -2.81
N VAL B 946 0.31 -17.43 -1.99
CA VAL B 946 -0.38 -17.32 -0.71
C VAL B 946 0.58 -17.50 0.48
N SER B 947 0.68 -16.49 1.33
CA SER B 947 1.56 -16.56 2.49
C SER B 947 0.75 -16.80 3.76
N ASP B 948 1.39 -17.31 4.81
CA ASP B 948 0.73 -17.33 6.11
C ASP B 948 1.33 -16.26 7.03
N SER B 949 0.76 -16.15 8.22
CA SER B 949 1.16 -15.12 9.18
C SER B 949 2.67 -15.04 9.33
N ASN B 950 3.31 -16.21 9.28
CA ASN B 950 4.75 -16.35 9.46
C ASN B 950 5.57 -16.07 8.19
N GLY B 951 4.91 -15.53 7.17
CA GLY B 951 5.56 -15.27 5.89
C GLY B 951 6.10 -16.53 5.24
N SER B 952 5.34 -17.62 5.33
CA SER B 952 5.73 -18.91 4.74
C SER B 952 5.06 -19.10 3.40
N LEU B 953 5.67 -19.93 2.55
CA LEU B 953 5.09 -20.22 1.25
C LEU B 953 4.03 -21.30 1.36
N ILE B 954 2.78 -20.91 1.08
CA ILE B 954 1.65 -21.83 1.18
C ILE B 954 1.22 -22.35 -0.19
N ALA B 955 1.12 -21.46 -1.18
CA ALA B 955 0.61 -21.84 -2.51
C ALA B 955 1.00 -20.83 -3.57
N SER B 956 1.14 -21.28 -4.81
CA SER B 956 1.61 -20.39 -5.87
C SER B 956 1.27 -20.91 -7.27
N GLY B 957 0.98 -19.98 -8.18
CA GLY B 957 0.72 -20.34 -9.55
C GLY B 957 0.31 -19.15 -10.38
N LYS B 958 -0.50 -19.39 -11.41
CA LYS B 958 -1.07 -18.29 -12.19
C LYS B 958 -2.59 -18.29 -12.17
N VAL B 959 -3.19 -17.10 -12.09
CA VAL B 959 -4.63 -16.95 -12.14
C VAL B 959 -4.99 -15.81 -13.05
N TYR B 960 -6.16 -15.88 -13.68
CA TYR B 960 -6.63 -14.74 -14.45
C TYR B 960 -8.08 -14.86 -14.90
N GLN B 961 -8.65 -13.75 -15.37
CA GLN B 961 -9.98 -13.81 -15.94
C GLN B 961 -9.95 -14.57 -17.28
N TRP B 962 -10.83 -15.56 -17.36
CA TRP B 962 -10.96 -16.39 -18.54
C TRP B 962 -11.81 -15.63 -19.54
N GLU B 963 -11.23 -15.25 -20.68
CA GLU B 963 -11.94 -14.35 -21.59
C GLU B 963 -13.00 -14.98 -22.50
N SER B 964 -12.69 -16.15 -23.03
CA SER B 964 -13.64 -16.83 -23.92
C SER B 964 -14.11 -18.15 -23.32
N PRO B 965 -14.90 -18.07 -22.25
CA PRO B 965 -15.34 -19.25 -21.49
C PRO B 965 -16.17 -20.19 -22.37
N ASP B 966 -15.57 -21.28 -22.82
CA ASP B 966 -16.20 -22.24 -23.74
C ASP B 966 -16.91 -23.36 -22.98
N PRO B 967 -18.25 -23.31 -22.91
CA PRO B 967 -19.05 -24.27 -22.13
C PRO B 967 -18.97 -25.74 -22.60
N LYS B 968 -18.54 -25.96 -23.85
CA LYS B 968 -18.36 -27.32 -24.38
C LYS B 968 -17.26 -28.11 -23.64
N LEU B 969 -16.65 -27.49 -22.64
CA LEU B 969 -15.57 -28.12 -21.89
C LEU B 969 -16.14 -28.99 -20.80
N PHE B 970 -17.26 -28.56 -20.26
CA PHE B 970 -17.91 -29.28 -19.16
C PHE B 970 -19.03 -30.20 -19.67
N ASP B 971 -18.82 -30.75 -20.87
CA ASP B 971 -19.67 -31.80 -21.41
C ASP B 971 -19.37 -33.11 -20.70
N THR B 972 -20.41 -33.73 -20.18
CA THR B 972 -20.30 -34.99 -19.48
C THR B 972 -20.79 -36.15 -20.38
N ARG B 973 -20.22 -36.28 -21.59
CA ARG B 973 -20.73 -37.29 -22.53
C ARG B 973 -19.89 -38.58 -22.63
N ALA B 974 -19.10 -38.70 -23.70
CA ALA B 974 -18.49 -39.97 -24.12
C ALA B 974 -19.56 -41.05 -24.37
N ALA B 975 -19.37 -41.86 -25.41
CA ALA B 975 -20.44 -42.72 -25.93
C ALA B 975 -20.48 -44.16 -25.42
N VAL B 976 -19.66 -44.48 -24.41
CA VAL B 976 -19.71 -45.81 -23.82
C VAL B 976 -20.81 -45.85 -22.74
N ASP B 977 -21.98 -46.37 -23.13
CA ASP B 977 -23.15 -46.43 -22.24
C ASP B 977 -22.78 -46.38 -20.76
N PRO B 978 -23.28 -45.37 -20.03
CA PRO B 978 -23.03 -45.22 -18.58
C PRO B 978 -23.44 -46.45 -17.74
N ALA B 979 -24.44 -46.31 -16.87
CA ALA B 979 -24.81 -47.41 -15.95
C ALA B 979 -26.33 -47.52 -15.65
N ASP B 980 -27.15 -47.52 -16.70
CA ASP B 980 -28.62 -47.56 -16.61
C ASP B 980 -29.19 -47.81 -15.20
N SER B 981 -29.89 -48.94 -15.08
CA SER B 981 -30.22 -49.56 -13.82
C SER B 981 -29.76 -51.00 -14.02
N THR B 982 -28.86 -51.15 -14.99
CA THR B 982 -28.23 -52.42 -15.32
C THR B 982 -26.97 -52.59 -14.49
N ALA B 983 -25.96 -51.76 -14.77
CA ALA B 983 -24.73 -51.72 -13.99
C ALA B 983 -25.05 -51.29 -12.56
N GLU B 984 -26.27 -51.57 -12.12
CA GLU B 984 -26.78 -51.15 -10.80
C GLU B 984 -26.01 -51.69 -9.60
N PHE B 985 -24.70 -51.57 -9.65
CA PHE B 985 -23.90 -51.52 -8.45
C PHE B 985 -23.26 -50.16 -8.46
N ARG B 986 -23.65 -49.31 -7.53
CA ARG B 986 -23.03 -48.01 -7.41
C ARG B 986 -22.57 -47.87 -5.98
N LEU B 987 -21.90 -46.77 -5.66
CA LEU B 987 -21.39 -46.55 -4.32
C LEU B 987 -22.21 -45.49 -3.62
N SER B 988 -22.67 -45.77 -2.42
CA SER B 988 -23.54 -44.82 -1.74
C SER B 988 -22.71 -43.81 -1.03
N GLN B 989 -23.22 -42.60 -0.93
CA GLN B 989 -22.50 -41.54 -0.24
C GLN B 989 -21.83 -42.12 0.98
N GLY B 990 -22.53 -42.97 1.70
CA GLY B 990 -21.95 -43.59 2.88
C GLY B 990 -20.83 -44.54 2.54
N ASP B 991 -21.05 -45.34 1.51
CA ASP B 991 -20.05 -46.31 1.08
C ASP B 991 -18.76 -45.60 0.74
N VAL B 992 -18.88 -44.41 0.15
CA VAL B 992 -17.70 -43.66 -0.24
C VAL B 992 -16.92 -43.16 0.95
N TYR B 993 -17.49 -42.26 1.74
CA TYR B 993 -16.71 -41.64 2.81
C TYR B 993 -16.28 -42.64 3.87
N LYS B 994 -16.91 -43.81 3.85
CA LYS B 994 -16.47 -44.92 4.67
C LYS B 994 -15.12 -45.41 4.15
N ASP B 995 -15.03 -45.75 2.86
CA ASP B 995 -13.76 -46.24 2.31
C ASP B 995 -12.67 -45.19 2.48
N LEU B 996 -13.04 -43.92 2.43
CA LEU B 996 -12.07 -42.86 2.60
C LEU B 996 -11.62 -42.78 4.05
N ARG B 997 -12.56 -42.60 4.98
CA ARG B 997 -12.15 -42.46 6.37
C ARG B 997 -11.29 -43.64 6.80
N LEU B 998 -11.33 -44.70 5.99
CA LEU B 998 -10.51 -45.88 6.24
C LEU B 998 -9.06 -45.57 5.99
N ARG B 999 -8.83 -44.93 4.85
CA ARG B 999 -7.50 -44.60 4.34
C ARG B 999 -6.85 -43.48 5.10
N GLY B 1000 -7.68 -42.65 5.72
CA GLY B 1000 -7.22 -41.55 6.55
C GLY B 1000 -8.03 -40.27 6.47
N TYR B 1001 -8.94 -40.18 5.50
CA TYR B 1001 -9.67 -38.93 5.28
C TYR B 1001 -10.91 -38.82 6.18
N ASP B 1002 -10.75 -38.15 7.32
CA ASP B 1002 -11.85 -38.02 8.28
C ASP B 1002 -12.84 -36.91 7.92
N TYR B 1003 -13.13 -36.78 6.64
CA TYR B 1003 -14.08 -35.77 6.15
C TYR B 1003 -15.33 -35.74 7.00
N GLY B 1004 -15.74 -34.53 7.35
CA GLY B 1004 -16.96 -34.32 8.11
C GLY B 1004 -18.11 -33.95 7.20
N PRO B 1005 -19.33 -33.98 7.76
CA PRO B 1005 -20.61 -33.78 7.09
C PRO B 1005 -20.66 -32.70 6.02
N PHE B 1006 -20.08 -31.53 6.29
CA PHE B 1006 -20.23 -30.42 5.38
C PHE B 1006 -19.46 -30.66 4.10
N PHE B 1007 -18.57 -31.64 4.15
CA PHE B 1007 -17.68 -31.93 3.04
C PHE B 1007 -17.99 -33.24 2.34
N GLN B 1008 -18.92 -34.00 2.86
CA GLN B 1008 -19.25 -35.26 2.23
C GLN B 1008 -20.21 -35.02 1.11
N LEU B 1009 -19.70 -34.59 -0.03
CA LEU B 1009 -20.57 -34.13 -1.10
C LEU B 1009 -20.65 -35.11 -2.24
N VAL B 1010 -19.94 -36.21 -2.11
CA VAL B 1010 -20.08 -37.25 -3.11
C VAL B 1010 -21.34 -38.02 -2.79
N LEU B 1011 -22.33 -37.92 -3.67
CA LEU B 1011 -23.61 -38.58 -3.41
C LEU B 1011 -23.61 -40.01 -3.90
N GLU B 1012 -23.07 -40.21 -5.08
CA GLU B 1012 -23.19 -41.48 -5.78
C GLU B 1012 -21.96 -41.65 -6.64
N SER B 1013 -21.64 -42.89 -7.00
CA SER B 1013 -20.45 -43.10 -7.81
C SER B 1013 -20.26 -44.48 -8.43
N ASP B 1014 -20.15 -44.49 -9.75
CA ASP B 1014 -19.59 -45.61 -10.50
C ASP B 1014 -18.56 -46.35 -9.67
N LEU B 1015 -18.61 -47.67 -9.70
CA LEU B 1015 -17.70 -48.49 -8.92
C LEU B 1015 -16.23 -48.15 -9.15
N GLU B 1016 -15.92 -47.68 -10.37
CA GLU B 1016 -14.55 -47.43 -10.78
C GLU B 1016 -14.10 -46.03 -10.39
N GLY B 1017 -15.05 -45.18 -10.04
CA GLY B 1017 -14.74 -43.85 -9.60
C GLY B 1017 -14.58 -42.95 -10.81
N ASN B 1018 -15.25 -43.30 -11.89
CA ASN B 1018 -15.17 -42.50 -13.10
C ASN B 1018 -16.39 -41.63 -13.33
N ARG B 1019 -17.53 -42.03 -12.75
CA ARG B 1019 -18.73 -41.20 -12.81
C ARG B 1019 -19.43 -41.05 -11.47
N GLY B 1020 -20.30 -40.06 -11.37
CA GLY B 1020 -21.00 -39.80 -10.13
C GLY B 1020 -21.80 -38.51 -10.06
N ARG B 1021 -22.16 -38.14 -8.83
CA ARG B 1021 -22.97 -36.96 -8.57
C ARG B 1021 -22.46 -36.20 -7.35
N LEU B 1022 -22.10 -34.93 -7.53
CA LEU B 1022 -21.64 -34.15 -6.40
C LEU B 1022 -22.68 -33.15 -5.97
N GLN B 1023 -22.84 -33.03 -4.66
CA GLN B 1023 -23.86 -32.17 -4.08
C GLN B 1023 -23.38 -30.74 -3.94
N TRP B 1024 -24.21 -29.82 -4.43
CA TRP B 1024 -23.97 -28.39 -4.28
C TRP B 1024 -24.32 -27.90 -2.88
N ASN B 1025 -23.53 -26.96 -2.40
CA ASN B 1025 -23.48 -26.63 -1.01
C ASN B 1025 -23.50 -25.13 -0.88
N ASP B 1026 -23.57 -24.47 -2.04
CA ASP B 1026 -23.33 -23.05 -2.12
C ASP B 1026 -22.00 -22.70 -1.44
N SER B 1027 -20.95 -23.41 -1.86
CA SER B 1027 -19.59 -23.21 -1.37
C SER B 1027 -18.65 -23.89 -2.33
N TRP B 1028 -17.75 -23.12 -2.92
CA TRP B 1028 -16.80 -23.67 -3.88
C TRP B 1028 -15.68 -24.43 -3.20
N VAL B 1029 -15.39 -24.06 -1.97
CA VAL B 1029 -14.36 -24.74 -1.21
C VAL B 1029 -14.67 -26.21 -1.10
N SER B 1030 -15.93 -26.52 -0.82
CA SER B 1030 -16.41 -27.88 -0.66
C SER B 1030 -16.57 -28.57 -2.01
N PHE B 1031 -17.41 -28.01 -2.86
CA PHE B 1031 -17.62 -28.58 -4.20
C PHE B 1031 -16.30 -28.94 -4.87
N LEU B 1032 -15.36 -27.98 -4.88
CA LEU B 1032 -14.08 -28.25 -5.51
C LEU B 1032 -13.37 -29.42 -4.82
N ASP B 1033 -13.31 -29.41 -3.49
CA ASP B 1033 -12.62 -30.47 -2.79
C ASP B 1033 -13.29 -31.83 -2.99
N ALA B 1034 -14.58 -31.82 -3.28
CA ALA B 1034 -15.28 -33.07 -3.55
C ALA B 1034 -14.80 -33.61 -4.85
N MET B 1035 -14.64 -32.71 -5.81
CA MET B 1035 -14.06 -33.07 -7.10
C MET B 1035 -12.78 -33.86 -6.87
N LEU B 1036 -11.92 -33.33 -6.00
CA LEU B 1036 -10.71 -34.03 -5.63
C LEU B 1036 -11.03 -35.40 -5.06
N HIS B 1037 -11.96 -35.47 -4.11
CA HIS B 1037 -12.44 -36.76 -3.61
C HIS B 1037 -12.52 -37.77 -4.73
N MET B 1038 -13.38 -37.50 -5.69
CA MET B 1038 -13.55 -38.38 -6.85
C MET B 1038 -12.24 -38.86 -7.50
N SER B 1039 -11.28 -37.98 -7.68
CA SER B 1039 -9.99 -38.39 -8.20
C SER B 1039 -9.35 -39.40 -7.26
N ILE B 1040 -9.21 -39.04 -5.99
CA ILE B 1040 -8.63 -39.92 -4.96
C ILE B 1040 -9.29 -41.30 -4.93
N LEU B 1041 -10.50 -41.41 -5.48
CA LEU B 1041 -11.34 -42.59 -5.30
C LEU B 1041 -11.14 -43.66 -6.35
N ALA B 1042 -9.92 -43.81 -6.84
CA ALA B 1042 -9.64 -44.86 -7.80
C ALA B 1042 -9.89 -46.21 -7.14
N PRO B 1043 -10.12 -47.25 -7.94
CA PRO B 1043 -10.23 -48.54 -7.26
C PRO B 1043 -8.84 -49.07 -7.08
N GLY B 1044 -8.60 -49.73 -5.95
CA GLY B 1044 -7.29 -50.27 -5.66
C GLY B 1044 -6.29 -49.26 -5.11
N GLN B 1045 -6.63 -47.98 -5.13
CA GLN B 1045 -5.72 -46.95 -4.63
C GLN B 1045 -5.83 -46.86 -3.13
N LEU B 1046 -4.72 -47.08 -2.43
CA LEU B 1046 -4.73 -47.07 -0.97
C LEU B 1046 -4.05 -45.84 -0.39
N GLY B 1047 -3.89 -45.82 0.93
CA GLY B 1047 -3.15 -44.77 1.62
C GLY B 1047 -3.55 -43.31 1.43
N LEU B 1048 -2.88 -42.43 2.17
CA LEU B 1048 -3.27 -41.04 2.36
C LEU B 1048 -2.66 -40.02 1.38
N TYR B 1049 -3.51 -39.32 0.63
CA TYR B 1049 -3.09 -38.49 -0.50
C TYR B 1049 -3.71 -37.08 -0.52
N LEU B 1050 -2.86 -36.05 -0.40
CA LEU B 1050 -3.35 -34.68 -0.48
C LEU B 1050 -2.99 -34.05 -1.82
N PRO B 1051 -3.55 -32.86 -2.12
CA PRO B 1051 -3.17 -32.27 -3.40
C PRO B 1051 -1.79 -31.61 -3.32
N THR B 1052 -1.17 -31.41 -4.47
CA THR B 1052 0.16 -30.86 -4.51
C THR B 1052 0.37 -30.00 -5.73
N ARG B 1053 -0.24 -30.40 -6.83
CA ARG B 1053 -0.07 -29.66 -8.05
C ARG B 1053 -1.39 -29.76 -8.79
N PHE B 1054 -1.85 -28.65 -9.35
CA PHE B 1054 -2.86 -28.72 -10.38
C PHE B 1054 -2.18 -28.17 -11.59
N THR B 1055 -2.68 -28.52 -12.76
CA THR B 1055 -2.03 -28.05 -13.94
C THR B 1055 -2.87 -26.99 -14.61
N SER B 1056 -4.17 -27.05 -14.41
CA SER B 1056 -5.00 -26.13 -15.13
C SER B 1056 -6.45 -26.25 -14.74
N ILE B 1057 -6.77 -25.63 -13.62
CA ILE B 1057 -8.13 -25.47 -13.16
C ILE B 1057 -8.81 -24.41 -14.02
N ARG B 1058 -10.13 -24.49 -14.13
CA ARG B 1058 -10.87 -23.62 -15.04
C ARG B 1058 -12.36 -23.58 -14.65
N ILE B 1059 -12.76 -22.50 -13.98
CA ILE B 1059 -14.11 -22.40 -13.47
C ILE B 1059 -14.89 -21.33 -14.23
N ASP B 1060 -16.16 -21.59 -14.52
CA ASP B 1060 -17.02 -20.57 -15.15
C ASP B 1060 -18.40 -20.58 -14.53
N PRO B 1061 -18.61 -19.78 -13.49
CA PRO B 1061 -19.83 -19.86 -12.68
C PRO B 1061 -21.04 -19.68 -13.56
N VAL B 1062 -20.83 -19.12 -14.74
CA VAL B 1062 -21.92 -18.91 -15.68
C VAL B 1062 -22.52 -20.23 -16.12
N THR B 1063 -21.69 -21.14 -16.58
CA THR B 1063 -22.18 -22.44 -17.04
C THR B 1063 -22.43 -23.35 -15.85
N HIS B 1064 -21.67 -23.16 -14.76
CA HIS B 1064 -21.89 -23.90 -13.53
C HIS B 1064 -23.30 -23.77 -12.99
N ARG B 1065 -23.91 -22.61 -13.18
CA ARG B 1065 -25.31 -22.45 -12.81
C ARG B 1065 -26.14 -23.38 -13.67
N GLN B 1066 -25.89 -23.37 -14.97
CA GLN B 1066 -26.68 -24.14 -15.90
C GLN B 1066 -26.52 -25.66 -15.77
N LYS B 1067 -25.30 -26.08 -15.43
CA LYS B 1067 -24.96 -27.50 -15.33
C LYS B 1067 -25.63 -28.13 -14.10
N LEU B 1068 -25.82 -27.30 -13.08
CA LEU B 1068 -26.36 -27.69 -11.80
C LEU B 1068 -27.81 -28.16 -11.96
N TYR B 1069 -28.31 -28.98 -11.02
CA TYR B 1069 -29.72 -29.39 -11.02
C TYR B 1069 -30.27 -29.66 -9.62
N THR B 1070 -31.59 -29.85 -9.52
CA THR B 1070 -32.27 -30.13 -8.25
C THR B 1070 -32.81 -31.55 -8.18
N LEU B 1071 -32.41 -32.29 -7.15
CA LEU B 1071 -32.91 -33.63 -6.94
C LEU B 1071 -34.36 -33.57 -6.49
N GLN B 1072 -34.87 -34.72 -6.08
CA GLN B 1072 -36.22 -34.79 -5.53
C GLN B 1072 -36.10 -34.43 -4.06
N ASP B 1073 -34.90 -34.64 -3.53
CA ASP B 1073 -34.58 -34.26 -2.16
C ASP B 1073 -34.85 -32.77 -1.93
N THR B 1074 -34.93 -32.02 -3.03
CA THR B 1074 -35.01 -30.55 -3.05
C THR B 1074 -33.61 -29.92 -3.01
N THR B 1075 -32.65 -30.75 -2.62
CA THR B 1075 -31.26 -30.35 -2.57
C THR B 1075 -30.72 -30.14 -3.99
N GLN B 1076 -29.45 -29.76 -4.12
CA GLN B 1076 -28.86 -29.53 -5.43
C GLN B 1076 -27.59 -30.34 -5.64
N ALA B 1077 -27.24 -30.54 -6.92
CA ALA B 1077 -26.08 -31.36 -7.28
C ALA B 1077 -25.76 -31.24 -8.77
N ALA B 1078 -24.66 -31.84 -9.21
CA ALA B 1078 -24.42 -31.97 -10.65
C ALA B 1078 -23.56 -33.18 -10.96
N ASP B 1079 -23.34 -33.42 -12.24
CA ASP B 1079 -22.58 -34.60 -12.63
C ASP B 1079 -21.09 -34.32 -12.56
N VAL B 1080 -20.34 -35.35 -12.21
CA VAL B 1080 -18.88 -35.28 -12.08
C VAL B 1080 -18.28 -36.41 -12.89
N VAL B 1081 -17.22 -36.16 -13.65
CA VAL B 1081 -16.54 -37.22 -14.39
C VAL B 1081 -15.04 -37.19 -14.23
N VAL B 1082 -14.46 -38.37 -14.13
CA VAL B 1082 -13.04 -38.52 -13.99
C VAL B 1082 -12.54 -39.33 -15.19
N ASP B 1083 -11.43 -38.91 -15.80
CA ASP B 1083 -10.91 -39.62 -16.95
C ASP B 1083 -9.41 -39.83 -16.81
N ARG B 1084 -9.00 -40.80 -16.00
CA ARG B 1084 -7.60 -40.90 -15.60
C ARG B 1084 -6.62 -41.21 -16.75
N ASN B 1085 -7.19 -41.38 -17.94
CA ASN B 1085 -6.38 -41.45 -19.12
C ASN B 1085 -6.05 -40.04 -19.53
N LEU B 1086 -7.01 -39.13 -19.32
CA LEU B 1086 -6.76 -37.70 -19.58
C LEU B 1086 -6.39 -36.89 -18.32
N ASN B 1087 -6.57 -37.49 -17.15
CA ASN B 1087 -6.23 -36.88 -15.87
C ASN B 1087 -7.01 -35.59 -15.59
N THR B 1088 -8.21 -35.56 -16.13
CA THR B 1088 -9.13 -34.46 -15.91
C THR B 1088 -10.36 -34.90 -15.13
N VAL B 1089 -10.78 -34.05 -14.20
CA VAL B 1089 -12.01 -34.21 -13.45
C VAL B 1089 -12.86 -33.02 -13.81
N VAL B 1090 -14.14 -33.25 -14.03
CA VAL B 1090 -15.02 -32.18 -14.44
C VAL B 1090 -16.26 -32.28 -13.59
N ALA B 1091 -16.82 -31.16 -13.17
CA ALA B 1091 -17.99 -31.19 -12.31
C ALA B 1091 -18.80 -29.91 -12.36
N GLY B 1092 -19.98 -29.93 -12.96
CA GLY B 1092 -20.74 -28.71 -13.10
C GLY B 1092 -19.90 -27.80 -13.97
N GLY B 1093 -19.52 -26.64 -13.44
CA GLY B 1093 -18.78 -25.65 -14.21
C GLY B 1093 -17.30 -25.50 -13.88
N ALA B 1094 -16.73 -26.53 -13.26
CA ALA B 1094 -15.33 -26.50 -12.91
C ALA B 1094 -14.67 -27.74 -13.47
N LEU B 1095 -13.51 -27.55 -14.12
CA LEU B 1095 -12.74 -28.70 -14.56
C LEU B 1095 -11.28 -28.58 -14.21
N PHE B 1096 -10.79 -29.63 -13.58
CA PHE B 1096 -9.38 -29.75 -13.27
C PHE B 1096 -8.72 -30.49 -14.42
N LEU B 1097 -7.50 -30.10 -14.75
CA LEU B 1097 -6.67 -30.86 -15.68
C LEU B 1097 -5.30 -31.04 -15.07
N GLY B 1098 -4.92 -32.29 -14.83
CA GLY B 1098 -3.61 -32.59 -14.33
C GLY B 1098 -3.51 -32.26 -12.85
N ALA B 1099 -4.38 -32.86 -12.07
CA ALA B 1099 -4.35 -32.53 -10.68
C ALA B 1099 -3.61 -33.61 -9.92
N HIS B 1100 -2.29 -33.62 -10.06
CA HIS B 1100 -1.47 -34.57 -9.31
C HIS B 1100 -1.59 -34.31 -7.79
N SER B 1101 -1.66 -35.38 -7.01
CA SER B 1101 -1.63 -35.24 -5.54
C SER B 1101 -0.51 -36.15 -5.00
N SER B 1102 -0.38 -36.26 -3.68
CA SER B 1102 0.69 -37.09 -3.16
C SER B 1102 0.64 -37.52 -1.68
N VAL B 1103 1.47 -38.50 -1.37
CA VAL B 1103 1.40 -39.23 -0.12
C VAL B 1103 1.77 -38.37 1.09
N ALA B 1104 1.05 -38.58 2.18
CA ALA B 1104 1.42 -38.01 3.46
C ALA B 1104 1.54 -39.10 4.51
N PRO B 1105 2.21 -38.79 5.62
CA PRO B 1105 2.45 -39.76 6.68
C PRO B 1105 1.34 -39.71 7.71
N ARG B 1106 0.82 -40.85 8.12
CA ARG B 1106 -0.17 -40.87 9.19
C ARG B 1106 0.54 -40.75 10.55
N ARG B 1107 0.12 -39.79 11.34
CA ARG B 1107 0.78 -39.49 12.61
C ARG B 1107 0.03 -40.13 13.77
N PRO B 1108 0.45 -41.34 14.17
CA PRO B 1108 -0.29 -42.02 15.23
C PRO B 1108 -0.48 -41.07 16.40
N GLN B 1109 -1.69 -40.98 16.94
CA GLN B 1109 -1.97 -40.15 18.10
C GLN B 1109 -2.01 -41.04 19.34
N GLU B 1110 -0.89 -41.14 20.07
CA GLU B 1110 -0.67 -42.19 21.07
C GLU B 1110 -1.61 -42.15 22.28
N HIS B 1111 -2.67 -41.37 22.18
CA HIS B 1111 -3.72 -41.38 23.19
C HIS B 1111 -4.77 -42.44 22.84
N LEU B 1112 -4.53 -43.16 21.74
CA LEU B 1112 -5.39 -44.28 21.36
C LEU B 1112 -4.61 -45.60 21.34
N LYS B 1113 -3.85 -45.85 22.41
CA LYS B 1113 -3.13 -47.11 22.54
C LYS B 1113 -3.95 -48.13 23.35
N PRO B 1114 -4.50 -49.14 22.66
CA PRO B 1114 -5.41 -50.18 23.15
C PRO B 1114 -4.80 -51.08 24.21
N ILE B 1115 -5.63 -51.60 25.10
CA ILE B 1115 -5.16 -52.43 26.22
C ILE B 1115 -5.10 -53.91 25.87
N LEU B 1116 -3.90 -54.49 25.92
CA LEU B 1116 -3.74 -55.85 25.47
C LEU B 1116 -3.58 -56.85 26.62
N GLU B 1117 -4.62 -57.63 26.84
CA GLU B 1117 -4.61 -58.59 27.93
C GLU B 1117 -4.65 -60.01 27.39
N LYS B 1118 -4.04 -60.94 28.12
CA LYS B 1118 -4.16 -62.36 27.82
C LYS B 1118 -5.22 -62.99 28.72
N PHE B 1119 -5.66 -64.20 28.38
CA PHE B 1119 -6.77 -64.82 29.09
C PHE B 1119 -6.45 -66.27 29.42
N CYS B 1120 -5.44 -66.45 30.26
CA CYS B 1120 -5.09 -67.77 30.79
C CYS B 1120 -6.04 -68.16 31.91
N PHE B 1121 -6.23 -69.47 32.07
CA PHE B 1121 -6.91 -69.98 33.26
C PHE B 1121 -5.98 -69.80 34.46
N THR B 1122 -6.55 -69.51 35.62
CA THR B 1122 -5.74 -69.30 36.81
C THR B 1122 -6.31 -70.06 38.02
N PRO B 1123 -5.53 -70.99 38.59
CA PRO B 1123 -6.01 -71.81 39.72
C PRO B 1123 -5.99 -71.03 41.03
N HIS B 1124 -6.90 -71.35 41.94
CA HIS B 1124 -6.89 -70.71 43.24
C HIS B 1124 -5.78 -71.32 44.09
N VAL B 1125 -5.09 -72.32 43.52
CA VAL B 1125 -4.05 -73.05 44.24
C VAL B 1125 -2.72 -72.99 43.51
N GLU B 1126 -2.19 -71.79 43.31
CA GLU B 1126 -0.90 -71.59 42.64
C GLU B 1126 0.28 -71.72 43.62
N SER B 1127 1.05 -72.79 43.49
CA SER B 1127 2.19 -73.03 44.36
C SER B 1127 3.49 -73.04 43.57
N GLY B 1128 4.60 -72.65 44.21
CA GLY B 1128 5.88 -72.58 43.56
C GLY B 1128 5.99 -71.45 42.54
N CYS B 1129 5.02 -70.54 42.60
CA CYS B 1129 4.94 -69.40 41.68
C CYS B 1129 6.25 -68.61 41.56
N LEU B 1130 6.40 -67.93 40.43
CA LEU B 1130 7.66 -67.27 40.08
C LEU B 1130 8.72 -68.32 39.72
N ALA B 1131 9.82 -68.32 40.46
CA ALA B 1131 10.91 -69.26 40.22
C ALA B 1131 11.50 -69.17 38.81
N GLY B 1132 11.28 -68.04 38.13
CA GLY B 1132 11.82 -67.83 36.79
C GLY B 1132 12.48 -66.48 36.56
N ASN B 1133 12.13 -65.50 37.41
CA ASN B 1133 12.72 -64.16 37.35
C ASN B 1133 14.18 -64.16 37.74
N THR B 1134 15.05 -64.08 36.74
CA THR B 1134 16.48 -64.02 36.98
C THR B 1134 16.79 -63.02 38.10
N ALA B 1135 15.95 -61.99 38.22
CA ALA B 1135 16.16 -60.92 39.20
C ALA B 1135 15.71 -61.28 40.61
N LEU B 1136 14.61 -62.03 40.71
CA LEU B 1136 14.08 -62.47 42.01
C LEU B 1136 14.73 -63.77 42.52
N GLN B 1137 15.55 -64.42 41.70
CA GLN B 1137 16.36 -65.53 42.17
C GLN B 1137 17.84 -65.11 42.18
N GLU B 1138 18.08 -63.84 41.83
CA GLU B 1138 19.40 -63.23 41.99
C GLU B 1138 19.44 -62.45 43.31
N GLU B 1139 18.25 -62.14 43.81
CA GLU B 1139 18.11 -61.49 45.09
C GLU B 1139 18.42 -62.48 46.21
N LEU B 1140 17.97 -63.72 46.04
CA LEU B 1140 18.09 -64.77 47.06
C LEU B 1140 19.52 -65.26 47.29
N GLN B 1141 20.16 -65.77 46.22
CA GLN B 1141 21.54 -66.28 46.31
C GLN B 1141 22.44 -65.29 47.04
N LEU B 1142 22.52 -64.08 46.48
CA LEU B 1142 23.33 -63.00 47.02
C LEU B 1142 22.64 -62.34 48.24
N CYS B 1143 21.74 -63.09 48.88
CA CYS B 1143 21.19 -62.75 50.19
C CYS B 1143 21.64 -63.77 51.23
N LEU B 1216 11.25 -52.82 48.41
CA LEU B 1216 12.15 -53.72 47.69
C LEU B 1216 11.48 -54.30 46.46
N LEU B 1217 12.15 -55.25 45.81
CA LEU B 1217 11.51 -56.01 44.73
C LEU B 1217 11.07 -57.37 45.24
N SER B 1218 11.73 -57.83 46.30
CA SER B 1218 11.46 -59.18 46.81
C SER B 1218 10.30 -59.18 47.80
N GLY B 1219 10.26 -58.20 48.69
CA GLY B 1219 9.16 -58.11 49.64
C GLY B 1219 7.86 -57.75 48.95
N LEU B 1220 7.96 -57.27 47.70
CA LEU B 1220 6.81 -56.71 46.96
C LEU B 1220 6.42 -57.49 45.66
N LEU B 1221 5.40 -58.33 45.78
CA LEU B 1221 4.95 -59.31 44.76
C LEU B 1221 3.73 -58.84 43.98
N ASP B 1222 3.93 -57.87 43.10
CA ASP B 1222 2.83 -57.32 42.31
C ASP B 1222 2.65 -58.02 40.96
N ALA B 1223 3.45 -59.05 40.72
CA ALA B 1223 3.28 -59.86 39.52
C ALA B 1223 1.89 -60.47 39.53
N PRO B 1224 1.29 -60.62 38.35
CA PRO B 1224 -0.06 -61.08 38.02
C PRO B 1224 -0.98 -61.57 39.16
N ALA B 1225 -0.58 -62.58 39.93
CA ALA B 1225 -1.51 -63.18 40.90
C ALA B 1225 -2.02 -62.26 42.03
N LEU B 1226 -1.88 -60.95 41.85
CA LEU B 1226 -2.54 -59.95 42.71
C LEU B 1226 -3.91 -59.66 42.12
N LYS B 1227 -3.88 -59.25 40.85
CA LYS B 1227 -5.08 -59.05 40.04
C LYS B 1227 -5.89 -60.35 39.99
N ALA B 1228 -5.19 -61.48 40.06
CA ALA B 1228 -5.84 -62.79 39.90
C ALA B 1228 -6.97 -63.05 40.89
N CYS B 1229 -6.99 -62.30 42.00
CA CYS B 1229 -7.96 -62.54 43.05
C CYS B 1229 -8.79 -61.30 43.28
N VAL B 1230 -8.15 -60.14 43.23
CA VAL B 1230 -8.87 -58.88 43.16
C VAL B 1230 -9.97 -59.03 42.11
N ASP B 1231 -9.64 -59.69 41.00
CA ASP B 1231 -10.64 -60.04 39.98
C ASP B 1231 -11.73 -60.96 40.55
N THR B 1232 -11.34 -62.14 41.02
CA THR B 1232 -12.31 -63.08 41.60
C THR B 1232 -13.29 -62.31 42.50
N ALA B 1233 -12.75 -61.50 43.41
CA ALA B 1233 -13.56 -60.70 44.32
C ALA B 1233 -14.46 -59.67 43.62
N LEU B 1234 -14.01 -59.15 42.48
CA LEU B 1234 -14.69 -58.02 41.86
C LEU B 1234 -15.94 -58.37 41.05
N GLU B 1235 -15.96 -59.54 40.41
CA GLU B 1235 -17.16 -59.94 39.70
C GLU B 1235 -18.13 -60.61 40.64
N ASN B 1236 -17.72 -60.79 41.90
CA ASN B 1236 -18.53 -61.48 42.89
C ASN B 1236 -19.53 -60.57 43.61
N MET B 1237 -19.67 -59.35 43.11
CA MET B 1237 -20.76 -58.48 43.52
C MET B 1237 -21.60 -58.06 42.31
N ALA B 1238 -22.90 -57.88 42.53
CA ALA B 1238 -23.84 -57.54 41.46
C ALA B 1238 -23.36 -56.37 40.61
N SER B 1239 -23.05 -55.25 41.26
CA SER B 1239 -22.66 -54.02 40.56
C SER B 1239 -21.14 -53.84 40.45
N PRO B 1240 -20.68 -53.31 39.30
CA PRO B 1240 -19.28 -52.96 39.05
C PRO B 1240 -18.84 -51.77 39.91
N LYS B 1241 -19.49 -51.60 41.06
CA LYS B 1241 -19.12 -50.57 42.02
C LYS B 1241 -18.57 -51.23 43.29
N MET B 1242 -17.30 -50.94 43.62
CA MET B 1242 -16.64 -51.57 44.76
C MET B 1242 -16.01 -50.58 45.76
N LYS B 1243 -16.51 -50.59 47.00
CA LYS B 1243 -15.97 -49.80 48.09
C LYS B 1243 -14.79 -50.53 48.74
N VAL B 1244 -13.57 -50.14 48.37
CA VAL B 1244 -12.38 -50.78 48.91
C VAL B 1244 -11.75 -49.97 50.03
N VAL B 1245 -11.18 -50.66 51.01
CA VAL B 1245 -10.48 -50.02 52.13
C VAL B 1245 -9.16 -50.74 52.37
N GLU B 1246 -8.22 -50.07 53.01
CA GLU B 1246 -6.96 -50.71 53.37
C GLU B 1246 -6.44 -50.21 54.73
N VAL B 1247 -6.09 -51.14 55.61
CA VAL B 1247 -5.44 -50.82 56.87
C VAL B 1247 -3.94 -51.11 56.79
N LEU B 1248 -3.14 -50.48 57.65
CA LEU B 1248 -1.68 -50.50 57.50
C LEU B 1248 -1.28 -50.23 56.03
N ALA B 1249 -1.52 -48.99 55.62
CA ALA B 1249 -1.44 -48.59 54.22
C ALA B 1249 -0.15 -47.88 53.84
N GLY B 1250 0.35 -47.03 54.75
CA GLY B 1250 1.54 -46.25 54.49
C GLY B 1250 2.75 -47.09 54.14
N ASP B 1251 2.84 -48.28 54.72
CA ASP B 1251 4.01 -49.15 54.54
C ASP B 1251 3.80 -50.18 53.42
N GLY B 1252 2.98 -51.19 53.69
CA GLY B 1252 2.56 -52.10 52.65
C GLY B 1252 1.60 -51.35 51.73
N GLN B 1253 2.16 -50.61 50.77
CA GLN B 1253 1.42 -49.66 49.96
C GLN B 1253 0.62 -50.28 48.80
N LEU B 1254 -0.63 -50.67 49.08
CA LEU B 1254 -1.49 -51.25 48.08
C LEU B 1254 -2.27 -50.17 47.34
N TYR B 1255 -2.10 -48.94 47.78
CA TYR B 1255 -2.85 -47.80 47.25
C TYR B 1255 -2.26 -47.29 45.92
N SER B 1256 -1.13 -47.88 45.52
CA SER B 1256 -0.46 -47.52 44.27
C SER B 1256 -0.84 -48.49 43.16
N ARG B 1257 -1.14 -49.72 43.56
CA ARG B 1257 -1.41 -50.81 42.62
C ARG B 1257 -2.86 -50.93 42.19
N ILE B 1258 -3.74 -51.28 43.12
CA ILE B 1258 -5.13 -51.66 42.80
C ILE B 1258 -6.00 -50.54 42.17
N PRO B 1259 -5.69 -49.27 42.45
CA PRO B 1259 -6.29 -48.19 41.64
C PRO B 1259 -5.87 -48.26 40.16
N ALA B 1260 -4.91 -49.15 39.86
CA ALA B 1260 -4.50 -49.42 38.49
C ALA B 1260 -5.13 -50.73 37.98
N LEU B 1261 -5.29 -51.70 38.87
CA LEU B 1261 -5.85 -53.01 38.52
C LEU B 1261 -7.35 -52.98 38.25
N LEU B 1262 -8.05 -52.03 38.85
CA LEU B 1262 -9.48 -51.91 38.62
C LEU B 1262 -9.73 -50.90 37.48
N ASN B 1263 -8.98 -49.80 37.51
CA ASN B 1263 -8.97 -48.84 36.40
C ASN B 1263 -8.69 -49.54 35.07
N THR B 1264 -8.11 -50.73 35.14
CA THR B 1264 -7.83 -51.54 33.96
C THR B 1264 -9.10 -51.91 33.23
N GLN B 1265 -10.09 -52.40 33.96
CA GLN B 1265 -11.38 -52.76 33.37
C GLN B 1265 -12.22 -51.52 33.03
N PRO B 1266 -13.14 -51.66 32.05
CA PRO B 1266 -13.86 -50.52 31.47
C PRO B 1266 -15.17 -50.25 32.18
N VAL B 1267 -15.46 -51.04 33.20
CA VAL B 1267 -16.70 -50.90 33.93
C VAL B 1267 -16.43 -50.71 35.43
N MET B 1268 -15.71 -49.65 35.78
CA MET B 1268 -15.33 -49.42 37.18
C MET B 1268 -15.90 -48.18 37.86
N ASP B 1269 -16.30 -48.36 39.12
CA ASP B 1269 -16.86 -47.32 39.97
C ASP B 1269 -16.20 -47.51 41.33
N LEU B 1270 -15.04 -46.90 41.52
CA LEU B 1270 -14.18 -47.24 42.65
C LEU B 1270 -14.24 -46.30 43.85
N ASP B 1271 -14.55 -46.86 45.02
CA ASP B 1271 -14.39 -46.14 46.28
C ASP B 1271 -13.22 -46.73 47.03
N TYR B 1272 -12.08 -46.05 47.00
CA TYR B 1272 -10.92 -46.53 47.75
C TYR B 1272 -10.66 -45.74 49.05
N THR B 1273 -10.21 -46.46 50.08
CA THR B 1273 -9.96 -45.88 51.40
C THR B 1273 -8.60 -46.32 51.99
N ALA B 1274 -7.74 -45.35 52.28
CA ALA B 1274 -6.40 -45.63 52.83
C ALA B 1274 -6.25 -45.07 54.25
N THR B 1275 -6.17 -45.97 55.23
CA THR B 1275 -6.26 -45.59 56.63
C THR B 1275 -5.02 -45.97 57.45
N ASP B 1276 -4.34 -44.97 58.00
CA ASP B 1276 -3.14 -45.16 58.83
C ASP B 1276 -3.39 -44.86 60.31
N ARG B 1277 -2.70 -45.56 61.21
CA ARG B 1277 -2.84 -45.30 62.65
C ARG B 1277 -2.51 -43.82 62.93
N ASN B 1278 -1.54 -43.30 62.19
CA ASN B 1278 -1.05 -41.93 62.35
C ASN B 1278 -1.48 -41.01 61.21
N PRO B 1279 -1.36 -39.68 61.40
CA PRO B 1279 -1.53 -38.73 60.32
C PRO B 1279 -0.22 -38.58 59.56
N GLN B 1280 0.83 -39.22 60.06
CA GLN B 1280 2.18 -39.03 59.55
C GLN B 1280 2.50 -39.82 58.27
N ALA B 1281 2.26 -41.13 58.29
CA ALA B 1281 2.54 -41.98 57.14
C ALA B 1281 1.66 -41.58 55.95
N LEU B 1282 0.63 -40.80 56.26
CA LEU B 1282 -0.36 -40.34 55.29
C LEU B 1282 0.12 -39.04 54.63
N GLU B 1283 1.43 -38.91 54.41
CA GLU B 1283 2.01 -37.67 53.91
C GLU B 1283 2.66 -37.76 52.53
N ALA B 1284 3.36 -38.86 52.25
CA ALA B 1284 3.86 -39.08 50.91
C ALA B 1284 2.67 -39.40 50.00
N ALA B 1285 1.49 -39.49 50.62
CA ALA B 1285 0.25 -39.89 49.95
C ALA B 1285 -0.60 -38.71 49.45
N GLN B 1286 -0.40 -37.54 50.03
CA GLN B 1286 -1.12 -36.34 49.57
C GLN B 1286 -0.74 -36.04 48.13
N ALA B 1287 0.48 -36.42 47.77
CA ALA B 1287 0.99 -36.25 46.40
C ALA B 1287 0.55 -37.42 45.52
N LYS B 1288 0.13 -38.51 46.15
CA LYS B 1288 -0.35 -39.69 45.43
C LYS B 1288 -1.88 -39.85 45.53
N LEU B 1289 -2.40 -39.89 46.75
CA LEU B 1289 -3.85 -40.02 46.98
C LEU B 1289 -4.68 -39.01 46.20
N GLU B 1290 -4.07 -37.93 45.73
CA GLU B 1290 -4.75 -36.99 44.84
C GLU B 1290 -4.81 -37.51 43.42
N GLN B 1291 -3.68 -37.97 42.90
CA GLN B 1291 -3.68 -38.59 41.59
C GLN B 1291 -4.59 -39.82 41.59
N LEU B 1292 -4.45 -40.68 42.61
CA LEU B 1292 -5.19 -41.96 42.67
C LEU B 1292 -6.55 -41.93 43.41
N HIS B 1293 -7.10 -40.73 43.63
CA HIS B 1293 -8.46 -40.54 44.19
C HIS B 1293 -8.85 -41.46 45.36
N VAL B 1294 -8.29 -41.21 46.54
CA VAL B 1294 -8.52 -42.09 47.69
C VAL B 1294 -8.90 -41.34 48.98
N THR B 1295 -9.95 -41.81 49.63
CA THR B 1295 -10.40 -41.25 50.91
C THR B 1295 -9.52 -41.73 52.05
N GLN B 1296 -8.77 -40.81 52.66
CA GLN B 1296 -7.81 -41.14 53.71
C GLN B 1296 -8.42 -40.98 55.12
N GLY B 1297 -7.74 -41.53 56.12
CA GLY B 1297 -8.18 -41.41 57.50
C GLY B 1297 -7.21 -41.88 58.57
N GLN B 1298 -7.75 -42.36 59.69
CA GLN B 1298 -6.95 -42.95 60.77
C GLN B 1298 -7.58 -44.20 61.39
N TRP B 1299 -6.75 -45.21 61.64
CA TRP B 1299 -7.22 -46.51 62.12
C TRP B 1299 -6.11 -47.44 62.65
N ASP B 1300 -6.32 -48.02 63.82
CA ASP B 1300 -5.36 -48.95 64.45
C ASP B 1300 -6.06 -50.30 64.72
N PRO B 1301 -5.78 -51.33 63.89
CA PRO B 1301 -6.42 -52.66 63.89
C PRO B 1301 -6.64 -53.31 65.26
N ALA B 1302 -7.41 -52.65 66.11
CA ALA B 1302 -8.10 -53.32 67.18
C ALA B 1302 -9.26 -53.97 66.46
N ASN B 1303 -10.47 -53.64 66.88
CA ASN B 1303 -11.67 -54.12 66.21
C ASN B 1303 -12.61 -52.99 65.71
N PRO B 1304 -12.55 -51.80 66.34
CA PRO B 1304 -13.63 -50.82 66.13
C PRO B 1304 -13.58 -50.05 64.79
N ALA B 1305 -14.65 -50.18 64.00
CA ALA B 1305 -14.80 -49.40 62.76
C ALA B 1305 -15.86 -48.31 62.88
N PRO B 1306 -15.46 -47.03 62.76
CA PRO B 1306 -16.39 -45.90 62.84
C PRO B 1306 -17.57 -46.05 61.89
N ALA B 1312 -17.79 -50.64 52.21
CA ALA B 1312 -17.56 -51.86 52.96
C ALA B 1312 -17.68 -53.10 52.07
N ASP B 1313 -17.00 -53.09 50.92
CA ASP B 1313 -17.05 -54.19 49.93
C ASP B 1313 -15.81 -55.11 49.92
N LEU B 1314 -14.62 -54.53 50.07
CA LEU B 1314 -13.39 -55.34 50.17
C LEU B 1314 -12.36 -54.63 51.06
N LEU B 1315 -11.55 -55.41 51.78
CA LEU B 1315 -10.47 -54.85 52.58
C LEU B 1315 -9.13 -55.53 52.30
N VAL B 1316 -8.11 -54.75 51.98
CA VAL B 1316 -6.82 -55.27 51.53
C VAL B 1316 -5.71 -54.99 52.55
N CYS B 1317 -4.67 -55.82 52.57
CA CYS B 1317 -3.59 -55.67 53.57
C CYS B 1317 -2.29 -56.41 53.26
N ASN B 1318 -1.20 -55.66 53.18
CA ASN B 1318 0.13 -56.22 52.98
C ASN B 1318 0.97 -56.27 54.26
N CYS B 1319 1.16 -57.46 54.82
CA CYS B 1319 1.83 -57.65 56.11
C CYS B 1319 3.36 -57.71 56.00
N ALA B 1320 3.88 -57.12 54.94
CA ALA B 1320 5.32 -57.12 54.68
C ALA B 1320 6.02 -56.06 55.52
N PRO B 1327 -2.99 -60.49 66.24
CA PRO B 1327 -3.06 -61.53 65.21
C PRO B 1327 -4.50 -61.95 64.84
N ALA B 1328 -5.38 -62.10 65.82
CA ALA B 1328 -6.81 -62.39 65.56
C ALA B 1328 -7.69 -61.17 65.81
N VAL B 1329 -7.15 -60.22 66.59
CA VAL B 1329 -7.77 -58.92 66.82
C VAL B 1329 -7.81 -58.13 65.51
N ALA B 1330 -6.81 -58.38 64.66
CA ALA B 1330 -6.79 -57.81 63.32
C ALA B 1330 -7.85 -58.46 62.43
N VAL B 1331 -8.01 -59.79 62.51
CA VAL B 1331 -9.10 -60.47 61.79
C VAL B 1331 -10.44 -60.38 62.54
N GLY B 1332 -10.50 -59.49 63.53
CA GLY B 1332 -11.73 -59.17 64.24
C GLY B 1332 -12.54 -58.09 63.53
N ASN B 1333 -11.93 -56.92 63.32
CA ASN B 1333 -12.58 -55.81 62.60
C ASN B 1333 -12.70 -56.05 61.10
N MET B 1334 -11.77 -56.82 60.56
CA MET B 1334 -11.76 -57.05 59.13
C MET B 1334 -12.95 -57.95 58.77
N ALA B 1335 -13.83 -58.13 59.74
CA ALA B 1335 -15.10 -58.79 59.54
C ALA B 1335 -16.27 -57.82 59.79
N ALA B 1336 -15.95 -56.58 60.16
CA ALA B 1336 -16.96 -55.60 60.57
C ALA B 1336 -17.15 -54.43 59.59
N THR B 1337 -16.93 -54.71 58.31
CA THR B 1337 -17.30 -53.83 57.23
C THR B 1337 -17.44 -54.73 55.99
N LEU B 1338 -18.05 -55.89 56.23
CA LEU B 1338 -18.22 -56.96 55.23
C LEU B 1338 -19.64 -57.00 54.66
N LYS B 1339 -19.89 -56.24 53.59
CA LYS B 1339 -21.19 -56.21 52.95
C LYS B 1339 -21.54 -57.54 52.24
N GLU B 1340 -22.36 -58.36 52.92
CA GLU B 1340 -22.74 -59.70 52.42
C GLU B 1340 -21.53 -60.58 52.12
N GLY B 1341 -20.92 -61.15 53.17
CA GLY B 1341 -19.75 -62.00 52.99
C GLY B 1341 -18.80 -61.58 51.89
N GLY B 1342 -18.23 -60.39 52.02
CA GLY B 1342 -17.29 -59.84 51.05
C GLY B 1342 -15.91 -60.48 51.08
N PHE B 1343 -14.88 -59.72 50.70
CA PHE B 1343 -13.55 -60.29 50.50
C PHE B 1343 -12.40 -59.63 51.27
N LEU B 1344 -11.45 -60.45 51.70
CA LEU B 1344 -10.28 -60.03 52.47
C LEU B 1344 -8.95 -60.58 51.93
N LEU B 1345 -8.15 -59.74 51.27
CA LEU B 1345 -6.86 -60.17 50.73
C LEU B 1345 -5.69 -59.74 51.63
N LEU B 1346 -4.88 -60.71 52.03
CA LEU B 1346 -3.81 -60.48 53.00
C LEU B 1346 -2.52 -61.10 52.50
N HIS B 1347 -1.41 -60.72 53.11
CA HIS B 1347 -0.13 -61.22 52.62
C HIS B 1347 1.03 -61.10 53.60
N THR B 1348 1.35 -62.17 54.31
CA THR B 1348 2.50 -62.22 55.20
C THR B 1348 3.68 -62.89 54.53
N LEU B 1349 4.63 -63.36 55.32
CA LEU B 1349 5.87 -63.87 54.78
C LEU B 1349 6.32 -65.15 55.48
N LEU B 1373 4.35 -66.92 60.73
CA LEU B 1373 3.83 -68.20 61.19
C LEU B 1373 3.90 -69.24 60.05
N SER B 1374 3.02 -70.24 60.09
CA SER B 1374 2.92 -71.26 59.04
C SER B 1374 1.56 -71.21 58.33
N GLN B 1375 1.49 -71.72 57.10
CA GLN B 1375 0.23 -71.73 56.35
C GLN B 1375 -0.91 -72.24 57.22
N ASP B 1376 -0.61 -73.29 57.97
CA ASP B 1376 -1.55 -73.94 58.87
C ASP B 1376 -2.07 -73.02 59.97
N GLN B 1377 -1.14 -72.28 60.58
CA GLN B 1377 -1.50 -71.35 61.65
C GLN B 1377 -2.37 -70.21 61.12
N TRP B 1378 -2.18 -69.88 59.85
CA TRP B 1378 -2.98 -68.86 59.17
C TRP B 1378 -4.40 -69.34 58.89
N GLU B 1379 -4.53 -70.61 58.53
CA GLU B 1379 -5.80 -71.18 58.12
C GLU B 1379 -6.73 -71.51 59.28
N SER B 1380 -6.24 -71.39 60.51
CA SER B 1380 -7.09 -71.55 61.67
C SER B 1380 -7.34 -70.19 62.32
N LEU B 1381 -6.77 -69.15 61.73
CA LEU B 1381 -7.01 -67.77 62.17
C LEU B 1381 -8.13 -67.16 61.31
N PHE B 1382 -8.55 -67.92 60.30
CA PHE B 1382 -9.70 -67.59 59.46
C PHE B 1382 -10.91 -68.42 59.88
N ALA B 1383 -10.67 -69.52 60.60
CA ALA B 1383 -11.75 -70.37 61.09
C ALA B 1383 -12.48 -69.71 62.26
N GLY B 1384 -11.81 -68.76 62.90
CA GLY B 1384 -12.37 -68.02 64.01
C GLY B 1384 -13.24 -66.85 63.60
N ALA B 1385 -12.85 -66.18 62.50
CA ALA B 1385 -13.65 -65.07 61.98
C ALA B 1385 -14.67 -65.56 60.95
N SER B 1386 -14.85 -66.88 60.88
CA SER B 1386 -15.82 -67.51 59.99
C SER B 1386 -15.48 -67.33 58.49
N LEU B 1387 -14.23 -67.62 58.15
CA LEU B 1387 -13.70 -67.38 56.80
C LEU B 1387 -13.43 -68.68 56.05
N HIS B 1388 -13.69 -68.69 54.75
CA HIS B 1388 -13.26 -69.78 53.90
C HIS B 1388 -12.19 -69.28 52.96
N LEU B 1389 -11.01 -69.90 53.01
CA LEU B 1389 -9.94 -69.56 52.09
C LEU B 1389 -10.44 -69.67 50.67
N VAL B 1390 -10.68 -68.53 50.05
CA VAL B 1390 -11.14 -68.48 48.68
C VAL B 1390 -10.00 -68.74 47.70
N ALA B 1391 -8.87 -68.05 47.92
CA ALA B 1391 -7.71 -68.18 47.05
C ALA B 1391 -6.39 -68.41 47.84
N LEU B 1392 -5.44 -69.07 47.20
CA LEU B 1392 -4.13 -69.34 47.80
C LEU B 1392 -3.02 -69.28 46.75
N LYS B 1393 -2.19 -68.24 46.82
CA LYS B 1393 -1.05 -68.12 45.93
C LYS B 1393 0.26 -68.23 46.71
N ARG B 1394 0.87 -69.42 46.69
CA ARG B 1394 2.17 -69.66 47.33
C ARG B 1394 3.35 -69.42 46.39
N SER B 1395 4.16 -68.41 46.74
CA SER B 1395 5.38 -68.09 46.00
C SER B 1395 6.54 -69.02 46.41
N PHE B 1396 7.52 -69.14 45.51
CA PHE B 1396 8.65 -70.02 45.72
C PHE B 1396 9.53 -69.54 46.87
N TYR B 1397 9.60 -68.23 47.06
CA TYR B 1397 10.49 -67.68 48.08
C TYR B 1397 9.82 -67.45 49.45
N GLY B 1398 8.59 -67.95 49.62
CA GLY B 1398 7.90 -67.89 50.89
C GLY B 1398 6.83 -66.82 51.01
N SER B 1399 6.46 -66.23 49.87
CA SER B 1399 5.45 -65.17 49.81
C SER B 1399 4.10 -65.77 49.47
N VAL B 1400 3.16 -65.69 50.39
CA VAL B 1400 1.84 -66.28 50.16
C VAL B 1400 0.69 -65.27 50.22
N LEU B 1401 -0.28 -65.47 49.33
CA LEU B 1401 -1.41 -64.57 49.21
C LEU B 1401 -2.69 -65.25 49.66
N PHE B 1402 -3.43 -64.60 50.55
CA PHE B 1402 -4.67 -65.17 51.05
C PHE B 1402 -5.85 -64.27 50.70
N LEU B 1403 -6.83 -64.83 50.02
CA LEU B 1403 -8.11 -64.16 49.86
C LEU B 1403 -9.12 -64.81 50.82
N CYS B 1404 -9.95 -64.00 51.46
CA CYS B 1404 -10.91 -64.51 52.45
C CYS B 1404 -12.33 -63.99 52.27
N ARG B 1405 -13.28 -64.92 52.19
CA ARG B 1405 -14.70 -64.61 52.15
C ARG B 1405 -15.44 -65.22 53.34
N GLN B 1406 -16.05 -64.36 54.15
CA GLN B 1406 -16.84 -64.79 55.29
C GLN B 1406 -18.32 -64.64 55.00
N GLN B 1407 -18.79 -65.27 53.93
CA GLN B 1407 -20.21 -65.31 53.71
C GLN B 1407 -20.77 -65.94 54.96
N THR B 1408 -21.51 -65.14 55.71
CA THR B 1408 -22.13 -65.62 56.94
C THR B 1408 -23.61 -66.01 56.74
N PRO B 1409 -24.14 -65.89 55.51
CA PRO B 1409 -25.49 -66.42 55.29
C PRO B 1409 -25.51 -67.71 54.46
N GLN B 1410 -26.31 -68.68 54.89
CA GLN B 1410 -26.52 -69.92 54.13
C GLN B 1410 -27.91 -69.93 53.49
N ASP B 1411 -28.03 -70.49 52.28
CA ASP B 1411 -29.33 -70.57 51.59
C ASP B 1411 -29.56 -71.89 50.83
N SER B 1412 -30.69 -72.00 50.12
CA SER B 1412 -31.05 -73.22 49.40
C SER B 1412 -31.11 -73.02 47.87
N PRO B 1413 -30.15 -73.63 47.16
CA PRO B 1413 -29.90 -73.40 45.72
C PRO B 1413 -30.92 -74.02 44.76
N VAL B 1414 -30.78 -73.68 43.48
CA VAL B 1414 -31.45 -74.35 42.36
C VAL B 1414 -30.34 -74.98 41.51
N PHE B 1415 -30.66 -75.98 40.71
CA PHE B 1415 -29.64 -76.61 39.85
C PHE B 1415 -30.16 -76.93 38.44
N LEU B 1416 -29.49 -76.38 37.43
CA LEU B 1416 -29.86 -76.58 36.02
C LEU B 1416 -28.65 -76.89 35.14
N SER B 1417 -28.67 -78.07 34.51
CA SER B 1417 -27.57 -78.50 33.65
C SER B 1417 -27.78 -78.04 32.20
N VAL B 1418 -26.67 -77.80 31.52
CA VAL B 1418 -26.66 -77.10 30.25
C VAL B 1418 -25.72 -77.80 29.28
N GLU B 1419 -26.18 -78.87 28.64
CA GLU B 1419 -25.35 -79.62 27.69
C GLU B 1419 -26.15 -79.93 26.44
N ASP B 1420 -27.47 -79.95 26.61
CA ASP B 1420 -28.45 -80.17 25.54
C ASP B 1420 -28.32 -79.09 24.46
N THR B 1421 -28.22 -79.48 23.20
CA THR B 1421 -28.03 -78.52 22.13
C THR B 1421 -29.24 -77.58 21.98
N SER B 1422 -30.43 -78.10 22.32
CA SER B 1422 -31.70 -77.41 22.08
C SER B 1422 -31.82 -76.01 22.70
N PHE B 1423 -31.12 -75.79 23.80
CA PHE B 1423 -31.24 -74.56 24.58
C PHE B 1423 -32.55 -74.55 25.39
N ARG B 1424 -32.93 -75.70 25.91
CA ARG B 1424 -34.19 -75.83 26.65
C ARG B 1424 -34.13 -75.11 27.99
N TRP B 1425 -32.96 -75.11 28.61
CA TRP B 1425 -32.77 -74.46 29.91
C TRP B 1425 -33.05 -72.96 29.90
N VAL B 1426 -33.29 -72.39 28.72
CA VAL B 1426 -33.44 -70.94 28.60
C VAL B 1426 -34.81 -70.45 29.09
N ASP B 1427 -35.86 -71.16 28.69
CA ASP B 1427 -37.18 -70.89 29.23
C ASP B 1427 -37.23 -71.44 30.66
N SER B 1428 -36.19 -72.18 31.04
CA SER B 1428 -36.09 -72.74 32.39
C SER B 1428 -35.45 -71.75 33.35
N LEU B 1429 -34.60 -70.88 32.80
CA LEU B 1429 -33.89 -69.85 33.56
C LEU B 1429 -34.61 -68.52 33.51
N LYS B 1430 -35.49 -68.40 32.51
CA LYS B 1430 -36.34 -67.24 32.41
C LYS B 1430 -37.51 -67.45 33.38
N ASP B 1431 -37.62 -68.67 33.90
CA ASP B 1431 -38.61 -69.03 34.93
C ASP B 1431 -38.06 -68.82 36.35
N ILE B 1432 -36.74 -68.95 36.51
CA ILE B 1432 -36.10 -68.79 37.82
C ILE B 1432 -35.86 -67.31 38.14
N LEU B 1433 -36.59 -66.46 37.43
CA LEU B 1433 -36.53 -65.01 37.63
C LEU B 1433 -37.86 -64.53 38.23
N ALA B 1434 -38.87 -65.41 38.16
CA ALA B 1434 -40.17 -65.18 38.80
C ALA B 1434 -40.16 -65.72 40.21
N ASP B 1435 -39.09 -66.45 40.55
CA ASP B 1435 -38.81 -66.79 41.93
C ASP B 1435 -37.72 -65.85 42.41
N ALA B 1436 -38.06 -64.96 43.36
CA ALA B 1436 -37.19 -63.86 43.77
C ALA B 1436 -36.18 -64.19 44.87
N SER B 1437 -36.65 -64.71 46.01
CA SER B 1437 -35.77 -65.03 47.11
C SER B 1437 -34.89 -66.26 46.84
N SER B 1438 -34.66 -66.56 45.57
CA SER B 1438 -33.80 -67.68 45.22
C SER B 1438 -32.36 -67.18 45.15
N ARG B 1439 -31.82 -66.80 46.31
CA ARG B 1439 -30.46 -66.23 46.36
C ARG B 1439 -29.43 -67.10 45.62
N PRO B 1440 -29.35 -68.40 45.95
CA PRO B 1440 -28.42 -69.27 45.21
C PRO B 1440 -29.02 -69.85 43.93
N VAL B 1441 -28.61 -69.30 42.78
CA VAL B 1441 -28.98 -69.88 41.49
C VAL B 1441 -27.73 -70.31 40.70
N TRP B 1442 -27.56 -71.62 40.51
CA TRP B 1442 -26.33 -72.20 39.98
C TRP B 1442 -26.49 -72.92 38.63
N LEU B 1443 -25.89 -72.37 37.58
CA LEU B 1443 -25.82 -73.02 36.28
C LEU B 1443 -24.59 -73.92 36.17
N MET B 1444 -24.70 -74.99 35.38
CA MET B 1444 -23.61 -75.94 35.26
C MET B 1444 -23.68 -76.72 33.96
N ALA B 1445 -22.64 -77.50 33.72
CA ALA B 1445 -22.56 -78.33 32.53
C ALA B 1445 -21.55 -79.41 32.80
N VAL B 1446 -21.96 -80.66 32.63
CA VAL B 1446 -21.10 -81.80 32.89
C VAL B 1446 -20.58 -82.38 31.56
N GLY B 1447 -21.35 -82.14 30.50
CA GLY B 1447 -21.12 -82.80 29.23
C GLY B 1447 -20.13 -82.11 28.31
N CYS B 1448 -20.51 -80.95 27.78
CA CYS B 1448 -19.66 -80.24 26.82
C CYS B 1448 -18.44 -79.57 27.45
N SER B 1449 -17.26 -80.03 27.05
CA SER B 1449 -16.01 -79.39 27.43
C SER B 1449 -15.89 -78.03 26.75
N THR B 1450 -17.01 -77.46 26.35
CA THR B 1450 -17.04 -76.25 25.55
C THR B 1450 -18.35 -75.55 25.82
N SER B 1451 -18.70 -75.45 27.09
CA SER B 1451 -20.07 -75.14 27.45
C SER B 1451 -20.43 -73.64 27.45
N GLY B 1452 -19.43 -72.78 27.35
CA GLY B 1452 -19.67 -71.35 27.24
C GLY B 1452 -20.50 -70.72 28.35
N VAL B 1453 -20.49 -71.36 29.52
CA VAL B 1453 -21.16 -70.79 30.68
C VAL B 1453 -20.43 -69.53 31.10
N VAL B 1454 -19.14 -69.68 31.36
CA VAL B 1454 -18.30 -68.59 31.82
C VAL B 1454 -18.68 -67.27 31.14
N GLY B 1455 -18.86 -67.32 29.83
CA GLY B 1455 -19.30 -66.14 29.08
C GLY B 1455 -20.76 -65.83 29.30
N MET B 1456 -21.61 -66.86 29.15
CA MET B 1456 -23.03 -66.71 29.47
C MET B 1456 -23.16 -65.90 30.73
N VAL B 1457 -22.49 -66.37 31.79
CA VAL B 1457 -22.61 -65.79 33.11
C VAL B 1457 -22.35 -64.29 33.15
N ASN B 1458 -21.14 -63.88 32.80
CA ASN B 1458 -20.80 -62.45 32.82
C ASN B 1458 -21.87 -61.54 32.20
N CYS B 1459 -22.61 -62.07 31.23
CA CYS B 1459 -23.66 -61.31 30.55
C CYS B 1459 -24.95 -61.20 31.38
N LEU B 1460 -25.30 -62.30 32.06
CA LEU B 1460 -26.47 -62.34 32.97
C LEU B 1460 -26.18 -61.78 34.35
N ARG B 1461 -24.98 -62.05 34.83
CA ARG B 1461 -24.52 -61.64 36.15
C ARG B 1461 -24.75 -60.16 36.43
N LYS B 1462 -25.08 -59.40 35.39
CA LYS B 1462 -25.45 -57.99 35.57
C LYS B 1462 -26.47 -57.55 34.53
N GLU B 1463 -27.38 -58.45 34.21
CA GLU B 1463 -28.56 -58.08 33.42
C GLU B 1463 -29.70 -57.94 34.43
N PRO B 1464 -30.37 -56.77 34.43
CA PRO B 1464 -31.36 -56.37 35.44
C PRO B 1464 -31.96 -57.52 36.25
N GLY B 1465 -32.69 -58.43 35.59
CA GLY B 1465 -33.36 -59.52 36.27
C GLY B 1465 -32.49 -60.39 37.18
N GLY B 1466 -31.29 -60.73 36.73
CA GLY B 1466 -30.41 -61.60 37.50
C GLY B 1466 -29.34 -60.87 38.29
N HIS B 1467 -29.49 -59.54 38.40
CA HIS B 1467 -28.50 -58.68 39.06
C HIS B 1467 -27.97 -59.33 40.33
N ARG B 1468 -28.80 -59.36 41.37
CA ARG B 1468 -28.39 -60.00 42.61
C ARG B 1468 -28.60 -61.51 42.60
N ILE B 1469 -28.73 -62.10 41.41
CA ILE B 1469 -29.10 -63.51 41.34
C ILE B 1469 -28.02 -64.48 41.87
N ARG B 1470 -26.82 -63.98 42.11
CA ARG B 1470 -25.76 -64.85 42.61
C ARG B 1470 -25.56 -65.97 41.60
N CYS B 1471 -25.70 -65.61 40.34
CA CYS B 1471 -25.52 -66.53 39.23
C CYS B 1471 -24.12 -67.14 39.26
N VAL B 1472 -24.04 -68.41 39.68
CA VAL B 1472 -22.78 -69.15 39.77
C VAL B 1472 -22.67 -70.13 38.59
N LEU B 1473 -21.51 -70.80 38.45
CA LEU B 1473 -21.27 -71.68 37.32
C LEU B 1473 -20.32 -72.81 37.63
N VAL B 1474 -20.51 -73.94 36.95
CA VAL B 1474 -19.60 -75.07 37.06
C VAL B 1474 -19.34 -75.77 35.70
N SER B 1475 -18.07 -75.86 35.31
CA SER B 1475 -17.68 -76.36 33.99
C SER B 1475 -16.55 -77.39 34.03
N ASN B 1476 -16.60 -78.36 33.12
CA ASN B 1476 -15.58 -79.40 33.02
C ASN B 1476 -14.78 -79.28 31.74
N LEU B 1477 -13.59 -78.70 31.82
CA LEU B 1477 -12.74 -78.61 30.64
C LEU B 1477 -11.42 -79.32 30.84
N SER B 1478 -11.45 -80.65 30.91
CA SER B 1478 -10.20 -81.39 30.90
C SER B 1478 -9.61 -81.26 29.48
N SER B 1479 -8.33 -80.89 29.42
CA SER B 1479 -7.66 -80.64 28.14
C SER B 1479 -6.81 -81.83 27.66
N THR B 1480 -6.42 -82.71 28.59
CA THR B 1480 -5.77 -83.98 28.25
C THR B 1480 -6.68 -85.16 28.63
N SER B 1481 -6.62 -86.23 27.84
CA SER B 1481 -7.49 -87.40 28.04
C SER B 1481 -7.32 -88.11 29.39
N PRO B 1482 -6.08 -88.14 29.94
CA PRO B 1482 -5.85 -88.74 31.27
C PRO B 1482 -6.38 -87.94 32.48
N ALA B 1483 -7.50 -87.23 32.34
CA ALA B 1483 -8.02 -86.38 33.42
C ALA B 1483 -9.09 -87.07 34.28
N PRO B 1484 -9.27 -86.62 35.55
CA PRO B 1484 -10.21 -87.19 36.52
C PRO B 1484 -11.58 -86.50 36.56
N GLU B 1485 -12.65 -87.27 36.33
CA GLU B 1485 -14.01 -86.74 36.46
C GLU B 1485 -14.34 -86.51 37.93
N MET B 1486 -14.80 -85.30 38.25
CA MET B 1486 -15.18 -85.03 39.63
C MET B 1486 -16.67 -85.26 39.87
N HIS B 1487 -16.96 -85.94 40.98
CA HIS B 1487 -18.30 -86.39 41.31
C HIS B 1487 -19.26 -85.26 41.71
N PRO B 1488 -20.28 -84.98 40.87
CA PRO B 1488 -21.30 -83.97 41.19
C PRO B 1488 -22.17 -84.18 42.47
N SER B 1489 -22.25 -85.39 43.03
CA SER B 1489 -23.18 -85.68 44.15
C SER B 1489 -22.60 -85.60 45.57
N SER B 1490 -21.37 -86.07 45.73
CA SER B 1490 -20.74 -86.19 47.04
C SER B 1490 -19.55 -85.24 47.19
N SER B 1491 -19.33 -84.76 48.42
CA SER B 1491 -18.14 -83.98 48.77
C SER B 1491 -17.93 -82.71 47.96
N GLU B 1492 -17.18 -82.83 46.87
CA GLU B 1492 -16.65 -81.68 46.12
C GLU B 1492 -17.70 -80.66 45.69
N LEU B 1493 -18.93 -81.11 45.46
CA LEU B 1493 -20.01 -80.19 45.11
C LEU B 1493 -20.13 -79.13 46.20
N GLN B 1494 -19.74 -79.49 47.42
CA GLN B 1494 -19.87 -78.62 48.58
C GLN B 1494 -18.60 -77.80 48.86
N LYS B 1495 -17.45 -78.38 48.57
CA LYS B 1495 -16.18 -77.66 48.69
C LYS B 1495 -16.26 -76.36 47.91
N VAL B 1496 -16.98 -76.42 46.79
CA VAL B 1496 -17.10 -75.30 45.85
C VAL B 1496 -18.28 -74.38 46.21
N LEU B 1497 -19.30 -74.96 46.84
CA LEU B 1497 -20.45 -74.19 47.33
C LEU B 1497 -20.05 -73.40 48.56
N GLN B 1498 -19.15 -73.98 49.36
CA GLN B 1498 -18.61 -73.31 50.53
C GLN B 1498 -17.71 -72.13 50.12
N GLY B 1499 -16.96 -72.30 49.04
CA GLY B 1499 -16.17 -71.22 48.48
C GLY B 1499 -17.08 -70.16 47.91
N ASP B 1500 -18.25 -70.60 47.44
CA ASP B 1500 -19.29 -69.71 46.89
C ASP B 1500 -18.84 -68.90 45.68
N LEU B 1501 -17.58 -69.04 45.29
CA LEU B 1501 -17.05 -68.30 44.16
C LEU B 1501 -18.04 -68.28 43.00
N VAL B 1502 -18.29 -67.10 42.45
CA VAL B 1502 -19.20 -66.98 41.31
C VAL B 1502 -18.85 -67.96 40.18
N MET B 1503 -17.59 -67.94 39.75
CA MET B 1503 -17.17 -68.76 38.63
C MET B 1503 -16.27 -69.90 39.06
N ASN B 1504 -16.70 -71.12 38.81
CA ASN B 1504 -15.94 -72.29 39.23
C ASN B 1504 -15.65 -73.22 38.06
N VAL B 1505 -14.37 -73.31 37.67
CA VAL B 1505 -14.01 -74.16 36.54
C VAL B 1505 -12.95 -75.19 36.90
N TYR B 1506 -12.79 -76.19 36.05
CA TYR B 1506 -11.98 -77.33 36.42
C TYR B 1506 -11.22 -77.94 35.25
N ARG B 1507 -9.91 -77.69 35.23
CA ARG B 1507 -9.03 -78.23 34.21
C ARG B 1507 -8.03 -79.24 34.74
N ASP B 1508 -8.29 -80.52 34.47
CA ASP B 1508 -7.34 -81.57 34.78
C ASP B 1508 -6.99 -81.67 36.27
N GLY B 1509 -7.73 -80.96 37.13
CA GLY B 1509 -7.56 -81.12 38.56
C GLY B 1509 -7.42 -79.87 39.43
N ALA B 1510 -7.40 -78.69 38.81
CA ALA B 1510 -7.30 -77.44 39.57
C ALA B 1510 -8.61 -76.66 39.57
N TRP B 1511 -8.97 -76.13 40.73
CA TRP B 1511 -10.18 -75.35 40.90
C TRP B 1511 -9.88 -73.85 40.88
N GLY B 1512 -10.09 -73.22 39.73
CA GLY B 1512 -9.85 -71.80 39.56
C GLY B 1512 -10.80 -71.15 38.55
N ALA B 1513 -10.64 -69.85 38.32
CA ALA B 1513 -11.50 -69.09 37.42
C ALA B 1513 -10.79 -68.59 36.15
N PHE B 1514 -11.43 -67.71 35.38
CA PHE B 1514 -10.80 -67.20 34.17
C PHE B 1514 -10.37 -65.74 34.27
N ARG B 1515 -9.07 -65.50 34.34
CA ARG B 1515 -8.60 -64.14 34.58
C ARG B 1515 -7.98 -63.42 33.39
N HIS B 1516 -8.11 -62.10 33.40
CA HIS B 1516 -7.47 -61.25 32.41
C HIS B 1516 -6.16 -60.69 32.94
N PHE B 1517 -5.05 -61.07 32.30
CA PHE B 1517 -3.72 -60.58 32.65
C PHE B 1517 -3.15 -59.77 31.50
N PRO B 1518 -2.34 -58.74 31.80
CA PRO B 1518 -1.77 -57.89 30.75
C PRO B 1518 -0.94 -58.73 29.82
N LEU B 1519 -0.57 -58.19 28.67
CA LEU B 1519 0.23 -58.96 27.74
C LEU B 1519 1.73 -58.75 27.96
N GLU B 1520 2.50 -59.73 27.52
CA GLU B 1520 3.93 -59.80 27.75
C GLU B 1520 4.71 -58.78 26.91
N GLN B 1521 4.04 -58.18 25.93
CA GLN B 1521 4.46 -56.89 25.35
C GLN B 1521 5.65 -56.92 24.38
N ASP B 1522 6.55 -57.87 24.56
CA ASP B 1522 7.71 -58.04 23.69
C ASP B 1522 7.28 -58.34 22.25
N ARG B 1523 7.56 -57.41 21.34
CA ARG B 1523 7.33 -57.62 19.91
C ARG B 1523 7.98 -58.95 19.45
N PRO B 1524 7.16 -60.01 19.22
CA PRO B 1524 7.66 -61.37 19.01
C PRO B 1524 8.79 -61.52 17.97
N GLU B 1525 9.95 -62.01 18.42
CA GLU B 1525 11.13 -62.28 17.58
C GLU B 1525 11.28 -63.78 17.27
N LYS B 1526 12.08 -64.09 16.23
CA LYS B 1526 12.18 -65.45 15.71
C LYS B 1526 13.62 -65.78 15.31
N GLN B 1527 13.94 -67.08 15.31
CA GLN B 1527 15.27 -67.58 14.95
C GLN B 1527 15.32 -67.96 13.46
N THR B 1528 15.71 -67.03 12.60
CA THR B 1528 15.51 -67.23 11.16
C THR B 1528 16.75 -67.29 10.28
N GLU B 1529 16.59 -67.97 9.14
CA GLU B 1529 17.56 -67.93 8.05
C GLU B 1529 16.96 -67.18 6.87
N HIS B 1530 15.91 -66.40 7.13
CA HIS B 1530 15.31 -65.48 6.15
C HIS B 1530 14.72 -64.23 6.81
N ALA B 1531 15.42 -63.09 6.66
CA ALA B 1531 15.01 -61.84 7.30
C ALA B 1531 15.35 -60.65 6.42
N PHE B 1532 14.42 -59.70 6.33
CA PHE B 1532 14.66 -58.46 5.58
C PHE B 1532 14.40 -57.27 6.48
N VAL B 1533 15.10 -56.17 6.22
CA VAL B 1533 15.03 -55.01 7.11
C VAL B 1533 14.13 -53.89 6.56
N ASN B 1534 13.15 -53.48 7.36
CA ASN B 1534 12.33 -52.33 6.99
C ASN B 1534 12.36 -51.19 8.01
N VAL B 1535 12.29 -49.98 7.49
CA VAL B 1535 11.99 -48.79 8.27
C VAL B 1535 10.55 -48.92 8.70
N LEU B 1536 10.28 -48.93 9.99
CA LEU B 1536 8.90 -49.05 10.45
C LEU B 1536 8.21 -47.68 10.46
N SER B 1537 8.76 -46.77 11.26
CA SER B 1537 8.25 -45.41 11.38
C SER B 1537 9.04 -44.52 10.43
N ARG B 1538 8.44 -44.19 9.28
CA ARG B 1538 9.09 -43.34 8.28
C ARG B 1538 9.83 -42.15 8.91
N GLY B 1539 11.09 -41.95 8.55
CA GLY B 1539 11.84 -40.83 9.09
C GLY B 1539 12.87 -41.22 10.14
N ASP B 1540 12.46 -41.25 11.40
CA ASP B 1540 13.38 -41.53 12.50
C ASP B 1540 14.04 -42.90 12.39
N LEU B 1541 15.34 -42.91 12.10
CA LEU B 1541 16.10 -44.15 11.97
C LEU B 1541 16.21 -44.87 13.30
N SER B 1542 15.49 -44.38 14.30
CA SER B 1542 15.31 -45.11 15.53
C SER B 1542 14.52 -46.38 15.21
N SER B 1543 13.54 -46.24 14.32
CA SER B 1543 12.51 -47.24 14.07
C SER B 1543 12.91 -48.43 13.18
N ILE B 1544 14.14 -48.44 12.71
CA ILE B 1544 14.63 -49.55 11.90
C ILE B 1544 14.70 -50.86 12.70
N ARG B 1545 14.48 -51.98 12.03
CA ARG B 1545 14.73 -53.29 12.63
C ARG B 1545 14.64 -54.46 11.64
N TRP B 1546 15.30 -55.58 11.98
CA TRP B 1546 15.33 -56.80 11.19
C TRP B 1546 13.99 -57.56 11.26
N VAL B 1547 13.35 -57.78 10.12
CA VAL B 1547 12.03 -58.40 10.05
C VAL B 1547 12.12 -59.79 9.37
N CYS B 1548 11.32 -60.74 9.83
CA CYS B 1548 11.16 -62.04 9.16
C CYS B 1548 10.62 -61.92 7.72
N SER B 1549 11.50 -61.89 6.72
CA SER B 1549 11.06 -61.71 5.34
C SER B 1549 9.96 -62.72 4.94
N PRO B 1550 9.21 -62.39 3.88
CA PRO B 1550 8.17 -63.27 3.32
C PRO B 1550 8.74 -64.65 3.05
N LEU B 1551 9.87 -64.66 2.34
CA LEU B 1551 10.58 -65.87 1.94
C LEU B 1551 10.50 -66.97 2.99
N HIS B 1552 10.75 -66.59 4.25
CA HIS B 1552 10.75 -67.55 5.34
C HIS B 1552 9.40 -68.24 5.47
N TYR B 1553 8.34 -67.44 5.50
CA TYR B 1553 7.04 -67.95 5.87
C TYR B 1553 6.49 -68.98 4.88
N ALA B 1554 7.33 -69.32 3.90
CA ALA B 1554 7.16 -70.53 3.10
C ALA B 1554 8.22 -70.64 2.02
N LEU B 1555 8.88 -71.79 1.97
CA LEU B 1555 9.84 -72.06 0.92
C LEU B 1555 9.32 -73.20 0.04
N PRO B 1556 8.46 -72.85 -0.95
CA PRO B 1556 8.08 -73.76 -2.03
C PRO B 1556 9.28 -74.00 -2.96
N ALA B 1557 9.49 -75.26 -3.33
CA ALA B 1557 10.71 -75.69 -4.02
C ALA B 1557 10.93 -75.06 -5.40
N SER B 1558 9.95 -74.27 -5.86
CA SER B 1558 10.05 -73.58 -7.15
C SER B 1558 10.74 -72.22 -6.99
N CYS B 1559 11.02 -71.86 -5.74
CA CYS B 1559 11.80 -70.67 -5.42
C CYS B 1559 13.30 -70.86 -5.66
N GLN B 1560 13.88 -71.90 -5.03
CA GLN B 1560 15.33 -72.14 -4.97
C GLN B 1560 16.08 -72.24 -6.29
N ASP B 1561 15.36 -72.06 -7.38
CA ASP B 1561 15.95 -71.97 -8.71
C ASP B 1561 16.54 -70.57 -8.90
N ARG B 1562 15.78 -69.56 -8.50
CA ARG B 1562 16.28 -68.20 -8.55
C ARG B 1562 16.56 -67.67 -7.15
N LEU B 1563 16.64 -68.57 -6.17
CA LEU B 1563 16.93 -68.17 -4.80
C LEU B 1563 18.43 -68.03 -4.61
N CYS B 1564 18.80 -67.18 -3.65
CA CYS B 1564 20.18 -66.73 -3.52
C CYS B 1564 20.48 -66.07 -2.18
N SER B 1565 21.56 -66.53 -1.54
CA SER B 1565 21.86 -66.13 -0.17
C SER B 1565 22.91 -65.03 -0.10
N VAL B 1566 22.61 -64.03 0.72
CA VAL B 1566 23.39 -62.79 0.78
C VAL B 1566 24.53 -62.85 1.76
N TYR B 1567 25.69 -62.39 1.33
CA TYR B 1567 26.81 -62.18 2.23
C TYR B 1567 26.94 -60.68 2.51
N TYR B 1568 26.80 -59.86 1.48
CA TYR B 1568 26.83 -58.41 1.65
C TYR B 1568 25.65 -57.73 0.97
N THR B 1569 25.05 -56.77 1.67
CA THR B 1569 24.06 -55.90 1.05
C THR B 1569 24.47 -54.47 1.28
N SER B 1570 24.37 -53.65 0.23
CA SER B 1570 24.82 -52.26 0.30
C SER B 1570 23.67 -51.26 0.24
N LEU B 1571 23.83 -50.15 0.97
CA LEU B 1571 22.89 -49.03 0.88
C LEU B 1571 23.18 -48.22 -0.34
N ASN B 1572 22.15 -47.70 -0.97
CA ASN B 1572 22.35 -46.71 -1.99
C ASN B 1572 21.57 -45.50 -1.62
N PHE B 1573 21.71 -44.44 -2.41
CA PHE B 1573 21.22 -43.16 -1.92
C PHE B 1573 19.73 -43.20 -1.60
N ARG B 1574 18.95 -43.80 -2.49
CA ARG B 1574 17.51 -43.87 -2.29
C ARG B 1574 17.11 -44.60 -1.00
N ASP B 1575 17.69 -45.76 -0.74
CA ASP B 1575 17.48 -46.44 0.54
C ASP B 1575 17.53 -45.42 1.69
N VAL B 1576 18.42 -44.43 1.55
CA VAL B 1576 18.59 -43.40 2.57
C VAL B 1576 17.47 -42.37 2.50
N MET B 1577 17.45 -41.58 1.42
CA MET B 1577 16.48 -40.50 1.24
C MET B 1577 15.04 -40.93 1.53
N LEU B 1578 14.75 -42.22 1.36
CA LEU B 1578 13.42 -42.72 1.63
C LEU B 1578 13.26 -42.95 3.13
N ALA B 1579 14.14 -43.75 3.72
CA ALA B 1579 14.16 -43.95 5.17
C ALA B 1579 14.17 -42.63 5.93
N THR B 1580 14.53 -41.56 5.21
CA THR B 1580 14.45 -40.19 5.69
C THR B 1580 13.04 -39.67 5.55
N GLY B 1581 12.65 -39.43 4.31
CA GLY B 1581 11.40 -38.78 3.99
C GLY B 1581 11.63 -37.52 3.18
N LYS B 1582 12.85 -37.34 2.67
CA LYS B 1582 13.13 -36.22 1.79
C LYS B 1582 12.51 -36.47 0.40
N LEU B 1583 12.57 -37.73 -0.03
CA LEU B 1583 11.98 -38.12 -1.31
C LEU B 1583 10.74 -39.01 -1.10
N SER B 1584 9.64 -38.64 -1.75
CA SER B 1584 8.38 -39.38 -1.62
C SER B 1584 8.49 -40.76 -2.27
N PRO B 1585 7.61 -41.70 -1.85
CA PRO B 1585 7.51 -43.00 -2.55
C PRO B 1585 6.76 -42.85 -3.87
N ASP B 1586 6.25 -41.65 -4.13
CA ASP B 1586 5.53 -41.30 -5.37
C ASP B 1586 6.45 -41.14 -6.59
N SER B 1587 7.75 -40.94 -6.33
CA SER B 1587 8.73 -40.73 -7.39
C SER B 1587 9.55 -41.99 -7.68
N ILE B 1588 9.05 -43.13 -7.21
CA ILE B 1588 9.67 -44.42 -7.45
C ILE B 1588 8.94 -45.19 -8.55
N PRO B 1589 9.62 -45.41 -9.68
CA PRO B 1589 9.10 -46.21 -10.80
C PRO B 1589 8.78 -47.65 -10.40
N GLY B 1590 7.88 -48.26 -11.16
CA GLY B 1590 7.34 -49.57 -10.84
C GLY B 1590 5.95 -49.42 -10.23
N LYS B 1591 5.08 -50.39 -10.49
CA LYS B 1591 3.77 -50.41 -9.82
C LYS B 1591 3.87 -51.29 -8.57
N TRP B 1592 3.36 -50.80 -7.46
CA TRP B 1592 3.63 -51.40 -6.16
C TRP B 1592 2.38 -51.89 -5.44
N LEU B 1593 2.40 -53.17 -5.09
CA LEU B 1593 1.43 -53.74 -4.17
C LEU B 1593 1.48 -52.87 -2.94
N THR B 1594 2.47 -53.16 -2.08
CA THR B 1594 2.68 -52.45 -0.83
C THR B 1594 3.86 -51.45 -0.94
N ARG B 1595 3.66 -50.21 -0.47
CA ARG B 1595 4.72 -49.18 -0.43
C ARG B 1595 5.66 -49.24 0.79
N ASP B 1596 5.32 -50.11 1.75
CA ASP B 1596 6.09 -50.33 2.99
C ASP B 1596 7.56 -50.62 2.71
N CYS B 1597 7.79 -51.86 2.34
CA CYS B 1597 9.11 -52.47 2.24
C CYS B 1597 9.82 -52.10 0.92
N MET B 1598 10.70 -51.10 0.99
CA MET B 1598 11.24 -50.45 -0.20
C MET B 1598 12.75 -50.13 -0.01
N LEU B 1599 13.52 -51.12 0.48
CA LEU B 1599 14.90 -50.87 0.92
C LEU B 1599 15.93 -51.95 0.57
N GLY B 1600 17.04 -51.51 -0.04
CA GLY B 1600 18.10 -52.40 -0.47
C GLY B 1600 17.92 -52.75 -1.93
N MET B 1601 18.97 -52.64 -2.73
CA MET B 1601 18.86 -53.01 -4.13
C MET B 1601 20.12 -53.73 -4.58
N GLU B 1602 21.07 -53.87 -3.68
CA GLU B 1602 22.36 -54.35 -4.08
C GLU B 1602 22.90 -55.40 -3.14
N PHE B 1603 23.57 -56.41 -3.70
CA PHE B 1603 24.11 -57.51 -2.89
C PHE B 1603 25.00 -58.47 -3.67
N SER B 1604 25.88 -59.13 -2.93
CA SER B 1604 26.73 -60.16 -3.51
C SER B 1604 26.70 -61.38 -2.61
N GLY B 1605 27.15 -62.51 -3.13
CA GLY B 1605 27.14 -63.77 -2.39
C GLY B 1605 26.97 -64.98 -3.29
N ARG B 1606 26.25 -65.99 -2.79
CA ARG B 1606 26.12 -67.27 -3.48
C ARG B 1606 24.69 -67.62 -3.89
N ASP B 1607 24.52 -68.22 -5.06
CA ASP B 1607 23.24 -68.83 -5.44
C ASP B 1607 23.25 -70.30 -5.03
N ALA B 1608 22.07 -70.92 -4.94
CA ALA B 1608 22.00 -72.31 -4.54
C ALA B 1608 23.07 -73.16 -5.25
N SER B 1609 23.37 -72.80 -6.50
CA SER B 1609 24.39 -73.49 -7.31
C SER B 1609 25.74 -73.56 -6.60
N GLY B 1610 25.97 -72.67 -5.65
CA GLY B 1610 27.29 -72.47 -5.08
C GLY B 1610 28.01 -71.36 -5.82
N ARG B 1611 27.60 -71.11 -7.05
CA ARG B 1611 28.20 -70.09 -7.90
C ARG B 1611 28.34 -68.74 -7.19
N ARG B 1612 29.43 -68.04 -7.47
CA ARG B 1612 29.70 -66.76 -6.82
C ARG B 1612 29.21 -65.60 -7.67
N VAL B 1613 28.17 -64.91 -7.20
CA VAL B 1613 27.52 -63.86 -7.99
C VAL B 1613 27.29 -62.56 -7.23
N MET B 1614 26.62 -61.63 -7.92
CA MET B 1614 26.52 -60.26 -7.47
C MET B 1614 25.51 -59.53 -8.34
N GLY B 1615 24.45 -59.01 -7.74
CA GLY B 1615 23.33 -58.52 -8.53
C GLY B 1615 22.50 -57.40 -7.93
N MET B 1616 21.44 -57.06 -8.65
CA MET B 1616 20.54 -55.97 -8.27
C MET B 1616 19.12 -56.45 -8.12
N VAL B 1617 18.33 -55.69 -7.38
CA VAL B 1617 16.97 -56.08 -7.07
C VAL B 1617 16.09 -54.85 -6.83
N PRO B 1618 14.84 -54.93 -7.29
CA PRO B 1618 13.85 -53.85 -7.23
C PRO B 1618 13.64 -53.31 -5.83
N ALA B 1619 13.63 -54.19 -4.83
CA ALA B 1619 13.50 -53.79 -3.42
C ALA B 1619 13.69 -54.95 -2.43
N GLU B 1620 13.70 -54.63 -1.14
CA GLU B 1620 13.95 -55.62 -0.09
C GLU B 1620 15.27 -56.40 -0.29
N GLY B 1621 16.28 -55.72 -0.81
CA GLY B 1621 17.56 -56.37 -1.04
C GLY B 1621 18.38 -56.43 0.23
N LEU B 1622 17.97 -55.66 1.23
CA LEU B 1622 18.59 -55.75 2.54
C LEU B 1622 18.06 -56.95 3.29
N ALA B 1623 18.79 -58.05 3.18
CA ALA B 1623 18.30 -59.33 3.66
C ALA B 1623 19.37 -60.44 3.68
N THR B 1624 18.97 -61.56 4.25
CA THR B 1624 19.77 -62.78 4.23
C THR B 1624 19.64 -63.41 2.87
N SER B 1625 18.45 -63.27 2.27
CA SER B 1625 18.14 -63.94 1.01
C SER B 1625 17.31 -63.06 0.09
N VAL B 1626 17.36 -63.37 -1.19
CA VAL B 1626 16.73 -62.55 -2.21
C VAL B 1626 16.64 -63.29 -3.53
N LEU B 1627 15.61 -62.97 -4.31
CA LEU B 1627 15.31 -63.66 -5.56
C LEU B 1627 15.97 -63.02 -6.76
N LEU B 1628 16.96 -63.72 -7.30
CA LEU B 1628 17.72 -63.26 -8.47
C LEU B 1628 16.83 -62.89 -9.63
N LEU B 1629 17.07 -61.71 -10.19
CA LEU B 1629 16.48 -61.34 -11.44
C LEU B 1629 17.51 -61.79 -12.46
N GLN B 1630 17.16 -62.77 -13.28
CA GLN B 1630 18.12 -63.33 -14.22
C GLN B 1630 18.78 -62.28 -15.11
N HIS B 1631 18.02 -61.26 -15.52
CA HIS B 1631 18.53 -60.18 -16.39
C HIS B 1631 19.42 -59.16 -15.66
N ALA B 1632 19.51 -59.28 -14.35
CA ALA B 1632 20.21 -58.32 -13.52
C ALA B 1632 20.99 -59.00 -12.40
N THR B 1633 21.75 -60.03 -12.78
CA THR B 1633 22.68 -60.70 -11.88
C THR B 1633 23.89 -61.14 -12.64
N TRP B 1634 25.05 -60.74 -12.14
CA TRP B 1634 26.30 -60.98 -12.84
C TRP B 1634 27.25 -61.76 -11.97
N GLU B 1635 28.30 -62.31 -12.59
CA GLU B 1635 29.21 -63.23 -11.92
C GLU B 1635 30.44 -62.46 -11.43
N VAL B 1636 30.79 -62.65 -10.16
CA VAL B 1636 31.94 -61.95 -9.58
C VAL B 1636 33.27 -62.68 -9.79
N PRO B 1637 34.13 -62.12 -10.67
CA PRO B 1637 35.40 -62.73 -11.05
C PRO B 1637 36.18 -63.22 -9.84
N SER B 1638 36.86 -64.35 -9.95
CA SER B 1638 37.62 -64.90 -8.84
C SER B 1638 38.52 -63.85 -8.21
N THR B 1639 38.95 -62.88 -9.03
CA THR B 1639 39.86 -61.82 -8.59
C THR B 1639 39.25 -60.92 -7.50
N TRP B 1640 37.92 -60.95 -7.44
CA TRP B 1640 37.14 -60.09 -6.55
C TRP B 1640 36.71 -60.81 -5.25
N THR B 1641 36.56 -60.02 -4.18
CA THR B 1641 36.04 -60.52 -2.92
C THR B 1641 34.56 -60.12 -2.77
N LEU B 1642 33.81 -60.91 -2.01
CA LEU B 1642 32.39 -60.64 -1.84
C LEU B 1642 32.11 -59.23 -1.31
N GLU B 1643 33.09 -58.64 -0.65
CA GLU B 1643 32.99 -57.24 -0.24
C GLU B 1643 33.16 -56.36 -1.46
N GLU B 1644 34.30 -56.52 -2.13
CA GLU B 1644 34.56 -55.77 -3.33
C GLU B 1644 33.29 -55.71 -4.18
N ALA B 1645 32.71 -56.87 -4.41
CA ALA B 1645 31.59 -57.00 -5.33
C ALA B 1645 30.41 -56.13 -4.94
N ALA B 1646 30.12 -56.07 -3.64
CA ALA B 1646 28.86 -55.50 -3.17
C ALA B 1646 28.67 -54.02 -3.44
N SER B 1647 29.68 -53.39 -4.06
CA SER B 1647 29.70 -51.95 -4.27
C SER B 1647 29.28 -51.63 -5.68
N VAL B 1648 29.59 -52.55 -6.58
CA VAL B 1648 29.62 -52.32 -8.03
C VAL B 1648 28.28 -52.13 -8.76
N PRO B 1649 27.44 -53.16 -8.78
CA PRO B 1649 26.32 -53.25 -9.72
C PRO B 1649 25.59 -51.94 -9.96
N ILE B 1650 25.05 -51.36 -8.90
CA ILE B 1650 24.25 -50.15 -9.03
C ILE B 1650 25.05 -49.05 -9.64
N VAL B 1651 26.15 -48.69 -8.98
CA VAL B 1651 26.88 -47.51 -9.36
C VAL B 1651 27.32 -47.57 -10.82
N TYR B 1652 28.01 -48.62 -11.22
CA TYR B 1652 28.49 -48.68 -12.60
C TYR B 1652 27.44 -48.65 -13.69
N THR B 1653 26.28 -49.25 -13.45
CA THR B 1653 25.21 -49.22 -14.45
C THR B 1653 24.59 -47.82 -14.54
N THR B 1654 24.31 -47.22 -13.39
CA THR B 1654 23.83 -45.86 -13.37
C THR B 1654 24.66 -45.05 -14.37
N ALA B 1655 25.97 -45.08 -14.18
CA ALA B 1655 26.91 -44.28 -14.93
C ALA B 1655 27.00 -44.69 -16.38
N TYR B 1656 27.04 -46.00 -16.59
CA TYR B 1656 27.05 -46.54 -17.92
C TYR B 1656 25.77 -46.16 -18.63
N TYR B 1657 24.67 -46.14 -17.90
CA TYR B 1657 23.40 -45.74 -18.47
C TYR B 1657 23.46 -44.26 -18.81
N SER B 1658 23.86 -43.46 -17.83
CA SER B 1658 23.98 -42.02 -17.93
C SER B 1658 24.87 -41.49 -19.07
N LEU B 1659 26.14 -41.89 -19.04
CA LEU B 1659 27.17 -41.39 -19.95
C LEU B 1659 27.09 -41.99 -21.35
N VAL B 1660 27.14 -43.32 -21.44
CA VAL B 1660 27.16 -43.96 -22.76
C VAL B 1660 25.78 -44.10 -23.36
N VAL B 1661 24.86 -44.77 -22.66
CA VAL B 1661 23.57 -45.07 -23.29
C VAL B 1661 22.74 -43.85 -23.58
N ARG B 1662 22.51 -43.04 -22.55
CA ARG B 1662 21.70 -41.85 -22.67
C ARG B 1662 22.49 -40.69 -23.30
N GLY B 1663 23.53 -40.23 -22.60
CA GLY B 1663 24.36 -39.14 -23.06
C GLY B 1663 25.12 -39.37 -24.36
N ARG B 1664 25.38 -40.63 -24.72
CA ARG B 1664 26.11 -40.89 -25.96
C ARG B 1664 27.50 -40.25 -25.93
N MET B 1665 28.31 -40.68 -24.96
CA MET B 1665 29.63 -40.08 -24.73
C MET B 1665 30.70 -40.66 -25.61
N GLN B 1666 31.46 -39.77 -26.23
CA GLN B 1666 32.46 -40.19 -27.18
C GLN B 1666 33.78 -39.55 -26.86
N PRO B 1667 34.87 -40.30 -27.09
CA PRO B 1667 36.11 -40.16 -26.33
C PRO B 1667 36.78 -38.85 -26.71
N GLY B 1668 37.64 -38.36 -25.82
CA GLY B 1668 38.20 -37.03 -25.98
C GLY B 1668 37.29 -35.96 -25.43
N GLU B 1669 35.97 -36.20 -25.47
CA GLU B 1669 34.98 -35.22 -25.02
C GLU B 1669 35.11 -34.72 -23.59
N SER B 1670 34.64 -33.51 -23.32
CA SER B 1670 34.71 -32.97 -21.96
C SER B 1670 33.50 -33.34 -21.11
N VAL B 1671 33.75 -33.68 -19.85
CA VAL B 1671 32.65 -34.07 -18.98
C VAL B 1671 32.83 -33.55 -17.54
N LEU B 1672 31.77 -32.97 -16.98
CA LEU B 1672 31.74 -32.51 -15.59
C LEU B 1672 30.97 -33.53 -14.72
N ILE B 1673 31.68 -34.14 -13.76
CA ILE B 1673 31.09 -35.12 -12.83
C ILE B 1673 31.08 -34.59 -11.40
N HIS B 1674 29.92 -34.54 -10.77
CA HIS B 1674 29.82 -33.98 -9.42
C HIS B 1674 29.90 -35.06 -8.39
N SER B 1675 30.71 -34.81 -7.37
CA SER B 1675 30.96 -35.78 -6.32
C SER B 1675 31.52 -37.11 -6.83
N GLY B 1676 32.80 -37.08 -7.20
CA GLY B 1676 33.56 -38.28 -7.54
C GLY B 1676 34.07 -38.90 -6.25
N SER B 1677 33.91 -38.16 -5.17
CA SER B 1677 34.10 -38.70 -3.84
C SER B 1677 33.10 -39.83 -3.69
N GLY B 1678 31.85 -39.52 -4.00
CA GLY B 1678 30.73 -40.41 -3.78
C GLY B 1678 30.70 -41.65 -4.65
N GLY B 1679 29.57 -42.36 -4.57
CA GLY B 1679 29.42 -43.66 -5.22
C GLY B 1679 29.41 -43.60 -6.73
N VAL B 1680 28.34 -43.05 -7.31
CA VAL B 1680 28.23 -43.01 -8.75
C VAL B 1680 29.29 -42.10 -9.41
N GLY B 1681 29.73 -41.08 -8.69
CA GLY B 1681 30.83 -40.25 -9.18
C GLY B 1681 32.05 -41.07 -9.51
N GLN B 1682 32.56 -41.78 -8.51
CA GLN B 1682 33.72 -42.66 -8.66
C GLN B 1682 33.61 -43.53 -9.90
N ALA B 1683 32.45 -44.11 -10.16
CA ALA B 1683 32.36 -44.93 -11.35
C ALA B 1683 32.32 -44.02 -12.56
N ALA B 1684 31.53 -42.97 -12.49
CA ALA B 1684 31.35 -42.13 -13.68
C ALA B 1684 32.69 -41.60 -14.13
N ILE B 1685 33.58 -41.35 -13.18
CA ILE B 1685 34.95 -40.96 -13.50
C ILE B 1685 35.66 -42.08 -14.25
N ALA B 1686 35.76 -43.25 -13.62
CA ALA B 1686 36.44 -44.36 -14.24
C ALA B 1686 35.93 -44.60 -15.65
N ILE B 1687 34.63 -44.49 -15.87
CA ILE B 1687 34.11 -44.80 -17.20
C ILE B 1687 34.61 -43.83 -18.24
N ALA B 1688 34.43 -42.55 -17.96
CA ALA B 1688 34.91 -41.45 -18.81
C ALA B 1688 36.41 -41.48 -19.09
N LEU B 1689 37.22 -41.76 -18.05
CA LEU B 1689 38.67 -41.81 -18.18
C LEU B 1689 39.11 -42.89 -19.14
N SER B 1690 38.35 -44.00 -19.12
CA SER B 1690 38.60 -45.13 -19.99
C SER B 1690 38.52 -44.65 -21.43
N ARG B 1691 37.79 -43.56 -21.65
CA ARG B 1691 37.59 -43.07 -23.00
C ARG B 1691 38.30 -41.74 -23.28
N GLY B 1692 39.22 -41.35 -22.40
CA GLY B 1692 40.06 -40.19 -22.66
C GLY B 1692 39.42 -38.81 -22.62
N CYS B 1693 38.34 -38.72 -21.86
CA CYS B 1693 37.60 -37.48 -21.73
C CYS B 1693 38.24 -36.56 -20.70
N ARG B 1694 38.30 -35.27 -20.99
CA ARG B 1694 38.73 -34.33 -19.98
C ARG B 1694 37.71 -34.37 -18.84
N VAL B 1695 38.16 -34.72 -17.65
CA VAL B 1695 37.28 -34.81 -16.49
C VAL B 1695 37.32 -33.56 -15.59
N PHE B 1696 36.16 -33.23 -15.03
CA PHE B 1696 36.02 -32.15 -14.08
C PHE B 1696 35.12 -32.66 -12.98
N THR B 1697 35.68 -32.92 -11.81
CA THR B 1697 34.87 -33.45 -10.74
C THR B 1697 34.85 -32.41 -9.66
N THR B 1698 33.85 -32.48 -8.79
CA THR B 1698 33.75 -31.54 -7.68
C THR B 1698 33.60 -32.32 -6.42
N VAL B 1699 33.97 -31.72 -5.29
CA VAL B 1699 34.13 -32.48 -4.07
C VAL B 1699 33.97 -31.60 -2.85
N GLY B 1700 33.45 -32.16 -1.77
CA GLY B 1700 33.18 -31.37 -0.58
C GLY B 1700 34.38 -31.13 0.31
N SER B 1701 35.15 -32.19 0.51
CA SER B 1701 36.20 -32.21 1.53
C SER B 1701 37.61 -32.24 0.94
N ALA B 1702 38.51 -31.49 1.57
CA ALA B 1702 39.94 -31.60 1.30
C ALA B 1702 40.40 -33.06 1.11
N GLU B 1703 40.11 -33.91 2.09
CA GLU B 1703 40.55 -35.29 2.07
C GLU B 1703 39.98 -36.07 0.88
N LYS B 1704 38.85 -35.61 0.33
CA LYS B 1704 38.26 -36.28 -0.83
C LYS B 1704 39.03 -35.96 -2.10
N ARG B 1705 39.59 -34.75 -2.19
CA ARG B 1705 40.52 -34.40 -3.26
C ARG B 1705 41.61 -35.43 -3.20
N ALA B 1706 42.07 -35.68 -1.98
CA ALA B 1706 43.16 -36.63 -1.74
C ALA B 1706 42.82 -37.93 -2.43
N TYR B 1707 41.95 -38.70 -1.79
CA TYR B 1707 41.57 -40.02 -2.28
C TYR B 1707 41.52 -40.04 -3.80
N LEU B 1708 40.66 -39.22 -4.39
CA LEU B 1708 40.51 -39.23 -5.84
C LEU B 1708 41.83 -39.10 -6.56
N GLN B 1709 42.63 -38.10 -6.16
CA GLN B 1709 43.91 -37.83 -6.80
C GLN B 1709 44.76 -39.08 -6.81
N ALA B 1710 44.84 -39.74 -5.66
CA ALA B 1710 45.56 -41.00 -5.57
C ALA B 1710 45.02 -42.01 -6.59
N ARG B 1711 43.76 -42.39 -6.40
CA ARG B 1711 43.10 -43.43 -7.17
C ARG B 1711 43.14 -43.24 -8.67
N PHE B 1712 42.73 -42.07 -9.13
CA PHE B 1712 42.86 -41.74 -10.53
C PHE B 1712 44.05 -40.78 -10.69
N PRO B 1713 45.13 -41.28 -11.28
CA PRO B 1713 46.38 -40.52 -11.29
C PRO B 1713 46.34 -39.55 -12.45
N GLN B 1714 45.52 -39.86 -13.44
CA GLN B 1714 45.42 -39.05 -14.64
C GLN B 1714 44.77 -37.69 -14.36
N LEU B 1715 44.46 -37.41 -13.10
CA LEU B 1715 43.79 -36.17 -12.73
C LEU B 1715 44.76 -35.04 -12.33
N ASP B 1716 44.66 -33.90 -13.04
CA ASP B 1716 45.38 -32.68 -12.71
C ASP B 1716 44.75 -32.05 -11.50
N GLU B 1717 45.29 -30.91 -11.09
CA GLU B 1717 44.58 -30.14 -10.10
C GLU B 1717 43.54 -29.26 -10.79
N THR B 1718 43.67 -29.09 -12.10
CA THR B 1718 42.64 -28.35 -12.84
C THR B 1718 41.32 -29.09 -12.84
N CYS B 1719 41.37 -30.39 -12.53
CA CYS B 1719 40.19 -31.22 -12.62
C CYS B 1719 39.19 -30.96 -11.50
N PHE B 1720 39.71 -30.46 -10.37
CA PHE B 1720 38.95 -30.34 -9.13
C PHE B 1720 38.34 -28.97 -8.85
N ALA B 1721 37.02 -28.92 -8.69
CA ALA B 1721 36.35 -27.73 -8.18
C ALA B 1721 35.61 -28.08 -6.90
N ASN B 1722 34.84 -27.13 -6.39
CA ASN B 1722 34.11 -27.40 -5.16
C ASN B 1722 32.68 -27.85 -5.37
N SER B 1723 32.05 -28.31 -4.29
CA SER B 1723 30.68 -28.79 -4.37
C SER B 1723 29.82 -28.15 -3.28
N ARG B 1724 30.46 -27.65 -2.23
CA ARG B 1724 29.71 -26.95 -1.19
C ARG B 1724 29.09 -25.65 -1.76
N ASP B 1725 29.21 -25.44 -3.06
CA ASP B 1725 29.24 -24.09 -3.60
C ASP B 1725 28.74 -23.98 -5.06
N THR B 1726 28.77 -22.76 -5.60
CA THR B 1726 28.51 -22.52 -7.01
C THR B 1726 29.82 -22.18 -7.68
N SER B 1727 30.85 -22.03 -6.86
CA SER B 1727 32.18 -21.76 -7.35
C SER B 1727 32.51 -22.56 -8.61
N PHE B 1728 32.13 -23.83 -8.64
CA PHE B 1728 32.56 -24.71 -9.72
C PHE B 1728 32.20 -24.22 -11.14
N GLU B 1729 31.24 -23.29 -11.25
CA GLU B 1729 30.84 -22.78 -12.56
C GLU B 1729 31.95 -21.92 -13.09
N GLN B 1730 32.40 -21.00 -12.23
CA GLN B 1730 33.59 -20.21 -12.48
C GLN B 1730 34.77 -21.12 -12.85
N HIS B 1731 35.11 -22.06 -11.96
CA HIS B 1731 36.24 -22.92 -12.18
C HIS B 1731 36.14 -23.65 -13.49
N VAL B 1732 34.96 -24.13 -13.84
CA VAL B 1732 34.83 -24.86 -15.08
C VAL B 1732 34.87 -23.94 -16.28
N LEU B 1733 34.48 -22.70 -16.09
CA LEU B 1733 34.49 -21.77 -17.20
C LEU B 1733 35.88 -21.24 -17.50
N ARG B 1734 36.76 -21.23 -16.50
CA ARG B 1734 38.16 -20.93 -16.77
C ARG B 1734 38.72 -21.99 -17.68
N HIS B 1735 39.07 -23.14 -17.11
CA HIS B 1735 39.78 -24.17 -17.86
C HIS B 1735 38.98 -24.72 -19.04
N THR B 1736 37.96 -24.00 -19.41
CA THR B 1736 37.13 -24.41 -20.51
C THR B 1736 37.22 -23.32 -21.54
N ALA B 1737 37.85 -22.21 -21.17
CA ALA B 1737 37.93 -21.04 -22.03
C ALA B 1737 36.52 -20.52 -22.38
N GLY B 1738 35.66 -20.47 -21.37
CA GLY B 1738 34.29 -20.01 -21.55
C GLY B 1738 33.53 -20.79 -22.59
N LYS B 1739 33.97 -22.02 -22.78
CA LYS B 1739 33.42 -22.85 -23.83
C LYS B 1739 32.37 -23.81 -23.23
N GLY B 1740 32.67 -24.23 -22.00
CA GLY B 1740 31.81 -25.13 -21.26
C GLY B 1740 32.17 -26.59 -21.44
N VAL B 1741 31.39 -27.47 -20.83
CA VAL B 1741 31.72 -28.87 -20.85
C VAL B 1741 30.75 -29.58 -21.77
N ASP B 1742 31.12 -30.77 -22.22
CA ASP B 1742 30.30 -31.50 -23.18
C ASP B 1742 29.14 -32.27 -22.54
N LEU B 1743 29.43 -32.93 -21.41
CA LEU B 1743 28.37 -33.55 -20.64
C LEU B 1743 28.56 -33.23 -19.17
N VAL B 1744 27.43 -32.98 -18.49
CA VAL B 1744 27.40 -32.78 -17.05
C VAL B 1744 26.58 -33.90 -16.37
N LEU B 1745 27.16 -34.51 -15.34
CA LEU B 1745 26.51 -35.60 -14.65
C LEU B 1745 26.10 -35.09 -13.30
N ASN B 1746 24.94 -34.46 -13.28
CA ASN B 1746 24.50 -33.68 -12.15
C ASN B 1746 23.72 -34.53 -11.18
N SER B 1747 23.99 -34.29 -9.90
CA SER B 1747 23.27 -34.90 -8.82
C SER B 1747 23.31 -33.88 -7.72
N LEU B 1748 22.75 -32.72 -7.98
CA LEU B 1748 22.96 -31.64 -7.04
C LEU B 1748 21.79 -30.70 -6.87
N ALA B 1749 21.75 -30.08 -5.70
CA ALA B 1749 20.72 -29.15 -5.24
C ALA B 1749 20.06 -28.21 -6.27
N GLU B 1750 19.54 -27.09 -5.79
CA GLU B 1750 18.77 -26.17 -6.60
C GLU B 1750 19.66 -25.18 -7.33
N GLU B 1751 20.12 -24.15 -6.64
CA GLU B 1751 21.00 -23.18 -7.27
C GLU B 1751 22.15 -23.91 -7.95
N LYS B 1752 22.57 -25.04 -7.37
CA LYS B 1752 23.71 -25.80 -7.88
C LYS B 1752 23.42 -26.51 -9.19
N LEU B 1753 22.19 -26.99 -9.36
CA LEU B 1753 21.79 -27.60 -10.62
C LEU B 1753 21.72 -26.51 -11.65
N GLN B 1754 21.02 -25.45 -11.27
CA GLN B 1754 20.86 -24.29 -12.11
C GLN B 1754 22.23 -23.88 -12.65
N ALA B 1755 23.25 -23.95 -11.79
CA ALA B 1755 24.60 -23.56 -12.15
C ALA B 1755 25.31 -24.60 -12.99
N SER B 1756 24.92 -25.86 -12.86
CA SER B 1756 25.51 -26.92 -13.66
C SER B 1756 25.00 -26.82 -15.08
N VAL B 1757 23.75 -26.39 -15.24
CA VAL B 1757 23.18 -26.19 -16.56
C VAL B 1757 24.01 -25.18 -17.35
N ARG B 1758 24.59 -24.21 -16.65
CA ARG B 1758 25.42 -23.16 -17.28
C ARG B 1758 26.80 -23.62 -17.73
N CYS B 1759 27.31 -24.73 -17.20
CA CYS B 1759 28.60 -25.21 -17.64
C CYS B 1759 28.44 -26.00 -18.93
N LEU B 1760 27.26 -25.91 -19.50
CA LEU B 1760 27.02 -26.69 -20.70
C LEU B 1760 27.64 -25.99 -21.90
N ALA B 1761 28.55 -26.69 -22.58
CA ALA B 1761 29.09 -26.28 -23.88
C ALA B 1761 28.03 -26.41 -24.95
N GLN B 1762 28.29 -25.89 -26.14
CA GLN B 1762 27.25 -26.01 -27.13
C GLN B 1762 27.14 -27.47 -27.56
N HIS B 1763 25.90 -27.87 -27.87
CA HIS B 1763 25.57 -29.23 -28.33
C HIS B 1763 25.63 -30.24 -27.20
N GLY B 1764 26.13 -29.79 -26.07
CA GLY B 1764 26.30 -30.60 -24.88
C GLY B 1764 25.04 -31.19 -24.26
N ARG B 1765 25.27 -32.13 -23.35
CA ARG B 1765 24.21 -32.93 -22.78
C ARG B 1765 24.20 -32.88 -21.25
N PHE B 1766 22.98 -32.70 -20.73
CA PHE B 1766 22.77 -32.65 -19.30
C PHE B 1766 22.25 -33.99 -18.81
N LEU B 1767 23.07 -34.69 -18.06
CA LEU B 1767 22.66 -35.96 -17.51
C LEU B 1767 22.09 -35.68 -16.14
N GLU B 1768 20.77 -35.85 -15.99
CA GLU B 1768 20.10 -35.60 -14.70
C GLU B 1768 19.76 -36.87 -13.92
N ILE B 1769 20.59 -37.16 -12.93
CA ILE B 1769 20.40 -38.28 -12.05
C ILE B 1769 19.52 -37.88 -10.88
N GLY B 1770 20.06 -36.99 -10.04
CA GLY B 1770 19.38 -36.51 -8.85
C GLY B 1770 17.91 -36.17 -9.04
N LYS B 1771 17.12 -36.37 -8.00
CA LYS B 1771 15.67 -36.31 -8.15
C LYS B 1771 15.02 -35.21 -7.33
N PHE B 1772 15.79 -34.49 -6.52
CA PHE B 1772 15.13 -33.50 -5.70
C PHE B 1772 14.45 -32.42 -6.54
N ASP B 1773 15.22 -31.75 -7.38
CA ASP B 1773 14.66 -30.66 -8.17
C ASP B 1773 13.54 -31.11 -9.11
N LEU B 1774 13.67 -32.32 -9.66
CA LEU B 1774 12.66 -32.85 -10.57
C LEU B 1774 11.36 -33.02 -9.83
N SER B 1775 11.48 -33.66 -8.66
CA SER B 1775 10.37 -34.03 -7.81
C SER B 1775 9.51 -32.85 -7.45
N ASN B 1776 10.13 -31.69 -7.30
CA ASN B 1776 9.40 -30.47 -6.95
C ASN B 1776 9.01 -29.61 -8.15
N ASN B 1777 9.05 -30.19 -9.34
CA ASN B 1777 8.69 -29.47 -10.54
C ASN B 1777 9.26 -28.06 -10.55
N HIS B 1778 10.56 -27.94 -10.25
CA HIS B 1778 11.26 -26.67 -10.34
C HIS B 1778 11.22 -26.22 -11.79
N ALA B 1779 11.71 -25.02 -12.09
CA ALA B 1779 11.66 -24.52 -13.46
C ALA B 1779 13.02 -24.64 -14.14
N LEU B 1780 12.99 -24.82 -15.45
CA LEU B 1780 14.22 -24.85 -16.21
C LEU B 1780 14.22 -23.75 -17.23
N GLY B 1781 15.31 -22.98 -17.27
CA GLY B 1781 15.40 -21.86 -18.18
C GLY B 1781 15.41 -22.32 -19.62
N MET B 1782 14.26 -22.24 -20.29
CA MET B 1782 14.12 -22.85 -21.60
C MET B 1782 14.99 -22.31 -22.73
N ALA B 1783 15.84 -21.34 -22.44
CA ALA B 1783 16.69 -20.78 -23.50
C ALA B 1783 18.09 -21.36 -23.47
N VAL B 1784 18.32 -22.33 -22.58
CA VAL B 1784 19.56 -23.08 -22.62
C VAL B 1784 19.50 -23.92 -23.86
N PHE B 1785 18.31 -24.02 -24.43
CA PHE B 1785 18.07 -24.92 -25.57
C PHE B 1785 18.53 -24.34 -26.93
N LEU B 1786 18.89 -23.08 -26.94
CA LEU B 1786 19.46 -22.49 -28.15
C LEU B 1786 20.92 -22.92 -28.37
N LYS B 1787 21.57 -23.36 -27.29
CA LYS B 1787 22.92 -23.86 -27.42
C LYS B 1787 22.88 -25.24 -28.11
N ASN B 1788 21.71 -25.60 -28.65
CA ASN B 1788 21.49 -26.94 -29.21
C ASN B 1788 21.85 -27.99 -28.17
N VAL B 1789 21.44 -27.70 -26.94
CA VAL B 1789 21.69 -28.59 -25.83
C VAL B 1789 20.55 -29.59 -25.77
N THR B 1790 20.83 -30.75 -25.19
CA THR B 1790 19.79 -31.71 -24.94
C THR B 1790 19.83 -32.12 -23.46
N PHE B 1791 18.64 -32.18 -22.83
CA PHE B 1791 18.47 -32.36 -21.39
C PHE B 1791 17.85 -33.71 -21.05
N HIS B 1792 18.59 -34.50 -20.25
CA HIS B 1792 18.29 -35.91 -19.98
C HIS B 1792 17.80 -36.23 -18.55
N GLY B 1793 16.54 -36.64 -18.41
CA GLY B 1793 16.03 -37.14 -17.15
C GLY B 1793 16.39 -38.61 -17.03
N ILE B 1794 17.16 -38.97 -16.01
CA ILE B 1794 17.73 -40.33 -15.96
C ILE B 1794 17.43 -41.07 -14.67
N LEU B 1795 16.45 -41.98 -14.73
CA LEU B 1795 16.12 -42.83 -13.59
C LEU B 1795 16.39 -44.29 -13.97
N LEU B 1796 17.44 -44.88 -13.41
CA LEU B 1796 17.75 -46.27 -13.75
C LEU B 1796 16.63 -47.23 -13.30
N ASP B 1797 15.95 -46.86 -12.21
CA ASP B 1797 14.75 -47.50 -11.72
C ASP B 1797 13.81 -47.84 -12.84
N SER B 1798 13.51 -46.86 -13.68
CA SER B 1798 12.56 -47.03 -14.76
C SER B 1798 12.88 -48.21 -15.66
N LEU B 1799 14.14 -48.59 -15.74
CA LEU B 1799 14.50 -49.76 -16.53
C LEU B 1799 14.41 -50.98 -15.62
N PHE B 1800 15.58 -51.39 -15.13
CA PHE B 1800 15.72 -52.31 -14.01
C PHE B 1800 14.82 -53.55 -13.99
N GLU B 1801 13.57 -53.42 -13.55
CA GLU B 1801 12.69 -54.58 -13.56
C GLU B 1801 11.97 -54.75 -14.90
N GLU B 1802 11.59 -53.61 -15.49
CA GLU B 1802 11.24 -53.57 -16.90
C GLU B 1802 12.47 -54.00 -17.68
N GLY B 1803 12.85 -55.28 -17.59
CA GLY B 1803 14.12 -55.70 -18.12
C GLY B 1803 14.26 -55.61 -19.63
N GLY B 1804 14.03 -54.42 -20.18
CA GLY B 1804 13.96 -54.24 -21.62
C GLY B 1804 15.28 -54.33 -22.36
N ALA B 1805 15.20 -54.10 -23.66
CA ALA B 1805 16.38 -54.08 -24.52
C ALA B 1805 17.37 -53.03 -24.07
N THR B 1806 16.86 -51.84 -23.80
CA THR B 1806 17.70 -50.74 -23.38
C THR B 1806 18.53 -51.19 -22.19
N TRP B 1807 17.92 -51.94 -21.27
CA TRP B 1807 18.64 -52.36 -20.07
C TRP B 1807 19.66 -53.42 -20.36
N GLN B 1808 19.33 -54.34 -21.24
CA GLN B 1808 20.29 -55.37 -21.59
C GLN B 1808 21.56 -54.71 -22.13
N GLU B 1809 21.39 -53.59 -22.82
CA GLU B 1809 22.52 -52.82 -23.29
C GLU B 1809 23.35 -52.31 -22.10
N VAL B 1810 22.67 -51.81 -21.08
CA VAL B 1810 23.36 -51.31 -19.89
C VAL B 1810 24.10 -52.42 -19.21
N SER B 1811 23.48 -53.60 -19.15
CA SER B 1811 24.14 -54.72 -18.48
C SER B 1811 25.42 -55.14 -19.18
N GLU B 1812 25.38 -55.19 -20.51
CA GLU B 1812 26.56 -55.61 -21.25
C GLU B 1812 27.68 -54.58 -21.32
N LEU B 1813 27.42 -53.36 -20.85
CA LEU B 1813 28.50 -52.40 -20.69
C LEU B 1813 29.22 -52.72 -19.39
N LEU B 1814 28.47 -53.28 -18.45
CA LEU B 1814 29.06 -53.71 -17.20
C LEU B 1814 29.88 -54.96 -17.48
N LYS B 1815 29.27 -55.91 -18.19
CA LYS B 1815 29.94 -57.18 -18.45
C LYS B 1815 31.26 -56.88 -19.14
N ALA B 1816 31.20 -56.05 -20.16
CA ALA B 1816 32.40 -55.71 -20.90
C ALA B 1816 33.35 -54.90 -20.03
N GLY B 1817 32.88 -53.76 -19.57
CA GLY B 1817 33.67 -52.92 -18.69
C GLY B 1817 34.40 -53.72 -17.62
N ILE B 1818 33.78 -54.77 -17.10
CA ILE B 1818 34.42 -55.55 -16.06
C ILE B 1818 35.64 -56.29 -16.61
N GLN B 1819 35.46 -56.92 -17.76
CA GLN B 1819 36.52 -57.68 -18.41
C GLN B 1819 37.57 -56.81 -19.07
N GLU B 1820 37.48 -55.50 -18.88
CA GLU B 1820 38.49 -54.58 -19.41
C GLU B 1820 39.09 -53.72 -18.31
N GLY B 1821 38.89 -54.13 -17.06
CA GLY B 1821 39.44 -53.41 -15.92
C GLY B 1821 38.82 -52.04 -15.67
N VAL B 1822 38.13 -51.53 -16.69
CA VAL B 1822 37.42 -50.26 -16.53
C VAL B 1822 36.69 -50.19 -15.18
N VAL B 1823 35.88 -51.20 -14.86
CA VAL B 1823 35.10 -51.17 -13.62
C VAL B 1823 35.78 -51.86 -12.45
N GLN B 1824 35.88 -51.16 -11.33
CA GLN B 1824 36.62 -51.64 -10.17
C GLN B 1824 35.85 -51.38 -8.87
N PRO B 1825 35.98 -52.28 -7.88
CA PRO B 1825 35.42 -52.15 -6.52
C PRO B 1825 35.69 -50.80 -5.86
N LEU B 1826 34.70 -50.22 -5.18
CA LEU B 1826 34.92 -48.97 -4.45
C LEU B 1826 35.25 -49.26 -3.00
N LYS B 1827 35.92 -48.32 -2.35
CA LYS B 1827 36.22 -48.45 -0.93
C LYS B 1827 34.93 -48.76 -0.17
N CYS B 1828 35.00 -49.66 0.81
CA CYS B 1828 33.82 -50.00 1.56
C CYS B 1828 33.94 -49.65 3.04
N THR B 1829 32.88 -49.08 3.59
CA THR B 1829 32.76 -48.90 5.04
C THR B 1829 31.75 -49.93 5.53
N VAL B 1830 32.24 -50.96 6.23
CA VAL B 1830 31.47 -52.18 6.48
C VAL B 1830 30.89 -52.32 7.90
N PHE B 1831 29.56 -52.25 7.99
CA PHE B 1831 28.83 -52.43 9.24
C PHE B 1831 28.36 -53.87 9.39
N PRO B 1832 28.42 -54.39 10.63
CA PRO B 1832 27.91 -55.72 10.96
C PRO B 1832 26.39 -55.73 10.84
N ARG B 1833 25.81 -56.92 10.67
CA ARG B 1833 24.37 -57.05 10.46
C ARG B 1833 23.55 -56.53 11.64
N THR B 1834 24.23 -56.08 12.69
CA THR B 1834 23.62 -55.54 13.89
C THR B 1834 23.40 -54.03 13.83
N LYS B 1835 24.51 -53.29 13.68
CA LYS B 1835 24.51 -51.82 13.68
C LYS B 1835 23.88 -51.20 12.44
N VAL B 1836 22.88 -51.89 11.87
CA VAL B 1836 22.24 -51.47 10.63
C VAL B 1836 21.72 -50.03 10.67
N GLU B 1837 21.08 -49.68 11.78
CA GLU B 1837 20.62 -48.32 12.02
C GLU B 1837 21.77 -47.39 11.69
N ALA B 1838 22.84 -47.53 12.46
CA ALA B 1838 24.03 -46.70 12.31
C ALA B 1838 24.49 -46.59 10.86
N ALA B 1839 24.45 -47.71 10.15
CA ALA B 1839 24.89 -47.74 8.75
C ALA B 1839 24.15 -46.67 7.97
N PHE B 1840 22.88 -46.45 8.33
CA PHE B 1840 22.08 -45.44 7.66
C PHE B 1840 22.53 -44.02 8.00
N ARG B 1841 22.57 -43.70 9.29
CA ARG B 1841 22.96 -42.37 9.75
C ARG B 1841 24.32 -42.00 9.16
N TYR B 1842 25.20 -42.99 9.07
CA TYR B 1842 26.52 -42.78 8.46
C TYR B 1842 26.40 -42.33 6.99
N MET B 1843 25.71 -43.11 6.13
CA MET B 1843 25.50 -42.70 4.74
C MET B 1843 24.66 -41.42 4.64
N ALA B 1844 23.98 -41.09 5.75
CA ALA B 1844 23.18 -39.88 5.84
C ALA B 1844 24.04 -38.64 5.68
N GLN B 1845 25.24 -38.68 6.25
CA GLN B 1845 26.06 -37.48 6.45
C GLN B 1845 27.14 -37.18 5.40
N GLY B 1846 27.09 -37.84 4.25
CA GLY B 1846 28.08 -37.60 3.21
C GLY B 1846 29.52 -37.74 3.69
N LYS B 1847 29.68 -38.34 4.88
CA LYS B 1847 30.97 -38.60 5.52
C LYS B 1847 31.64 -39.87 5.04
N HIS B 1848 31.68 -40.13 3.73
CA HIS B 1848 32.24 -41.38 3.24
C HIS B 1848 32.82 -41.27 1.83
N ILE B 1849 33.56 -42.30 1.44
CA ILE B 1849 34.20 -42.34 0.14
C ILE B 1849 33.98 -43.71 -0.45
N GLY B 1850 32.99 -43.85 -1.31
CA GLY B 1850 32.65 -45.15 -1.85
C GLY B 1850 31.39 -45.72 -1.22
N LYS B 1851 31.25 -47.05 -1.12
CA LYS B 1851 29.99 -47.68 -0.60
C LYS B 1851 29.91 -47.81 0.92
N VAL B 1852 28.69 -47.73 1.45
CA VAL B 1852 28.47 -48.18 2.81
C VAL B 1852 27.78 -49.54 2.74
N VAL B 1853 28.42 -50.55 3.32
CA VAL B 1853 28.01 -51.93 3.10
C VAL B 1853 27.71 -52.71 4.38
N ILE B 1854 26.71 -53.58 4.31
CA ILE B 1854 26.27 -54.39 5.45
C ILE B 1854 26.55 -55.86 5.24
N GLN B 1855 27.37 -56.41 6.13
CA GLN B 1855 27.77 -57.80 6.08
C GLN B 1855 26.78 -58.72 6.82
N VAL B 1856 26.00 -59.48 6.05
CA VAL B 1856 25.14 -60.49 6.65
C VAL B 1856 25.94 -61.71 7.11
N ARG B 1857 27.14 -61.89 6.53
CA ARG B 1857 27.97 -63.06 6.88
C ARG B 1857 29.35 -63.12 6.23
N GLU B 1858 30.36 -63.37 7.07
CA GLU B 1858 31.74 -63.58 6.65
C GLU B 1858 31.84 -64.40 5.36
N GLU B 1859 32.99 -64.32 4.70
CA GLU B 1859 33.22 -65.04 3.44
C GLU B 1859 34.21 -66.21 3.62
N GLU B 1860 33.91 -67.35 2.99
CA GLU B 1860 34.70 -68.57 3.18
C GLU B 1860 36.16 -68.43 2.72
N GLN B 1861 37.09 -68.73 3.62
CA GLN B 1861 38.49 -68.44 3.39
C GLN B 1861 39.04 -68.98 2.06
N GLY B 1862 40.23 -68.48 1.71
CA GLY B 1862 40.98 -68.82 0.52
C GLY B 1862 40.43 -69.92 -0.38
N PRO B 1863 41.15 -71.05 -0.48
CA PRO B 1863 40.67 -72.21 -1.25
C PRO B 1863 39.13 -72.30 -1.29
N ALA B 1864 38.58 -71.89 -2.43
CA ALA B 1864 37.14 -71.72 -2.65
C ALA B 1864 36.29 -72.93 -2.25
N PRO B 1865 35.64 -72.85 -1.08
CA PRO B 1865 34.72 -73.88 -0.58
C PRO B 1865 33.31 -73.73 -1.15
N ARG B 1866 32.65 -74.84 -1.42
CA ARG B 1866 31.22 -74.83 -1.66
C ARG B 1866 30.57 -75.20 -0.32
N GLY B 1867 29.66 -74.36 0.17
CA GLY B 1867 29.10 -74.59 1.49
C GLY B 1867 27.59 -74.45 1.62
N LEU B 1868 27.03 -75.13 2.62
CA LEU B 1868 25.68 -74.84 3.11
C LEU B 1868 25.85 -74.20 4.47
N PRO B 1869 25.48 -72.91 4.59
CA PRO B 1869 25.77 -72.09 5.77
C PRO B 1869 24.67 -72.03 6.85
N PRO B 1870 25.07 -72.12 8.12
CA PRO B 1870 24.24 -71.82 9.29
C PRO B 1870 23.94 -70.30 9.40
N ILE B 1871 22.72 -69.91 9.79
CA ILE B 1871 22.39 -68.49 9.96
C ILE B 1871 21.29 -68.18 11.02
N ALA B 1872 21.66 -67.66 12.18
CA ALA B 1872 20.66 -67.34 13.22
C ALA B 1872 20.48 -65.83 13.38
N LEU B 1873 19.25 -65.36 13.18
CA LEU B 1873 19.02 -63.91 13.28
C LEU B 1873 17.78 -63.53 14.13
N THR B 1874 17.92 -62.46 14.91
CA THR B 1874 16.83 -61.87 15.70
C THR B 1874 15.92 -61.07 14.78
N GLY B 1875 14.89 -61.73 14.26
CA GLY B 1875 14.00 -61.12 13.30
C GLY B 1875 12.59 -60.95 13.84
N LEU B 1876 12.09 -59.72 13.78
CA LEU B 1876 10.76 -59.41 14.29
C LEU B 1876 9.69 -60.03 13.41
N SER B 1877 8.61 -60.51 14.02
CA SER B 1877 7.58 -61.26 13.32
C SER B 1877 6.53 -60.36 12.65
N LYS B 1878 6.27 -60.63 11.37
CA LYS B 1878 5.25 -59.93 10.58
C LYS B 1878 4.56 -61.05 9.82
N THR B 1879 3.24 -61.12 9.89
CA THR B 1879 2.56 -62.25 9.26
C THR B 1879 2.60 -62.11 7.75
N PHE B 1880 3.00 -63.20 7.11
CA PHE B 1880 3.09 -63.27 5.66
C PHE B 1880 2.45 -64.55 5.15
N CYS B 1881 1.83 -64.44 3.98
CA CYS B 1881 1.10 -65.52 3.37
C CYS B 1881 1.90 -66.14 2.23
N PRO B 1882 2.22 -67.45 2.36
CA PRO B 1882 2.80 -68.17 1.22
C PRO B 1882 1.79 -68.09 0.07
N PRO B 1883 2.28 -67.86 -1.13
CA PRO B 1883 1.31 -67.57 -2.18
C PRO B 1883 0.72 -68.82 -2.79
N HIS B 1884 0.92 -69.98 -2.19
CA HIS B 1884 0.27 -71.18 -2.70
C HIS B 1884 -0.88 -71.60 -1.80
N LYS B 1885 -0.87 -71.10 -0.57
CA LYS B 1885 -1.93 -71.39 0.41
C LYS B 1885 -3.19 -70.53 0.21
N SER B 1886 -4.32 -71.11 0.57
CA SER B 1886 -5.61 -70.42 0.50
C SER B 1886 -6.12 -70.11 1.90
N TYR B 1887 -6.78 -68.97 2.02
CA TYR B 1887 -7.26 -68.50 3.30
C TYR B 1887 -8.78 -68.30 3.25
N VAL B 1888 -9.48 -68.75 4.31
CA VAL B 1888 -10.93 -68.72 4.32
C VAL B 1888 -11.50 -67.83 5.40
N ILE B 1889 -12.34 -66.87 5.02
CA ILE B 1889 -12.97 -65.98 6.00
C ILE B 1889 -14.51 -65.99 5.94
N THR B 1890 -15.17 -66.66 6.89
CA THR B 1890 -16.63 -66.65 6.92
C THR B 1890 -17.10 -65.27 7.34
N GLY B 1891 -18.29 -64.87 6.88
CA GLY B 1891 -18.73 -63.50 7.07
C GLY B 1891 -17.71 -62.59 6.42
N GLY B 1892 -17.32 -62.96 5.20
CA GLY B 1892 -16.18 -62.36 4.54
C GLY B 1892 -16.52 -61.08 3.81
N LEU B 1893 -17.79 -60.86 3.50
CA LEU B 1893 -18.13 -59.64 2.79
C LEU B 1893 -18.55 -58.59 3.81
N GLY B 1894 -18.43 -58.98 5.08
CA GLY B 1894 -18.77 -58.11 6.19
C GLY B 1894 -17.79 -56.97 6.33
N GLY B 1895 -18.28 -55.82 6.79
CA GLY B 1895 -17.44 -54.66 6.93
C GLY B 1895 -16.03 -55.03 7.36
N PHE B 1896 -15.92 -55.74 8.48
CA PHE B 1896 -14.60 -56.05 9.02
C PHE B 1896 -13.94 -57.19 8.26
N GLY B 1897 -14.74 -58.14 7.80
CA GLY B 1897 -14.22 -59.25 7.01
C GLY B 1897 -13.50 -58.74 5.79
N LEU B 1898 -14.17 -57.89 5.01
CA LEU B 1898 -13.59 -57.35 3.79
C LEU B 1898 -12.23 -56.73 4.07
N GLN B 1899 -12.03 -56.24 5.28
CA GLN B 1899 -10.77 -55.58 5.63
C GLN B 1899 -9.68 -56.59 5.95
N LEU B 1900 -10.04 -57.67 6.61
CA LEU B 1900 -9.13 -58.77 6.86
C LEU B 1900 -8.78 -59.43 5.54
N ALA B 1901 -9.71 -59.41 4.62
CA ALA B 1901 -9.49 -59.88 3.27
C ALA B 1901 -8.43 -59.00 2.64
N GLN B 1902 -8.69 -57.70 2.56
CA GLN B 1902 -7.69 -56.78 2.03
C GLN B 1902 -6.34 -57.04 2.71
N TRP B 1903 -6.32 -56.93 4.04
CA TRP B 1903 -5.11 -57.08 4.82
C TRP B 1903 -4.40 -58.39 4.56
N LEU B 1904 -5.14 -59.48 4.45
CA LEU B 1904 -4.52 -60.75 4.07
C LEU B 1904 -3.81 -60.66 2.72
N ARG B 1905 -4.48 -60.10 1.72
CA ARG B 1905 -3.87 -59.99 0.41
C ARG B 1905 -2.55 -59.26 0.49
N LEU B 1906 -2.55 -58.09 1.10
CA LEU B 1906 -1.34 -57.30 1.27
C LEU B 1906 -0.20 -58.13 1.83
N ARG B 1907 -0.46 -58.88 2.89
CA ARG B 1907 0.59 -59.73 3.43
C ARG B 1907 0.87 -60.92 2.53
N GLY B 1908 0.21 -60.94 1.36
CA GLY B 1908 0.62 -61.80 0.27
C GLY B 1908 -0.32 -62.89 -0.18
N ALA B 1909 -1.52 -62.94 0.39
CA ALA B 1909 -2.44 -64.01 0.09
C ALA B 1909 -2.91 -63.94 -1.36
N GLN B 1910 -2.92 -65.07 -2.03
CA GLN B 1910 -3.29 -65.10 -3.43
C GLN B 1910 -4.63 -65.81 -3.56
N LYS B 1911 -5.01 -66.51 -2.51
CA LYS B 1911 -6.19 -67.35 -2.60
C LYS B 1911 -7.14 -67.12 -1.41
N LEU B 1912 -8.30 -66.55 -1.70
CA LEU B 1912 -9.29 -66.21 -0.70
C LEU B 1912 -10.63 -66.89 -0.95
N VAL B 1913 -11.21 -67.46 0.10
CA VAL B 1913 -12.59 -67.94 0.07
C VAL B 1913 -13.41 -67.14 1.07
N LEU B 1914 -14.21 -66.22 0.56
CA LEU B 1914 -15.04 -65.38 1.42
C LEU B 1914 -16.46 -65.90 1.44
N THR B 1915 -17.02 -66.03 2.64
CA THR B 1915 -18.36 -66.57 2.86
C THR B 1915 -19.41 -65.52 3.19
N SER B 1916 -20.55 -65.59 2.49
CA SER B 1916 -21.71 -64.76 2.82
C SER B 1916 -22.99 -65.55 2.53
N ARG B 1917 -24.10 -65.10 3.10
CA ARG B 1917 -25.37 -65.81 2.94
C ARG B 1917 -26.02 -65.68 1.57
N SER B 1918 -26.13 -64.44 1.07
CA SER B 1918 -26.77 -64.20 -0.21
C SER B 1918 -25.79 -64.08 -1.36
N GLY B 1919 -24.49 -64.09 -1.05
CA GLY B 1919 -23.46 -63.75 -2.02
C GLY B 1919 -23.24 -62.25 -1.98
N ILE B 1920 -22.76 -61.69 -3.09
CA ILE B 1920 -22.38 -60.28 -3.14
C ILE B 1920 -23.59 -59.41 -3.41
N ARG B 1921 -23.94 -58.53 -2.48
CA ARG B 1921 -25.12 -57.68 -2.66
C ARG B 1921 -24.80 -56.18 -2.78
N THR B 1922 -23.75 -55.70 -2.10
CA THR B 1922 -23.41 -54.26 -2.12
C THR B 1922 -22.57 -53.90 -3.30
N GLY B 1923 -22.56 -52.62 -3.65
CA GLY B 1923 -21.59 -52.11 -4.60
C GLY B 1923 -20.19 -52.15 -4.02
N TYR B 1924 -20.06 -51.72 -2.77
CA TYR B 1924 -18.75 -51.66 -2.14
C TYR B 1924 -18.16 -53.03 -1.96
N GLN B 1925 -19.00 -54.05 -2.04
CA GLN B 1925 -18.50 -55.41 -1.98
C GLN B 1925 -18.05 -55.82 -3.37
N ALA B 1926 -18.90 -55.56 -4.34
CA ALA B 1926 -18.58 -55.84 -5.71
C ALA B 1926 -17.23 -55.24 -5.96
N ARG B 1927 -17.05 -54.01 -5.51
CA ARG B 1927 -15.84 -53.26 -5.83
C ARG B 1927 -14.58 -53.95 -5.35
N GLN B 1928 -14.54 -54.29 -4.08
CA GLN B 1928 -13.35 -54.92 -3.53
C GLN B 1928 -13.04 -56.21 -4.28
N VAL B 1929 -13.98 -57.12 -4.30
CA VAL B 1929 -13.77 -58.39 -4.94
C VAL B 1929 -13.41 -58.23 -6.41
N ARG B 1930 -14.13 -57.35 -7.09
CA ARG B 1930 -13.92 -57.11 -8.50
C ARG B 1930 -12.48 -56.69 -8.74
N GLU B 1931 -11.99 -55.76 -7.92
CA GLU B 1931 -10.60 -55.34 -8.00
C GLU B 1931 -9.68 -56.51 -7.69
N TRP B 1932 -9.72 -57.04 -6.46
CA TRP B 1932 -8.83 -58.15 -6.11
C TRP B 1932 -8.65 -59.17 -7.22
N ARG B 1933 -9.63 -59.28 -8.11
CA ARG B 1933 -9.51 -60.20 -9.21
C ARG B 1933 -8.65 -59.59 -10.30
N ARG B 1934 -8.87 -58.33 -10.62
CA ARG B 1934 -7.97 -57.65 -11.56
C ARG B 1934 -6.49 -57.56 -11.06
N GLN B 1935 -6.26 -57.47 -9.75
CA GLN B 1935 -4.91 -57.44 -9.19
C GLN B 1935 -4.37 -58.86 -9.28
N GLY B 1936 -5.23 -59.77 -9.73
CA GLY B 1936 -4.84 -61.17 -9.87
C GLY B 1936 -5.03 -62.11 -8.68
N VAL B 1937 -5.64 -61.60 -7.61
CA VAL B 1937 -5.97 -62.46 -6.48
C VAL B 1937 -7.11 -63.41 -6.86
N GLN B 1938 -7.00 -64.64 -6.40
CA GLN B 1938 -7.98 -65.65 -6.75
C GLN B 1938 -9.06 -65.64 -5.70
N VAL B 1939 -10.24 -65.16 -6.04
CA VAL B 1939 -11.26 -64.98 -5.02
C VAL B 1939 -12.56 -65.70 -5.32
N LEU B 1940 -12.97 -66.50 -4.37
CA LEU B 1940 -14.14 -67.32 -4.52
C LEU B 1940 -15.16 -66.86 -3.49
N VAL B 1941 -16.25 -66.24 -3.95
CA VAL B 1941 -17.35 -65.89 -3.07
C VAL B 1941 -18.26 -67.09 -2.90
N SER B 1942 -18.45 -67.51 -1.66
CA SER B 1942 -19.18 -68.74 -1.39
C SER B 1942 -20.45 -68.49 -0.63
N THR B 1943 -21.45 -69.34 -0.89
CA THR B 1943 -22.74 -69.26 -0.20
C THR B 1943 -22.82 -70.35 0.86
N SER B 1944 -21.67 -70.95 1.17
CA SER B 1944 -21.63 -72.12 2.03
C SER B 1944 -21.57 -71.75 3.52
N ASN B 1945 -22.34 -72.45 4.33
CA ASN B 1945 -22.41 -72.20 5.76
C ASN B 1945 -21.66 -73.28 6.51
N ALA B 1946 -21.04 -72.94 7.64
CA ALA B 1946 -20.15 -73.89 8.34
C ALA B 1946 -20.74 -74.61 9.55
N SER B 1947 -21.99 -74.32 9.91
CA SER B 1947 -22.59 -74.91 11.12
C SER B 1947 -23.13 -76.31 10.85
N SER B 1948 -23.01 -76.73 9.59
CA SER B 1948 -23.37 -78.07 9.17
C SER B 1948 -22.10 -78.75 8.69
N LEU B 1949 -21.73 -79.86 9.31
CA LEU B 1949 -20.51 -80.55 8.93
C LEU B 1949 -20.43 -80.72 7.42
N ASP B 1950 -21.56 -81.02 6.79
CA ASP B 1950 -21.61 -81.21 5.35
C ASP B 1950 -21.33 -79.91 4.59
N GLY B 1951 -21.79 -78.79 5.16
CA GLY B 1951 -21.48 -77.48 4.60
C GLY B 1951 -20.04 -77.11 4.87
N ALA B 1952 -19.58 -77.33 6.11
CA ALA B 1952 -18.20 -77.05 6.49
C ALA B 1952 -17.24 -77.81 5.58
N ARG B 1953 -17.42 -79.12 5.46
CA ARG B 1953 -16.60 -79.89 4.54
C ARG B 1953 -16.69 -79.33 3.13
N SER B 1954 -17.88 -78.88 2.74
CA SER B 1954 -18.07 -78.29 1.42
C SER B 1954 -17.18 -77.07 1.24
N LEU B 1955 -17.05 -76.30 2.33
CA LEU B 1955 -16.31 -75.05 2.32
C LEU B 1955 -14.81 -75.28 2.29
N ILE B 1956 -14.32 -75.98 3.30
CA ILE B 1956 -12.91 -76.31 3.40
C ILE B 1956 -12.46 -77.04 2.14
N THR B 1957 -13.40 -77.68 1.47
CA THR B 1957 -13.10 -78.37 0.22
C THR B 1957 -13.03 -77.34 -0.88
N GLU B 1958 -14.04 -76.48 -0.94
CA GLU B 1958 -14.06 -75.35 -1.86
C GLU B 1958 -12.70 -74.68 -1.87
N ALA B 1959 -12.18 -74.38 -0.69
CA ALA B 1959 -10.90 -73.69 -0.56
C ALA B 1959 -9.72 -74.54 -1.06
N THR B 1960 -9.76 -75.82 -0.73
CA THR B 1960 -8.68 -76.74 -1.06
C THR B 1960 -8.38 -76.80 -2.56
N GLN B 1961 -9.36 -76.42 -3.39
CA GLN B 1961 -9.20 -76.42 -4.84
C GLN B 1961 -8.30 -75.28 -5.23
N LEU B 1962 -8.39 -74.18 -4.50
CA LEU B 1962 -7.52 -73.06 -4.80
C LEU B 1962 -6.09 -73.34 -4.35
N GLY B 1963 -5.94 -74.28 -3.42
CA GLY B 1963 -4.64 -74.61 -2.85
C GLY B 1963 -4.77 -74.90 -1.36
N PRO B 1964 -3.79 -75.65 -0.81
CA PRO B 1964 -3.80 -76.10 0.59
C PRO B 1964 -4.26 -74.99 1.53
N VAL B 1965 -5.18 -75.33 2.41
CA VAL B 1965 -5.75 -74.34 3.30
C VAL B 1965 -4.83 -74.02 4.46
N GLY B 1966 -4.42 -72.74 4.53
CA GLY B 1966 -3.52 -72.30 5.57
C GLY B 1966 -4.13 -71.27 6.51
N GLY B 1967 -5.40 -70.96 6.34
CA GLY B 1967 -6.02 -69.95 7.16
C GLY B 1967 -7.53 -70.01 7.25
N VAL B 1968 -8.03 -70.08 8.47
CA VAL B 1968 -9.46 -70.10 8.69
C VAL B 1968 -9.84 -69.09 9.75
N PHE B 1969 -10.59 -68.08 9.33
CA PHE B 1969 -10.95 -66.99 10.20
C PHE B 1969 -12.46 -66.91 10.33
N ASN B 1970 -12.99 -67.19 11.51
CA ASN B 1970 -14.43 -67.20 11.66
C ASN B 1970 -15.00 -65.87 12.11
N LEU B 1971 -15.65 -65.18 11.17
CA LEU B 1971 -16.20 -63.86 11.42
C LEU B 1971 -17.73 -63.79 11.33
N ALA B 1972 -18.36 -64.84 10.81
CA ALA B 1972 -19.81 -64.87 10.70
C ALA B 1972 -20.48 -64.65 12.05
N MET B 1973 -21.53 -63.85 12.05
CA MET B 1973 -22.30 -63.55 13.27
C MET B 1973 -23.73 -63.08 12.95
N VAL B 1974 -24.70 -63.52 13.75
CA VAL B 1974 -26.11 -63.14 13.54
C VAL B 1974 -26.76 -62.59 14.81
N LEU B 1975 -26.87 -61.28 14.89
CA LEU B 1975 -27.41 -60.63 16.09
C LEU B 1975 -28.93 -60.77 16.23
N ARG B 1976 -29.37 -61.46 17.28
CA ARG B 1976 -30.77 -61.45 17.68
C ARG B 1976 -30.83 -60.89 19.11
N ASP B 1977 -30.29 -59.69 19.28
CA ASP B 1977 -30.17 -59.08 20.59
C ASP B 1977 -31.55 -58.74 21.15
N ALA B 1978 -31.66 -58.82 22.47
CA ALA B 1978 -32.90 -58.55 23.19
C ALA B 1978 -32.72 -58.94 24.65
N VAL B 1979 -33.37 -58.23 25.57
CA VAL B 1979 -33.24 -58.57 26.99
C VAL B 1979 -33.59 -60.07 27.21
N LEU B 1980 -33.47 -60.56 28.44
CA LEU B 1980 -33.64 -62.00 28.72
C LEU B 1980 -35.09 -62.50 28.66
N GLU B 1981 -36.05 -61.61 28.96
CA GLU B 1981 -37.46 -61.97 28.90
C GLU B 1981 -37.90 -62.28 27.46
N ASN B 1982 -37.66 -61.32 26.57
CA ASN B 1982 -37.94 -61.51 25.14
C ASN B 1982 -37.00 -62.53 24.50
N GLN B 1983 -36.37 -63.36 25.34
CA GLN B 1983 -35.38 -64.31 24.88
C GLN B 1983 -35.93 -65.74 24.91
N THR B 1984 -35.73 -66.47 23.81
CA THR B 1984 -36.24 -67.81 23.66
C THR B 1984 -35.13 -68.78 23.26
N PRO B 1985 -35.37 -70.09 23.43
CA PRO B 1985 -34.42 -71.15 23.06
C PRO B 1985 -34.20 -71.24 21.55
N GLU B 1986 -34.62 -70.21 20.83
CA GLU B 1986 -34.49 -70.18 19.37
C GLU B 1986 -33.76 -68.91 18.92
N PHE B 1987 -33.90 -67.84 19.68
CA PHE B 1987 -33.12 -66.62 19.46
C PHE B 1987 -31.71 -66.84 19.96
N PHE B 1988 -31.55 -67.83 20.83
CA PHE B 1988 -30.24 -68.25 21.33
C PHE B 1988 -29.52 -69.10 20.30
N GLN B 1989 -30.00 -70.33 20.13
CA GLN B 1989 -29.39 -71.29 19.21
C GLN B 1989 -29.10 -70.71 17.83
N ASP B 1990 -29.88 -69.71 17.42
CA ASP B 1990 -29.65 -68.95 16.19
C ASP B 1990 -28.26 -68.33 16.20
N VAL B 1991 -28.04 -67.55 17.25
CA VAL B 1991 -26.79 -66.85 17.50
C VAL B 1991 -25.62 -67.83 17.58
N SER B 1992 -25.83 -68.95 18.27
CA SER B 1992 -24.77 -69.92 18.51
C SER B 1992 -24.70 -71.01 17.44
N LYS B 1993 -25.07 -70.64 16.21
CA LYS B 1993 -24.81 -71.50 15.07
C LYS B 1993 -23.65 -70.99 14.22
N PRO B 1994 -23.61 -69.66 13.98
CA PRO B 1994 -22.45 -69.12 13.24
C PRO B 1994 -21.19 -69.27 14.07
N LYS B 1995 -21.31 -68.94 15.35
CA LYS B 1995 -20.14 -68.85 16.23
C LYS B 1995 -19.72 -70.20 16.82
N TYR B 1996 -20.55 -70.78 17.69
CA TYR B 1996 -20.21 -72.04 18.37
C TYR B 1996 -20.18 -73.22 17.42
N SER B 1997 -21.31 -73.55 16.82
CA SER B 1997 -21.43 -74.72 15.96
C SER B 1997 -20.48 -74.69 14.75
N GLY B 1998 -20.31 -73.49 14.18
CA GLY B 1998 -19.38 -73.34 13.08
C GLY B 1998 -17.95 -73.59 13.53
N THR B 1999 -17.52 -72.84 14.53
CA THR B 1999 -16.20 -73.01 15.11
C THR B 1999 -15.92 -74.47 15.35
N ALA B 2000 -16.88 -75.17 15.95
CA ALA B 2000 -16.73 -76.58 16.27
C ALA B 2000 -16.46 -77.41 15.02
N ASN B 2001 -17.38 -77.37 14.07
CA ASN B 2001 -17.24 -78.13 12.84
C ASN B 2001 -15.88 -77.89 12.17
N LEU B 2002 -15.61 -76.63 11.84
CA LEU B 2002 -14.34 -76.22 11.28
C LEU B 2002 -13.13 -76.79 12.05
N ASP B 2003 -13.20 -76.78 13.38
CA ASP B 2003 -12.15 -77.44 14.15
C ASP B 2003 -11.96 -78.87 13.63
N ARG B 2004 -13.07 -79.59 13.47
CA ARG B 2004 -13.01 -80.96 13.03
C ARG B 2004 -12.49 -81.07 11.62
N VAL B 2005 -13.28 -80.57 10.67
CA VAL B 2005 -12.89 -80.64 9.28
C VAL B 2005 -11.43 -80.24 9.13
N THR B 2006 -11.03 -79.15 9.79
CA THR B 2006 -9.65 -78.67 9.74
C THR B 2006 -8.64 -79.68 10.24
N ARG B 2007 -9.01 -80.41 11.30
CA ARG B 2007 -8.13 -81.45 11.79
C ARG B 2007 -8.06 -82.55 10.74
N GLU B 2008 -9.22 -83.12 10.43
CA GLU B 2008 -9.29 -84.21 9.48
C GLU B 2008 -8.43 -84.01 8.23
N ALA B 2009 -8.61 -82.89 7.53
CA ALA B 2009 -7.93 -82.71 6.24
C ALA B 2009 -7.35 -81.33 5.92
N CYS B 2010 -6.66 -80.72 6.89
CA CYS B 2010 -5.93 -79.46 6.65
C CYS B 2010 -4.53 -79.51 7.25
N PRO B 2011 -3.64 -80.31 6.64
CA PRO B 2011 -2.30 -80.54 7.22
C PRO B 2011 -1.39 -79.33 7.07
N GLU B 2012 -1.83 -78.32 6.33
CA GLU B 2012 -0.98 -77.15 6.13
C GLU B 2012 -1.59 -75.89 6.75
N LEU B 2013 -2.53 -76.09 7.65
CA LEU B 2013 -3.16 -74.95 8.34
C LEU B 2013 -2.18 -74.21 9.25
N ASP B 2014 -2.01 -72.90 8.97
CA ASP B 2014 -1.12 -72.05 9.73
C ASP B 2014 -1.89 -71.28 10.80
N TYR B 2015 -3.08 -70.79 10.44
CA TYR B 2015 -3.84 -69.97 11.37
C TYR B 2015 -5.25 -70.52 11.56
N PHE B 2016 -5.76 -70.38 12.78
CA PHE B 2016 -7.13 -70.75 13.10
C PHE B 2016 -7.61 -69.70 14.07
N VAL B 2017 -8.41 -68.75 13.59
CA VAL B 2017 -8.77 -67.59 14.39
C VAL B 2017 -10.26 -67.40 14.47
N ILE B 2018 -10.71 -66.79 15.57
CA ILE B 2018 -12.13 -66.60 15.84
C ILE B 2018 -12.36 -65.26 16.52
N PHE B 2019 -13.41 -64.57 16.12
CA PHE B 2019 -13.65 -63.25 16.67
C PHE B 2019 -14.73 -63.25 17.75
N SER B 2020 -14.28 -63.05 18.97
CA SER B 2020 -15.16 -62.94 20.11
C SER B 2020 -15.61 -61.49 20.25
N SER B 2021 -15.54 -60.98 21.48
CA SER B 2021 -15.92 -59.63 21.82
C SER B 2021 -15.96 -59.56 23.33
N VAL B 2022 -15.69 -58.39 23.89
CA VAL B 2022 -15.66 -58.25 25.35
C VAL B 2022 -17.07 -58.39 25.98
N SER B 2023 -18.06 -58.64 25.12
CA SER B 2023 -19.42 -58.97 25.58
C SER B 2023 -19.34 -60.19 26.50
N CYS B 2024 -18.50 -61.15 26.09
CA CYS B 2024 -18.17 -62.34 26.86
C CYS B 2024 -17.21 -61.98 28.00
N GLY B 2025 -16.39 -60.96 27.77
CA GLY B 2025 -15.45 -60.46 28.76
C GLY B 2025 -16.13 -59.96 30.01
N ARG B 2026 -16.33 -58.65 30.11
CA ARG B 2026 -16.89 -58.02 31.31
C ARG B 2026 -18.41 -58.09 31.35
N GLY B 2027 -19.01 -58.24 30.16
CA GLY B 2027 -20.43 -58.50 30.04
C GLY B 2027 -21.27 -57.36 29.49
N ASN B 2028 -22.27 -57.73 28.69
CA ASN B 2028 -23.21 -56.77 28.13
C ASN B 2028 -24.66 -57.08 28.52
N ALA B 2029 -25.42 -56.06 28.89
CA ALA B 2029 -26.83 -56.24 29.24
C ALA B 2029 -27.70 -56.27 27.98
N GLY B 2030 -28.16 -57.47 27.61
CA GLY B 2030 -28.98 -57.62 26.44
C GLY B 2030 -28.34 -58.50 25.38
N GLN B 2031 -27.31 -59.24 25.78
CA GLN B 2031 -26.59 -60.14 24.88
C GLN B 2031 -26.01 -61.33 25.63
N ALA B 2032 -26.81 -61.93 26.52
CA ALA B 2032 -26.38 -63.12 27.24
C ALA B 2032 -26.31 -64.32 26.29
N ASN B 2033 -26.98 -64.19 25.16
CA ASN B 2033 -26.95 -65.21 24.11
C ASN B 2033 -25.74 -65.04 23.19
N TYR B 2034 -25.39 -63.78 22.94
CA TYR B 2034 -24.17 -63.48 22.21
C TYR B 2034 -23.01 -63.97 23.07
N GLY B 2035 -23.18 -63.85 24.39
CA GLY B 2035 -22.15 -64.20 25.35
C GLY B 2035 -21.79 -65.68 25.42
N PHE B 2036 -22.80 -66.53 25.60
CA PHE B 2036 -22.57 -67.97 25.64
C PHE B 2036 -21.82 -68.42 24.40
N ALA B 2037 -22.34 -68.06 23.24
CA ALA B 2037 -21.80 -68.52 21.97
C ALA B 2037 -20.30 -68.24 21.86
N ASN B 2038 -19.90 -67.04 22.27
CA ASN B 2038 -18.50 -66.64 22.22
C ASN B 2038 -17.60 -67.47 23.13
N SER B 2039 -17.83 -67.36 24.44
CA SER B 2039 -17.04 -68.10 25.41
C SER B 2039 -16.81 -69.54 24.93
N ALA B 2040 -17.82 -70.09 24.24
CA ALA B 2040 -17.74 -71.43 23.69
C ALA B 2040 -16.55 -71.60 22.74
N MET B 2041 -16.44 -70.74 21.74
CA MET B 2041 -15.32 -70.76 20.81
C MET B 2041 -14.00 -70.64 21.57
N GLU B 2042 -14.02 -69.83 22.63
CA GLU B 2042 -12.86 -69.62 23.49
C GLU B 2042 -12.35 -70.89 24.15
N ARG B 2043 -13.23 -71.87 24.32
CA ARG B 2043 -12.78 -73.17 24.79
C ARG B 2043 -12.15 -73.97 23.65
N ILE B 2044 -12.86 -74.13 22.54
CA ILE B 2044 -12.35 -74.94 21.43
C ILE B 2044 -11.01 -74.42 20.93
N CYS B 2045 -10.73 -73.15 21.16
CA CYS B 2045 -9.43 -72.62 20.84
C CYS B 2045 -8.39 -73.16 21.79
N GLU B 2046 -8.65 -73.02 23.09
CA GLU B 2046 -7.76 -73.54 24.11
C GLU B 2046 -7.53 -75.05 23.94
N LYS B 2047 -8.50 -75.74 23.34
CA LYS B 2047 -8.31 -77.15 22.99
C LYS B 2047 -7.16 -77.28 22.00
N ARG B 2048 -7.40 -76.77 20.81
CA ARG B 2048 -6.42 -76.81 19.73
C ARG B 2048 -5.04 -76.38 20.21
N ARG B 2049 -4.99 -75.40 21.11
CA ARG B 2049 -3.71 -74.95 21.62
C ARG B 2049 -3.02 -76.08 22.35
N HIS B 2050 -3.68 -76.60 23.38
CA HIS B 2050 -3.15 -77.75 24.11
C HIS B 2050 -2.69 -78.86 23.17
N ASP B 2051 -3.43 -79.07 22.08
CA ASP B 2051 -3.15 -80.17 21.16
C ASP B 2051 -2.11 -79.83 20.10
N GLY B 2052 -1.36 -78.75 20.32
CA GLY B 2052 -0.26 -78.39 19.43
C GLY B 2052 -0.67 -77.77 18.10
N LEU B 2053 -1.94 -77.43 17.98
CA LEU B 2053 -2.44 -76.78 16.78
C LEU B 2053 -2.50 -75.28 16.97
N PRO B 2054 -2.66 -74.54 15.86
CA PRO B 2054 -2.95 -73.11 15.91
C PRO B 2054 -4.39 -72.91 16.39
N GLY B 2055 -4.63 -71.83 17.12
CA GLY B 2055 -5.94 -71.57 17.67
C GLY B 2055 -5.84 -70.21 18.30
N LEU B 2056 -6.93 -69.45 18.29
CA LEU B 2056 -6.86 -68.06 18.74
C LEU B 2056 -8.20 -67.33 18.66
N ALA B 2057 -8.80 -67.05 19.82
CA ALA B 2057 -10.01 -66.25 19.88
C ALA B 2057 -9.61 -64.85 20.31
N VAL B 2058 -10.26 -63.84 19.75
CA VAL B 2058 -9.91 -62.47 20.08
C VAL B 2058 -11.12 -61.70 20.61
N GLN B 2059 -11.04 -61.29 21.88
CA GLN B 2059 -12.11 -60.53 22.54
C GLN B 2059 -12.00 -59.05 22.19
N TRP B 2060 -12.72 -58.62 21.17
CA TRP B 2060 -12.64 -57.25 20.71
C TRP B 2060 -13.53 -56.33 21.53
N GLY B 2061 -13.06 -55.12 21.74
CA GLY B 2061 -13.91 -54.08 22.29
C GLY B 2061 -14.81 -53.62 21.18
N ALA B 2062 -15.21 -52.37 21.22
CA ALA B 2062 -15.98 -51.80 20.14
C ALA B 2062 -15.11 -51.74 18.90
N ILE B 2063 -15.60 -52.30 17.80
CA ILE B 2063 -14.87 -52.25 16.55
C ILE B 2063 -15.39 -51.11 15.70
N GLY B 2064 -14.47 -50.36 15.12
CA GLY B 2064 -14.78 -49.04 14.63
C GLY B 2064 -15.18 -48.89 13.18
N ASP B 2065 -14.25 -48.36 12.41
CA ASP B 2065 -14.54 -47.77 11.09
C ASP B 2065 -15.71 -48.39 10.30
N VAL B 2066 -15.87 -49.72 10.34
CA VAL B 2066 -16.98 -50.34 9.62
C VAL B 2066 -17.68 -51.49 10.33
N GLY B 2067 -17.42 -51.68 11.61
CA GLY B 2067 -18.11 -52.72 12.37
C GLY B 2067 -19.61 -52.54 12.40
N VAL B 2068 -20.29 -53.36 13.21
CA VAL B 2068 -21.75 -53.28 13.36
C VAL B 2068 -22.19 -51.98 14.05
N VAL B 2069 -21.20 -51.25 14.60
CA VAL B 2069 -21.40 -49.99 15.32
C VAL B 2069 -21.81 -48.80 14.44
N LEU B 2070 -20.88 -48.30 13.62
CA LEU B 2070 -21.15 -47.18 12.72
C LEU B 2070 -22.19 -47.53 11.65
N GLU B 2071 -22.38 -48.84 11.43
CA GLU B 2071 -23.35 -49.34 10.46
C GLU B 2071 -24.59 -49.91 11.16
N ASN B 2076 -17.78 -43.19 15.52
CA ASN B 2076 -16.39 -43.36 15.93
C ASN B 2076 -16.00 -42.51 17.13
N ASP B 2077 -16.97 -41.80 17.70
CA ASP B 2077 -16.73 -40.93 18.86
C ASP B 2077 -17.58 -41.37 20.06
N THR B 2078 -18.29 -42.48 19.91
CA THR B 2078 -19.28 -42.92 20.90
C THR B 2078 -18.65 -43.49 22.18
N VAL B 2079 -19.38 -44.40 22.85
CA VAL B 2079 -18.91 -45.06 24.08
C VAL B 2079 -19.71 -46.34 24.41
N ILE B 2080 -19.52 -47.40 23.61
CA ILE B 2080 -20.25 -48.67 23.81
C ILE B 2080 -19.53 -49.64 24.78
N GLY B 2081 -20.12 -49.88 25.95
CA GLY B 2081 -19.56 -50.78 26.93
C GLY B 2081 -18.42 -50.16 27.71
N GLY B 2082 -18.41 -48.83 27.79
CA GLY B 2082 -17.37 -48.10 28.49
C GLY B 2082 -16.04 -48.10 27.77
N THR B 2083 -16.09 -48.08 26.44
CA THR B 2083 -14.88 -48.17 25.63
C THR B 2083 -14.87 -47.18 24.48
N LEU B 2084 -14.19 -47.55 23.40
CA LEU B 2084 -14.08 -46.70 22.23
C LEU B 2084 -13.87 -47.54 20.98
N PRO B 2085 -14.51 -47.16 19.85
CA PRO B 2085 -14.38 -47.98 18.64
C PRO B 2085 -12.94 -48.04 18.14
N GLN B 2086 -12.29 -49.20 18.26
CA GLN B 2086 -10.96 -49.38 17.70
C GLN B 2086 -11.01 -49.07 16.22
N ARG B 2087 -10.13 -48.19 15.75
CA ARG B 2087 -10.05 -47.94 14.32
C ARG B 2087 -9.48 -49.20 13.68
N ILE B 2088 -10.21 -49.77 12.74
CA ILE B 2088 -9.84 -51.06 12.15
C ILE B 2088 -8.35 -51.16 11.88
N ALA B 2089 -7.74 -50.05 11.51
CA ALA B 2089 -6.31 -50.01 11.22
C ALA B 2089 -5.48 -50.48 12.42
N SER B 2090 -5.80 -49.95 13.60
CA SER B 2090 -5.22 -50.44 14.84
C SER B 2090 -5.50 -51.93 15.03
N CYS B 2091 -6.74 -52.35 14.78
CA CYS B 2091 -7.11 -53.76 14.89
C CYS B 2091 -6.17 -54.63 14.05
N LEU B 2092 -6.07 -54.31 12.77
CA LEU B 2092 -5.34 -55.17 11.85
C LEU B 2092 -3.92 -55.38 12.32
N GLU B 2093 -3.26 -54.33 12.79
CA GLU B 2093 -1.89 -54.42 13.29
C GLU B 2093 -1.82 -55.06 14.67
N VAL B 2094 -2.92 -54.97 15.42
CA VAL B 2094 -3.02 -55.72 16.67
C VAL B 2094 -3.15 -57.22 16.38
N LEU B 2095 -3.77 -57.55 15.24
CA LEU B 2095 -3.93 -58.93 14.82
C LEU B 2095 -2.55 -59.51 14.46
N ASP B 2096 -1.72 -58.72 13.77
CA ASP B 2096 -0.31 -59.07 13.49
C ASP B 2096 0.31 -59.64 14.73
N LEU B 2097 0.31 -58.82 15.76
CA LEU B 2097 0.85 -59.17 17.06
C LEU B 2097 0.23 -60.46 17.61
N PHE B 2098 -1.09 -60.51 17.70
CA PHE B 2098 -1.77 -61.70 18.24
C PHE B 2098 -1.51 -62.98 17.44
N LEU B 2099 -1.59 -62.90 16.10
CA LEU B 2099 -1.46 -64.06 15.24
C LEU B 2099 -0.21 -64.87 15.47
N SER B 2100 0.82 -64.24 16.03
CA SER B 2100 2.10 -64.89 16.29
C SER B 2100 2.38 -64.99 17.78
N GLN B 2101 1.39 -65.45 18.52
CA GLN B 2101 1.47 -65.54 19.97
C GLN B 2101 1.16 -66.98 20.39
N PRO B 2102 1.47 -67.33 21.63
CA PRO B 2102 1.25 -68.70 22.10
C PRO B 2102 -0.14 -68.86 22.68
N HIS B 2103 -0.54 -67.93 23.55
CA HIS B 2103 -1.81 -68.00 24.26
C HIS B 2103 -3.03 -68.09 23.33
N PRO B 2104 -4.04 -68.87 23.75
CA PRO B 2104 -5.25 -69.18 22.96
C PRO B 2104 -6.22 -68.01 22.87
N VAL B 2105 -6.39 -67.26 23.96
CA VAL B 2105 -7.41 -66.21 23.98
C VAL B 2105 -6.83 -64.88 24.46
N LEU B 2106 -7.12 -63.79 23.75
CA LEU B 2106 -6.57 -62.48 24.09
C LEU B 2106 -7.56 -61.37 23.82
N SER B 2107 -7.48 -60.31 24.63
CA SER B 2107 -8.43 -59.20 24.57
C SER B 2107 -7.79 -57.94 24.01
N SER B 2108 -8.56 -57.17 23.23
CA SER B 2108 -8.10 -55.90 22.68
C SER B 2108 -9.24 -54.88 22.61
N PHE B 2109 -9.18 -53.87 23.47
CA PHE B 2109 -10.17 -52.81 23.48
C PHE B 2109 -9.52 -51.49 23.88
N VAL B 2110 -10.20 -50.39 23.63
CA VAL B 2110 -9.66 -49.07 23.96
C VAL B 2110 -10.46 -48.43 25.09
N LEU B 2111 -9.80 -47.63 25.92
CA LEU B 2111 -10.43 -47.02 27.08
C LEU B 2111 -10.80 -45.55 26.90
N ALA B 2112 -12.01 -45.20 27.33
CA ALA B 2112 -12.46 -43.82 27.35
C ALA B 2112 -12.24 -43.33 28.78
N GLU B 2113 -12.52 -42.05 29.04
CA GLU B 2113 -12.24 -41.42 30.35
C GLU B 2113 -13.50 -41.16 31.17
N LYS B 2114 -13.95 -42.19 31.89
CA LYS B 2114 -15.27 -42.21 32.54
C LYS B 2114 -15.56 -41.06 33.51
#